data_8Q2I
#
_entry.id   8Q2I
#
_cell.length_a   107.292
_cell.length_b   112.378
_cell.length_c   117.358
_cell.angle_alpha   64.990
_cell.angle_beta   66.560
_cell.angle_gamma   67.180
#
_symmetry.space_group_name_H-M   'P 1'
#
loop_
_entity.id
_entity.type
_entity.pdbx_description
1 polymer 'D-3-phosphoglycerate dehydrogenase 2'
2 non-polymer NICOTINAMIDE-ADENINE-DINUCLEOTIDE
3 non-polymer SERINE
4 non-polymer '(2R)-2-hydroxypentanedioic acid'
5 water water
#
_entity_poly.entity_id   1
_entity_poly.type   'polypeptide(L)'
_entity_poly.pdbx_seq_one_letter_code
;MSYSAADNLQDSFQRAMNFSGSPGAVSTSPTQSFMNTLPRRVSITKQPKALKPFSTGDMNILLLENVNATAIKIFKDQGY
QVEFHKSSLPEDELIEKIKDVHAIGIRSKTRLTEKILQHARNLVCIGCFCIGTNQVDLKYAASKGIAVFNSPFSNSRSVA
ELVIGEIISLARQLGDRSIELHTGTWNKVAARCWEVRGKTLGIIGYGHIGSQLSVLAEAMGLHVLYYDIVTIMALGTARQ
VSTLDELLNKSDFVTLHVPATPETEKMLSAPQFAAMKDGAYVINASRGTVVDIPSLIQAVKANKIAGAALDVYPHEPAKN
GEGSFNDELNSWTSELVSLPNIILTPHIGGSTEEAQSSIGIEVATALSKYINEGNSVGSVNFPEVSLKSLDYDQENTVRV
LYIHRNVPGVLKTVNDILSDHNIEKQFSDSHGEIAYLMADISSVNQSEIKDIYEKLNQTSAKVSIRLLY
;
_entity_poly.pdbx_strand_id   A,B,C,D,E,F,G,H
#
# COMPACT_ATOMS: atom_id res chain seq x y z
N PRO A 23 -34.28 -35.69 20.43
CA PRO A 23 -34.98 -34.63 19.68
C PRO A 23 -36.44 -34.94 19.30
N GLY A 24 -37.14 -35.55 20.25
CA GLY A 24 -38.59 -35.76 20.14
C GLY A 24 -39.10 -34.81 21.20
N ALA A 25 -38.15 -34.14 21.83
CA ALA A 25 -38.47 -33.06 22.80
C ALA A 25 -37.49 -31.94 22.44
N VAL A 26 -37.87 -30.68 22.61
CA VAL A 26 -36.91 -29.59 22.36
C VAL A 26 -35.76 -29.76 23.35
N SER A 27 -34.55 -29.89 22.82
CA SER A 27 -33.36 -30.18 23.66
C SER A 27 -32.16 -29.33 23.26
N THR A 28 -31.10 -29.37 24.06
CA THR A 28 -29.90 -28.54 23.83
C THR A 28 -29.31 -28.82 22.44
N SER A 29 -28.90 -27.75 21.77
CA SER A 29 -28.32 -27.89 20.41
C SER A 29 -26.86 -28.30 20.53
N PRO A 30 -26.30 -28.96 19.51
CA PRO A 30 -24.88 -29.31 19.48
C PRO A 30 -23.92 -28.10 19.39
N THR A 31 -22.74 -28.23 19.99
CA THR A 31 -21.71 -27.19 19.98
C THR A 31 -20.35 -27.80 20.39
N THR A 56 24.22 -11.43 13.74
CA THR A 56 23.03 -11.33 12.85
C THR A 56 23.43 -10.97 11.41
N GLY A 57 24.33 -9.99 11.24
CA GLY A 57 25.09 -9.83 9.99
C GLY A 57 26.39 -10.67 9.97
N ASP A 58 26.69 -11.32 11.10
CA ASP A 58 27.61 -12.46 11.16
C ASP A 58 27.09 -13.69 10.41
N MET A 59 25.76 -13.85 10.35
CA MET A 59 25.12 -15.04 9.84
C MET A 59 25.23 -15.05 8.32
N ASN A 60 25.79 -16.14 7.76
CA ASN A 60 25.79 -16.33 6.32
C ASN A 60 24.73 -17.35 5.94
N ILE A 61 23.81 -16.96 5.01
CA ILE A 61 22.84 -17.87 4.45
C ILE A 61 23.29 -18.23 3.03
N LEU A 62 23.22 -19.53 2.68
CA LEU A 62 23.40 -19.95 1.30
C LEU A 62 22.10 -20.53 0.77
N LEU A 63 21.59 -19.98 -0.34
CA LEU A 63 20.34 -20.44 -0.94
C LEU A 63 20.63 -20.97 -2.33
N LEU A 64 20.18 -22.20 -2.60
CA LEU A 64 20.43 -22.88 -3.86
C LEU A 64 19.10 -23.19 -4.54
N GLU A 65 19.20 -23.53 -5.84
CA GLU A 65 18.12 -24.10 -6.64
C GLU A 65 16.96 -23.11 -6.84
N ASN A 66 17.25 -21.80 -6.81
CA ASN A 66 16.28 -20.80 -7.23
C ASN A 66 15.10 -20.80 -6.28
N VAL A 67 15.37 -20.65 -4.98
CA VAL A 67 14.28 -20.39 -4.07
C VAL A 67 13.73 -19.00 -4.41
N ASN A 68 12.50 -18.77 -3.94
CA ASN A 68 11.74 -17.57 -4.25
C ASN A 68 12.32 -16.35 -3.56
N ALA A 69 12.11 -15.20 -4.20
CA ALA A 69 12.58 -13.92 -3.69
C ALA A 69 11.97 -13.59 -2.32
N THR A 70 10.82 -14.16 -1.94
CA THR A 70 10.26 -13.84 -0.63
C THR A 70 11.22 -14.25 0.49
N ALA A 71 11.99 -15.32 0.22
CA ALA A 71 12.95 -15.86 1.18
C ALA A 71 14.18 -14.96 1.26
N ILE A 72 14.69 -14.55 0.09
CA ILE A 72 15.84 -13.65 0.02
C ILE A 72 15.54 -12.39 0.83
N LYS A 73 14.32 -11.86 0.70
CA LYS A 73 13.93 -10.63 1.35
C LYS A 73 13.87 -10.82 2.86
N ILE A 74 13.31 -11.94 3.33
CA ILE A 74 13.15 -12.12 4.76
C ILE A 74 14.52 -12.17 5.45
N PHE A 75 15.49 -12.80 4.78
CA PHE A 75 16.84 -12.97 5.32
C PHE A 75 17.62 -11.66 5.31
N LYS A 76 17.53 -10.86 4.23
CA LYS A 76 18.22 -9.57 4.19
C LYS A 76 17.64 -8.57 5.19
N ASP A 77 16.32 -8.61 5.45
CA ASP A 77 15.69 -7.76 6.45
C ASP A 77 16.12 -8.13 7.88
N GLN A 78 16.56 -9.39 8.12
CA GLN A 78 17.16 -9.76 9.39
C GLN A 78 18.60 -9.22 9.49
N GLY A 79 19.19 -8.87 8.34
CA GLY A 79 20.56 -8.41 8.27
C GLY A 79 21.56 -9.54 8.02
N TYR A 80 21.08 -10.73 7.65
CA TYR A 80 21.97 -11.82 7.31
C TYR A 80 22.62 -11.50 5.96
N GLN A 81 23.83 -12.02 5.75
CA GLN A 81 24.49 -12.04 4.46
C GLN A 81 23.95 -13.21 3.65
N VAL A 82 23.49 -12.98 2.41
CA VAL A 82 22.80 -13.98 1.63
C VAL A 82 23.55 -14.21 0.31
N GLU A 83 23.87 -15.47 0.01
CA GLU A 83 24.39 -15.87 -1.29
C GLU A 83 23.33 -16.74 -1.97
N PHE A 84 22.94 -16.37 -3.19
CA PHE A 84 21.82 -16.98 -3.90
C PHE A 84 22.33 -17.61 -5.21
N HIS A 85 21.79 -18.79 -5.51
CA HIS A 85 22.10 -19.46 -6.79
C HIS A 85 20.80 -19.98 -7.39
N LYS A 86 20.71 -20.05 -8.71
CA LYS A 86 19.52 -20.51 -9.41
C LYS A 86 19.53 -22.01 -9.57
N SER A 87 20.70 -22.65 -9.51
CA SER A 87 20.75 -24.10 -9.56
C SER A 87 21.55 -24.66 -8.38
N SER A 88 21.83 -25.96 -8.42
CA SER A 88 22.63 -26.61 -7.41
C SER A 88 24.10 -26.45 -7.76
N LEU A 89 24.98 -26.82 -6.83
CA LEU A 89 26.42 -26.68 -7.01
C LEU A 89 27.06 -28.05 -7.18
N PRO A 90 28.10 -28.21 -8.04
CA PRO A 90 29.01 -29.35 -7.93
C PRO A 90 29.42 -29.63 -6.48
N GLU A 91 29.71 -30.90 -6.19
CA GLU A 91 29.90 -31.36 -4.82
C GLU A 91 31.12 -30.69 -4.18
N ASP A 92 32.17 -30.39 -4.95
CA ASP A 92 33.43 -29.90 -4.40
C ASP A 92 33.31 -28.42 -4.06
N GLU A 93 32.55 -27.68 -4.89
CA GLU A 93 32.23 -26.28 -4.65
C GLU A 93 31.29 -26.15 -3.46
N LEU A 94 30.31 -27.04 -3.36
CA LEU A 94 29.36 -27.02 -2.25
C LEU A 94 30.08 -27.23 -0.93
N ILE A 95 31.09 -28.12 -0.92
CA ILE A 95 31.85 -28.43 0.28
C ILE A 95 32.56 -27.17 0.78
N GLU A 96 33.22 -26.45 -0.14
CA GLU A 96 33.99 -25.28 0.25
C GLU A 96 33.06 -24.20 0.80
N LYS A 97 31.90 -24.00 0.18
CA LYS A 97 31.01 -22.92 0.58
C LYS A 97 30.38 -23.21 1.94
N ILE A 98 30.18 -24.50 2.25
CA ILE A 98 29.34 -24.87 3.36
C ILE A 98 30.13 -24.81 4.67
N LYS A 99 31.45 -24.65 4.59
CA LYS A 99 32.27 -24.69 5.82
C LYS A 99 32.01 -23.43 6.65
N ASP A 100 31.44 -22.40 6.05
CA ASP A 100 31.26 -21.11 6.75
C ASP A 100 29.78 -20.77 6.84
N VAL A 101 28.94 -21.56 6.18
CA VAL A 101 27.51 -21.21 6.13
C VAL A 101 26.84 -21.56 7.46
N HIS A 102 25.99 -20.67 7.94
CA HIS A 102 25.21 -20.91 9.18
C HIS A 102 23.83 -21.49 8.86
N ALA A 103 23.26 -21.20 7.69
CA ALA A 103 22.03 -21.86 7.29
C ALA A 103 22.07 -22.07 5.78
N ILE A 104 21.47 -23.17 5.33
CA ILE A 104 21.45 -23.47 3.91
C ILE A 104 20.01 -23.80 3.52
N GLY A 105 19.57 -23.15 2.42
CA GLY A 105 18.30 -23.47 1.80
C GLY A 105 18.52 -24.27 0.52
N ILE A 106 17.76 -25.37 0.38
CA ILE A 106 17.84 -26.21 -0.79
C ILE A 106 16.42 -26.54 -1.23
N ARG A 107 16.33 -27.23 -2.37
CA ARG A 107 15.11 -27.92 -2.75
C ARG A 107 15.47 -29.38 -2.99
N SER A 108 14.87 -30.02 -3.98
CA SER A 108 14.90 -31.47 -4.13
C SER A 108 16.24 -32.01 -4.64
N LYS A 109 17.01 -31.26 -5.43
CA LYS A 109 18.15 -31.81 -6.15
C LYS A 109 19.49 -31.63 -5.45
N THR A 110 19.55 -30.97 -4.28
CA THR A 110 20.81 -30.86 -3.56
C THR A 110 20.84 -31.96 -2.51
N ARG A 111 21.83 -32.86 -2.64
CA ARG A 111 22.03 -33.96 -1.71
C ARG A 111 22.99 -33.52 -0.60
N LEU A 112 22.41 -33.29 0.60
CA LEU A 112 23.20 -33.11 1.80
C LEU A 112 23.44 -34.47 2.49
N THR A 113 24.48 -35.14 1.99
CA THR A 113 24.95 -36.40 2.53
C THR A 113 25.81 -36.11 3.75
N GLU A 114 26.16 -37.17 4.49
CA GLU A 114 27.19 -37.08 5.51
C GLU A 114 28.51 -36.60 4.91
N LYS A 115 28.82 -37.04 3.67
CA LYS A 115 30.07 -36.65 3.02
C LYS A 115 30.24 -35.14 3.01
N ILE A 116 29.12 -34.42 2.85
CA ILE A 116 29.10 -32.97 2.69
C ILE A 116 28.90 -32.30 4.04
N LEU A 117 27.97 -32.79 4.86
CA LEU A 117 27.66 -32.18 6.14
C LEU A 117 28.80 -32.31 7.15
N GLN A 118 29.73 -33.25 6.95
CA GLN A 118 30.84 -33.43 7.89
C GLN A 118 31.70 -32.17 7.92
N HIS A 119 31.67 -31.38 6.86
CA HIS A 119 32.52 -30.17 6.75
C HIS A 119 31.78 -28.91 7.20
N ALA A 120 30.53 -29.03 7.60
CA ALA A 120 29.72 -27.87 7.95
C ALA A 120 29.90 -27.52 9.42
N ARG A 121 30.98 -26.84 9.72
CA ARG A 121 31.33 -26.54 11.12
C ARG A 121 30.39 -25.51 11.74
N ASN A 122 29.79 -24.65 10.93
CA ASN A 122 29.02 -23.56 11.50
C ASN A 122 27.51 -23.72 11.39
N LEU A 123 27.09 -24.71 10.59
CA LEU A 123 25.70 -24.83 10.16
C LEU A 123 24.77 -25.03 11.36
N VAL A 124 23.75 -24.18 11.48
CA VAL A 124 22.80 -24.23 12.57
C VAL A 124 21.54 -24.97 12.11
N CYS A 125 21.16 -24.83 10.83
CA CYS A 125 19.91 -25.38 10.30
C CYS A 125 19.90 -25.47 8.76
N ILE A 126 19.00 -26.32 8.26
CA ILE A 126 18.77 -26.56 6.85
C ILE A 126 17.30 -26.32 6.52
N GLY A 127 17.07 -25.51 5.48
CA GLY A 127 15.73 -25.29 4.93
C GLY A 127 15.51 -26.10 3.65
N CYS A 128 14.52 -26.96 3.66
CA CYS A 128 14.04 -27.61 2.45
C CYS A 128 12.84 -26.82 1.91
N PHE A 129 13.09 -26.06 0.84
CA PHE A 129 12.10 -25.17 0.26
C PHE A 129 11.21 -25.98 -0.69
N CYS A 130 10.50 -26.95 -0.09
CA CYS A 130 9.80 -28.02 -0.79
C CYS A 130 9.21 -28.95 0.26
N ILE A 131 8.49 -29.97 -0.18
CA ILE A 131 7.92 -30.98 0.70
C ILE A 131 8.99 -32.03 1.07
N GLY A 132 9.75 -32.53 0.09
CA GLY A 132 10.65 -33.67 0.30
C GLY A 132 11.91 -33.30 1.11
N THR A 133 12.39 -34.28 1.92
CA THR A 133 13.53 -34.09 2.81
C THR A 133 14.53 -35.25 2.70
N ASN A 134 14.26 -36.22 1.82
CA ASN A 134 15.10 -37.38 1.60
C ASN A 134 16.43 -37.02 0.96
N GLN A 135 16.55 -35.83 0.38
CA GLN A 135 17.81 -35.40 -0.22
C GLN A 135 18.82 -35.05 0.89
N VAL A 136 18.32 -34.97 2.13
CA VAL A 136 19.12 -34.67 3.31
C VAL A 136 19.23 -35.94 4.17
N ASP A 137 20.44 -36.26 4.60
CA ASP A 137 20.64 -37.31 5.60
C ASP A 137 20.21 -36.78 6.98
N LEU A 138 18.91 -36.94 7.30
CA LEU A 138 18.29 -36.31 8.46
C LEU A 138 18.91 -36.79 9.76
N LYS A 139 19.34 -38.05 9.83
CA LYS A 139 19.83 -38.62 11.08
C LYS A 139 21.25 -38.13 11.35
N TYR A 140 22.10 -38.14 10.33
CA TYR A 140 23.43 -37.59 10.48
C TYR A 140 23.33 -36.12 10.92
N ALA A 141 22.44 -35.37 10.28
CA ALA A 141 22.23 -33.97 10.57
C ALA A 141 21.83 -33.80 12.04
N ALA A 142 20.86 -34.58 12.53
CA ALA A 142 20.43 -34.45 13.91
C ALA A 142 21.59 -34.75 14.87
N SER A 143 22.46 -35.68 14.45
CA SER A 143 23.59 -36.13 15.26
C SER A 143 24.59 -34.98 15.44
N LYS A 144 24.62 -34.02 14.50
CA LYS A 144 25.48 -32.85 14.64
C LYS A 144 24.74 -31.65 15.22
N GLY A 145 23.48 -31.83 15.66
CA GLY A 145 22.70 -30.73 16.20
C GLY A 145 22.18 -29.77 15.12
N ILE A 146 22.02 -30.26 13.87
CA ILE A 146 21.51 -29.48 12.76
C ILE A 146 20.02 -29.78 12.54
N ALA A 147 19.17 -28.76 12.74
CA ALA A 147 17.72 -28.86 12.57
C ALA A 147 17.33 -28.70 11.11
N VAL A 148 16.40 -29.54 10.62
CA VAL A 148 15.97 -29.49 9.22
C VAL A 148 14.50 -29.11 9.19
N PHE A 149 14.16 -28.16 8.31
CA PHE A 149 12.80 -27.66 8.16
C PHE A 149 12.34 -27.83 6.72
N ASN A 150 11.02 -27.98 6.53
CA ASN A 150 10.49 -28.09 5.18
C ASN A 150 9.13 -27.38 5.09
N SER A 151 8.51 -27.50 3.92
CA SER A 151 7.19 -26.92 3.69
C SER A 151 6.23 -27.97 3.15
N PRO A 152 5.46 -28.63 4.04
CA PRO A 152 4.59 -29.71 3.61
C PRO A 152 3.32 -29.28 2.85
N PHE A 153 2.67 -28.15 3.24
CA PHE A 153 1.27 -27.91 2.90
C PHE A 153 1.05 -26.60 2.13
N SER A 154 2.10 -26.08 1.50
CA SER A 154 2.10 -24.79 0.85
C SER A 154 1.47 -24.86 -0.54
N ASN A 155 1.30 -26.07 -1.11
CA ASN A 155 0.91 -26.27 -2.50
C ASN A 155 -0.56 -26.72 -2.63
N SER A 156 -1.33 -26.61 -1.54
CA SER A 156 -2.68 -27.15 -1.48
C SER A 156 -3.62 -26.45 -2.46
N ARG A 157 -3.73 -25.12 -2.33
CA ARG A 157 -4.59 -24.35 -3.20
C ARG A 157 -4.23 -24.56 -4.67
N SER A 158 -2.93 -24.61 -5.00
CA SER A 158 -2.48 -24.75 -6.39
C SER A 158 -2.96 -26.06 -7.00
N VAL A 159 -2.93 -27.13 -6.22
CA VAL A 159 -3.39 -28.43 -6.72
C VAL A 159 -4.92 -28.44 -6.85
N ALA A 160 -5.64 -27.86 -5.87
CA ALA A 160 -7.09 -27.85 -5.86
C ALA A 160 -7.62 -27.08 -7.07
N GLU A 161 -6.96 -25.97 -7.43
CA GLU A 161 -7.37 -25.20 -8.60
C GLU A 161 -7.04 -25.97 -9.87
N LEU A 162 -5.91 -26.66 -9.92
CA LEU A 162 -5.59 -27.45 -11.09
C LEU A 162 -6.71 -28.44 -11.37
N VAL A 163 -7.23 -29.06 -10.30
CA VAL A 163 -8.23 -30.11 -10.43
C VAL A 163 -9.54 -29.51 -10.94
N ILE A 164 -10.00 -28.40 -10.35
CA ILE A 164 -11.20 -27.72 -10.82
C ILE A 164 -11.07 -27.45 -12.34
N GLY A 165 -9.88 -27.08 -12.80
CA GLY A 165 -9.66 -26.79 -14.20
C GLY A 165 -9.69 -28.02 -15.09
N GLU A 166 -9.23 -29.15 -14.55
CA GLU A 166 -9.17 -30.40 -15.29
C GLU A 166 -10.54 -31.05 -15.32
N ILE A 167 -11.33 -30.88 -14.25
CA ILE A 167 -12.72 -31.31 -14.25
C ILE A 167 -13.44 -30.69 -15.45
N ILE A 168 -13.35 -29.37 -15.55
CA ILE A 168 -14.06 -28.67 -16.60
C ILE A 168 -13.48 -29.06 -17.95
N SER A 169 -12.16 -29.13 -18.02
CA SER A 169 -11.49 -29.37 -19.28
C SER A 169 -11.82 -30.75 -19.83
N LEU A 170 -11.93 -31.73 -18.93
CA LEU A 170 -12.25 -33.09 -19.33
C LEU A 170 -13.73 -33.20 -19.71
N ALA A 171 -14.60 -32.51 -18.93
CA ALA A 171 -16.04 -32.46 -19.15
C ALA A 171 -16.33 -31.92 -20.54
N ARG A 172 -15.45 -31.10 -21.10
CA ARG A 172 -15.78 -30.46 -22.40
C ARG A 172 -14.77 -30.83 -23.46
N GLN A 173 -13.85 -31.74 -23.15
CA GLN A 173 -12.82 -32.16 -24.07
C GLN A 173 -12.02 -30.97 -24.64
N LEU A 174 -11.74 -29.96 -23.79
CA LEU A 174 -11.03 -28.76 -24.24
C LEU A 174 -9.69 -29.09 -24.89
N GLY A 175 -8.91 -29.95 -24.24
CA GLY A 175 -7.60 -30.27 -24.74
C GLY A 175 -7.65 -30.80 -26.17
N ASP A 176 -8.63 -31.67 -26.43
CA ASP A 176 -8.78 -32.32 -27.72
C ASP A 176 -9.21 -31.31 -28.78
N ARG A 177 -10.10 -30.39 -28.40
CA ARG A 177 -10.62 -29.37 -29.29
C ARG A 177 -9.47 -28.50 -29.79
N SER A 178 -8.63 -28.06 -28.84
CA SER A 178 -7.55 -27.13 -29.12
C SER A 178 -6.48 -27.80 -30.00
N ILE A 179 -6.15 -29.08 -29.72
CA ILE A 179 -5.14 -29.80 -30.48
C ILE A 179 -5.59 -29.95 -31.93
N GLU A 180 -6.88 -30.27 -32.10
CA GLU A 180 -7.51 -30.36 -33.41
C GLU A 180 -7.33 -29.05 -34.17
N LEU A 181 -7.75 -27.94 -33.53
CA LEU A 181 -7.79 -26.66 -34.20
C LEU A 181 -6.38 -26.20 -34.56
N HIS A 182 -5.41 -26.48 -33.67
CA HIS A 182 -4.02 -26.16 -33.89
C HIS A 182 -3.45 -26.91 -35.10
N THR A 183 -4.11 -27.97 -35.57
CA THR A 183 -3.64 -28.71 -36.73
C THR A 183 -4.65 -28.59 -37.87
N GLY A 184 -5.69 -27.75 -37.68
CA GLY A 184 -6.57 -27.36 -38.75
C GLY A 184 -7.90 -28.10 -38.76
N THR A 185 -8.19 -28.91 -37.73
CA THR A 185 -9.44 -29.68 -37.74
C THR A 185 -10.50 -28.97 -36.91
N TRP A 186 -11.64 -28.72 -37.54
CA TRP A 186 -12.77 -28.09 -36.87
C TRP A 186 -13.75 -29.18 -36.48
N ASN A 187 -13.93 -29.40 -35.17
CA ASN A 187 -14.75 -30.53 -34.74
C ASN A 187 -15.61 -30.12 -33.54
N LYS A 188 -16.74 -29.47 -33.82
CA LYS A 188 -17.67 -29.02 -32.79
C LYS A 188 -18.46 -30.22 -32.27
N VAL A 189 -18.42 -30.46 -30.95
CA VAL A 189 -18.97 -31.66 -30.32
C VAL A 189 -19.71 -31.26 -29.05
N ALA A 190 -21.02 -31.59 -28.97
CA ALA A 190 -21.79 -31.46 -27.73
C ALA A 190 -22.02 -32.82 -27.03
N ALA A 191 -21.84 -33.89 -27.79
CA ALA A 191 -22.13 -35.25 -27.28
C ALA A 191 -21.17 -35.65 -26.17
N ARG A 192 -21.73 -35.98 -25.02
CA ARG A 192 -20.90 -36.46 -23.90
C ARG A 192 -20.06 -35.30 -23.37
N CYS A 193 -20.41 -34.06 -23.70
CA CYS A 193 -19.76 -32.94 -23.04
C CYS A 193 -20.77 -32.34 -22.07
N TRP A 194 -20.30 -32.00 -20.89
CA TRP A 194 -21.28 -31.65 -19.84
C TRP A 194 -21.00 -30.40 -19.04
N GLU A 195 -22.06 -29.85 -18.49
CA GLU A 195 -21.90 -28.77 -17.53
C GLU A 195 -21.56 -29.50 -16.23
N VAL A 196 -20.60 -29.00 -15.47
CA VAL A 196 -20.17 -29.69 -14.22
C VAL A 196 -21.24 -29.47 -13.16
N ARG A 197 -22.05 -28.42 -13.28
CA ARG A 197 -23.11 -28.21 -12.32
C ARG A 197 -24.01 -29.45 -12.31
N GLY A 198 -24.30 -29.95 -11.10
CA GLY A 198 -25.19 -31.09 -10.96
C GLY A 198 -24.45 -32.44 -10.90
N LYS A 199 -23.26 -32.53 -11.50
CA LYS A 199 -22.47 -33.75 -11.46
C LYS A 199 -21.90 -33.99 -10.07
N THR A 200 -21.37 -35.21 -9.85
CA THR A 200 -20.82 -35.56 -8.54
C THR A 200 -19.32 -35.79 -8.62
N LEU A 201 -18.62 -35.13 -7.69
CA LEU A 201 -17.18 -35.32 -7.49
C LEU A 201 -16.93 -36.26 -6.31
N GLY A 202 -16.16 -37.32 -6.57
CA GLY A 202 -15.66 -38.25 -5.55
C GLY A 202 -14.20 -37.98 -5.20
N ILE A 203 -13.98 -37.45 -3.98
CA ILE A 203 -12.64 -37.13 -3.49
C ILE A 203 -12.13 -38.30 -2.63
N ILE A 204 -11.00 -38.88 -3.06
CA ILE A 204 -10.33 -39.90 -2.29
C ILE A 204 -9.18 -39.26 -1.52
N GLY A 205 -9.38 -39.09 -0.21
CA GLY A 205 -8.41 -38.42 0.63
C GLY A 205 -8.83 -36.99 0.92
N TYR A 206 -9.51 -36.79 2.07
CA TYR A 206 -10.06 -35.50 2.47
C TYR A 206 -9.10 -34.77 3.41
N GLY A 207 -7.87 -34.53 2.92
CA GLY A 207 -6.82 -33.87 3.68
C GLY A 207 -6.75 -32.38 3.38
N HIS A 208 -5.54 -31.86 3.30
CA HIS A 208 -5.36 -30.40 3.06
C HIS A 208 -5.89 -30.05 1.67
N ILE A 209 -5.51 -30.81 0.67
CA ILE A 209 -5.95 -30.58 -0.70
C ILE A 209 -7.40 -31.00 -0.89
N GLY A 210 -7.75 -32.21 -0.46
CA GLY A 210 -9.09 -32.72 -0.65
C GLY A 210 -10.16 -31.80 -0.05
N SER A 211 -9.91 -31.24 1.14
CA SER A 211 -10.93 -30.45 1.83
C SER A 211 -11.08 -29.06 1.17
N GLN A 212 -9.97 -28.54 0.64
CA GLN A 212 -9.96 -27.29 -0.09
C GLN A 212 -10.72 -27.46 -1.41
N LEU A 213 -10.42 -28.56 -2.13
CA LEU A 213 -11.08 -28.88 -3.38
C LEU A 213 -12.58 -29.02 -3.18
N SER A 214 -12.96 -29.61 -2.03
CA SER A 214 -14.36 -29.82 -1.68
C SER A 214 -15.14 -28.50 -1.79
N VAL A 215 -14.59 -27.43 -1.22
CA VAL A 215 -15.35 -26.18 -1.12
C VAL A 215 -15.48 -25.51 -2.50
N LEU A 216 -14.41 -25.56 -3.29
CA LEU A 216 -14.38 -25.08 -4.67
C LEU A 216 -15.41 -25.84 -5.52
N ALA A 217 -15.38 -27.18 -5.42
CA ALA A 217 -16.26 -28.03 -6.22
C ALA A 217 -17.72 -27.74 -5.91
N GLU A 218 -18.08 -27.53 -4.63
CA GLU A 218 -19.46 -27.19 -4.29
C GLU A 218 -19.87 -25.85 -4.88
N ALA A 219 -18.95 -24.89 -4.83
CA ALA A 219 -19.17 -23.57 -5.41
C ALA A 219 -19.39 -23.64 -6.93
N MET A 220 -18.73 -24.59 -7.62
CA MET A 220 -18.99 -24.82 -9.04
C MET A 220 -20.23 -25.70 -9.28
N GLY A 221 -20.94 -26.05 -8.20
CA GLY A 221 -22.24 -26.72 -8.25
C GLY A 221 -22.17 -28.26 -8.37
N LEU A 222 -21.02 -28.86 -8.00
CA LEU A 222 -20.91 -30.31 -7.91
C LEU A 222 -21.32 -30.75 -6.49
N HIS A 223 -21.85 -31.97 -6.46
CA HIS A 223 -22.13 -32.63 -5.17
C HIS A 223 -20.84 -33.37 -4.86
N VAL A 224 -20.42 -33.34 -3.62
CA VAL A 224 -19.13 -33.91 -3.24
C VAL A 224 -19.35 -35.07 -2.27
N LEU A 225 -18.82 -36.24 -2.66
CA LEU A 225 -18.64 -37.39 -1.78
C LEU A 225 -17.16 -37.55 -1.50
N TYR A 226 -16.80 -38.06 -0.33
CA TYR A 226 -15.40 -38.41 -0.11
C TYR A 226 -15.24 -39.72 0.64
N TYR A 227 -14.16 -40.43 0.29
CA TYR A 227 -13.72 -41.60 1.01
C TYR A 227 -12.38 -41.29 1.67
N ASP A 228 -12.27 -41.56 2.98
CA ASP A 228 -11.01 -41.51 3.69
C ASP A 228 -10.96 -42.71 4.64
N ILE A 229 -9.76 -43.08 5.10
CA ILE A 229 -9.60 -44.19 6.05
C ILE A 229 -9.87 -43.71 7.48
N VAL A 230 -10.18 -42.43 7.64
CA VAL A 230 -10.45 -41.83 8.94
C VAL A 230 -11.77 -41.09 8.82
N THR A 231 -12.49 -41.01 9.94
CA THR A 231 -13.68 -40.16 10.00
C THR A 231 -13.27 -38.70 10.09
N ILE A 232 -13.72 -37.91 9.11
CA ILE A 232 -13.33 -36.50 9.00
C ILE A 232 -14.61 -35.70 8.90
N MET A 233 -14.73 -34.63 9.70
CA MET A 233 -15.88 -33.72 9.64
C MET A 233 -15.88 -33.00 8.29
N ALA A 234 -17.01 -33.08 7.58
CA ALA A 234 -17.16 -32.50 6.25
C ALA A 234 -17.16 -30.98 6.31
N LEU A 235 -16.59 -30.35 5.26
CA LEU A 235 -16.78 -28.94 4.97
C LEU A 235 -18.00 -28.77 4.08
N GLY A 236 -18.85 -27.81 4.42
CA GLY A 236 -20.00 -27.49 3.58
C GLY A 236 -21.04 -28.59 3.64
N THR A 237 -21.46 -29.09 2.49
CA THR A 237 -22.45 -30.17 2.44
C THR A 237 -21.86 -31.40 1.72
N ALA A 238 -20.54 -31.63 1.84
CA ALA A 238 -19.92 -32.86 1.37
C ALA A 238 -20.32 -34.01 2.31
N ARG A 239 -20.33 -35.23 1.77
CA ARG A 239 -20.77 -36.41 2.50
C ARG A 239 -19.65 -37.44 2.48
N GLN A 240 -19.26 -37.93 3.67
CA GLN A 240 -18.34 -39.06 3.78
C GLN A 240 -19.11 -40.35 3.51
N VAL A 241 -18.57 -41.16 2.59
CA VAL A 241 -19.11 -42.47 2.23
C VAL A 241 -18.22 -43.55 2.86
N SER A 242 -18.83 -44.63 3.35
CA SER A 242 -18.13 -45.58 4.21
C SER A 242 -17.28 -46.56 3.40
N THR A 243 -17.62 -46.81 2.12
CA THR A 243 -16.76 -47.61 1.26
C THR A 243 -16.35 -46.84 -0.01
N LEU A 244 -15.16 -47.15 -0.50
CA LEU A 244 -14.65 -46.66 -1.76
C LEU A 244 -15.57 -47.07 -2.91
N ASP A 245 -16.12 -48.28 -2.88
CA ASP A 245 -16.92 -48.73 -4.02
C ASP A 245 -18.20 -47.87 -4.14
N GLU A 246 -18.70 -47.33 -3.02
CA GLU A 246 -19.90 -46.50 -3.04
C GLU A 246 -19.59 -45.17 -3.74
N LEU A 247 -18.43 -44.60 -3.39
CA LEU A 247 -17.88 -43.43 -4.05
C LEU A 247 -17.68 -43.71 -5.54
N LEU A 248 -17.06 -44.83 -5.94
CA LEU A 248 -16.81 -45.11 -7.35
C LEU A 248 -18.13 -45.27 -8.11
N ASN A 249 -19.13 -45.88 -7.45
CA ASN A 249 -20.43 -46.13 -8.05
C ASN A 249 -21.21 -44.84 -8.34
N LYS A 250 -21.08 -43.85 -7.44
CA LYS A 250 -21.92 -42.66 -7.43
C LYS A 250 -21.25 -41.40 -7.97
N SER A 251 -19.99 -41.48 -8.40
CA SER A 251 -19.24 -40.30 -8.79
C SER A 251 -19.12 -40.25 -10.32
N ASP A 252 -19.15 -39.00 -10.86
CA ASP A 252 -18.93 -38.74 -12.27
C ASP A 252 -17.45 -38.49 -12.51
N PHE A 253 -16.85 -37.71 -11.58
CA PHE A 253 -15.43 -37.42 -11.54
C PHE A 253 -14.83 -38.02 -10.28
N VAL A 254 -13.74 -38.77 -10.43
CA VAL A 254 -13.01 -39.30 -9.27
C VAL A 254 -11.62 -38.70 -9.24
N THR A 255 -11.24 -38.14 -8.10
CA THR A 255 -9.93 -37.54 -7.94
C THR A 255 -9.23 -38.03 -6.67
N LEU A 256 -7.90 -38.18 -6.75
CA LEU A 256 -7.06 -38.78 -5.70
C LEU A 256 -6.17 -37.74 -5.01
N HIS A 257 -6.26 -37.67 -3.68
CA HIS A 257 -5.45 -36.74 -2.86
C HIS A 257 -4.96 -37.50 -1.63
N VAL A 258 -4.29 -38.62 -1.84
CA VAL A 258 -3.81 -39.54 -0.79
C VAL A 258 -2.27 -39.57 -0.75
N PRO A 259 -1.66 -39.96 0.39
CA PRO A 259 -0.22 -40.25 0.44
C PRO A 259 0.15 -41.57 -0.26
N ALA A 260 1.45 -41.78 -0.50
CA ALA A 260 1.97 -43.06 -0.98
C ALA A 260 2.21 -43.99 0.21
N THR A 261 1.30 -44.95 0.39
CA THR A 261 1.40 -46.00 1.40
C THR A 261 1.29 -47.32 0.64
N PRO A 262 1.50 -48.47 1.27
CA PRO A 262 1.25 -49.75 0.60
C PRO A 262 -0.23 -49.96 0.26
N GLU A 263 -1.15 -49.29 1.00
CA GLU A 263 -2.59 -49.37 0.83
C GLU A 263 -3.07 -48.53 -0.38
N THR A 264 -2.40 -47.40 -0.66
CA THR A 264 -2.72 -46.56 -1.81
C THR A 264 -1.99 -47.04 -3.07
N GLU A 265 -0.92 -47.82 -2.91
CA GLU A 265 -0.20 -48.37 -4.04
C GLU A 265 -1.20 -49.07 -4.95
N LYS A 266 -1.40 -48.53 -6.16
CA LYS A 266 -2.28 -49.07 -7.18
C LYS A 266 -3.71 -49.30 -6.68
N MET A 267 -4.20 -48.37 -5.83
CA MET A 267 -5.52 -48.52 -5.24
C MET A 267 -6.64 -48.32 -6.29
N LEU A 268 -6.38 -47.61 -7.39
CA LEU A 268 -7.28 -47.66 -8.54
C LEU A 268 -6.71 -48.58 -9.63
N SER A 269 -7.30 -49.76 -9.76
N SER A 269 -7.30 -49.76 -9.76
CA SER A 269 -6.92 -50.71 -10.79
CA SER A 269 -6.92 -50.71 -10.78
C SER A 269 -8.18 -51.22 -11.48
C SER A 269 -8.18 -51.22 -11.48
N ALA A 270 -8.04 -52.24 -12.35
CA ALA A 270 -9.15 -52.74 -13.18
C ALA A 270 -10.46 -52.91 -12.42
N PRO A 271 -10.50 -53.49 -11.19
CA PRO A 271 -11.76 -53.71 -10.48
C PRO A 271 -12.44 -52.42 -10.00
N GLN A 272 -11.63 -51.40 -9.70
CA GLN A 272 -12.15 -50.09 -9.32
C GLN A 272 -12.75 -49.36 -10.52
N PHE A 273 -12.14 -49.49 -11.71
CA PHE A 273 -12.67 -48.91 -12.93
C PHE A 273 -13.96 -49.62 -13.35
N ALA A 274 -14.10 -50.91 -13.05
CA ALA A 274 -15.35 -51.60 -13.30
C ALA A 274 -16.47 -51.12 -12.35
N ALA A 275 -16.12 -50.60 -11.15
CA ALA A 275 -17.06 -50.13 -10.15
C ALA A 275 -17.55 -48.70 -10.46
N MET A 276 -16.87 -48.03 -11.39
CA MET A 276 -17.14 -46.64 -11.72
C MET A 276 -18.24 -46.57 -12.77
N LYS A 277 -18.77 -45.37 -13.05
CA LYS A 277 -19.81 -45.23 -14.07
C LYS A 277 -19.22 -45.26 -15.49
N ASP A 278 -20.04 -45.70 -16.43
CA ASP A 278 -19.73 -45.56 -17.85
C ASP A 278 -19.59 -44.08 -18.18
N GLY A 279 -18.50 -43.74 -18.86
CA GLY A 279 -18.16 -42.38 -19.19
C GLY A 279 -17.82 -41.51 -17.98
N ALA A 280 -17.28 -42.07 -16.90
CA ALA A 280 -16.78 -41.27 -15.79
C ALA A 280 -15.31 -40.90 -16.03
N TYR A 281 -14.77 -40.09 -15.11
CA TYR A 281 -13.49 -39.45 -15.33
C TYR A 281 -12.60 -39.64 -14.11
N VAL A 282 -11.29 -39.72 -14.37
CA VAL A 282 -10.31 -40.04 -13.35
C VAL A 282 -9.23 -38.96 -13.32
N ILE A 283 -8.94 -38.44 -12.14
CA ILE A 283 -7.91 -37.44 -11.97
C ILE A 283 -6.95 -37.85 -10.85
N ASN A 284 -5.67 -37.84 -11.19
CA ASN A 284 -4.62 -38.16 -10.24
C ASN A 284 -3.52 -37.11 -10.29
N ALA A 285 -3.61 -36.18 -9.32
CA ALA A 285 -2.49 -35.33 -8.94
C ALA A 285 -1.99 -35.61 -7.52
N SER A 286 -2.05 -36.88 -7.07
CA SER A 286 -1.51 -37.25 -5.77
C SER A 286 -0.10 -37.80 -5.95
N ARG A 287 0.02 -39.12 -6.17
CA ARG A 287 1.31 -39.79 -6.28
C ARG A 287 1.34 -40.71 -7.49
N GLY A 288 2.55 -40.90 -8.05
CA GLY A 288 2.75 -41.57 -9.32
C GLY A 288 2.38 -43.06 -9.28
N THR A 289 2.16 -43.63 -8.09
CA THR A 289 2.01 -45.08 -7.93
C THR A 289 0.56 -45.50 -7.70
N VAL A 290 -0.31 -44.52 -7.39
CA VAL A 290 -1.63 -44.74 -6.82
C VAL A 290 -2.61 -45.25 -7.88
N VAL A 291 -2.32 -45.06 -9.18
CA VAL A 291 -3.17 -45.56 -10.25
C VAL A 291 -2.40 -46.62 -11.02
N ASP A 292 -3.06 -47.72 -11.34
CA ASP A 292 -2.51 -48.69 -12.28
C ASP A 292 -2.85 -48.20 -13.69
N ILE A 293 -1.81 -47.74 -14.41
CA ILE A 293 -1.99 -47.05 -15.68
C ILE A 293 -2.40 -48.05 -16.76
N PRO A 294 -1.78 -49.23 -16.90
CA PRO A 294 -2.20 -50.17 -17.94
C PRO A 294 -3.69 -50.51 -17.88
N SER A 295 -4.28 -50.49 -16.65
CA SER A 295 -5.69 -50.76 -16.44
C SER A 295 -6.55 -49.54 -16.76
N LEU A 296 -6.03 -48.33 -16.50
CA LEU A 296 -6.69 -47.12 -16.92
C LEU A 296 -6.76 -47.04 -18.44
N ILE A 297 -5.62 -47.26 -19.12
CA ILE A 297 -5.53 -47.30 -20.58
C ILE A 297 -6.58 -48.25 -21.14
N GLN A 298 -6.78 -49.37 -20.46
CA GLN A 298 -7.65 -50.42 -20.96
C GLN A 298 -9.12 -49.99 -20.73
N ALA A 299 -9.39 -49.33 -19.60
CA ALA A 299 -10.73 -48.83 -19.28
C ALA A 299 -11.14 -47.71 -20.25
N VAL A 300 -10.19 -46.85 -20.63
CA VAL A 300 -10.48 -45.81 -21.61
C VAL A 300 -10.73 -46.47 -22.95
N LYS A 301 -9.86 -47.41 -23.37
CA LYS A 301 -10.01 -48.07 -24.67
C LYS A 301 -11.34 -48.81 -24.79
N ALA A 302 -11.90 -49.28 -23.67
CA ALA A 302 -13.18 -49.99 -23.66
C ALA A 302 -14.35 -49.01 -23.56
N ASN A 303 -14.08 -47.69 -23.54
CA ASN A 303 -15.11 -46.67 -23.41
C ASN A 303 -15.80 -46.74 -22.06
N LYS A 304 -15.14 -47.33 -21.08
CA LYS A 304 -15.66 -47.29 -19.73
C LYS A 304 -15.40 -45.92 -19.10
N ILE A 305 -14.14 -45.46 -19.25
CA ILE A 305 -13.68 -44.18 -18.73
C ILE A 305 -13.60 -43.22 -19.90
N ALA A 306 -14.22 -42.04 -19.71
CA ALA A 306 -14.43 -41.08 -20.79
C ALA A 306 -13.23 -40.14 -20.93
N GLY A 307 -12.51 -39.91 -19.83
CA GLY A 307 -11.26 -39.18 -19.89
C GLY A 307 -10.50 -39.26 -18.58
N ALA A 308 -9.27 -38.72 -18.59
CA ALA A 308 -8.41 -38.75 -17.41
C ALA A 308 -7.39 -37.64 -17.46
N ALA A 309 -7.00 -37.16 -16.28
CA ALA A 309 -5.89 -36.24 -16.13
C ALA A 309 -4.88 -36.77 -15.12
N LEU A 310 -3.62 -36.84 -15.56
CA LEU A 310 -2.52 -37.29 -14.73
C LEU A 310 -1.46 -36.20 -14.56
N ASP A 311 -1.10 -35.90 -13.31
CA ASP A 311 -0.01 -34.99 -13.03
C ASP A 311 1.25 -35.75 -12.62
N VAL A 312 1.12 -37.06 -12.28
CA VAL A 312 2.18 -37.79 -11.60
C VAL A 312 2.25 -39.17 -12.24
N TYR A 313 3.47 -39.73 -12.33
CA TYR A 313 3.68 -41.00 -12.99
C TYR A 313 4.58 -41.91 -12.16
N PRO A 314 4.58 -43.25 -12.40
CA PRO A 314 5.48 -44.16 -11.67
C PRO A 314 6.95 -43.76 -11.83
N HIS A 315 7.37 -43.48 -13.08
CA HIS A 315 8.68 -42.92 -13.35
C HIS A 315 8.56 -41.56 -14.04
N GLU A 316 9.30 -40.58 -13.51
CA GLU A 316 9.37 -39.20 -13.99
C GLU A 316 10.83 -38.85 -14.33
N PRO A 317 11.11 -38.01 -15.36
CA PRO A 317 12.48 -37.59 -15.64
C PRO A 317 13.06 -36.79 -14.47
N ALA A 318 14.39 -36.74 -14.38
CA ALA A 318 15.09 -35.97 -13.36
C ALA A 318 15.10 -34.48 -13.70
N LYS A 319 15.05 -34.17 -15.01
CA LYS A 319 15.24 -32.85 -15.58
C LYS A 319 14.24 -32.61 -16.70
N ASN A 320 14.00 -31.34 -17.05
CA ASN A 320 13.23 -31.02 -18.25
C ASN A 320 14.04 -31.40 -19.49
N GLY A 321 13.38 -31.86 -20.56
CA GLY A 321 14.04 -32.24 -21.79
C GLY A 321 13.02 -32.74 -22.81
N GLU A 322 13.50 -32.96 -24.04
CA GLU A 322 12.62 -33.09 -25.19
C GLU A 322 12.20 -34.53 -25.50
N GLY A 323 13.04 -35.52 -25.20
CA GLY A 323 12.68 -36.91 -25.39
C GLY A 323 12.58 -37.66 -24.06
N SER A 324 12.26 -36.94 -22.98
CA SER A 324 12.33 -37.44 -21.61
C SER A 324 11.18 -38.38 -21.27
N PHE A 325 9.99 -38.12 -21.84
CA PHE A 325 8.75 -38.84 -21.52
C PHE A 325 8.45 -39.80 -22.67
N ASN A 326 8.85 -41.06 -22.51
CA ASN A 326 8.79 -42.02 -23.61
C ASN A 326 8.74 -43.44 -23.05
N ASP A 327 8.73 -44.41 -23.98
CA ASP A 327 8.56 -45.82 -23.70
C ASP A 327 9.70 -46.37 -22.83
N GLU A 328 10.88 -45.75 -22.84
CA GLU A 328 11.97 -46.21 -22.00
C GLU A 328 11.76 -45.80 -20.54
N LEU A 329 10.94 -44.77 -20.29
CA LEU A 329 10.71 -44.32 -18.91
C LEU A 329 9.52 -45.04 -18.28
N ASN A 330 8.42 -45.11 -19.05
CA ASN A 330 7.22 -45.89 -18.73
C ASN A 330 6.78 -46.52 -20.06
N SER A 331 6.64 -47.85 -20.11
CA SER A 331 6.50 -48.56 -21.38
C SER A 331 5.17 -48.29 -22.08
N TRP A 332 4.17 -47.87 -21.31
CA TRP A 332 2.84 -47.66 -21.88
C TRP A 332 2.68 -46.22 -22.39
N THR A 333 3.79 -45.47 -22.52
CA THR A 333 3.71 -44.07 -22.88
C THR A 333 3.06 -43.92 -24.26
N SER A 334 3.56 -44.61 -25.31
CA SER A 334 3.02 -44.45 -26.65
C SER A 334 1.54 -44.80 -26.76
N GLU A 335 1.07 -45.71 -25.89
CA GLU A 335 -0.33 -46.14 -25.83
C GLU A 335 -1.16 -45.01 -25.23
N LEU A 336 -0.68 -44.50 -24.08
CA LEU A 336 -1.37 -43.49 -23.30
C LEU A 336 -1.62 -42.21 -24.09
N VAL A 337 -0.61 -41.81 -24.87
CA VAL A 337 -0.56 -40.57 -25.61
C VAL A 337 -1.52 -40.60 -26.80
N SER A 338 -1.80 -41.80 -27.32
CA SER A 338 -2.62 -41.96 -28.52
C SER A 338 -4.11 -41.99 -28.18
N LEU A 339 -4.49 -41.76 -26.91
CA LEU A 339 -5.87 -41.86 -26.47
C LEU A 339 -6.56 -40.49 -26.44
N PRO A 340 -7.87 -40.45 -26.72
CA PRO A 340 -8.65 -39.21 -26.57
C PRO A 340 -8.95 -38.83 -25.12
N ASN A 341 -9.04 -37.52 -24.92
CA ASN A 341 -9.48 -36.86 -23.69
C ASN A 341 -8.57 -37.26 -22.53
N ILE A 342 -7.25 -37.32 -22.80
CA ILE A 342 -6.25 -37.52 -21.76
C ILE A 342 -5.42 -36.25 -21.61
N ILE A 343 -5.51 -35.63 -20.41
CA ILE A 343 -4.67 -34.51 -20.03
C ILE A 343 -3.43 -34.99 -19.25
N LEU A 344 -2.24 -34.69 -19.76
CA LEU A 344 -0.99 -35.06 -19.13
C LEU A 344 -0.24 -33.79 -18.72
N THR A 345 0.15 -33.70 -17.45
CA THR A 345 0.94 -32.58 -16.96
C THR A 345 2.20 -33.12 -16.27
N PRO A 346 3.34 -32.39 -16.36
CA PRO A 346 4.60 -32.87 -15.76
C PRO A 346 4.79 -32.39 -14.32
N HIS A 347 3.94 -32.91 -13.43
CA HIS A 347 4.08 -32.67 -12.00
C HIS A 347 4.08 -31.17 -11.72
N ILE A 348 3.04 -30.50 -12.22
CA ILE A 348 2.92 -29.05 -12.07
C ILE A 348 1.84 -28.71 -11.04
N GLY A 349 1.35 -29.69 -10.28
CA GLY A 349 0.29 -29.43 -9.31
C GLY A 349 0.59 -28.27 -8.36
N GLY A 350 1.86 -28.15 -7.90
CA GLY A 350 2.27 -27.07 -7.02
C GLY A 350 3.14 -25.99 -7.71
N SER A 351 3.34 -26.10 -9.03
CA SER A 351 4.19 -25.18 -9.77
C SER A 351 3.47 -23.84 -10.08
N THR A 352 3.26 -23.01 -9.05
CA THR A 352 2.82 -21.65 -9.26
C THR A 352 3.73 -20.67 -8.53
N GLU A 353 3.62 -19.41 -8.94
CA GLU A 353 4.31 -18.33 -8.28
C GLU A 353 3.83 -18.21 -6.84
N GLU A 354 2.54 -18.42 -6.58
CA GLU A 354 1.98 -18.20 -5.25
C GLU A 354 2.46 -19.29 -4.29
N ALA A 355 2.57 -20.52 -4.79
CA ALA A 355 3.04 -21.65 -4.00
C ALA A 355 4.53 -21.48 -3.68
N GLN A 356 5.36 -21.23 -4.69
CA GLN A 356 6.78 -21.00 -4.51
C GLN A 356 7.04 -19.84 -3.55
N SER A 357 6.16 -18.86 -3.57
CA SER A 357 6.27 -17.69 -2.75
C SER A 357 5.90 -18.01 -1.30
N SER A 358 4.89 -18.85 -1.10
CA SER A 358 4.48 -19.23 0.25
C SER A 358 5.52 -20.12 0.93
N ILE A 359 6.16 -21.01 0.17
CA ILE A 359 7.27 -21.84 0.61
C ILE A 359 8.39 -20.92 1.12
N GLY A 360 8.80 -20.00 0.24
CA GLY A 360 9.73 -18.96 0.61
C GLY A 360 9.47 -18.41 2.01
N ILE A 361 8.23 -18.00 2.29
CA ILE A 361 7.89 -17.31 3.52
C ILE A 361 7.88 -18.31 4.69
N GLU A 362 7.34 -19.51 4.48
CA GLU A 362 7.16 -20.46 5.56
C GLU A 362 8.52 -20.89 6.12
N VAL A 363 9.44 -21.25 5.21
CA VAL A 363 10.69 -21.89 5.54
C VAL A 363 11.68 -20.84 6.00
N ALA A 364 11.74 -19.70 5.30
CA ALA A 364 12.61 -18.61 5.72
C ALA A 364 12.19 -18.09 7.10
N THR A 365 10.89 -18.07 7.39
CA THR A 365 10.44 -17.63 8.71
C THR A 365 10.83 -18.68 9.75
N ALA A 366 10.73 -19.95 9.37
CA ALA A 366 11.06 -21.02 10.28
C ALA A 366 12.55 -21.01 10.64
N LEU A 367 13.44 -20.95 9.63
CA LEU A 367 14.87 -20.91 9.86
C LEU A 367 15.21 -19.69 10.70
N SER A 368 14.53 -18.57 10.44
CA SER A 368 14.79 -17.32 11.12
C SER A 368 14.40 -17.39 12.58
N LYS A 369 13.24 -17.97 12.89
CA LYS A 369 12.85 -18.11 14.28
C LYS A 369 13.76 -19.14 14.98
N TYR A 370 14.35 -20.11 14.26
CA TYR A 370 15.24 -21.09 14.86
C TYR A 370 16.57 -20.41 15.21
N ILE A 371 17.08 -19.60 14.28
CA ILE A 371 18.32 -18.86 14.50
C ILE A 371 18.12 -17.82 15.60
N ASN A 372 17.06 -17.01 15.54
CA ASN A 372 16.90 -15.87 16.43
C ASN A 372 16.35 -16.27 17.80
N GLU A 373 15.61 -17.38 17.89
CA GLU A 373 14.90 -17.70 19.13
C GLU A 373 15.05 -19.17 19.55
N GLY A 374 15.69 -19.99 18.71
CA GLY A 374 15.91 -21.39 19.00
C GLY A 374 14.70 -22.29 18.76
N ASN A 375 13.62 -21.73 18.19
CA ASN A 375 12.33 -22.39 17.96
C ASN A 375 12.42 -23.47 16.88
N SER A 376 12.17 -24.75 17.26
CA SER A 376 12.38 -25.88 16.37
C SER A 376 11.06 -26.57 16.02
N VAL A 377 9.94 -25.89 16.29
CA VAL A 377 8.60 -26.38 15.97
C VAL A 377 8.47 -26.52 14.46
N GLY A 378 8.00 -27.67 13.99
CA GLY A 378 7.93 -27.95 12.57
C GLY A 378 9.19 -28.57 12.00
N SER A 379 10.22 -28.71 12.84
CA SER A 379 11.43 -29.37 12.40
C SER A 379 11.07 -30.82 12.07
N VAL A 380 11.71 -31.41 11.04
CA VAL A 380 11.44 -32.78 10.66
C VAL A 380 12.40 -33.79 11.32
N ASN A 381 13.53 -33.38 11.92
CA ASN A 381 14.52 -34.35 12.39
C ASN A 381 14.98 -34.02 13.81
N PHE A 382 14.18 -33.23 14.53
CA PHE A 382 14.62 -32.58 15.74
C PHE A 382 13.46 -32.54 16.70
N PRO A 383 13.74 -32.49 18.02
CA PRO A 383 12.68 -32.25 19.00
C PRO A 383 12.09 -30.88 18.73
N GLU A 384 10.80 -30.76 19.02
CA GLU A 384 10.05 -29.54 18.75
C GLU A 384 9.93 -28.77 20.06
N VAL A 385 10.70 -27.69 20.16
CA VAL A 385 10.83 -26.91 21.39
C VAL A 385 10.71 -25.44 21.03
N SER A 386 10.01 -24.69 21.87
CA SER A 386 9.96 -23.26 21.74
C SER A 386 9.47 -22.65 23.07
N LEU A 387 9.72 -21.35 23.26
CA LEU A 387 9.35 -20.66 24.49
C LEU A 387 8.85 -19.29 24.10
N LYS A 388 7.95 -18.68 24.87
CA LYS A 388 7.51 -17.31 24.58
C LYS A 388 8.74 -16.39 24.54
N SER A 389 8.75 -15.49 23.55
CA SER A 389 9.97 -14.88 23.01
C SER A 389 10.77 -14.14 24.08
N GLN A 394 13.74 -8.52 31.45
CA GLN A 394 13.93 -7.85 30.15
C GLN A 394 15.43 -7.78 29.86
N GLU A 395 16.10 -6.80 30.52
CA GLU A 395 17.55 -6.71 30.52
C GLU A 395 18.11 -7.84 31.37
N ASN A 396 19.23 -8.38 30.87
CA ASN A 396 20.09 -9.32 31.58
C ASN A 396 19.53 -10.75 31.50
N THR A 397 18.63 -11.04 30.55
CA THR A 397 18.13 -12.39 30.40
C THR A 397 18.84 -13.05 29.23
N VAL A 398 19.28 -14.30 29.42
CA VAL A 398 19.90 -15.07 28.38
C VAL A 398 19.04 -16.31 28.10
N ARG A 399 19.08 -16.76 26.85
CA ARG A 399 18.45 -18.01 26.50
C ARG A 399 19.53 -19.02 26.13
N VAL A 400 19.49 -20.16 26.84
CA VAL A 400 20.44 -21.23 26.63
C VAL A 400 19.80 -22.23 25.67
N LEU A 401 20.52 -22.56 24.60
CA LEU A 401 20.11 -23.57 23.63
C LEU A 401 21.12 -24.70 23.66
N TYR A 402 20.77 -25.80 24.34
CA TYR A 402 21.69 -26.91 24.59
C TYR A 402 21.20 -28.18 23.89
N ILE A 403 21.88 -28.55 22.79
CA ILE A 403 21.60 -29.78 22.08
C ILE A 403 22.57 -30.85 22.58
N HIS A 404 22.04 -32.02 22.90
CA HIS A 404 22.78 -32.99 23.68
C HIS A 404 22.33 -34.42 23.39
N ARG A 405 23.12 -35.37 23.87
CA ARG A 405 22.76 -36.81 23.73
C ARG A 405 21.66 -37.10 24.75
N ASN A 406 20.65 -37.85 24.34
CA ASN A 406 19.47 -38.19 25.13
C ASN A 406 19.79 -39.32 26.10
N VAL A 407 20.59 -39.04 27.15
CA VAL A 407 21.01 -40.05 28.10
C VAL A 407 20.70 -39.51 29.49
N PRO A 408 20.57 -40.37 30.53
CA PRO A 408 20.35 -39.85 31.89
C PRO A 408 21.47 -38.94 32.39
N GLY A 409 21.08 -38.00 33.26
CA GLY A 409 22.02 -37.21 34.05
C GLY A 409 22.41 -35.88 33.40
N VAL A 410 21.79 -35.51 32.27
CA VAL A 410 22.27 -34.35 31.52
C VAL A 410 21.61 -33.09 32.07
N LEU A 411 20.32 -33.12 32.40
CA LEU A 411 19.68 -31.96 33.01
C LEU A 411 20.25 -31.71 34.41
N LYS A 412 20.67 -32.78 35.12
CA LYS A 412 21.38 -32.63 36.39
C LYS A 412 22.62 -31.75 36.24
N THR A 413 23.46 -32.09 35.25
CA THR A 413 24.68 -31.38 34.92
C THR A 413 24.38 -29.93 34.56
N VAL A 414 23.43 -29.72 33.63
CA VAL A 414 23.14 -28.41 33.07
C VAL A 414 22.51 -27.53 34.13
N ASN A 415 21.54 -28.04 34.89
CA ASN A 415 20.84 -27.20 35.85
C ASN A 415 21.72 -26.86 37.05
N ASP A 416 22.79 -27.65 37.25
CA ASP A 416 23.85 -27.36 38.21
C ASP A 416 24.68 -26.16 37.78
N ILE A 417 25.26 -26.24 36.58
CA ILE A 417 25.95 -25.12 35.93
C ILE A 417 25.13 -23.82 36.01
N LEU A 418 23.80 -23.86 35.93
CA LEU A 418 23.01 -22.63 35.88
C LEU A 418 22.44 -22.25 37.25
N SER A 419 22.91 -22.86 38.35
CA SER A 419 22.10 -22.87 39.57
C SER A 419 22.24 -21.60 40.41
N ASP A 420 23.21 -20.76 40.03
CA ASP A 420 23.40 -19.46 40.64
C ASP A 420 22.36 -18.47 40.11
N HIS A 421 21.75 -18.83 38.99
CA HIS A 421 20.79 -17.92 38.33
C HIS A 421 19.37 -18.49 38.35
N ASN A 422 18.37 -17.63 38.51
CA ASN A 422 16.98 -18.06 38.47
C ASN A 422 16.62 -18.47 37.05
N ILE A 423 16.05 -19.67 36.91
CA ILE A 423 15.51 -20.09 35.63
C ILE A 423 14.03 -19.75 35.60
N GLU A 424 13.67 -18.87 34.68
CA GLU A 424 12.31 -18.37 34.54
C GLU A 424 11.48 -19.48 33.91
N LYS A 425 12.04 -20.15 32.90
CA LYS A 425 11.41 -21.29 32.30
C LYS A 425 12.41 -22.11 31.50
N GLN A 426 12.00 -23.32 31.19
CA GLN A 426 12.90 -24.32 30.64
C GLN A 426 12.05 -25.40 29.99
N PHE A 427 12.52 -25.89 28.85
CA PHE A 427 11.82 -26.92 28.12
C PHE A 427 12.89 -27.75 27.41
N SER A 428 12.85 -29.05 27.73
CA SER A 428 13.68 -30.04 27.05
C SER A 428 12.75 -31.08 26.43
N ASP A 429 13.12 -31.59 25.24
CA ASP A 429 12.44 -32.72 24.62
C ASP A 429 13.45 -33.54 23.83
N SER A 430 13.12 -34.80 23.56
CA SER A 430 14.01 -35.76 22.89
C SER A 430 13.42 -36.25 21.56
N HIS A 431 14.32 -36.70 20.68
CA HIS A 431 13.92 -37.27 19.37
C HIS A 431 14.99 -38.28 18.99
N GLY A 432 14.81 -39.55 19.36
CA GLY A 432 15.84 -40.55 19.15
C GLY A 432 16.98 -40.36 20.14
N GLU A 433 18.19 -40.29 19.59
CA GLU A 433 19.42 -40.25 20.36
C GLU A 433 19.79 -38.82 20.76
N ILE A 434 19.01 -37.84 20.27
CA ILE A 434 19.27 -36.42 20.41
C ILE A 434 18.19 -35.82 21.32
N ALA A 435 18.56 -34.81 22.11
CA ALA A 435 17.58 -34.00 22.83
C ALA A 435 17.96 -32.52 22.75
N TYR A 436 17.02 -31.66 23.18
CA TYR A 436 17.17 -30.22 22.99
C TYR A 436 16.56 -29.51 24.20
N LEU A 437 17.44 -28.80 24.93
CA LEU A 437 17.05 -27.99 26.09
C LEU A 437 17.07 -26.53 25.70
N MET A 438 16.05 -25.80 26.18
CA MET A 438 15.99 -24.37 25.99
C MET A 438 15.60 -23.78 27.35
N ALA A 439 16.44 -22.88 27.86
CA ALA A 439 16.21 -22.31 29.18
C ALA A 439 16.39 -20.80 29.16
N ASP A 440 15.49 -20.12 29.86
CA ASP A 440 15.57 -18.67 30.04
C ASP A 440 15.98 -18.37 31.48
N ILE A 441 17.15 -17.71 31.61
CA ILE A 441 17.75 -17.39 32.88
C ILE A 441 17.90 -15.87 33.00
N SER A 442 17.56 -15.35 34.18
CA SER A 442 17.52 -13.91 34.41
C SER A 442 18.72 -13.45 35.26
N SER A 443 18.99 -12.13 35.17
CA SER A 443 20.06 -11.49 35.93
C SER A 443 21.40 -12.16 35.61
N VAL A 444 21.85 -12.00 34.36
CA VAL A 444 23.11 -12.54 33.86
C VAL A 444 23.89 -11.42 33.16
N ASN A 445 25.08 -11.11 33.64
CA ASN A 445 25.96 -10.16 32.96
C ASN A 445 26.90 -10.95 32.07
N GLN A 446 27.67 -10.22 31.24
CA GLN A 446 28.40 -10.81 30.12
C GLN A 446 29.59 -11.64 30.59
N SER A 447 30.11 -11.32 31.77
CA SER A 447 31.16 -12.10 32.40
C SER A 447 30.63 -13.51 32.75
N GLU A 448 29.46 -13.54 33.41
CA GLU A 448 28.81 -14.78 33.82
C GLU A 448 28.36 -15.60 32.59
N ILE A 449 27.98 -14.94 31.48
CA ILE A 449 27.57 -15.61 30.26
C ILE A 449 28.74 -16.42 29.69
N LYS A 450 29.94 -15.86 29.66
CA LYS A 450 31.11 -16.53 29.11
C LYS A 450 31.48 -17.75 29.96
N ASP A 451 31.19 -17.68 31.26
CA ASP A 451 31.50 -18.71 32.24
C ASP A 451 30.58 -19.92 32.04
N ILE A 452 29.28 -19.61 31.86
CA ILE A 452 28.27 -20.62 31.59
C ILE A 452 28.57 -21.32 30.26
N TYR A 453 28.96 -20.55 29.26
CA TYR A 453 29.22 -21.08 27.94
C TYR A 453 30.36 -22.09 27.98
N GLU A 454 31.45 -21.77 28.69
CA GLU A 454 32.64 -22.60 28.68
C GLU A 454 32.40 -23.89 29.48
N LYS A 455 31.62 -23.78 30.56
CA LYS A 455 31.21 -24.95 31.34
C LYS A 455 30.30 -25.89 30.52
N LEU A 456 29.26 -25.36 29.87
CA LEU A 456 28.36 -26.16 29.04
C LEU A 456 29.12 -26.75 27.84
N ASN A 457 30.13 -26.04 27.37
CA ASN A 457 30.86 -26.44 26.18
C ASN A 457 31.80 -27.64 26.48
N GLN A 458 32.03 -27.92 27.77
CA GLN A 458 32.87 -29.04 28.17
C GLN A 458 32.09 -30.10 28.95
N THR A 459 30.76 -30.13 28.82
CA THR A 459 29.97 -31.28 29.22
C THR A 459 30.10 -32.35 28.14
N SER A 460 29.96 -33.63 28.54
CA SER A 460 30.26 -34.74 27.65
C SER A 460 29.05 -35.14 26.84
N ALA A 461 27.84 -34.79 27.29
CA ALA A 461 26.61 -35.05 26.56
C ALA A 461 26.40 -34.03 25.43
N LYS A 462 27.25 -33.00 25.33
CA LYS A 462 26.97 -31.88 24.47
C LYS A 462 27.20 -32.25 23.00
N VAL A 463 26.27 -31.76 22.15
CA VAL A 463 26.29 -31.91 20.70
C VAL A 463 26.55 -30.53 20.09
N SER A 464 25.76 -29.54 20.50
CA SER A 464 26.05 -28.13 20.20
C SER A 464 25.29 -27.21 21.15
N ILE A 465 25.93 -26.06 21.45
CA ILE A 465 25.37 -25.03 22.31
C ILE A 465 25.47 -23.66 21.65
N ARG A 466 24.44 -22.86 21.94
CA ARG A 466 24.38 -21.46 21.52
C ARG A 466 23.68 -20.72 22.65
N LEU A 467 24.10 -19.51 22.96
CA LEU A 467 23.45 -18.63 23.93
C LEU A 467 22.95 -17.41 23.18
N LEU A 468 21.72 -17.00 23.45
CA LEU A 468 21.16 -15.81 22.84
C LEU A 468 20.93 -14.77 23.94
N TYR A 469 21.47 -13.56 23.70
CA TYR A 469 21.27 -12.39 24.53
C TYR A 469 21.39 -11.13 23.67
N ASP B 11 16.69 11.55 -9.19
CA ASP B 11 17.46 10.30 -8.96
C ASP B 11 16.50 9.25 -8.41
N SER B 12 17.04 8.26 -7.67
CA SER B 12 16.26 7.09 -7.25
C SER B 12 15.18 7.48 -6.23
N PHE B 13 14.31 8.45 -6.58
CA PHE B 13 13.05 8.68 -5.84
C PHE B 13 11.83 8.71 -6.79
N GLN B 14 12.05 8.89 -8.11
CA GLN B 14 11.07 8.62 -9.16
C GLN B 14 10.84 7.12 -9.34
N ARG B 15 11.95 6.36 -9.49
CA ARG B 15 11.99 4.90 -9.39
C ARG B 15 11.87 4.50 -7.92
N ALA B 16 10.68 4.71 -7.35
CA ALA B 16 10.39 4.50 -5.93
C ALA B 16 8.98 5.02 -5.64
N MET B 17 8.50 6.01 -6.42
CA MET B 17 7.09 6.39 -6.48
C MET B 17 6.36 5.66 -7.62
N ASN B 18 7.09 5.29 -8.69
CA ASN B 18 6.63 4.34 -9.70
C ASN B 18 7.04 2.91 -9.33
N PHE B 19 7.44 2.68 -8.05
CA PHE B 19 7.71 1.35 -7.51
C PHE B 19 6.49 0.87 -6.72
N SER B 20 6.20 1.48 -5.56
CA SER B 20 4.93 1.24 -4.89
C SER B 20 3.84 1.99 -5.64
N GLY B 21 3.58 1.59 -6.90
CA GLY B 21 2.46 2.03 -7.72
C GLY B 21 2.27 1.04 -8.89
N SER B 22 3.31 0.88 -9.74
CA SER B 22 3.48 -0.22 -10.69
C SER B 22 3.41 0.24 -12.16
N PRO B 23 4.10 -0.45 -13.12
CA PRO B 23 3.75 -0.39 -14.54
C PRO B 23 2.28 -0.70 -14.94
N GLY B 24 1.70 -1.73 -14.25
CA GLY B 24 0.63 -2.60 -14.73
C GLY B 24 1.17 -3.98 -15.12
N ALA B 25 1.26 -4.92 -14.15
CA ALA B 25 1.80 -6.25 -14.42
C ALA B 25 1.12 -7.31 -13.56
N VAL B 26 0.84 -8.47 -14.17
CA VAL B 26 0.19 -9.55 -13.45
C VAL B 26 1.25 -10.12 -12.53
N SER B 27 0.86 -10.40 -11.30
CA SER B 27 1.85 -10.70 -10.29
C SER B 27 1.25 -11.40 -9.08
N THR B 28 2.14 -12.04 -8.34
CA THR B 28 1.74 -13.08 -7.38
C THR B 28 0.79 -12.46 -6.36
N SER B 29 -0.32 -13.15 -6.08
CA SER B 29 -1.33 -12.63 -5.17
C SER B 29 -0.76 -12.56 -3.76
N PRO B 30 -1.37 -11.74 -2.86
CA PRO B 30 -0.93 -11.70 -1.45
C PRO B 30 -1.33 -12.88 -0.55
N THR B 31 -0.60 -14.01 -0.65
CA THR B 31 -0.96 -15.26 0.00
C THR B 31 -0.98 -15.06 1.52
N GLN B 32 -2.09 -15.50 2.15
CA GLN B 32 -2.51 -15.33 3.55
C GLN B 32 -3.23 -13.99 3.75
N THR B 45 -3.28 -43.79 14.74
CA THR B 45 -2.99 -42.91 15.90
C THR B 45 -3.04 -43.74 17.18
N LYS B 46 -2.15 -43.46 18.14
CA LYS B 46 -2.07 -44.28 19.38
C LYS B 46 -3.14 -43.83 20.38
N GLN B 47 -3.36 -44.63 21.42
CA GLN B 47 -4.32 -44.25 22.48
C GLN B 47 -3.55 -43.58 23.61
N PRO B 48 -4.02 -42.45 24.17
CA PRO B 48 -3.33 -41.84 25.31
C PRO B 48 -3.36 -42.83 26.48
N LYS B 49 -2.18 -43.07 27.10
CA LYS B 49 -2.12 -43.71 28.40
C LYS B 49 -2.86 -42.83 29.41
N ALA B 50 -3.76 -43.44 30.19
CA ALA B 50 -4.46 -42.75 31.27
C ALA B 50 -3.66 -42.99 32.56
N LEU B 51 -3.57 -41.94 33.37
CA LEU B 51 -2.62 -41.92 34.47
C LEU B 51 -3.38 -41.71 35.77
N LYS B 52 -2.88 -42.32 36.85
CA LYS B 52 -3.51 -42.23 38.16
C LYS B 52 -2.47 -41.77 39.18
N PRO B 53 -2.87 -40.93 40.17
CA PRO B 53 -1.92 -40.39 41.14
C PRO B 53 -1.37 -41.47 42.08
N PHE B 54 -0.22 -41.20 42.70
CA PHE B 54 0.39 -42.09 43.69
C PHE B 54 -0.36 -42.13 45.03
N SER B 55 -1.02 -41.03 45.45
CA SER B 55 -1.87 -40.95 46.63
C SER B 55 -3.10 -41.86 46.57
N THR B 56 -3.41 -42.56 47.69
CA THR B 56 -4.50 -43.51 47.76
C THR B 56 -5.87 -42.80 47.94
N GLY B 57 -6.94 -43.42 47.44
CA GLY B 57 -8.30 -43.08 47.86
C GLY B 57 -9.10 -42.28 46.82
N ASP B 58 -8.62 -42.22 45.57
CA ASP B 58 -9.44 -41.80 44.44
C ASP B 58 -9.49 -40.26 44.40
N MET B 59 -10.69 -39.70 44.16
CA MET B 59 -10.86 -38.29 43.83
C MET B 59 -12.30 -37.88 44.16
N ASN B 60 -12.47 -36.91 45.08
CA ASN B 60 -13.78 -36.37 45.37
C ASN B 60 -13.96 -35.01 44.70
N ILE B 61 -15.00 -34.86 43.87
CA ILE B 61 -15.37 -33.57 43.29
C ILE B 61 -16.59 -33.02 44.04
N LEU B 62 -16.56 -31.74 44.40
CA LEU B 62 -17.73 -31.07 44.93
C LEU B 62 -18.17 -29.98 43.95
N LEU B 63 -19.43 -30.05 43.50
CA LEU B 63 -19.98 -29.08 42.57
C LEU B 63 -21.11 -28.32 43.24
N LEU B 64 -21.05 -26.99 43.19
CA LEU B 64 -22.03 -26.13 43.84
C LEU B 64 -22.71 -25.27 42.78
N GLU B 65 -23.83 -24.67 43.19
CA GLU B 65 -24.51 -23.61 42.45
C GLU B 65 -25.09 -24.11 41.13
N ASN B 66 -25.42 -25.40 41.04
CA ASN B 66 -26.18 -25.91 39.91
C ASN B 66 -25.37 -25.76 38.63
N VAL B 67 -24.17 -26.34 38.63
CA VAL B 67 -23.47 -26.50 37.37
C VAL B 67 -24.27 -27.49 36.51
N ASN B 68 -24.00 -27.43 35.21
CA ASN B 68 -24.71 -28.19 34.21
C ASN B 68 -24.33 -29.66 34.28
N ALA B 69 -25.30 -30.50 33.87
CA ALA B 69 -25.15 -31.94 33.86
C ALA B 69 -23.99 -32.39 32.96
N THR B 70 -23.57 -31.61 31.96
CA THR B 70 -22.47 -32.04 31.12
C THR B 70 -21.21 -32.26 31.94
N ALA B 71 -21.07 -31.44 33.00
CA ALA B 71 -19.91 -31.48 33.90
C ALA B 71 -19.98 -32.71 34.80
N ILE B 72 -21.16 -32.96 35.37
CA ILE B 72 -21.39 -34.12 36.23
C ILE B 72 -21.00 -35.39 35.46
N LYS B 73 -21.39 -35.45 34.19
CA LYS B 73 -21.16 -36.63 33.38
C LYS B 73 -19.68 -36.80 33.10
N ILE B 74 -18.97 -35.72 32.79
CA ILE B 74 -17.56 -35.86 32.45
C ILE B 74 -16.77 -36.41 33.64
N PHE B 75 -17.12 -35.96 34.85
CA PHE B 75 -16.45 -36.36 36.08
C PHE B 75 -16.76 -37.81 36.47
N LYS B 76 -18.02 -38.25 36.34
CA LYS B 76 -18.37 -39.62 36.67
C LYS B 76 -17.74 -40.61 35.69
N ASP B 77 -17.60 -40.24 34.41
CA ASP B 77 -16.95 -41.07 33.41
C ASP B 77 -15.44 -41.23 33.66
N GLN B 78 -14.83 -40.27 34.39
CA GLN B 78 -13.46 -40.43 34.86
C GLN B 78 -13.38 -41.38 36.05
N GLY B 79 -14.53 -41.62 36.71
CA GLY B 79 -14.60 -42.46 37.90
C GLY B 79 -14.41 -41.66 39.18
N TYR B 80 -14.48 -40.33 39.12
CA TYR B 80 -14.44 -39.52 40.33
C TYR B 80 -15.77 -39.69 41.07
N GLN B 81 -15.72 -39.56 42.39
CA GLN B 81 -16.91 -39.47 43.23
C GLN B 81 -17.39 -38.02 43.21
N VAL B 82 -18.67 -37.79 42.90
CA VAL B 82 -19.16 -36.44 42.65
C VAL B 82 -20.29 -36.11 43.61
N GLU B 83 -20.19 -35.00 44.33
CA GLU B 83 -21.27 -34.47 45.15
C GLU B 83 -21.78 -33.16 44.54
N PHE B 84 -23.08 -33.08 44.28
CA PHE B 84 -23.68 -31.97 43.54
C PHE B 84 -24.68 -31.21 44.40
N HIS B 85 -24.69 -29.89 44.28
CA HIS B 85 -25.68 -29.05 45.00
C HIS B 85 -26.22 -28.01 44.02
N LYS B 86 -27.45 -27.58 44.19
CA LYS B 86 -28.09 -26.63 43.26
C LYS B 86 -27.82 -25.19 43.70
N SER B 87 -27.48 -24.97 44.97
CA SER B 87 -27.10 -23.64 45.40
C SER B 87 -25.75 -23.68 46.12
N SER B 88 -25.37 -22.54 46.72
CA SER B 88 -24.17 -22.45 47.51
C SER B 88 -24.46 -22.93 48.93
N LEU B 89 -23.40 -23.10 49.73
CA LEU B 89 -23.52 -23.59 51.09
C LEU B 89 -23.24 -22.45 52.08
N PRO B 90 -23.90 -22.44 53.27
CA PRO B 90 -23.36 -21.71 54.43
C PRO B 90 -21.86 -21.95 54.60
N GLU B 91 -21.19 -20.95 55.18
CA GLU B 91 -19.73 -20.94 55.27
C GLU B 91 -19.21 -22.12 56.11
N ASP B 92 -19.95 -22.52 57.15
CA ASP B 92 -19.49 -23.50 58.11
C ASP B 92 -19.61 -24.92 57.53
N GLU B 93 -20.66 -25.12 56.73
CA GLU B 93 -20.89 -26.37 56.00
C GLU B 93 -19.86 -26.51 54.88
N LEU B 94 -19.58 -25.40 54.18
CA LEU B 94 -18.62 -25.42 53.10
C LEU B 94 -17.22 -25.79 53.62
N ILE B 95 -16.88 -25.29 54.81
CA ILE B 95 -15.58 -25.54 55.41
C ILE B 95 -15.40 -27.04 55.66
N GLU B 96 -16.44 -27.68 56.24
CA GLU B 96 -16.31 -29.08 56.61
C GLU B 96 -16.22 -29.93 55.34
N LYS B 97 -16.96 -29.59 54.29
CA LYS B 97 -16.98 -30.43 53.09
C LYS B 97 -15.65 -30.32 52.34
N ILE B 98 -15.00 -29.16 52.46
CA ILE B 98 -13.90 -28.85 51.55
C ILE B 98 -12.61 -29.49 52.07
N LYS B 99 -12.65 -30.01 53.31
CA LYS B 99 -11.51 -30.66 53.93
C LYS B 99 -11.05 -31.88 53.13
N ASP B 100 -12.02 -32.65 52.60
CA ASP B 100 -11.74 -33.92 51.92
C ASP B 100 -11.65 -33.79 50.41
N VAL B 101 -12.07 -32.64 49.86
CA VAL B 101 -12.37 -32.51 48.44
C VAL B 101 -11.08 -32.27 47.66
N HIS B 102 -10.98 -32.85 46.47
CA HIS B 102 -9.80 -32.70 45.59
C HIS B 102 -10.06 -31.62 44.54
N ALA B 103 -11.31 -31.49 44.08
CA ALA B 103 -11.59 -30.39 43.17
C ALA B 103 -12.96 -29.81 43.52
N ILE B 104 -13.11 -28.50 43.35
CA ILE B 104 -14.36 -27.87 43.64
C ILE B 104 -14.76 -27.00 42.45
N GLY B 105 -16.02 -27.20 42.03
CA GLY B 105 -16.63 -26.35 41.01
C GLY B 105 -17.61 -25.38 41.66
N ILE B 106 -17.49 -24.10 41.28
CA ILE B 106 -18.36 -23.05 41.80
C ILE B 106 -18.82 -22.20 40.62
N ARG B 107 -19.71 -21.25 40.91
CA ARG B 107 -19.96 -20.14 40.02
C ARG B 107 -19.72 -18.85 40.82
N SER B 108 -20.54 -17.80 40.58
CA SER B 108 -20.20 -16.46 41.04
C SER B 108 -20.41 -16.26 42.55
N LYS B 109 -21.35 -16.97 43.20
CA LYS B 109 -21.76 -16.64 44.55
C LYS B 109 -21.04 -17.41 45.66
N THR B 110 -20.13 -18.32 45.32
CA THR B 110 -19.35 -19.00 46.35
C THR B 110 -18.02 -18.27 46.51
N ARG B 111 -17.77 -17.76 47.72
CA ARG B 111 -16.53 -16.99 48.00
C ARG B 111 -15.46 -17.85 48.63
N LEU B 112 -14.54 -18.35 47.83
CA LEU B 112 -13.37 -19.09 48.28
C LEU B 112 -12.30 -18.10 48.77
N THR B 113 -12.47 -17.64 50.02
CA THR B 113 -11.52 -16.78 50.69
C THR B 113 -10.40 -17.64 51.26
N GLU B 114 -9.33 -17.01 51.75
CA GLU B 114 -8.31 -17.71 52.53
C GLU B 114 -8.98 -18.32 53.77
N LYS B 115 -10.00 -17.67 54.36
CA LYS B 115 -10.67 -18.23 55.54
C LYS B 115 -11.12 -19.67 55.29
N ILE B 116 -11.57 -19.93 54.06
CA ILE B 116 -12.14 -21.21 53.66
C ILE B 116 -11.07 -22.14 53.08
N LEU B 117 -10.22 -21.61 52.20
CA LEU B 117 -9.20 -22.42 51.53
C LEU B 117 -8.10 -22.90 52.49
N GLN B 118 -7.94 -22.26 53.65
CA GLN B 118 -6.93 -22.69 54.61
C GLN B 118 -7.20 -24.12 55.10
N HIS B 119 -8.48 -24.54 55.03
CA HIS B 119 -8.92 -25.85 55.48
C HIS B 119 -8.86 -26.92 54.38
N ALA B 120 -8.53 -26.54 53.14
CA ALA B 120 -8.61 -27.43 51.98
C ALA B 120 -7.29 -28.18 51.81
N ARG B 121 -7.09 -29.23 52.60
CA ARG B 121 -5.79 -29.92 52.59
C ARG B 121 -5.60 -30.80 51.36
N ASN B 122 -6.68 -31.17 50.69
CA ASN B 122 -6.50 -32.07 49.56
C ASN B 122 -6.67 -31.42 48.20
N LEU B 123 -7.16 -30.19 48.18
CA LEU B 123 -7.66 -29.56 46.97
C LEU B 123 -6.55 -29.40 45.92
N VAL B 124 -6.78 -29.91 44.71
CA VAL B 124 -5.80 -29.86 43.63
C VAL B 124 -6.11 -28.68 42.70
N CYS B 125 -7.40 -28.36 42.52
CA CYS B 125 -7.83 -27.30 41.61
C CYS B 125 -9.25 -26.81 41.90
N ILE B 126 -9.54 -25.61 41.36
CA ILE B 126 -10.84 -24.96 41.43
C ILE B 126 -11.37 -24.67 40.04
N GLY B 127 -12.63 -25.06 39.81
CA GLY B 127 -13.34 -24.69 38.58
C GLY B 127 -14.34 -23.56 38.82
N CYS B 128 -14.14 -22.45 38.11
CA CYS B 128 -15.16 -21.41 38.05
C CYS B 128 -16.01 -21.61 36.80
N PHE B 129 -17.24 -22.12 37.00
CA PHE B 129 -18.14 -22.46 35.91
C PHE B 129 -18.89 -21.19 35.48
N CYS B 130 -18.10 -20.22 34.99
CA CYS B 130 -18.51 -18.85 34.77
C CYS B 130 -17.29 -18.07 34.33
N ILE B 131 -17.48 -16.78 34.01
CA ILE B 131 -16.42 -15.91 33.58
C ILE B 131 -15.62 -15.38 34.77
N GLY B 132 -16.32 -14.92 35.83
CA GLY B 132 -15.70 -14.25 36.96
C GLY B 132 -14.91 -15.20 37.86
N THR B 133 -13.80 -14.68 38.44
CA THR B 133 -12.90 -15.42 39.32
C THR B 133 -12.58 -14.63 40.60
N ASN B 134 -13.14 -13.43 40.73
CA ASN B 134 -12.97 -12.56 41.89
C ASN B 134 -13.54 -13.16 43.17
N GLN B 135 -14.46 -14.14 43.04
CA GLN B 135 -15.05 -14.78 44.21
C GLN B 135 -14.01 -15.69 44.89
N VAL B 136 -12.88 -15.92 44.19
CA VAL B 136 -11.80 -16.77 44.65
C VAL B 136 -10.59 -15.88 44.95
N ASP B 137 -9.94 -16.11 46.10
CA ASP B 137 -8.66 -15.50 46.40
C ASP B 137 -7.57 -16.21 45.59
N LEU B 138 -7.32 -15.72 44.36
CA LEU B 138 -6.47 -16.41 43.40
C LEU B 138 -5.04 -16.51 43.88
N LYS B 139 -4.56 -15.50 44.63
CA LYS B 139 -3.17 -15.43 45.03
C LYS B 139 -2.90 -16.38 46.18
N TYR B 140 -3.80 -16.41 47.16
CA TYR B 140 -3.69 -17.37 48.24
C TYR B 140 -3.69 -18.79 47.67
N ALA B 141 -4.60 -19.04 46.73
CA ALA B 141 -4.73 -20.32 46.08
C ALA B 141 -3.41 -20.71 45.40
N ALA B 142 -2.82 -19.80 44.62
CA ALA B 142 -1.58 -20.11 43.91
C ALA B 142 -0.47 -20.44 44.91
N SER B 143 -0.52 -19.76 46.08
CA SER B 143 0.49 -19.90 47.11
C SER B 143 0.45 -21.31 47.69
N LYS B 144 -0.71 -21.98 47.63
CA LYS B 144 -0.82 -23.36 48.10
C LYS B 144 -0.70 -24.36 46.95
N GLY B 145 -0.35 -23.92 45.73
CA GLY B 145 -0.25 -24.83 44.59
C GLY B 145 -1.63 -25.26 44.04
N ILE B 146 -2.69 -24.46 44.27
CA ILE B 146 -4.04 -24.74 43.76
C ILE B 146 -4.32 -23.93 42.49
N ALA B 147 -4.51 -24.65 41.36
CA ALA B 147 -4.78 -24.05 40.06
C ALA B 147 -6.27 -23.69 39.91
N VAL B 148 -6.57 -22.52 39.34
CA VAL B 148 -7.95 -22.07 39.17
C VAL B 148 -8.25 -21.93 37.68
N PHE B 149 -9.39 -22.46 37.25
CA PHE B 149 -9.82 -22.44 35.85
C PHE B 149 -11.19 -21.78 35.72
N ASN B 150 -11.48 -21.20 34.54
CA ASN B 150 -12.76 -20.55 34.34
C ASN B 150 -13.20 -20.68 32.87
N SER B 151 -14.33 -20.05 32.53
CA SER B 151 -14.85 -20.07 31.18
C SER B 151 -15.18 -18.67 30.68
N PRO B 152 -14.25 -17.98 30.01
CA PRO B 152 -14.48 -16.59 29.62
C PRO B 152 -15.49 -16.36 28.47
N PHE B 153 -15.49 -17.22 27.42
CA PHE B 153 -16.08 -16.84 26.13
C PHE B 153 -17.22 -17.74 25.65
N SER B 154 -17.79 -18.49 26.59
CA SER B 154 -18.80 -19.49 26.34
C SER B 154 -20.18 -18.90 26.10
N ASN B 155 -20.43 -17.62 26.46
CA ASN B 155 -21.79 -17.05 26.46
C ASN B 155 -22.03 -16.10 25.27
N SER B 156 -21.15 -16.13 24.26
CA SER B 156 -21.10 -15.08 23.25
C SER B 156 -22.36 -15.09 22.37
N ARG B 157 -22.63 -16.22 21.75
CA ARG B 157 -23.80 -16.39 20.91
C ARG B 157 -25.08 -16.08 21.67
N SER B 158 -25.17 -16.51 22.94
CA SER B 158 -26.38 -16.31 23.75
C SER B 158 -26.68 -14.82 23.92
N VAL B 159 -25.66 -14.02 24.14
CA VAL B 159 -25.86 -12.59 24.32
C VAL B 159 -26.21 -11.93 22.97
N ALA B 160 -25.53 -12.33 21.88
CA ALA B 160 -25.76 -11.76 20.58
C ALA B 160 -27.21 -12.00 20.13
N GLU B 161 -27.75 -13.18 20.39
CA GLU B 161 -29.12 -13.50 20.04
C GLU B 161 -30.08 -12.72 20.93
N LEU B 162 -29.77 -12.57 22.21
CA LEU B 162 -30.63 -11.78 23.07
C LEU B 162 -30.82 -10.39 22.49
N VAL B 163 -29.72 -9.81 22.00
CA VAL B 163 -29.72 -8.44 21.54
C VAL B 163 -30.54 -8.32 20.27
N ILE B 164 -30.36 -9.24 19.29
CA ILE B 164 -31.16 -9.24 18.09
C ILE B 164 -32.65 -9.24 18.47
N GLY B 165 -33.01 -10.00 19.49
CA GLY B 165 -34.40 -10.11 19.90
C GLY B 165 -34.92 -8.84 20.58
N GLU B 166 -34.05 -8.14 21.28
CA GLU B 166 -34.43 -6.93 21.97
C GLU B 166 -34.49 -5.76 20.99
N ILE B 167 -33.64 -5.76 19.96
CA ILE B 167 -33.71 -4.80 18.88
C ILE B 167 -35.12 -4.85 18.29
N ILE B 168 -35.55 -6.03 17.90
CA ILE B 168 -36.86 -6.19 17.28
C ILE B 168 -37.95 -5.83 18.27
N SER B 169 -37.77 -6.29 19.51
CA SER B 169 -38.81 -6.11 20.51
C SER B 169 -39.02 -4.62 20.82
N LEU B 170 -37.94 -3.87 20.85
CA LEU B 170 -37.99 -2.44 21.12
C LEU B 170 -38.55 -1.68 19.92
N ALA B 171 -38.14 -2.10 18.71
CA ALA B 171 -38.58 -1.52 17.45
C ALA B 171 -40.09 -1.63 17.33
N ARG B 172 -40.69 -2.65 17.96
CA ARG B 172 -42.10 -2.92 17.76
C ARG B 172 -42.89 -2.76 19.05
N GLN B 173 -42.25 -2.31 20.13
CA GLN B 173 -42.86 -2.19 21.44
C GLN B 173 -43.56 -3.48 21.86
N LEU B 174 -42.96 -4.64 21.57
CA LEU B 174 -43.59 -5.93 21.87
C LEU B 174 -43.92 -6.07 23.34
N GLY B 175 -42.95 -5.71 24.20
CA GLY B 175 -43.15 -5.87 25.63
C GLY B 175 -44.38 -5.12 26.11
N ASP B 176 -44.55 -3.89 25.60
CA ASP B 176 -45.64 -3.00 26.00
C ASP B 176 -46.98 -3.57 25.52
N ARG B 177 -46.98 -4.10 24.29
CA ARG B 177 -48.20 -4.65 23.69
C ARG B 177 -48.71 -5.82 24.52
N SER B 178 -47.79 -6.71 24.89
CA SER B 178 -48.13 -7.93 25.61
C SER B 178 -48.62 -7.60 27.03
N ILE B 179 -47.97 -6.66 27.71
CA ILE B 179 -48.34 -6.28 29.07
C ILE B 179 -49.75 -5.68 29.07
N GLU B 180 -50.04 -4.84 28.07
CA GLU B 180 -51.35 -4.27 27.84
C GLU B 180 -52.38 -5.39 27.72
N LEU B 181 -52.14 -6.33 26.79
CA LEU B 181 -53.12 -7.36 26.46
C LEU B 181 -53.35 -8.26 27.67
N HIS B 182 -52.27 -8.55 28.43
CA HIS B 182 -52.36 -9.37 29.63
C HIS B 182 -53.23 -8.70 30.71
N THR B 183 -53.50 -7.39 30.58
CA THR B 183 -54.35 -6.70 31.54
C THR B 183 -55.62 -6.21 30.86
N GLY B 184 -55.81 -6.58 29.59
CA GLY B 184 -57.07 -6.38 28.90
C GLY B 184 -57.09 -5.16 27.98
N THR B 185 -55.94 -4.51 27.75
CA THR B 185 -55.92 -3.32 26.91
C THR B 185 -55.50 -3.69 25.49
N TRP B 186 -56.37 -3.34 24.53
CA TRP B 186 -56.09 -3.58 23.12
C TRP B 186 -55.59 -2.26 22.52
N ASN B 187 -54.32 -2.22 22.11
CA ASN B 187 -53.72 -0.97 21.71
C ASN B 187 -52.81 -1.17 20.50
N LYS B 188 -53.44 -1.23 19.30
CA LYS B 188 -52.72 -1.43 18.05
C LYS B 188 -52.05 -0.12 17.65
N VAL B 189 -50.73 -0.14 17.42
CA VAL B 189 -49.91 1.04 17.22
C VAL B 189 -48.91 0.73 16.10
N ALA B 190 -48.91 1.54 15.01
CA ALA B 190 -47.85 1.50 14.00
C ALA B 190 -46.88 2.69 14.12
N ALA B 191 -47.28 3.72 14.89
CA ALA B 191 -46.57 5.00 14.98
C ALA B 191 -45.25 4.83 15.72
N ARG B 192 -44.16 5.06 14.99
CA ARG B 192 -42.81 4.96 15.60
C ARG B 192 -42.52 3.50 15.94
N CYS B 193 -43.13 2.58 15.21
CA CYS B 193 -42.84 1.15 15.41
C CYS B 193 -42.14 0.86 14.09
N TRP B 194 -41.07 0.07 14.10
CA TRP B 194 -40.27 0.00 12.86
C TRP B 194 -39.83 -1.36 12.39
N GLU B 195 -39.57 -1.46 11.10
CA GLU B 195 -38.91 -2.64 10.55
C GLU B 195 -37.45 -2.33 10.78
N VAL B 196 -36.66 -3.30 11.22
CA VAL B 196 -35.26 -3.09 11.55
C VAL B 196 -34.41 -3.15 10.27
N ARG B 197 -34.93 -3.77 9.21
CA ARG B 197 -34.27 -3.68 7.91
C ARG B 197 -34.05 -2.20 7.56
N GLY B 198 -32.81 -1.85 7.19
CA GLY B 198 -32.49 -0.50 6.78
C GLY B 198 -31.98 0.39 7.92
N LYS B 199 -32.34 0.09 9.17
CA LYS B 199 -31.87 0.86 10.31
C LYS B 199 -30.38 0.62 10.56
N THR B 200 -29.79 1.44 11.43
CA THR B 200 -28.37 1.30 11.74
C THR B 200 -28.17 0.89 13.20
N LEU B 201 -27.35 -0.16 13.36
CA LEU B 201 -26.89 -0.63 14.66
C LEU B 201 -25.49 -0.12 14.94
N GLY B 202 -25.33 0.56 16.09
CA GLY B 202 -24.05 0.98 16.62
C GLY B 202 -23.57 0.07 17.75
N ILE B 203 -22.52 -0.71 17.47
CA ILE B 203 -21.91 -1.61 18.43
C ILE B 203 -20.72 -0.94 19.10
N ILE B 204 -20.82 -0.80 20.43
CA ILE B 204 -19.72 -0.26 21.24
C ILE B 204 -18.96 -1.44 21.85
N GLY B 205 -17.81 -1.76 21.30
CA GLY B 205 -17.03 -2.91 21.70
C GLY B 205 -17.19 -4.04 20.72
N TYR B 206 -16.25 -4.15 19.76
CA TYR B 206 -16.27 -5.15 18.72
C TYR B 206 -15.42 -6.38 19.11
N GLY B 207 -15.77 -7.00 20.24
CA GLY B 207 -15.08 -8.18 20.75
C GLY B 207 -15.70 -9.49 20.32
N HIS B 208 -15.77 -10.45 21.23
CA HIS B 208 -16.33 -11.78 20.90
C HIS B 208 -17.81 -11.62 20.60
N ILE B 209 -18.53 -10.92 21.48
CA ILE B 209 -19.96 -10.73 21.33
C ILE B 209 -20.23 -9.70 20.24
N GLY B 210 -19.56 -8.55 20.29
CA GLY B 210 -19.79 -7.50 19.31
C GLY B 210 -19.64 -8.00 17.87
N SER B 211 -18.61 -8.80 17.58
CA SER B 211 -18.32 -9.21 16.22
C SER B 211 -19.32 -10.26 15.72
N GLN B 212 -19.80 -11.09 16.66
CA GLN B 212 -20.82 -12.08 16.37
C GLN B 212 -22.15 -11.36 16.09
N LEU B 213 -22.52 -10.40 16.94
CA LEU B 213 -23.72 -9.61 16.78
C LEU B 213 -23.72 -8.89 15.44
N SER B 214 -22.54 -8.42 15.03
CA SER B 214 -22.36 -7.71 13.77
C SER B 214 -22.90 -8.54 12.62
N VAL B 215 -22.56 -9.84 12.57
CA VAL B 215 -22.91 -10.66 11.42
C VAL B 215 -24.41 -10.95 11.38
N LEU B 216 -24.99 -11.19 12.57
CA LEU B 216 -26.43 -11.41 12.76
C LEU B 216 -27.19 -10.16 12.32
N ALA B 217 -26.75 -8.98 12.81
CA ALA B 217 -27.43 -7.74 12.53
C ALA B 217 -27.44 -7.45 11.02
N GLU B 218 -26.32 -7.72 10.31
CA GLU B 218 -26.30 -7.51 8.85
C GLU B 218 -27.29 -8.45 8.17
N ALA B 219 -27.35 -9.69 8.63
CA ALA B 219 -28.27 -10.68 8.10
C ALA B 219 -29.72 -10.27 8.33
N MET B 220 -30.05 -9.56 9.41
CA MET B 220 -31.36 -8.98 9.63
C MET B 220 -31.58 -7.67 8.88
N GLY B 221 -30.57 -7.24 8.08
CA GLY B 221 -30.65 -6.11 7.18
C GLY B 221 -30.36 -4.75 7.81
N LEU B 222 -29.67 -4.72 8.98
CA LEU B 222 -29.18 -3.47 9.56
C LEU B 222 -27.79 -3.17 8.99
N HIS B 223 -27.51 -1.87 8.85
CA HIS B 223 -26.16 -1.33 8.73
C HIS B 223 -25.50 -1.38 10.10
N VAL B 224 -24.22 -1.75 10.10
CA VAL B 224 -23.52 -1.84 11.36
C VAL B 224 -22.34 -0.90 11.34
N LEU B 225 -22.31 -0.01 12.34
CA LEU B 225 -21.13 0.78 12.71
C LEU B 225 -20.60 0.25 14.04
N TYR B 226 -19.29 0.37 14.27
CA TYR B 226 -18.78 0.06 15.59
C TYR B 226 -17.70 1.04 16.03
N TYR B 227 -17.67 1.27 17.35
CA TYR B 227 -16.61 2.00 18.01
C TYR B 227 -15.84 1.02 18.91
N ASP B 228 -14.51 1.00 18.79
CA ASP B 228 -13.65 0.30 19.74
C ASP B 228 -12.44 1.19 20.02
N ILE B 229 -11.73 0.91 21.13
CA ILE B 229 -10.53 1.67 21.48
C ILE B 229 -9.33 1.15 20.68
N VAL B 230 -9.53 0.12 19.87
CA VAL B 230 -8.45 -0.47 19.09
C VAL B 230 -8.96 -0.60 17.65
N THR B 231 -8.04 -0.59 16.69
CA THR B 231 -8.39 -0.91 15.31
C THR B 231 -8.63 -2.42 15.16
N ILE B 232 -9.86 -2.78 14.73
CA ILE B 232 -10.27 -4.16 14.61
C ILE B 232 -10.79 -4.37 13.20
N MET B 233 -10.32 -5.44 12.54
CA MET B 233 -10.79 -5.85 11.22
C MET B 233 -12.29 -6.17 11.28
N ALA B 234 -13.06 -5.52 10.41
CA ALA B 234 -14.50 -5.69 10.36
C ALA B 234 -14.85 -7.08 9.82
N LEU B 235 -15.94 -7.67 10.35
CA LEU B 235 -16.62 -8.80 9.75
C LEU B 235 -17.70 -8.27 8.80
N GLY B 236 -17.74 -8.84 7.60
CA GLY B 236 -18.77 -8.48 6.64
C GLY B 236 -18.53 -7.09 6.10
N THR B 237 -19.57 -6.25 6.15
CA THR B 237 -19.48 -4.88 5.68
C THR B 237 -19.81 -3.90 6.81
N ALA B 238 -19.48 -4.26 8.07
CA ALA B 238 -19.50 -3.32 9.17
C ALA B 238 -18.37 -2.29 8.99
N ARG B 239 -18.55 -1.12 9.59
CA ARG B 239 -17.54 -0.05 9.43
C ARG B 239 -17.10 0.46 10.80
N GLN B 240 -15.80 0.64 10.97
CA GLN B 240 -15.31 1.21 12.24
C GLN B 240 -15.31 2.72 12.14
N VAL B 241 -15.90 3.37 13.13
CA VAL B 241 -15.90 4.82 13.25
C VAL B 241 -14.87 5.24 14.31
N SER B 242 -14.22 6.40 14.12
CA SER B 242 -13.08 6.77 14.96
C SER B 242 -13.50 7.34 16.31
N THR B 243 -14.72 7.89 16.44
CA THR B 243 -15.21 8.44 17.68
C THR B 243 -16.57 7.83 18.04
N LEU B 244 -16.84 7.77 19.34
CA LEU B 244 -18.12 7.25 19.84
C LEU B 244 -19.24 8.18 19.42
N ASP B 245 -18.98 9.47 19.39
CA ASP B 245 -20.06 10.44 19.09
C ASP B 245 -20.50 10.28 17.64
N GLU B 246 -19.62 9.81 16.77
CA GLU B 246 -20.02 9.57 15.38
C GLU B 246 -20.98 8.40 15.32
N LEU B 247 -20.66 7.36 16.08
CA LEU B 247 -21.55 6.22 16.27
C LEU B 247 -22.87 6.65 16.90
N LEU B 248 -22.87 7.46 17.96
CA LEU B 248 -24.11 7.88 18.60
C LEU B 248 -24.95 8.73 17.66
N ASN B 249 -24.28 9.54 16.83
CA ASN B 249 -24.96 10.43 15.89
C ASN B 249 -25.67 9.68 14.78
N LYS B 250 -25.07 8.56 14.32
CA LYS B 250 -25.48 7.85 13.12
C LYS B 250 -26.25 6.56 13.38
N SER B 251 -26.50 6.20 14.64
CA SER B 251 -27.10 4.91 14.97
C SER B 251 -28.54 5.09 15.39
N ASP B 252 -29.40 4.11 15.05
CA ASP B 252 -30.78 4.06 15.50
C ASP B 252 -30.86 3.26 16.78
N PHE B 253 -30.12 2.13 16.81
CA PHE B 253 -29.95 1.28 17.98
C PHE B 253 -28.50 1.33 18.42
N VAL B 254 -28.28 1.59 19.71
CA VAL B 254 -26.93 1.53 20.28
C VAL B 254 -26.85 0.41 21.30
N THR B 255 -25.85 -0.46 21.15
CA THR B 255 -25.65 -1.57 22.07
C THR B 255 -24.21 -1.64 22.58
N LEU B 256 -24.05 -2.03 23.85
CA LEU B 256 -22.77 -2.04 24.56
C LEU B 256 -22.25 -3.46 24.82
N HIS B 257 -21.03 -3.73 24.37
CA HIS B 257 -20.37 -5.04 24.61
C HIS B 257 -18.93 -4.77 25.00
N VAL B 258 -18.71 -3.99 26.06
CA VAL B 258 -17.41 -3.56 26.56
C VAL B 258 -17.12 -4.20 27.94
N PRO B 259 -15.82 -4.28 28.35
CA PRO B 259 -15.47 -4.63 29.73
C PRO B 259 -15.76 -3.50 30.72
N ALA B 260 -15.74 -3.84 32.03
CA ALA B 260 -15.82 -2.84 33.09
C ALA B 260 -14.41 -2.30 33.39
N THR B 261 -14.14 -1.08 32.89
CA THR B 261 -12.90 -0.37 33.12
C THR B 261 -13.34 0.98 33.69
N PRO B 262 -12.39 1.81 34.19
CA PRO B 262 -12.75 3.17 34.61
C PRO B 262 -13.22 4.04 33.43
N GLU B 263 -12.82 3.69 32.19
CA GLU B 263 -13.17 4.42 30.96
C GLU B 263 -14.61 4.09 30.50
N THR B 264 -15.07 2.85 30.74
CA THR B 264 -16.43 2.44 30.40
C THR B 264 -17.40 2.78 31.52
N GLU B 265 -16.90 2.99 32.74
CA GLU B 265 -17.73 3.43 33.85
C GLU B 265 -18.53 4.64 33.39
N LYS B 266 -19.85 4.46 33.33
CA LYS B 266 -20.82 5.49 32.97
C LYS B 266 -20.50 6.18 31.63
N MET B 267 -20.00 5.40 30.65
CA MET B 267 -19.58 5.97 29.38
C MET B 267 -20.78 6.45 28.57
N LEU B 268 -22.00 5.92 28.80
CA LEU B 268 -23.21 6.55 28.28
C LEU B 268 -23.92 7.33 29.40
N SER B 269 -23.80 8.66 29.34
CA SER B 269 -24.46 9.54 30.28
C SER B 269 -25.15 10.66 29.50
N ALA B 270 -25.69 11.68 30.22
CA ALA B 270 -26.48 12.75 29.61
C ALA B 270 -25.89 13.30 28.31
N PRO B 271 -24.56 13.57 28.19
CA PRO B 271 -24.01 14.16 26.97
C PRO B 271 -24.01 13.21 25.77
N GLN B 272 -23.90 11.90 26.05
CA GLN B 272 -23.97 10.89 25.02
C GLN B 272 -25.41 10.71 24.52
N PHE B 273 -26.42 10.81 25.40
CA PHE B 273 -27.82 10.75 25.01
C PHE B 273 -28.21 11.99 24.19
N ALA B 274 -27.58 13.13 24.46
CA ALA B 274 -27.81 14.30 23.62
C ALA B 274 -27.20 14.13 22.21
N ALA B 275 -26.16 13.29 22.07
CA ALA B 275 -25.45 13.03 20.81
C ALA B 275 -26.19 12.00 19.97
N MET B 276 -27.17 11.32 20.54
CA MET B 276 -27.89 10.23 19.89
C MET B 276 -29.05 10.83 19.11
N LYS B 277 -29.70 10.03 18.25
CA LYS B 277 -30.86 10.48 17.49
C LYS B 277 -32.13 10.54 18.35
N ASP B 278 -33.02 11.45 17.98
CA ASP B 278 -34.37 11.47 18.54
C ASP B 278 -35.06 10.15 18.23
N GLY B 279 -35.64 9.55 19.26
CA GLY B 279 -36.26 8.24 19.17
C GLY B 279 -35.28 7.09 18.88
N ALA B 280 -34.02 7.20 19.33
CA ALA B 280 -33.09 6.07 19.24
C ALA B 280 -33.21 5.19 20.48
N TYR B 281 -32.50 4.06 20.43
CA TYR B 281 -32.68 3.00 21.39
C TYR B 281 -31.35 2.57 21.97
N VAL B 282 -31.38 2.17 23.25
CA VAL B 282 -30.17 1.85 24.00
C VAL B 282 -30.29 0.43 24.55
N ILE B 283 -29.26 -0.37 24.32
CA ILE B 283 -29.20 -1.73 24.83
C ILE B 283 -27.89 -1.97 25.57
N ASN B 284 -28.03 -2.45 26.81
CA ASN B 284 -26.89 -2.77 27.63
C ASN B 284 -27.03 -4.16 28.23
N ALA B 285 -26.37 -5.13 27.58
CA ALA B 285 -26.08 -6.42 28.18
C ALA B 285 -24.56 -6.63 28.38
N SER B 286 -23.81 -5.56 28.70
CA SER B 286 -22.39 -5.67 29.01
C SER B 286 -22.24 -5.74 30.54
N ARG B 287 -22.08 -4.58 31.19
CA ARG B 287 -21.79 -4.48 32.61
C ARG B 287 -22.69 -3.43 33.28
N GLY B 288 -22.98 -3.65 34.57
CA GLY B 288 -24.00 -2.91 35.31
C GLY B 288 -23.68 -1.43 35.48
N THR B 289 -22.43 -1.03 35.21
CA THR B 289 -21.92 0.30 35.56
C THR B 289 -21.82 1.23 34.36
N VAL B 290 -21.92 0.65 33.15
CA VAL B 290 -21.53 1.30 31.90
C VAL B 290 -22.55 2.35 31.47
N VAL B 291 -23.79 2.28 31.97
CA VAL B 291 -24.80 3.28 31.64
C VAL B 291 -25.15 4.07 32.90
N ASP B 292 -25.24 5.39 32.78
CA ASP B 292 -25.82 6.21 33.84
C ASP B 292 -27.34 6.18 33.70
N ILE B 293 -28.00 5.47 34.63
CA ILE B 293 -29.42 5.16 34.52
C ILE B 293 -30.23 6.43 34.78
N PRO B 294 -29.96 7.26 35.82
CA PRO B 294 -30.76 8.45 36.05
C PRO B 294 -30.83 9.37 34.83
N SER B 295 -29.76 9.37 34.01
CA SER B 295 -29.69 10.18 32.80
C SER B 295 -30.44 9.51 31.64
N LEU B 296 -30.43 8.17 31.60
CA LEU B 296 -31.26 7.44 30.64
C LEU B 296 -32.74 7.67 30.92
N ILE B 297 -33.16 7.53 32.19
CA ILE B 297 -34.53 7.81 32.64
C ILE B 297 -34.96 9.20 32.18
N GLN B 298 -34.03 10.14 32.25
CA GLN B 298 -34.37 11.53 31.96
C GLN B 298 -34.48 11.70 30.44
N ALA B 299 -33.63 11.01 29.67
CA ALA B 299 -33.65 11.05 28.21
C ALA B 299 -34.91 10.41 27.67
N VAL B 300 -35.36 9.31 28.29
CA VAL B 300 -36.62 8.68 27.90
C VAL B 300 -37.77 9.63 28.24
N LYS B 301 -37.79 10.21 29.45
CA LYS B 301 -38.86 11.11 29.85
C LYS B 301 -38.97 12.33 28.93
N ALA B 302 -37.84 12.76 28.34
CA ALA B 302 -37.81 13.90 27.42
C ALA B 302 -38.13 13.48 25.99
N ASN B 303 -38.47 12.20 25.77
CA ASN B 303 -38.80 11.66 24.45
C ASN B 303 -37.58 11.69 23.54
N LYS B 304 -36.39 11.78 24.10
CA LYS B 304 -35.19 11.71 23.29
C LYS B 304 -34.89 10.26 22.91
N ILE B 305 -34.95 9.38 23.93
CA ILE B 305 -34.71 7.95 23.76
C ILE B 305 -36.08 7.26 23.75
N ALA B 306 -36.29 6.44 22.72
CA ALA B 306 -37.59 5.86 22.43
C ALA B 306 -37.78 4.56 23.20
N GLY B 307 -36.70 3.85 23.51
CA GLY B 307 -36.78 2.68 24.36
C GLY B 307 -35.38 2.21 24.77
N ALA B 308 -35.36 1.20 25.67
CA ALA B 308 -34.12 0.67 26.19
C ALA B 308 -34.32 -0.73 26.70
N ALA B 309 -33.26 -1.54 26.59
CA ALA B 309 -33.21 -2.85 27.21
C ALA B 309 -31.95 -2.99 28.06
N LEU B 310 -32.13 -3.37 29.32
CA LEU B 310 -31.05 -3.53 30.28
C LEU B 310 -31.04 -4.96 30.81
N ASP B 311 -29.89 -5.62 30.72
CA ASP B 311 -29.70 -6.94 31.32
C ASP B 311 -28.92 -6.84 32.64
N VAL B 312 -28.28 -5.70 32.90
CA VAL B 312 -27.28 -5.59 33.97
C VAL B 312 -27.50 -4.27 34.69
N TYR B 313 -27.27 -4.25 36.00
CA TYR B 313 -27.55 -3.09 36.83
C TYR B 313 -26.38 -2.80 37.77
N PRO B 314 -26.26 -1.56 38.30
CA PRO B 314 -25.20 -1.24 39.26
C PRO B 314 -25.24 -2.16 40.48
N HIS B 315 -26.46 -2.37 40.98
CA HIS B 315 -26.67 -3.32 42.11
C HIS B 315 -27.67 -4.41 41.72
N GLU B 316 -27.31 -5.67 41.87
CA GLU B 316 -28.10 -6.85 41.54
C GLU B 316 -28.29 -7.69 42.81
N PRO B 317 -29.45 -8.35 43.03
CA PRO B 317 -29.61 -9.25 44.18
C PRO B 317 -28.64 -10.43 44.11
N ALA B 318 -28.34 -11.03 45.26
CA ALA B 318 -27.41 -12.16 45.35
C ALA B 318 -28.09 -13.47 44.94
N LYS B 319 -29.42 -13.52 45.13
CA LYS B 319 -30.26 -14.67 44.86
C LYS B 319 -31.56 -14.22 44.19
N ASN B 320 -32.26 -15.18 43.56
CA ASN B 320 -33.58 -14.92 43.01
C ASN B 320 -34.57 -14.72 44.17
N GLY B 321 -35.57 -13.84 43.99
CA GLY B 321 -36.56 -13.60 45.02
C GLY B 321 -37.57 -12.54 44.61
N GLU B 322 -38.61 -12.33 45.41
CA GLU B 322 -39.83 -11.68 44.95
C GLU B 322 -39.84 -10.15 45.18
N GLY B 323 -39.17 -9.65 46.23
CA GLY B 323 -39.07 -8.23 46.46
C GLY B 323 -37.64 -7.73 46.33
N SER B 324 -36.82 -8.44 45.53
CA SER B 324 -35.39 -8.23 45.42
C SER B 324 -35.03 -6.98 44.59
N PHE B 325 -35.85 -6.65 43.57
CA PHE B 325 -35.54 -5.58 42.64
C PHE B 325 -36.41 -4.37 42.95
N ASN B 326 -35.87 -3.42 43.74
CA ASN B 326 -36.67 -2.34 44.28
C ASN B 326 -35.79 -1.14 44.62
N ASP B 327 -36.43 -0.09 45.18
CA ASP B 327 -35.81 1.20 45.48
C ASP B 327 -34.68 1.07 46.49
N GLU B 328 -34.67 0.03 47.33
CA GLU B 328 -33.60 -0.17 48.30
C GLU B 328 -32.34 -0.70 47.60
N LEU B 329 -32.48 -1.33 46.43
CA LEU B 329 -31.32 -1.91 45.75
C LEU B 329 -30.70 -0.89 44.78
N ASN B 330 -31.58 -0.24 43.98
CA ASN B 330 -31.25 0.88 43.12
C ASN B 330 -32.40 1.87 43.25
N SER B 331 -32.13 3.13 43.63
CA SER B 331 -33.17 4.06 44.08
C SER B 331 -34.10 4.49 42.95
N TRP B 332 -33.64 4.38 41.70
CA TRP B 332 -34.44 4.83 40.57
C TRP B 332 -35.33 3.70 40.03
N THR B 333 -35.47 2.60 40.78
CA THR B 333 -36.20 1.44 40.27
C THR B 333 -37.66 1.82 39.97
N SER B 334 -38.40 2.41 40.93
CA SER B 334 -39.81 2.73 40.73
C SER B 334 -40.04 3.68 39.56
N GLU B 335 -39.05 4.53 39.28
CA GLU B 335 -39.09 5.49 38.18
C GLU B 335 -38.92 4.75 36.86
N LEU B 336 -37.89 3.88 36.82
CA LEU B 336 -37.49 3.14 35.63
C LEU B 336 -38.61 2.25 35.11
N VAL B 337 -39.31 1.60 36.05
CA VAL B 337 -40.32 0.59 35.76
C VAL B 337 -41.60 1.24 35.23
N SER B 338 -41.83 2.52 35.57
CA SER B 338 -43.04 3.23 35.17
C SER B 338 -42.93 3.82 33.77
N LEU B 339 -41.83 3.56 33.04
CA LEU B 339 -41.59 4.14 31.74
C LEU B 339 -42.01 3.21 30.59
N PRO B 340 -42.48 3.75 29.46
CA PRO B 340 -42.76 2.96 28.27
C PRO B 340 -41.53 2.46 27.52
N ASN B 341 -41.70 1.29 26.91
CA ASN B 341 -40.77 0.62 26.02
C ASN B 341 -39.44 0.39 26.71
N ILE B 342 -39.50 -0.06 27.97
CA ILE B 342 -38.31 -0.50 28.70
C ILE B 342 -38.38 -2.00 28.95
N ILE B 343 -37.42 -2.74 28.38
CA ILE B 343 -37.19 -4.15 28.66
C ILE B 343 -36.12 -4.32 29.74
N LEU B 344 -36.48 -5.01 30.82
CA LEU B 344 -35.60 -5.33 31.92
C LEU B 344 -35.44 -6.83 32.03
N THR B 345 -34.21 -7.33 32.06
CA THR B 345 -33.93 -8.75 32.24
C THR B 345 -32.94 -8.91 33.41
N PRO B 346 -33.01 -10.02 34.18
CA PRO B 346 -32.13 -10.22 35.33
C PRO B 346 -30.84 -10.96 35.01
N HIS B 347 -29.94 -10.31 34.29
CA HIS B 347 -28.63 -10.91 33.93
C HIS B 347 -28.83 -12.27 33.30
N ILE B 348 -29.61 -12.33 32.24
CA ILE B 348 -29.86 -13.59 31.56
C ILE B 348 -29.15 -13.64 30.21
N GLY B 349 -28.23 -12.71 29.95
CA GLY B 349 -27.48 -12.68 28.70
C GLY B 349 -26.90 -14.04 28.27
N GLY B 350 -26.30 -14.74 29.25
CA GLY B 350 -25.71 -16.05 29.02
C GLY B 350 -26.50 -17.21 29.62
N SER B 351 -27.72 -16.95 30.14
CA SER B 351 -28.57 -17.98 30.73
C SER B 351 -29.33 -18.76 29.66
N THR B 352 -28.60 -19.62 28.91
CA THR B 352 -29.22 -20.63 28.08
C THR B 352 -28.68 -22.01 28.40
N GLU B 353 -29.41 -23.02 27.96
CA GLU B 353 -28.97 -24.39 28.09
C GLU B 353 -27.66 -24.58 27.32
N GLU B 354 -27.48 -23.95 26.15
CA GLU B 354 -26.32 -24.23 25.33
C GLU B 354 -25.07 -23.63 25.96
N ALA B 355 -25.23 -22.43 26.53
CA ALA B 355 -24.13 -21.73 27.16
C ALA B 355 -23.69 -22.47 28.44
N GLN B 356 -24.66 -22.75 29.32
CA GLN B 356 -24.40 -23.45 30.56
C GLN B 356 -23.79 -24.81 30.30
N SER B 357 -24.16 -25.42 29.19
CA SER B 357 -23.69 -26.74 28.81
C SER B 357 -22.26 -26.65 28.29
N SER B 358 -21.92 -25.58 27.54
CA SER B 358 -20.57 -25.42 27.02
C SER B 358 -19.56 -25.11 28.13
N ILE B 359 -19.98 -24.34 29.14
CA ILE B 359 -19.22 -24.04 30.32
C ILE B 359 -18.92 -25.36 31.04
N GLY B 360 -19.98 -26.11 31.32
CA GLY B 360 -19.86 -27.47 31.84
C GLY B 360 -18.72 -28.23 31.20
N ILE B 361 -18.68 -28.27 29.86
CA ILE B 361 -17.72 -29.10 29.14
C ILE B 361 -16.32 -28.46 29.20
N GLU B 362 -16.22 -27.15 29.07
CA GLU B 362 -14.93 -26.48 29.00
C GLU B 362 -14.15 -26.67 30.31
N VAL B 363 -14.83 -26.40 31.43
CA VAL B 363 -14.21 -26.30 32.74
C VAL B 363 -14.01 -27.70 33.31
N ALA B 364 -15.00 -28.59 33.15
CA ALA B 364 -14.84 -29.96 33.60
C ALA B 364 -13.75 -30.66 32.81
N THR B 365 -13.57 -30.33 31.54
CA THR B 365 -12.51 -30.92 30.75
C THR B 365 -11.18 -30.38 31.24
N ALA B 366 -11.16 -29.09 31.57
CA ALA B 366 -9.94 -28.46 32.03
C ALA B 366 -9.48 -29.08 33.37
N LEU B 367 -10.39 -29.16 34.36
CA LEU B 367 -10.07 -29.72 35.66
C LEU B 367 -9.59 -31.15 35.49
N SER B 368 -10.24 -31.88 34.57
CA SER B 368 -9.96 -33.28 34.35
C SER B 368 -8.57 -33.47 33.76
N LYS B 369 -8.21 -32.67 32.77
CA LYS B 369 -6.89 -32.76 32.19
C LYS B 369 -5.83 -32.30 33.19
N TYR B 370 -6.15 -31.41 34.14
CA TYR B 370 -5.21 -30.95 35.14
C TYR B 370 -4.95 -32.09 36.14
N ILE B 371 -6.03 -32.74 36.57
CA ILE B 371 -5.93 -33.86 37.50
C ILE B 371 -5.23 -35.04 36.84
N ASN B 372 -5.63 -35.43 35.62
CA ASN B 372 -5.15 -36.67 35.03
C ASN B 372 -3.79 -36.49 34.35
N GLU B 373 -3.44 -35.27 33.92
CA GLU B 373 -2.25 -35.09 33.09
C GLU B 373 -1.40 -33.89 33.52
N GLY B 374 -1.89 -33.12 34.49
CA GLY B 374 -1.15 -32.00 35.05
C GLY B 374 -1.22 -30.72 34.22
N ASN B 375 -2.04 -30.73 33.17
CA ASN B 375 -2.17 -29.64 32.20
C ASN B 375 -2.84 -28.39 32.79
N SER B 376 -2.11 -27.27 32.83
CA SER B 376 -2.56 -26.06 33.53
C SER B 376 -2.80 -24.91 32.54
N VAL B 377 -2.83 -25.23 31.23
CA VAL B 377 -3.09 -24.28 30.18
C VAL B 377 -4.51 -23.72 30.36
N GLY B 378 -4.64 -22.38 30.32
CA GLY B 378 -5.91 -21.74 30.56
C GLY B 378 -6.17 -21.45 32.03
N SER B 379 -5.25 -21.86 32.90
CA SER B 379 -5.37 -21.51 34.30
C SER B 379 -5.29 -20.01 34.43
N VAL B 380 -6.03 -19.42 35.38
CA VAL B 380 -6.01 -17.97 35.58
C VAL B 380 -5.01 -17.53 36.65
N ASN B 381 -4.43 -18.43 37.48
CA ASN B 381 -3.57 -18.00 38.58
C ASN B 381 -2.29 -18.82 38.64
N PHE B 382 -1.92 -19.48 37.54
CA PHE B 382 -0.91 -20.53 37.56
C PHE B 382 -0.05 -20.46 36.32
N PRO B 383 1.20 -20.97 36.33
CA PRO B 383 1.97 -21.14 35.11
C PRO B 383 1.24 -22.10 34.20
N GLU B 384 1.34 -21.85 32.89
CA GLU B 384 0.63 -22.65 31.90
C GLU B 384 1.59 -23.67 31.29
N VAL B 385 1.42 -24.91 31.70
CA VAL B 385 2.36 -25.98 31.40
C VAL B 385 1.54 -27.19 30.96
N SER B 386 2.05 -27.87 29.94
CA SER B 386 1.47 -29.13 29.51
C SER B 386 2.51 -29.87 28.66
N LEU B 387 2.30 -31.19 28.48
CA LEU B 387 3.21 -32.02 27.72
C LEU B 387 2.34 -32.98 26.93
N LYS B 388 2.80 -33.42 25.74
CA LYS B 388 2.06 -34.43 24.99
C LYS B 388 1.86 -35.66 25.89
N SER B 389 0.66 -36.25 25.79
CA SER B 389 0.33 -37.53 26.39
C SER B 389 1.35 -38.62 26.07
N LEU B 390 1.59 -39.49 27.05
CA LEU B 390 2.37 -40.69 26.82
C LEU B 390 1.47 -41.69 26.08
N ASP B 391 2.06 -42.54 25.23
CA ASP B 391 1.33 -43.64 24.62
C ASP B 391 0.88 -44.69 25.65
N TYR B 392 -0.21 -45.39 25.30
CA TYR B 392 -0.76 -46.56 25.98
C TYR B 392 0.38 -47.49 26.44
N ASP B 393 1.32 -47.79 25.52
CA ASP B 393 2.27 -48.88 25.66
C ASP B 393 3.59 -48.45 26.32
N GLN B 394 3.70 -47.17 26.74
CA GLN B 394 4.91 -46.71 27.43
C GLN B 394 4.85 -47.16 28.89
N GLU B 395 5.24 -48.42 29.11
CA GLU B 395 5.31 -49.01 30.43
C GLU B 395 6.52 -48.43 31.15
N ASN B 396 6.31 -48.20 32.45
CA ASN B 396 7.33 -47.83 33.42
C ASN B 396 7.65 -46.33 33.36
N THR B 397 6.78 -45.52 32.73
CA THR B 397 7.03 -44.09 32.65
C THR B 397 6.17 -43.38 33.68
N VAL B 398 6.77 -42.43 34.40
CA VAL B 398 6.07 -41.64 35.39
C VAL B 398 6.13 -40.17 34.98
N ARG B 399 5.10 -39.43 35.37
CA ARG B 399 5.08 -38.01 35.17
C ARG B 399 5.16 -37.32 36.53
N VAL B 400 6.17 -36.44 36.67
CA VAL B 400 6.41 -35.70 37.89
C VAL B 400 5.73 -34.33 37.73
N LEU B 401 4.88 -33.98 38.69
CA LEU B 401 4.24 -32.67 38.75
C LEU B 401 4.69 -31.95 40.03
N TYR B 402 5.65 -31.03 39.88
CA TYR B 402 6.32 -30.41 41.02
C TYR B 402 6.05 -28.90 41.04
N ILE B 403 5.19 -28.48 41.98
CA ILE B 403 4.89 -27.08 42.19
C ILE B 403 5.79 -26.56 43.32
N HIS B 404 6.54 -25.51 43.01
CA HIS B 404 7.57 -25.07 43.97
C HIS B 404 7.69 -23.56 44.01
N ARG B 405 8.58 -23.06 44.87
CA ARG B 405 8.84 -21.61 44.93
C ARG B 405 9.80 -21.25 43.81
N ASN B 406 9.59 -20.11 43.17
CA ASN B 406 10.36 -19.67 42.02
C ASN B 406 11.68 -19.03 42.47
N VAL B 407 12.63 -19.86 42.90
CA VAL B 407 13.92 -19.36 43.36
C VAL B 407 15.03 -20.11 42.62
N PRO B 408 16.27 -19.61 42.54
CA PRO B 408 17.35 -20.39 41.96
C PRO B 408 17.62 -21.72 42.67
N GLY B 409 18.09 -22.71 41.89
CA GLY B 409 18.65 -23.94 42.43
C GLY B 409 17.65 -25.08 42.59
N VAL B 410 16.40 -24.89 42.13
CA VAL B 410 15.36 -25.87 42.38
C VAL B 410 15.42 -26.95 41.31
N LEU B 411 15.64 -26.58 40.03
CA LEU B 411 15.78 -27.58 38.99
C LEU B 411 17.06 -28.39 39.19
N LYS B 412 18.11 -27.78 39.76
CA LYS B 412 19.32 -28.50 40.13
C LYS B 412 19.01 -29.66 41.08
N THR B 413 18.26 -29.36 42.16
CA THR B 413 17.82 -30.31 43.16
C THR B 413 16.97 -31.41 42.53
N VAL B 414 15.94 -31.01 41.76
CA VAL B 414 14.96 -31.93 41.20
C VAL B 414 15.63 -32.82 40.16
N ASN B 415 16.44 -32.26 39.26
CA ASN B 415 17.00 -33.06 38.18
C ASN B 415 18.10 -33.98 38.69
N ASP B 416 18.62 -33.69 39.88
CA ASP B 416 19.53 -34.56 40.62
C ASP B 416 18.79 -35.79 41.16
N ILE B 417 17.73 -35.57 41.94
CA ILE B 417 16.82 -36.63 42.38
C ILE B 417 16.40 -37.55 41.22
N LEU B 418 16.26 -37.07 39.98
CA LEU B 418 15.75 -37.89 38.89
C LEU B 418 16.88 -38.44 38.00
N SER B 419 18.15 -38.35 38.44
CA SER B 419 19.25 -38.41 37.47
C SER B 419 19.63 -39.83 37.08
N ASP B 420 19.07 -40.82 37.80
CA ASP B 420 19.28 -42.22 37.46
C ASP B 420 18.38 -42.62 36.30
N HIS B 421 17.35 -41.81 36.04
CA HIS B 421 16.35 -42.10 35.01
C HIS B 421 16.51 -41.12 33.85
N ASN B 422 16.30 -41.62 32.62
CA ASN B 422 16.25 -40.77 31.46
C ASN B 422 14.99 -39.90 31.53
N ILE B 423 15.18 -38.59 31.36
CA ILE B 423 14.07 -37.67 31.25
C ILE B 423 13.81 -37.49 29.76
N GLU B 424 12.61 -37.93 29.35
CA GLU B 424 12.18 -37.89 27.97
C GLU B 424 11.86 -36.44 27.61
N LYS B 425 11.19 -35.75 28.54
CA LYS B 425 10.96 -34.34 28.37
C LYS B 425 10.58 -33.70 29.69
N GLN B 426 10.64 -32.37 29.70
CA GLN B 426 10.45 -31.59 30.89
C GLN B 426 10.04 -30.17 30.45
N PHE B 427 9.16 -29.57 31.23
CA PHE B 427 8.79 -28.19 31.04
C PHE B 427 8.51 -27.60 32.41
N SER B 428 9.22 -26.51 32.72
CA SER B 428 8.99 -25.68 33.90
C SER B 428 8.67 -24.27 33.44
N ASP B 429 7.73 -23.60 34.14
CA ASP B 429 7.43 -22.19 33.92
C ASP B 429 7.04 -21.55 35.27
N SER B 430 7.19 -20.22 35.35
CA SER B 430 6.95 -19.46 36.58
C SER B 430 5.82 -18.45 36.39
N HIS B 431 5.20 -18.06 37.51
CA HIS B 431 4.12 -17.06 37.53
C HIS B 431 4.18 -16.40 38.90
N GLY B 432 4.94 -15.33 39.04
CA GLY B 432 5.16 -14.69 40.32
C GLY B 432 6.11 -15.53 41.15
N GLU B 433 5.69 -15.82 42.38
CA GLU B 433 6.53 -16.48 43.35
C GLU B 433 6.42 -18.00 43.25
N ILE B 434 5.56 -18.48 42.34
CA ILE B 434 5.25 -19.89 42.16
C ILE B 434 5.82 -20.32 40.79
N ALA B 435 6.29 -21.57 40.72
CA ALA B 435 6.62 -22.19 39.45
C ALA B 435 6.10 -23.63 39.41
N TYR B 436 6.14 -24.23 38.21
CA TYR B 436 5.52 -25.52 37.98
C TYR B 436 6.38 -26.30 36.99
N LEU B 437 6.94 -27.43 37.48
CA LEU B 437 7.73 -28.36 36.68
C LEU B 437 6.92 -29.58 36.36
N MET B 438 7.06 -30.06 35.11
CA MET B 438 6.37 -31.26 34.68
C MET B 438 7.42 -32.05 33.89
N ALA B 439 7.65 -33.30 34.29
CA ALA B 439 8.73 -34.09 33.71
C ALA B 439 8.29 -35.52 33.49
N ASP B 440 8.68 -36.07 32.33
CA ASP B 440 8.37 -37.43 31.96
C ASP B 440 9.67 -38.25 32.02
N ILE B 441 9.69 -39.25 32.89
CA ILE B 441 10.85 -40.08 33.13
C ILE B 441 10.51 -41.54 32.85
N SER B 442 11.43 -42.24 32.17
CA SER B 442 11.17 -43.59 31.70
C SER B 442 11.93 -44.62 32.53
N SER B 443 11.47 -45.88 32.44
CA SER B 443 12.08 -47.02 33.13
C SER B 443 12.17 -46.76 34.64
N VAL B 444 11.00 -46.74 35.29
CA VAL B 444 10.85 -46.55 36.72
C VAL B 444 9.98 -47.68 37.29
N ASN B 445 10.54 -48.46 38.23
CA ASN B 445 9.76 -49.48 38.93
C ASN B 445 9.20 -48.86 40.21
N GLN B 446 8.35 -49.64 40.91
CA GLN B 446 7.47 -49.11 41.95
C GLN B 446 8.26 -48.74 43.21
N SER B 447 9.39 -49.43 43.40
CA SER B 447 10.30 -49.13 44.49
C SER B 447 10.91 -47.75 44.30
N GLU B 448 11.43 -47.49 43.08
CA GLU B 448 12.07 -46.23 42.71
C GLU B 448 11.05 -45.08 42.72
N ILE B 449 9.77 -45.35 42.39
CA ILE B 449 8.73 -44.33 42.38
C ILE B 449 8.53 -43.77 43.79
N LYS B 450 8.47 -44.65 44.79
CA LYS B 450 8.22 -44.23 46.16
C LYS B 450 9.40 -43.41 46.70
N ASP B 451 10.60 -43.72 46.19
CA ASP B 451 11.85 -43.11 46.60
C ASP B 451 11.94 -41.68 46.07
N ILE B 452 11.56 -41.51 44.80
CA ILE B 452 11.51 -40.21 44.16
C ILE B 452 10.48 -39.32 44.84
N TYR B 453 9.32 -39.90 45.17
CA TYR B 453 8.25 -39.15 45.78
C TYR B 453 8.69 -38.58 47.13
N GLU B 454 9.36 -39.40 47.96
CA GLU B 454 9.69 -39.01 49.31
C GLU B 454 10.83 -37.99 49.30
N LYS B 455 11.76 -38.12 48.34
CA LYS B 455 12.83 -37.14 48.15
C LYS B 455 12.29 -35.78 47.70
N LEU B 456 11.41 -35.76 46.69
CA LEU B 456 10.82 -34.52 46.20
C LEU B 456 9.93 -33.89 47.28
N ASN B 457 9.34 -34.73 48.12
CA ASN B 457 8.41 -34.28 49.13
C ASN B 457 9.13 -33.59 50.28
N GLN B 458 10.46 -33.76 50.38
CA GLN B 458 11.26 -33.14 51.43
C GLN B 458 12.29 -32.17 50.87
N THR B 459 12.08 -31.66 49.64
CA THR B 459 12.81 -30.50 49.15
C THR B 459 12.16 -29.26 49.79
N SER B 460 12.94 -28.18 49.95
CA SER B 460 12.48 -27.04 50.73
C SER B 460 11.73 -26.03 49.85
N ALA B 461 11.96 -26.08 48.53
CA ALA B 461 11.28 -25.22 47.57
C ALA B 461 9.86 -25.74 47.28
N LYS B 462 9.50 -26.92 47.80
CA LYS B 462 8.29 -27.59 47.36
C LYS B 462 7.05 -26.91 47.96
N VAL B 463 6.01 -26.80 47.12
CA VAL B 463 4.69 -26.26 47.46
C VAL B 463 3.69 -27.41 47.43
N SER B 464 3.67 -28.18 46.32
CA SER B 464 2.96 -29.45 46.28
C SER B 464 3.50 -30.32 45.12
N ILE B 465 3.49 -31.62 45.37
CA ILE B 465 4.05 -32.59 44.39
C ILE B 465 3.06 -33.72 44.19
N ARG B 466 3.04 -34.26 42.99
CA ARG B 466 2.15 -35.39 42.65
C ARG B 466 2.90 -36.19 41.59
N LEU B 467 2.69 -37.48 41.57
CA LEU B 467 3.32 -38.31 40.52
C LEU B 467 2.20 -39.11 39.87
N LEU B 468 2.20 -39.16 38.54
CA LEU B 468 1.19 -39.88 37.80
C LEU B 468 1.89 -41.04 37.11
N TYR B 469 1.33 -42.25 37.23
CA TYR B 469 1.80 -43.42 36.49
C TYR B 469 0.59 -44.27 36.10
N PRO C 23 -30.05 16.50 16.29
CA PRO C 23 -28.76 15.86 15.95
C PRO C 23 -28.86 14.47 15.29
N GLY C 24 -29.93 14.29 14.48
CA GLY C 24 -30.46 13.03 13.96
C GLY C 24 -31.91 12.77 14.39
N ALA C 25 -32.65 11.95 13.63
CA ALA C 25 -33.94 11.38 14.08
C ALA C 25 -34.19 10.03 13.41
N VAL C 26 -34.68 9.07 14.22
CA VAL C 26 -34.96 7.74 13.68
C VAL C 26 -36.21 7.88 12.84
N SER C 27 -36.21 7.24 11.68
CA SER C 27 -37.24 7.51 10.69
C SER C 27 -37.29 6.43 9.61
N THR C 28 -38.42 6.42 8.88
CA THR C 28 -38.80 5.32 8.02
C THR C 28 -37.66 4.91 7.11
N SER C 29 -37.32 3.63 7.04
CA SER C 29 -36.29 3.17 6.12
C SER C 29 -36.75 3.35 4.69
N PRO C 30 -35.85 3.36 3.70
CA PRO C 30 -36.24 3.47 2.28
C PRO C 30 -36.89 2.25 1.59
N THR C 31 -38.19 2.03 1.82
CA THR C 31 -38.86 0.79 1.42
C THR C 31 -38.75 0.59 -0.09
N GLN C 32 -38.32 -0.60 -0.53
CA GLN C 32 -38.52 -1.01 -1.92
C GLN C 32 -39.67 -2.03 -1.96
N ASN C 36 -41.47 -8.35 -2.45
CA ASN C 36 -42.29 -9.54 -2.10
C ASN C 36 -42.54 -10.37 -3.37
N THR C 37 -41.64 -11.33 -3.65
CA THR C 37 -41.93 -12.40 -4.61
C THR C 37 -42.34 -13.67 -3.83
N LEU C 38 -42.83 -14.67 -4.59
CA LEU C 38 -42.95 -16.05 -4.16
C LEU C 38 -41.85 -16.86 -4.86
N PRO C 39 -41.34 -17.96 -4.24
CA PRO C 39 -40.52 -18.92 -4.99
C PRO C 39 -41.44 -19.72 -5.92
N ARG C 40 -40.83 -20.28 -6.97
CA ARG C 40 -41.62 -21.00 -8.01
C ARG C 40 -42.46 -22.09 -7.34
N ARG C 41 -43.70 -22.25 -7.79
CA ARG C 41 -44.64 -23.19 -7.14
C ARG C 41 -45.53 -23.84 -8.19
N VAL C 42 -46.26 -24.91 -7.81
CA VAL C 42 -47.18 -25.62 -8.75
C VAL C 42 -48.60 -25.08 -8.56
N SER C 43 -49.31 -24.78 -9.65
CA SER C 43 -50.68 -24.27 -9.56
C SER C 43 -51.70 -25.35 -9.18
N ILE C 44 -52.64 -24.99 -8.29
CA ILE C 44 -53.80 -25.81 -7.96
C ILE C 44 -55.03 -25.01 -8.39
N THR C 45 -55.03 -24.64 -9.68
CA THR C 45 -56.12 -23.92 -10.34
C THR C 45 -57.21 -24.92 -10.74
N LYS C 46 -58.01 -24.61 -11.78
CA LYS C 46 -58.85 -25.61 -12.45
C LYS C 46 -58.07 -26.30 -13.57
N GLN C 47 -58.40 -27.58 -13.84
CA GLN C 47 -57.78 -28.33 -14.93
C GLN C 47 -57.92 -27.56 -16.24
N PRO C 48 -56.85 -27.37 -17.04
CA PRO C 48 -57.00 -26.67 -18.32
C PRO C 48 -57.87 -27.53 -19.22
N LYS C 49 -58.90 -26.94 -19.84
CA LYS C 49 -59.55 -27.55 -20.99
C LYS C 49 -58.50 -27.72 -22.10
N ALA C 50 -58.46 -28.93 -22.68
CA ALA C 50 -57.58 -29.24 -23.79
C ALA C 50 -58.33 -28.98 -25.10
N LEU C 51 -57.62 -28.41 -26.06
CA LEU C 51 -58.22 -27.84 -27.25
C LEU C 51 -57.64 -28.55 -28.48
N LYS C 52 -58.49 -28.79 -29.48
CA LYS C 52 -58.06 -29.47 -30.69
C LYS C 52 -58.47 -28.62 -31.90
N PRO C 53 -57.62 -28.52 -32.93
CA PRO C 53 -57.93 -27.69 -34.09
C PRO C 53 -59.11 -28.26 -34.90
N PHE C 54 -59.78 -27.39 -35.66
CA PHE C 54 -60.93 -27.77 -36.47
C PHE C 54 -60.59 -28.64 -37.69
N SER C 55 -60.36 -28.04 -38.88
CA SER C 55 -60.36 -28.74 -40.16
C SER C 55 -59.16 -29.69 -40.34
N THR C 56 -58.17 -29.57 -39.45
CA THR C 56 -56.96 -30.37 -39.50
C THR C 56 -57.19 -31.78 -38.90
N GLY C 57 -56.41 -32.76 -39.38
CA GLY C 57 -56.22 -34.03 -38.68
C GLY C 57 -55.02 -33.97 -37.74
N ASP C 58 -54.07 -34.91 -37.91
CA ASP C 58 -52.87 -34.97 -37.10
C ASP C 58 -51.87 -33.89 -37.48
N MET C 59 -51.26 -33.30 -36.45
CA MET C 59 -50.13 -32.41 -36.57
C MET C 59 -48.88 -33.22 -36.94
N ASN C 60 -48.22 -32.85 -38.05
CA ASN C 60 -46.94 -33.42 -38.41
C ASN C 60 -45.81 -32.44 -38.05
N ILE C 61 -44.85 -32.89 -37.23
CA ILE C 61 -43.67 -32.11 -36.92
C ILE C 61 -42.48 -32.68 -37.70
N LEU C 62 -41.67 -31.82 -38.31
CA LEU C 62 -40.40 -32.22 -38.92
C LEU C 62 -39.26 -31.57 -38.14
N LEU C 63 -38.33 -32.40 -37.64
CA LEU C 63 -37.18 -31.91 -36.89
C LEU C 63 -35.90 -32.26 -37.66
N LEU C 64 -35.05 -31.25 -37.87
CA LEU C 64 -33.82 -31.41 -38.64
C LEU C 64 -32.63 -31.07 -37.75
N GLU C 65 -31.44 -31.49 -38.24
CA GLU C 65 -30.14 -31.08 -37.72
C GLU C 65 -29.90 -31.60 -36.29
N ASN C 66 -30.52 -32.73 -35.94
CA ASN C 66 -30.19 -33.43 -34.71
C ASN C 66 -30.54 -32.56 -33.51
N VAL C 67 -31.80 -32.15 -33.44
CA VAL C 67 -32.33 -31.55 -32.24
C VAL C 67 -32.30 -32.63 -31.15
N ASN C 68 -32.32 -32.17 -29.90
CA ASN C 68 -32.19 -33.01 -28.73
C ASN C 68 -33.47 -33.82 -28.52
N ALA C 69 -33.27 -35.01 -27.92
CA ALA C 69 -34.34 -35.94 -27.64
C ALA C 69 -35.41 -35.33 -26.73
N THR C 70 -35.08 -34.29 -25.92
CA THR C 70 -36.09 -33.72 -25.04
C THR C 70 -37.26 -33.16 -25.86
N ALA C 71 -36.94 -32.68 -27.07
CA ALA C 71 -37.91 -32.08 -27.98
C ALA C 71 -38.79 -33.16 -28.60
N ILE C 72 -38.15 -34.24 -29.07
CA ILE C 72 -38.86 -35.36 -29.67
C ILE C 72 -39.90 -35.89 -28.68
N LYS C 73 -39.51 -35.97 -27.40
CA LYS C 73 -40.36 -36.51 -26.37
C LYS C 73 -41.55 -35.59 -26.13
N ILE C 74 -41.32 -34.27 -26.07
CA ILE C 74 -42.41 -33.37 -25.75
C ILE C 74 -43.49 -33.42 -26.83
N PHE C 75 -43.06 -33.56 -28.09
CA PHE C 75 -43.96 -33.60 -29.24
C PHE C 75 -44.75 -34.90 -29.30
N LYS C 76 -44.12 -36.05 -29.04
CA LYS C 76 -44.84 -37.32 -29.07
C LYS C 76 -45.84 -37.41 -27.91
N ASP C 77 -45.54 -36.82 -26.76
CA ASP C 77 -46.46 -36.79 -25.62
C ASP C 77 -47.69 -35.93 -25.90
N GLN C 78 -47.60 -34.98 -26.84
CA GLN C 78 -48.76 -34.23 -27.32
C GLN C 78 -49.59 -35.08 -28.30
N GLY C 79 -48.97 -36.13 -28.84
CA GLY C 79 -49.60 -36.97 -29.85
C GLY C 79 -49.35 -36.48 -31.27
N TYR C 80 -48.37 -35.59 -31.46
CA TYR C 80 -47.98 -35.19 -32.80
C TYR C 80 -47.20 -36.33 -33.43
N GLN C 81 -47.28 -36.43 -34.76
CA GLN C 81 -46.46 -37.32 -35.56
C GLN C 81 -45.14 -36.62 -35.82
N VAL C 82 -44.01 -37.28 -35.52
CA VAL C 82 -42.71 -36.60 -35.53
C VAL C 82 -41.76 -37.31 -36.49
N GLU C 83 -41.17 -36.56 -37.43
CA GLU C 83 -40.12 -37.07 -38.30
C GLU C 83 -38.81 -36.38 -37.94
N PHE C 84 -37.76 -37.16 -37.66
CA PHE C 84 -36.50 -36.67 -37.12
C PHE C 84 -35.35 -36.95 -38.11
N HIS C 85 -34.45 -35.98 -38.25
CA HIS C 85 -33.26 -36.14 -39.10
C HIS C 85 -32.04 -35.62 -38.33
N LYS C 86 -30.86 -36.21 -38.49
CA LYS C 86 -29.66 -35.80 -37.78
C LYS C 86 -28.95 -34.67 -38.52
N SER C 87 -29.21 -34.52 -39.82
CA SER C 87 -28.65 -33.38 -40.54
C SER C 87 -29.74 -32.61 -41.27
N SER C 88 -29.30 -31.64 -42.09
CA SER C 88 -30.20 -30.86 -42.91
C SER C 88 -30.51 -31.62 -44.18
N LEU C 89 -31.50 -31.12 -44.95
CA LEU C 89 -31.96 -31.80 -46.15
C LEU C 89 -31.54 -31.01 -47.40
N PRO C 90 -31.16 -31.67 -48.51
CA PRO C 90 -31.17 -31.00 -49.82
C PRO C 90 -32.44 -30.19 -50.04
N GLU C 91 -32.35 -29.13 -50.85
CA GLU C 91 -33.42 -28.15 -51.00
C GLU C 91 -34.66 -28.79 -51.60
N ASP C 92 -34.50 -29.77 -52.50
CA ASP C 92 -35.62 -30.32 -53.26
C ASP C 92 -36.40 -31.30 -52.37
N GLU C 93 -35.68 -32.03 -51.50
CA GLU C 93 -36.27 -32.92 -50.52
C GLU C 93 -37.00 -32.12 -49.44
N LEU C 94 -36.38 -31.02 -49.01
CA LEU C 94 -36.99 -30.17 -48.00
C LEU C 94 -38.31 -29.59 -48.50
N ILE C 95 -38.36 -29.22 -49.78
CA ILE C 95 -39.56 -28.63 -50.38
C ILE C 95 -40.71 -29.64 -50.32
N GLU C 96 -40.44 -30.89 -50.71
CA GLU C 96 -41.48 -31.89 -50.76
C GLU C 96 -42.00 -32.19 -49.35
N LYS C 97 -41.11 -32.26 -48.36
CA LYS C 97 -41.51 -32.64 -47.01
C LYS C 97 -42.32 -31.53 -46.37
N ILE C 98 -42.06 -30.28 -46.75
CA ILE C 98 -42.55 -29.14 -45.99
C ILE C 98 -43.99 -28.82 -46.41
N LYS C 99 -44.43 -29.45 -47.50
CA LYS C 99 -45.78 -29.25 -48.03
C LYS C 99 -46.83 -29.70 -47.01
N ASP C 100 -46.55 -30.81 -46.30
CA ASP C 100 -47.50 -31.44 -45.39
C ASP C 100 -47.32 -31.01 -43.94
N VAL C 101 -46.20 -30.35 -43.62
CA VAL C 101 -45.72 -30.22 -42.26
C VAL C 101 -46.42 -29.02 -41.60
N HIS C 102 -46.73 -29.19 -40.32
CA HIS C 102 -47.41 -28.13 -39.55
C HIS C 102 -46.40 -27.35 -38.73
N ALA C 103 -45.34 -28.02 -38.25
CA ALA C 103 -44.29 -27.29 -37.56
C ALA C 103 -42.95 -27.86 -37.97
N ILE C 104 -41.95 -26.99 -38.06
CA ILE C 104 -40.60 -27.45 -38.41
C ILE C 104 -39.62 -26.90 -37.37
N GLY C 105 -38.78 -27.81 -36.88
CA GLY C 105 -37.65 -27.44 -36.03
C GLY C 105 -36.35 -27.51 -36.83
N ILE C 106 -35.54 -26.45 -36.70
CA ILE C 106 -34.25 -26.39 -37.37
C ILE C 106 -33.22 -25.88 -36.36
N ARG C 107 -31.97 -25.84 -36.80
CA ARG C 107 -30.94 -25.06 -36.12
C ARG C 107 -30.33 -24.12 -37.17
N SER C 108 -29.02 -23.88 -37.12
CA SER C 108 -28.41 -22.78 -37.84
C SER C 108 -28.26 -23.04 -39.34
N LYS C 109 -28.11 -24.30 -39.78
CA LYS C 109 -27.71 -24.58 -41.16
C LYS C 109 -28.88 -24.80 -42.13
N THR C 110 -30.14 -24.80 -41.67
CA THR C 110 -31.25 -24.95 -42.59
C THR C 110 -31.77 -23.56 -42.96
N ARG C 111 -31.70 -23.23 -44.26
CA ARG C 111 -32.12 -21.94 -44.76
C ARG C 111 -33.55 -22.04 -45.25
N LEU C 112 -34.45 -21.45 -44.46
CA LEU C 112 -35.87 -21.33 -44.79
C LEU C 112 -36.09 -19.99 -45.49
N THR C 113 -35.82 -19.99 -46.80
CA THR C 113 -36.00 -18.85 -47.67
C THR C 113 -37.47 -18.78 -48.08
N GLU C 114 -37.86 -17.67 -48.72
CA GLU C 114 -39.15 -17.58 -49.39
C GLU C 114 -39.26 -18.69 -50.44
N LYS C 115 -38.16 -19.05 -51.13
CA LYS C 115 -38.22 -20.08 -52.16
C LYS C 115 -38.83 -21.36 -51.61
N ILE C 116 -38.54 -21.66 -50.35
CA ILE C 116 -38.94 -22.90 -49.69
C ILE C 116 -40.28 -22.71 -48.97
N LEU C 117 -40.43 -21.61 -48.22
CA LEU C 117 -41.63 -21.37 -47.44
C LEU C 117 -42.88 -21.13 -48.31
N GLN C 118 -42.70 -20.81 -49.59
CA GLN C 118 -43.85 -20.59 -50.51
C GLN C 118 -44.66 -21.88 -50.63
N HIS C 119 -44.03 -23.02 -50.40
CA HIS C 119 -44.71 -24.32 -50.58
C HIS C 119 -45.17 -24.88 -49.24
N ALA C 120 -45.23 -24.02 -48.21
CA ALA C 120 -45.58 -24.49 -46.85
C ALA C 120 -47.06 -24.25 -46.62
N ARG C 121 -47.93 -25.08 -47.17
CA ARG C 121 -49.38 -24.79 -47.12
C ARG C 121 -49.95 -25.01 -45.72
N ASN C 122 -49.31 -25.84 -44.91
CA ASN C 122 -49.91 -26.17 -43.62
C ASN C 122 -49.19 -25.56 -42.42
N LEU C 123 -47.99 -25.02 -42.66
CA LEU C 123 -47.05 -24.66 -41.59
C LEU C 123 -47.65 -23.62 -40.65
N VAL C 124 -47.69 -23.92 -39.35
CA VAL C 124 -48.25 -22.99 -38.38
C VAL C 124 -47.12 -22.23 -37.69
N CYS C 125 -45.95 -22.86 -37.50
CA CYS C 125 -44.83 -22.26 -36.78
C CYS C 125 -43.49 -22.94 -37.09
N ILE C 126 -42.40 -22.21 -36.77
CA ILE C 126 -41.02 -22.66 -36.93
C ILE C 126 -40.29 -22.55 -35.59
N GLY C 127 -39.62 -23.63 -35.21
CA GLY C 127 -38.70 -23.62 -34.09
C GLY C 127 -37.24 -23.52 -34.51
N CYS C 128 -36.57 -22.48 -34.03
CA CYS C 128 -35.11 -22.40 -34.14
C CYS C 128 -34.48 -22.90 -32.85
N PHE C 129 -33.94 -24.12 -32.90
CA PHE C 129 -33.39 -24.79 -31.71
C PHE C 129 -31.95 -24.31 -31.50
N CYS C 130 -31.84 -23.00 -31.24
CA CYS C 130 -30.59 -22.25 -31.26
C CYS C 130 -30.93 -20.79 -31.00
N ILE C 131 -29.90 -19.94 -30.94
CA ILE C 131 -30.06 -18.52 -30.75
C ILE C 131 -30.41 -17.82 -32.09
N GLY C 132 -29.70 -18.16 -33.17
CA GLY C 132 -29.82 -17.46 -34.45
C GLY C 132 -31.14 -17.77 -35.19
N THR C 133 -31.66 -16.76 -35.90
CA THR C 133 -32.92 -16.82 -36.64
C THR C 133 -32.76 -16.27 -38.06
N ASN C 134 -31.55 -15.80 -38.42
CA ASN C 134 -31.23 -15.26 -39.73
C ASN C 134 -31.34 -16.30 -40.84
N GLN C 135 -31.31 -17.60 -40.49
CA GLN C 135 -31.41 -18.64 -41.49
C GLN C 135 -32.84 -18.73 -42.02
N VAL C 136 -33.77 -18.03 -41.33
CA VAL C 136 -35.17 -17.98 -41.67
C VAL C 136 -35.50 -16.58 -42.19
N ASP C 137 -36.22 -16.50 -43.32
CA ASP C 137 -36.77 -15.24 -43.78
C ASP C 137 -37.96 -14.83 -42.90
N LEU C 138 -37.67 -14.10 -41.80
CA LEU C 138 -38.66 -13.83 -40.76
C LEU C 138 -39.84 -13.01 -41.27
N LYS C 139 -39.59 -12.10 -42.23
CA LYS C 139 -40.62 -11.17 -42.68
C LYS C 139 -41.56 -11.90 -43.64
N TYR C 140 -40.99 -12.68 -44.57
CA TYR C 140 -41.82 -13.48 -45.45
C TYR C 140 -42.71 -14.41 -44.63
N ALA C 141 -42.11 -15.05 -43.61
CA ALA C 141 -42.80 -15.96 -42.73
C ALA C 141 -43.97 -15.24 -42.05
N ALA C 142 -43.74 -14.05 -41.48
CA ALA C 142 -44.79 -13.33 -40.78
C ALA C 142 -45.93 -13.00 -41.76
N SER C 143 -45.55 -12.73 -43.02
CA SER C 143 -46.49 -12.33 -44.05
C SER C 143 -47.44 -13.48 -44.37
N LYS C 144 -47.02 -14.74 -44.12
CA LYS C 144 -47.88 -15.89 -44.33
C LYS C 144 -48.53 -16.35 -43.02
N GLY C 145 -48.39 -15.58 -41.94
CA GLY C 145 -48.97 -15.96 -40.66
C GLY C 145 -48.21 -17.07 -39.94
N ILE C 146 -46.91 -17.21 -40.25
CA ILE C 146 -46.06 -18.22 -39.63
C ILE C 146 -45.19 -17.62 -38.52
N ALA C 147 -45.42 -18.06 -37.27
CA ALA C 147 -44.71 -17.59 -36.10
C ALA C 147 -43.37 -18.34 -35.93
N VAL C 148 -42.30 -17.60 -35.58
CA VAL C 148 -40.98 -18.19 -35.44
C VAL C 148 -40.53 -18.02 -33.99
N PHE C 149 -40.00 -19.12 -33.42
CA PHE C 149 -39.54 -19.12 -32.03
C PHE C 149 -38.07 -19.56 -31.99
N ASN C 150 -37.33 -19.12 -30.96
CA ASN C 150 -35.95 -19.52 -30.79
C ASN C 150 -35.59 -19.70 -29.31
N SER C 151 -34.30 -19.96 -29.03
CA SER C 151 -33.83 -20.09 -27.68
C SER C 151 -32.62 -19.18 -27.44
N PRO C 152 -32.85 -17.96 -26.91
CA PRO C 152 -31.77 -16.98 -26.77
C PRO C 152 -30.75 -17.27 -25.64
N PHE C 153 -31.18 -17.76 -24.48
CA PHE C 153 -30.39 -17.66 -23.24
C PHE C 153 -30.13 -19.02 -22.59
N SER C 154 -30.21 -20.09 -23.37
CA SER C 154 -30.14 -21.44 -22.84
C SER C 154 -28.70 -21.90 -22.61
N ASN C 155 -27.71 -21.19 -23.16
CA ASN C 155 -26.32 -21.60 -23.19
C ASN C 155 -25.46 -20.85 -22.16
N SER C 156 -26.09 -20.12 -21.23
CA SER C 156 -25.41 -19.18 -20.36
C SER C 156 -24.43 -19.90 -19.42
N ARG C 157 -24.94 -20.83 -18.63
CA ARG C 157 -24.12 -21.59 -17.69
C ARG C 157 -22.98 -22.28 -18.42
N SER C 158 -23.22 -22.87 -19.60
CA SER C 158 -22.21 -23.62 -20.34
C SER C 158 -21.05 -22.72 -20.73
N VAL C 159 -21.33 -21.49 -21.14
CA VAL C 159 -20.27 -20.55 -21.51
C VAL C 159 -19.51 -20.09 -20.27
N ALA C 160 -20.23 -19.80 -19.17
CA ALA C 160 -19.63 -19.33 -17.93
C ALA C 160 -18.63 -20.38 -17.39
N GLU C 161 -19.00 -21.65 -17.45
CA GLU C 161 -18.13 -22.71 -16.96
C GLU C 161 -16.94 -22.87 -17.90
N LEU C 162 -17.15 -22.75 -19.21
CA LEU C 162 -16.04 -22.83 -20.13
C LEU C 162 -14.96 -21.81 -19.75
N VAL C 163 -15.40 -20.60 -19.41
CA VAL C 163 -14.50 -19.49 -19.17
C VAL C 163 -13.73 -19.75 -17.87
N ILE C 164 -14.42 -20.18 -16.80
CA ILE C 164 -13.74 -20.53 -15.56
C ILE C 164 -12.61 -21.54 -15.85
N GLY C 165 -12.87 -22.48 -16.74
CA GLY C 165 -11.89 -23.51 -17.08
C GLY C 165 -10.71 -22.98 -17.87
N GLU C 166 -10.97 -21.99 -18.71
CA GLU C 166 -9.94 -21.40 -19.56
C GLU C 166 -9.09 -20.43 -18.75
N ILE C 167 -9.71 -19.74 -17.78
CA ILE C 167 -8.97 -18.92 -16.84
C ILE C 167 -7.88 -19.76 -16.19
N ILE C 168 -8.27 -20.88 -15.61
CA ILE C 168 -7.34 -21.72 -14.90
C ILE C 168 -6.33 -22.31 -15.88
N SER C 169 -6.82 -22.73 -17.05
CA SER C 169 -5.96 -23.39 -18.00
C SER C 169 -4.87 -22.46 -18.52
N LEU C 170 -5.23 -21.19 -18.71
CA LEU C 170 -4.30 -20.18 -19.20
C LEU C 170 -3.31 -19.79 -18.11
N ALA C 171 -3.83 -19.67 -16.86
CA ALA C 171 -3.05 -19.30 -15.69
C ALA C 171 -1.95 -20.34 -15.47
N ARG C 172 -2.16 -21.58 -15.90
CA ARG C 172 -1.25 -22.66 -15.59
C ARG C 172 -0.60 -23.23 -16.85
N GLN C 173 -0.88 -22.64 -18.02
CA GLN C 173 -0.41 -23.14 -19.30
C GLN C 173 -0.69 -24.65 -19.47
N LEU C 174 -1.86 -25.12 -19.03
CA LEU C 174 -2.22 -26.54 -19.11
C LEU C 174 -2.12 -27.06 -20.53
N GLY C 175 -2.70 -26.33 -21.48
CA GLY C 175 -2.73 -26.78 -22.85
C GLY C 175 -1.33 -27.04 -23.39
N ASP C 176 -0.40 -26.14 -23.06
CA ASP C 176 0.98 -26.23 -23.54
C ASP C 176 1.68 -27.44 -22.91
N ARG C 177 1.42 -27.66 -21.63
CA ARG C 177 2.03 -28.76 -20.87
C ARG C 177 1.63 -30.09 -21.51
N SER C 178 0.33 -30.24 -21.78
CA SER C 178 -0.23 -31.48 -22.29
C SER C 178 0.29 -31.76 -23.71
N ILE C 179 0.36 -30.71 -24.56
CA ILE C 179 0.82 -30.88 -25.94
C ILE C 179 2.28 -31.35 -25.95
N GLU C 180 3.08 -30.74 -25.07
CA GLU C 180 4.47 -31.12 -24.86
C GLU C 180 4.55 -32.61 -24.53
N LEU C 181 3.82 -33.03 -23.48
CA LEU C 181 3.94 -34.37 -22.94
C LEU C 181 3.46 -35.40 -23.98
N HIS C 182 2.40 -35.05 -24.72
CA HIS C 182 1.87 -35.91 -25.77
C HIS C 182 2.89 -36.12 -26.90
N THR C 183 3.95 -35.31 -26.93
CA THR C 183 5.00 -35.42 -27.98
C THR C 183 6.31 -35.83 -27.32
N GLY C 184 6.30 -36.00 -26.01
CA GLY C 184 7.44 -36.55 -25.29
C GLY C 184 8.30 -35.48 -24.59
N THR C 185 7.85 -34.23 -24.52
CA THR C 185 8.64 -33.20 -23.86
C THR C 185 8.15 -33.00 -22.43
N TRP C 186 9.09 -33.15 -21.48
CA TRP C 186 8.80 -32.92 -20.06
C TRP C 186 9.27 -31.53 -19.70
N ASN C 187 8.34 -30.63 -19.37
CA ASN C 187 8.71 -29.23 -19.17
C ASN C 187 7.94 -28.63 -17.98
N LYS C 188 8.46 -28.89 -16.77
CA LYS C 188 7.89 -28.38 -15.54
C LYS C 188 8.21 -26.90 -15.39
N VAL C 189 7.17 -26.06 -15.23
CA VAL C 189 7.30 -24.61 -15.25
C VAL C 189 6.39 -24.04 -14.16
N ALA C 190 6.93 -23.18 -13.30
CA ALA C 190 6.09 -22.47 -12.31
C ALA C 190 6.19 -20.98 -12.61
N ALA C 191 7.05 -20.62 -13.55
CA ALA C 191 7.30 -19.20 -13.86
C ALA C 191 6.13 -18.57 -14.60
N ARG C 192 5.56 -17.53 -14.01
CA ARG C 192 4.45 -16.80 -14.64
C ARG C 192 3.28 -17.78 -14.77
N CYS C 193 3.17 -18.68 -13.81
CA CYS C 193 2.00 -19.57 -13.70
C CYS C 193 1.38 -19.14 -12.38
N TRP C 194 0.06 -19.02 -12.28
CA TRP C 194 -0.51 -18.40 -11.09
C TRP C 194 -1.71 -19.10 -10.51
N GLU C 195 -1.93 -18.87 -9.23
CA GLU C 195 -3.18 -19.30 -8.60
C GLU C 195 -4.11 -18.16 -8.95
N VAL C 196 -5.32 -18.49 -9.35
CA VAL C 196 -6.30 -17.51 -9.80
C VAL C 196 -6.91 -16.85 -8.58
N ARG C 197 -6.87 -17.49 -7.41
CA ARG C 197 -7.29 -16.81 -6.19
C ARG C 197 -6.50 -15.50 -6.05
N GLY C 198 -7.21 -14.40 -5.79
CA GLY C 198 -6.57 -13.11 -5.60
C GLY C 198 -6.45 -12.28 -6.88
N LYS C 199 -6.45 -12.91 -8.06
CA LYS C 199 -6.39 -12.21 -9.32
C LYS C 199 -7.71 -11.49 -9.60
N THR C 200 -7.71 -10.60 -10.60
CA THR C 200 -8.89 -9.86 -10.95
C THR C 200 -9.38 -10.25 -12.34
N LEU C 201 -10.70 -10.54 -12.41
CA LEU C 201 -11.40 -10.79 -13.65
C LEU C 201 -12.17 -9.54 -14.06
N GLY C 202 -11.90 -9.09 -15.30
CA GLY C 202 -12.66 -8.02 -15.95
C GLY C 202 -13.67 -8.57 -16.96
N ILE C 203 -14.96 -8.45 -16.62
CA ILE C 203 -16.04 -8.90 -17.47
C ILE C 203 -16.57 -7.72 -18.30
N ILE C 204 -16.49 -7.86 -19.62
CA ILE C 204 -17.05 -6.89 -20.54
C ILE C 204 -18.40 -7.41 -21.03
N GLY C 205 -19.48 -6.81 -20.49
CA GLY C 205 -20.82 -7.25 -20.78
C GLY C 205 -21.36 -8.09 -19.63
N TYR C 206 -22.07 -7.45 -18.69
CA TYR C 206 -22.65 -8.09 -17.52
C TYR C 206 -24.11 -8.49 -17.76
N GLY C 207 -24.30 -9.34 -18.79
CA GLY C 207 -25.60 -9.87 -19.17
C GLY C 207 -25.91 -11.21 -18.52
N HIS C 208 -26.53 -12.10 -19.28
CA HIS C 208 -26.90 -13.43 -18.74
C HIS C 208 -25.63 -14.22 -18.43
N ILE C 209 -24.70 -14.23 -19.37
CA ILE C 209 -23.45 -14.95 -19.22
C ILE C 209 -22.53 -14.23 -18.24
N GLY C 210 -22.33 -12.92 -18.45
CA GLY C 210 -21.44 -12.15 -17.62
C GLY C 210 -21.79 -12.24 -16.13
N SER C 211 -23.09 -12.16 -15.79
CA SER C 211 -23.51 -12.12 -14.39
C SER C 211 -23.38 -13.48 -13.72
N GLN C 212 -23.57 -14.54 -14.51
CA GLN C 212 -23.39 -15.91 -14.05
C GLN C 212 -21.92 -16.18 -13.80
N LEU C 213 -21.06 -15.76 -14.75
CA LEU C 213 -19.62 -15.90 -14.63
C LEU C 213 -19.11 -15.17 -13.39
N SER C 214 -19.70 -14.00 -13.12
CA SER C 214 -19.34 -13.18 -11.98
C SER C 214 -19.38 -14.00 -10.70
N VAL C 215 -20.46 -14.77 -10.50
CA VAL C 215 -20.66 -15.46 -9.23
C VAL C 215 -19.68 -16.63 -9.06
N LEU C 216 -19.43 -17.33 -10.16
CA LEU C 216 -18.45 -18.41 -10.24
C LEU C 216 -17.05 -17.89 -9.94
N ALA C 217 -16.69 -16.79 -10.62
CA ALA C 217 -15.37 -16.22 -10.48
C ALA C 217 -15.11 -15.80 -9.02
N GLU C 218 -16.09 -15.21 -8.35
CA GLU C 218 -15.90 -14.82 -6.95
C GLU C 218 -15.70 -16.05 -6.06
N ALA C 219 -16.46 -17.10 -6.34
CA ALA C 219 -16.34 -18.36 -5.62
C ALA C 219 -14.95 -18.99 -5.82
N MET C 220 -14.32 -18.80 -7.00
CA MET C 220 -12.95 -19.25 -7.22
C MET C 220 -11.91 -18.25 -6.69
N GLY C 221 -12.39 -17.18 -6.02
CA GLY C 221 -11.53 -16.24 -5.29
C GLY C 221 -10.97 -15.10 -6.14
N LEU C 222 -11.57 -14.82 -7.32
CA LEU C 222 -11.21 -13.65 -8.12
C LEU C 222 -12.05 -12.46 -7.69
N HIS C 223 -11.43 -11.31 -7.86
CA HIS C 223 -12.15 -10.04 -7.68
C HIS C 223 -12.72 -9.75 -9.05
N VAL C 224 -13.96 -9.27 -9.11
CA VAL C 224 -14.62 -9.07 -10.38
C VAL C 224 -14.94 -7.60 -10.56
N LEU C 225 -14.44 -7.06 -11.69
CA LEU C 225 -14.86 -5.78 -12.22
C LEU C 225 -15.67 -6.02 -13.48
N TYR C 226 -16.62 -5.13 -13.79
CA TYR C 226 -17.27 -5.22 -15.09
C TYR C 226 -17.52 -3.86 -15.72
N TYR C 227 -17.45 -3.86 -17.06
CA TYR C 227 -17.81 -2.71 -17.86
C TYR C 227 -19.04 -3.07 -18.69
N ASP C 228 -20.08 -2.23 -18.62
CA ASP C 228 -21.24 -2.37 -19.49
C ASP C 228 -21.66 -0.97 -19.94
N ILE C 229 -22.44 -0.89 -21.03
CA ILE C 229 -22.92 0.39 -21.54
C ILE C 229 -24.16 0.82 -20.74
N VAL C 230 -24.62 -0.01 -19.81
CA VAL C 230 -25.79 0.25 -19.01
C VAL C 230 -25.38 0.09 -17.55
N THR C 231 -26.04 0.84 -16.68
CA THR C 231 -25.88 0.65 -15.24
C THR C 231 -26.63 -0.62 -14.82
N ILE C 232 -25.89 -1.57 -14.24
CA ILE C 232 -26.43 -2.87 -13.88
C ILE C 232 -26.09 -3.12 -12.42
N MET C 233 -27.08 -3.52 -11.62
CA MET C 233 -26.82 -3.83 -10.22
C MET C 233 -25.96 -5.10 -10.13
N ALA C 234 -24.86 -5.01 -9.38
CA ALA C 234 -23.89 -6.09 -9.26
C ALA C 234 -24.48 -7.26 -8.47
N LEU C 235 -24.06 -8.49 -8.86
CA LEU C 235 -24.24 -9.68 -8.03
C LEU C 235 -23.01 -9.82 -7.13
N GLY C 236 -23.25 -10.09 -5.84
CA GLY C 236 -22.17 -10.35 -4.93
C GLY C 236 -21.37 -9.09 -4.65
N THR C 237 -20.05 -9.18 -4.81
CA THR C 237 -19.16 -8.06 -4.56
C THR C 237 -18.39 -7.69 -5.84
N ALA C 238 -19.01 -7.89 -7.02
CA ALA C 238 -18.50 -7.32 -8.25
C ALA C 238 -18.72 -5.81 -8.25
N ARG C 239 -17.86 -5.12 -9.00
CA ARG C 239 -17.94 -3.66 -9.03
C ARG C 239 -17.97 -3.16 -10.48
N GLN C 240 -18.96 -2.35 -10.81
CA GLN C 240 -19.06 -1.72 -12.11
C GLN C 240 -18.07 -0.57 -12.19
N VAL C 241 -17.26 -0.56 -13.26
CA VAL C 241 -16.32 0.52 -13.56
C VAL C 241 -16.89 1.37 -14.70
N SER C 242 -16.63 2.69 -14.65
CA SER C 242 -17.29 3.63 -15.55
C SER C 242 -16.64 3.64 -16.94
N THR C 243 -15.37 3.22 -17.06
CA THR C 243 -14.70 3.16 -18.35
C THR C 243 -14.11 1.78 -18.61
N LEU C 244 -13.93 1.45 -19.89
CA LEU C 244 -13.33 0.16 -20.29
C LEU C 244 -11.87 0.12 -19.92
N ASP C 245 -11.18 1.25 -20.05
CA ASP C 245 -9.72 1.28 -19.79
C ASP C 245 -9.47 1.11 -18.30
N GLU C 246 -10.42 1.45 -17.44
CA GLU C 246 -10.20 1.19 -15.99
C GLU C 246 -10.20 -0.31 -15.81
N LEU C 247 -11.17 -0.97 -16.44
CA LEU C 247 -11.23 -2.41 -16.44
C LEU C 247 -9.97 -3.02 -17.06
N LEU C 248 -9.50 -2.53 -18.22
CA LEU C 248 -8.32 -3.10 -18.85
C LEU C 248 -7.07 -2.89 -17.99
N ASN C 249 -7.02 -1.74 -17.32
CA ASN C 249 -5.89 -1.37 -16.48
C ASN C 249 -5.76 -2.26 -15.24
N LYS C 250 -6.90 -2.65 -14.65
CA LYS C 250 -6.95 -3.29 -13.35
C LYS C 250 -7.20 -4.80 -13.41
N SER C 251 -7.33 -5.40 -14.59
CA SER C 251 -7.70 -6.79 -14.72
C SER C 251 -6.49 -7.63 -15.10
N ASP C 252 -6.47 -8.87 -14.58
CA ASP C 252 -5.46 -9.86 -14.94
C ASP C 252 -5.98 -10.68 -16.11
N PHE C 253 -7.27 -11.05 -16.02
CA PHE C 253 -8.00 -11.75 -17.05
C PHE C 253 -9.12 -10.85 -17.58
N VAL C 254 -9.18 -10.69 -18.91
CA VAL C 254 -10.26 -9.93 -19.52
C VAL C 254 -11.09 -10.84 -20.40
N THR C 255 -12.40 -10.84 -20.19
CA THR C 255 -13.29 -11.73 -20.93
C THR C 255 -14.50 -10.95 -21.48
N LEU C 256 -14.95 -11.35 -22.69
CA LEU C 256 -15.98 -10.65 -23.44
C LEU C 256 -17.28 -11.42 -23.53
N HIS C 257 -18.38 -10.77 -23.09
CA HIS C 257 -19.73 -11.35 -23.15
C HIS C 257 -20.73 -10.33 -23.69
N VAL C 258 -20.40 -9.75 -24.86
CA VAL C 258 -21.15 -8.67 -25.49
C VAL C 258 -21.85 -9.15 -26.78
N PRO C 259 -22.91 -8.43 -27.23
CA PRO C 259 -23.48 -8.66 -28.56
C PRO C 259 -22.60 -8.15 -29.69
N ALA C 260 -22.91 -8.56 -30.93
CA ALA C 260 -22.28 -7.97 -32.13
C ALA C 260 -23.04 -6.71 -32.52
N THR C 261 -22.46 -5.55 -32.20
CA THR C 261 -22.97 -4.24 -32.59
C THR C 261 -21.82 -3.56 -33.32
N PRO C 262 -22.04 -2.40 -33.97
CA PRO C 262 -20.92 -1.65 -34.55
C PRO C 262 -19.93 -1.15 -33.50
N GLU C 263 -20.39 -0.97 -32.25
CA GLU C 263 -19.58 -0.50 -31.13
C GLU C 263 -18.69 -1.61 -30.54
N THR C 264 -19.14 -2.88 -30.59
CA THR C 264 -18.35 -4.02 -30.15
C THR C 264 -17.45 -4.53 -31.27
N GLU C 265 -17.76 -4.21 -32.51
CA GLU C 265 -16.92 -4.60 -33.63
C GLU C 265 -15.50 -4.15 -33.32
N LYS C 266 -14.59 -5.12 -33.17
CA LYS C 266 -13.17 -4.91 -32.91
C LYS C 266 -12.92 -4.00 -31.70
N MET C 267 -13.75 -4.15 -30.64
CA MET C 267 -13.64 -3.27 -29.48
C MET C 267 -12.37 -3.54 -28.68
N LEU C 268 -11.79 -4.75 -28.77
CA LEU C 268 -10.43 -4.97 -28.30
C LEU C 268 -9.46 -4.98 -29.48
N SER C 269 -8.69 -3.90 -29.61
CA SER C 269 -7.67 -3.78 -30.64
C SER C 269 -6.37 -3.28 -30.00
N ALA C 270 -5.36 -2.95 -30.82
CA ALA C 270 -4.02 -2.57 -30.34
C ALA C 270 -4.06 -1.60 -29.15
N PRO C 271 -4.88 -0.54 -29.13
CA PRO C 271 -4.87 0.43 -28.03
C PRO C 271 -5.41 -0.11 -26.72
N GLN C 272 -6.34 -1.05 -26.80
CA GLN C 272 -6.89 -1.71 -25.65
C GLN C 272 -5.89 -2.70 -25.03
N PHE C 273 -5.11 -3.41 -25.88
CA PHE C 273 -4.05 -4.29 -25.42
C PHE C 273 -2.92 -3.48 -24.78
N ALA C 274 -2.66 -2.26 -25.24
CA ALA C 274 -1.70 -1.40 -24.59
C ALA C 274 -2.18 -0.93 -23.20
N ALA C 275 -3.51 -0.87 -22.97
CA ALA C 275 -4.11 -0.42 -21.73
C ALA C 275 -4.14 -1.53 -20.67
N MET C 276 -3.88 -2.77 -21.11
CA MET C 276 -3.98 -3.95 -20.27
C MET C 276 -2.66 -4.16 -19.54
N LYS C 277 -2.61 -5.06 -18.56
CA LYS C 277 -1.37 -5.34 -17.83
C LYS C 277 -0.41 -6.22 -18.64
N ASP C 278 0.88 -6.07 -18.38
CA ASP C 278 1.89 -6.99 -18.87
C ASP C 278 1.59 -8.39 -18.35
N GLY C 279 1.60 -9.36 -19.27
CA GLY C 279 1.26 -10.73 -18.98
C GLY C 279 -0.19 -10.94 -18.56
N ALA C 280 -1.14 -10.13 -19.05
CA ALA C 280 -2.56 -10.38 -18.82
C ALA C 280 -3.11 -11.29 -19.91
N TYR C 281 -4.37 -11.68 -19.73
CA TYR C 281 -4.95 -12.73 -20.53
C TYR C 281 -6.29 -12.27 -21.11
N VAL C 282 -6.57 -12.78 -22.31
CA VAL C 282 -7.75 -12.37 -23.05
C VAL C 282 -8.60 -13.59 -23.38
N ILE C 283 -9.90 -13.49 -23.06
CA ILE C 283 -10.85 -14.56 -23.41
C ILE C 283 -12.03 -13.99 -24.18
N ASN C 284 -12.29 -14.60 -25.34
CA ASN C 284 -13.41 -14.24 -26.17
C ASN C 284 -14.21 -15.47 -26.57
N ALA C 285 -15.30 -15.70 -25.81
CA ALA C 285 -16.37 -16.58 -26.25
C ALA C 285 -17.69 -15.83 -26.52
N SER C 286 -17.62 -14.57 -26.98
CA SER C 286 -18.81 -13.81 -27.34
C SER C 286 -19.07 -13.94 -28.84
N ARG C 287 -18.49 -13.06 -29.66
CA ARG C 287 -18.71 -13.03 -31.10
C ARG C 287 -17.39 -12.92 -31.85
N GLY C 288 -17.35 -13.47 -33.07
CA GLY C 288 -16.12 -13.63 -33.82
C GLY C 288 -15.46 -12.34 -34.25
N THR C 289 -16.18 -11.20 -34.12
CA THR C 289 -15.71 -9.93 -34.69
C THR C 289 -15.17 -8.97 -33.62
N VAL C 290 -15.43 -9.29 -32.35
CA VAL C 290 -15.26 -8.39 -31.22
C VAL C 290 -13.78 -8.18 -30.89
N VAL C 291 -12.89 -9.09 -31.31
CA VAL C 291 -11.45 -8.91 -31.09
C VAL C 291 -10.76 -8.72 -32.43
N ASP C 292 -9.85 -7.76 -32.52
CA ASP C 292 -8.95 -7.66 -33.65
C ASP C 292 -7.79 -8.63 -33.43
N ILE C 293 -7.80 -9.73 -34.21
CA ILE C 293 -6.90 -10.85 -33.97
C ILE C 293 -5.48 -10.47 -34.38
N PRO C 294 -5.23 -9.82 -35.54
CA PRO C 294 -3.87 -9.43 -35.90
C PRO C 294 -3.16 -8.61 -34.82
N SER C 295 -3.93 -7.83 -34.04
CA SER C 295 -3.40 -7.00 -32.96
C SER C 295 -3.20 -7.82 -31.70
N LEU C 296 -4.04 -8.82 -31.46
CA LEU C 296 -3.82 -9.76 -30.38
C LEU C 296 -2.54 -10.57 -30.62
N ILE C 297 -2.38 -11.13 -31.83
CA ILE C 297 -1.19 -11.85 -32.24
C ILE C 297 0.05 -11.01 -31.98
N GLN C 298 -0.06 -9.71 -32.23
CA GLN C 298 1.09 -8.82 -32.14
C GLN C 298 1.39 -8.55 -30.66
N ALA C 299 0.34 -8.43 -29.83
CA ALA C 299 0.47 -8.18 -28.41
C ALA C 299 1.06 -9.42 -27.72
N VAL C 300 0.68 -10.63 -28.15
CA VAL C 300 1.25 -11.84 -27.61
C VAL C 300 2.73 -11.91 -28.02
N LYS C 301 3.03 -11.67 -29.31
CA LYS C 301 4.41 -11.73 -29.79
C LYS C 301 5.32 -10.74 -29.07
N ALA C 302 4.77 -9.61 -28.60
CA ALA C 302 5.52 -8.59 -27.87
C ALA C 302 5.57 -8.90 -26.38
N ASN C 303 5.02 -10.05 -25.96
CA ASN C 303 5.02 -10.46 -24.56
C ASN C 303 4.17 -9.52 -23.71
N LYS C 304 3.27 -8.77 -24.33
CA LYS C 304 2.34 -7.96 -23.58
C LYS C 304 1.22 -8.83 -23.00
N ILE C 305 0.67 -9.71 -23.86
CA ILE C 305 -0.41 -10.61 -23.51
C ILE C 305 0.20 -12.01 -23.34
N ALA C 306 -0.11 -12.62 -22.21
CA ALA C 306 0.57 -13.85 -21.77
C ALA C 306 -0.15 -15.08 -22.31
N GLY C 307 -1.45 -14.96 -22.55
CA GLY C 307 -2.20 -16.03 -23.21
C GLY C 307 -3.59 -15.55 -23.62
N ALA C 308 -4.27 -16.40 -24.39
CA ALA C 308 -5.62 -16.10 -24.87
C ALA C 308 -6.39 -17.37 -25.14
N ALA C 309 -7.71 -17.28 -24.95
CA ALA C 309 -8.62 -18.31 -25.39
C ALA C 309 -9.70 -17.73 -26.28
N LEU C 310 -9.86 -18.33 -27.48
CA LEU C 310 -10.86 -17.93 -28.44
C LEU C 310 -11.80 -19.07 -28.74
N ASP C 311 -13.10 -18.81 -28.61
CA ASP C 311 -14.12 -19.77 -29.03
C ASP C 311 -14.73 -19.40 -30.37
N VAL C 312 -14.51 -18.16 -30.84
CA VAL C 312 -15.25 -17.58 -31.95
C VAL C 312 -14.29 -16.84 -32.83
N TYR C 313 -14.51 -16.84 -34.14
CA TYR C 313 -13.60 -16.26 -35.11
C TYR C 313 -14.38 -15.44 -36.15
N PRO C 314 -13.73 -14.50 -36.87
CA PRO C 314 -14.41 -13.72 -37.91
C PRO C 314 -15.05 -14.63 -38.97
N HIS C 315 -14.27 -15.62 -39.45
CA HIS C 315 -14.79 -16.67 -40.33
C HIS C 315 -14.65 -18.05 -39.68
N GLU C 316 -15.77 -18.79 -39.70
CA GLU C 316 -15.88 -20.14 -39.15
C GLU C 316 -16.34 -21.11 -40.25
N PRO C 317 -15.89 -22.39 -40.27
CA PRO C 317 -16.39 -23.35 -41.25
C PRO C 317 -17.88 -23.61 -41.07
N ALA C 318 -18.56 -24.04 -42.13
CA ALA C 318 -20.00 -24.30 -42.09
C ALA C 318 -20.29 -25.66 -41.45
N LYS C 319 -19.31 -26.58 -41.56
CA LYS C 319 -19.41 -27.97 -41.11
C LYS C 319 -18.08 -28.39 -40.48
N ASN C 320 -18.11 -29.48 -39.70
CA ASN C 320 -16.90 -30.09 -39.18
C ASN C 320 -16.07 -30.68 -40.32
N GLY C 321 -14.75 -30.65 -40.22
CA GLY C 321 -13.88 -31.25 -41.22
C GLY C 321 -12.41 -31.05 -40.91
N GLU C 322 -11.53 -31.66 -41.71
CA GLU C 322 -10.15 -31.89 -41.33
C GLU C 322 -9.20 -30.76 -41.76
N GLY C 323 -9.48 -30.07 -42.87
CA GLY C 323 -8.65 -28.95 -43.27
C GLY C 323 -9.42 -27.63 -43.24
N SER C 324 -10.42 -27.54 -42.36
CA SER C 324 -11.40 -26.45 -42.35
C SER C 324 -10.84 -25.14 -41.78
N PHE C 325 -9.93 -25.24 -40.79
CA PHE C 325 -9.43 -24.08 -40.06
C PHE C 325 -8.00 -23.80 -40.53
N ASN C 326 -7.87 -22.86 -41.47
CA ASN C 326 -6.60 -22.61 -42.14
C ASN C 326 -6.56 -21.19 -42.69
N ASP C 327 -5.43 -20.88 -43.38
CA ASP C 327 -5.11 -19.56 -43.89
C ASP C 327 -6.12 -19.09 -44.93
N GLU C 328 -6.83 -20.00 -45.60
CA GLU C 328 -7.85 -19.59 -46.56
C GLU C 328 -9.11 -19.12 -45.86
N LEU C 329 -9.34 -19.51 -44.61
CA LEU C 329 -10.54 -19.10 -43.89
C LEU C 329 -10.31 -17.80 -43.12
N ASN C 330 -9.18 -17.74 -42.39
CA ASN C 330 -8.67 -16.56 -41.73
C ASN C 330 -7.16 -16.55 -41.95
N SER C 331 -6.60 -15.48 -42.52
CA SER C 331 -5.24 -15.51 -43.04
C SER C 331 -4.18 -15.62 -41.95
N TRP C 332 -4.52 -15.22 -40.72
CA TRP C 332 -3.57 -15.23 -39.63
C TRP C 332 -3.56 -16.56 -38.89
N THR C 333 -4.19 -17.60 -39.46
CA THR C 333 -4.34 -18.87 -38.76
C THR C 333 -2.96 -19.47 -38.46
N SER C 334 -2.09 -19.63 -39.45
CA SER C 334 -0.78 -20.28 -39.23
C SER C 334 0.07 -19.54 -38.21
N GLU C 335 -0.12 -18.21 -38.09
CA GLU C 335 0.59 -17.36 -37.14
C GLU C 335 0.05 -17.63 -35.75
N LEU C 336 -1.28 -17.62 -35.63
CA LEU C 336 -2.00 -17.75 -34.36
C LEU C 336 -1.68 -19.07 -33.67
N VAL C 337 -1.61 -20.14 -34.46
CA VAL C 337 -1.46 -21.51 -33.98
C VAL C 337 -0.03 -21.76 -33.50
N SER C 338 0.94 -20.99 -34.00
CA SER C 338 2.34 -21.17 -33.66
C SER C 338 2.71 -20.45 -32.36
N LEU C 339 1.74 -19.84 -31.67
CA LEU C 339 2.02 -19.05 -30.48
C LEU C 339 1.81 -19.86 -29.20
N PRO C 340 2.59 -19.58 -28.13
CA PRO C 340 2.37 -20.20 -26.84
C PRO C 340 1.15 -19.67 -26.08
N ASN C 341 0.56 -20.58 -25.30
CA ASN C 341 -0.51 -20.37 -24.35
C ASN C 341 -1.73 -19.77 -25.08
N ILE C 342 -2.05 -20.33 -26.24
CA ILE C 342 -3.29 -20.00 -26.95
C ILE C 342 -4.21 -21.21 -26.96
N ILE C 343 -5.39 -21.09 -26.33
CA ILE C 343 -6.47 -22.07 -26.42
C ILE C 343 -7.47 -21.68 -27.51
N LEU C 344 -7.66 -22.58 -28.47
CA LEU C 344 -8.58 -22.42 -29.58
C LEU C 344 -9.67 -23.49 -29.49
N THR C 345 -10.94 -23.07 -29.50
CA THR C 345 -12.06 -23.99 -29.48
C THR C 345 -12.99 -23.65 -30.65
N PRO C 346 -13.69 -24.65 -31.25
CA PRO C 346 -14.56 -24.41 -32.40
C PRO C 346 -16.01 -24.11 -32.00
N HIS C 347 -16.25 -22.94 -31.42
CA HIS C 347 -17.62 -22.51 -31.07
C HIS C 347 -18.32 -23.54 -30.18
N ILE C 348 -17.66 -23.96 -29.10
CA ILE C 348 -18.21 -24.97 -28.23
C ILE C 348 -18.72 -24.34 -26.92
N GLY C 349 -18.83 -23.02 -26.86
CA GLY C 349 -19.32 -22.34 -25.67
C GLY C 349 -20.63 -22.92 -25.11
N GLY C 350 -21.57 -23.23 -26.00
CA GLY C 350 -22.86 -23.81 -25.62
C GLY C 350 -23.01 -25.29 -25.96
N SER C 351 -21.93 -25.95 -26.45
CA SER C 351 -21.98 -27.34 -26.87
C SER C 351 -21.91 -28.32 -25.68
N THR C 352 -22.97 -28.38 -24.89
CA THR C 352 -23.10 -29.39 -23.86
C THR C 352 -24.44 -30.11 -23.99
N GLU C 353 -24.50 -31.27 -23.35
CA GLU C 353 -25.72 -32.03 -23.26
C GLU C 353 -26.80 -31.21 -22.55
N GLU C 354 -26.43 -30.46 -21.52
CA GLU C 354 -27.42 -29.78 -20.70
C GLU C 354 -28.02 -28.61 -21.47
N ALA C 355 -27.17 -27.91 -22.23
CA ALA C 355 -27.61 -26.77 -23.02
C ALA C 355 -28.52 -27.24 -24.15
N GLN C 356 -28.07 -28.24 -24.95
CA GLN C 356 -28.85 -28.77 -26.03
C GLN C 356 -30.18 -29.30 -25.54
N SER C 357 -30.19 -29.82 -24.33
CA SER C 357 -31.37 -30.39 -23.73
C SER C 357 -32.34 -29.29 -23.28
N SER C 358 -31.82 -28.19 -22.75
CA SER C 358 -32.67 -27.08 -22.33
C SER C 358 -33.31 -26.35 -23.52
N ILE C 359 -32.57 -26.22 -24.63
CA ILE C 359 -33.06 -25.69 -25.89
C ILE C 359 -34.23 -26.54 -26.35
N GLY C 360 -33.99 -27.86 -26.45
CA GLY C 360 -35.03 -28.83 -26.72
C GLY C 360 -36.33 -28.48 -25.99
N ILE C 361 -36.26 -28.27 -24.67
CA ILE C 361 -37.44 -28.08 -23.84
C ILE C 361 -38.07 -26.72 -24.09
N GLU C 362 -37.24 -25.68 -24.22
CA GLU C 362 -37.76 -24.32 -24.32
C GLU C 362 -38.59 -24.16 -25.61
N VAL C 363 -38.03 -24.61 -26.73
CA VAL C 363 -38.53 -24.35 -28.05
C VAL C 363 -39.70 -25.30 -28.35
N ALA C 364 -39.55 -26.58 -27.98
CA ALA C 364 -40.63 -27.54 -28.14
C ALA C 364 -41.83 -27.13 -27.29
N THR C 365 -41.60 -26.57 -26.10
CA THR C 365 -42.70 -26.11 -25.27
C THR C 365 -43.35 -24.90 -25.91
N ALA C 366 -42.54 -24.04 -26.50
CA ALA C 366 -43.05 -22.83 -27.12
C ALA C 366 -43.94 -23.17 -28.32
N LEU C 367 -43.43 -24.02 -29.26
CA LEU C 367 -44.18 -24.42 -30.44
C LEU C 367 -45.49 -25.07 -29.98
N SER C 368 -45.40 -25.88 -28.92
CA SER C 368 -46.53 -26.65 -28.44
C SER C 368 -47.61 -25.73 -27.87
N LYS C 369 -47.22 -24.73 -27.07
CA LYS C 369 -48.19 -23.77 -26.57
C LYS C 369 -48.79 -22.93 -27.70
N TYR C 370 -48.04 -22.71 -28.81
CA TYR C 370 -48.55 -21.92 -29.91
C TYR C 370 -49.59 -22.75 -30.68
N ILE C 371 -49.27 -24.02 -30.90
CA ILE C 371 -50.19 -24.93 -31.59
C ILE C 371 -51.44 -25.19 -30.73
N ASN C 372 -51.27 -25.50 -29.45
CA ASN C 372 -52.39 -25.95 -28.63
C ASN C 372 -53.23 -24.79 -28.11
N GLU C 373 -52.63 -23.60 -27.95
CA GLU C 373 -53.34 -22.52 -27.28
C GLU C 373 -53.23 -21.19 -28.02
N GLY C 374 -52.42 -21.14 -29.09
CA GLY C 374 -52.27 -19.94 -29.91
C GLY C 374 -51.32 -18.91 -29.32
N ASN C 375 -50.62 -19.26 -28.23
CA ASN C 375 -49.73 -18.36 -27.50
C ASN C 375 -48.45 -18.04 -28.28
N SER C 376 -48.24 -16.74 -28.60
CA SER C 376 -47.15 -16.33 -29.48
C SER C 376 -46.11 -15.49 -28.74
N VAL C 377 -46.20 -15.48 -27.39
CA VAL C 377 -45.27 -14.77 -26.52
C VAL C 377 -43.87 -15.37 -26.69
N GLY C 378 -42.89 -14.50 -26.90
CA GLY C 378 -41.52 -14.94 -27.16
C GLY C 378 -41.26 -15.21 -28.64
N SER C 379 -42.28 -15.05 -29.48
CA SER C 379 -42.07 -15.15 -30.91
C SER C 379 -41.11 -14.06 -31.33
N VAL C 380 -40.24 -14.33 -32.31
CA VAL C 380 -39.29 -13.33 -32.79
C VAL C 380 -39.83 -12.51 -33.99
N ASN C 381 -40.93 -12.90 -34.67
CA ASN C 381 -41.35 -12.22 -35.88
C ASN C 381 -42.85 -11.93 -35.89
N PHE C 382 -43.49 -11.94 -34.71
CA PHE C 382 -44.94 -12.02 -34.63
C PHE C 382 -45.45 -11.13 -33.51
N PRO C 383 -46.71 -10.67 -33.53
CA PRO C 383 -47.31 -10.05 -32.34
C PRO C 383 -47.33 -11.07 -31.22
N GLU C 384 -47.13 -10.59 -29.99
CA GLU C 384 -47.07 -11.43 -28.81
C GLU C 384 -48.42 -11.37 -28.11
N VAL C 385 -49.18 -12.47 -28.26
CA VAL C 385 -50.55 -12.54 -27.81
C VAL C 385 -50.71 -13.86 -27.06
N SER C 386 -51.46 -13.81 -25.96
CA SER C 386 -51.84 -15.00 -25.25
C SER C 386 -53.03 -14.66 -24.36
N LEU C 387 -53.73 -15.72 -23.92
CA LEU C 387 -54.90 -15.58 -23.07
C LEU C 387 -54.82 -16.69 -22.04
N LYS C 388 -55.33 -16.44 -20.83
CA LYS C 388 -55.42 -17.48 -19.81
C LYS C 388 -56.19 -18.65 -20.41
N SER C 389 -55.75 -19.88 -20.10
CA SER C 389 -56.43 -21.10 -20.47
C SER C 389 -57.90 -21.10 -20.06
N LEU C 390 -58.72 -21.74 -20.90
CA LEU C 390 -60.10 -22.00 -20.57
C LEU C 390 -60.15 -23.13 -19.55
N ASP C 391 -61.09 -23.03 -18.61
CA ASP C 391 -61.30 -24.09 -17.64
C ASP C 391 -61.92 -25.32 -18.33
N TYR C 392 -61.67 -26.48 -17.73
CA TYR C 392 -62.29 -27.77 -18.06
C TYR C 392 -63.81 -27.59 -18.25
N ASP C 393 -64.48 -26.84 -17.37
CA ASP C 393 -65.95 -26.83 -17.28
C ASP C 393 -66.58 -25.75 -18.13
N GLN C 394 -65.77 -24.98 -18.90
CA GLN C 394 -66.31 -24.06 -19.89
C GLN C 394 -66.68 -24.89 -21.12
N GLU C 395 -67.86 -25.51 -21.08
CA GLU C 395 -68.38 -26.29 -22.18
C GLU C 395 -68.85 -25.32 -23.25
N ASN C 396 -68.58 -25.70 -24.51
CA ASN C 396 -69.09 -25.06 -25.72
C ASN C 396 -68.32 -23.78 -26.04
N THR C 397 -67.09 -23.61 -25.52
CA THR C 397 -66.29 -22.45 -25.82
C THR C 397 -65.27 -22.81 -26.89
N VAL C 398 -65.12 -21.89 -27.87
CA VAL C 398 -64.09 -22.03 -28.88
C VAL C 398 -63.12 -20.86 -28.78
N ARG C 399 -61.88 -21.10 -29.21
CA ARG C 399 -60.89 -20.04 -29.31
C ARG C 399 -60.58 -19.78 -30.77
N VAL C 400 -60.75 -18.52 -31.17
CA VAL C 400 -60.53 -18.07 -32.53
C VAL C 400 -59.13 -17.50 -32.59
N LEU C 401 -58.32 -18.01 -33.55
CA LEU C 401 -56.97 -17.53 -33.80
C LEU C 401 -56.92 -16.96 -35.20
N TYR C 402 -57.00 -15.63 -35.32
CA TYR C 402 -57.22 -14.95 -36.58
C TYR C 402 -56.03 -14.04 -36.89
N ILE C 403 -55.19 -14.47 -37.85
CA ILE C 403 -54.04 -13.70 -38.31
C ILE C 403 -54.46 -12.95 -39.56
N HIS C 404 -54.33 -11.64 -39.48
CA HIS C 404 -54.87 -10.81 -40.56
C HIS C 404 -53.94 -9.65 -40.89
N ARG C 405 -54.43 -8.68 -41.63
CA ARG C 405 -53.61 -7.52 -42.05
C ARG C 405 -53.96 -6.31 -41.19
N ASN C 406 -52.95 -5.60 -40.70
CA ASN C 406 -53.19 -4.46 -39.78
C ASN C 406 -53.77 -3.31 -40.59
N VAL C 407 -55.02 -3.45 -41.00
CA VAL C 407 -55.68 -2.37 -41.72
C VAL C 407 -56.98 -2.06 -40.99
N PRO C 408 -57.53 -0.83 -41.09
CA PRO C 408 -58.79 -0.53 -40.40
C PRO C 408 -59.97 -1.43 -40.85
N GLY C 409 -60.89 -1.67 -39.91
CA GLY C 409 -62.18 -2.28 -40.20
C GLY C 409 -62.20 -3.79 -40.08
N VAL C 410 -61.13 -4.42 -39.58
CA VAL C 410 -61.04 -5.86 -39.54
C VAL C 410 -61.71 -6.37 -38.28
N LEU C 411 -61.54 -5.72 -37.13
CA LEU C 411 -62.24 -6.12 -35.92
C LEU C 411 -63.73 -5.87 -36.05
N LYS C 412 -64.14 -4.85 -36.81
CA LYS C 412 -65.55 -4.65 -37.14
C LYS C 412 -66.16 -5.88 -37.80
N THR C 413 -65.48 -6.37 -38.85
CA THR C 413 -65.88 -7.54 -39.62
C THR C 413 -65.93 -8.78 -38.71
N VAL C 414 -64.83 -9.02 -37.95
CA VAL C 414 -64.68 -10.22 -37.16
C VAL C 414 -65.69 -10.22 -36.02
N ASN C 415 -65.86 -9.10 -35.31
CA ASN C 415 -66.72 -9.09 -34.14
C ASN C 415 -68.19 -9.12 -34.55
N ASP C 416 -68.47 -8.80 -35.82
CA ASP C 416 -69.77 -8.96 -36.45
C ASP C 416 -70.09 -10.45 -36.66
N ILE C 417 -69.21 -11.15 -37.40
CA ILE C 417 -69.27 -12.60 -37.55
C ILE C 417 -69.49 -13.32 -36.21
N LEU C 418 -68.96 -12.83 -35.09
CA LEU C 418 -69.06 -13.55 -33.82
C LEU C 418 -70.18 -13.01 -32.94
N SER C 419 -71.10 -12.19 -33.46
CA SER C 419 -71.91 -11.32 -32.60
C SER C 419 -73.13 -12.04 -32.02
N ASP C 420 -73.40 -13.26 -32.52
CA ASP C 420 -74.43 -14.11 -31.96
C ASP C 420 -73.95 -14.73 -30.64
N HIS C 421 -72.64 -14.76 -30.41
CA HIS C 421 -72.03 -15.39 -29.26
C HIS C 421 -71.42 -14.34 -28.33
N ASN C 422 -71.49 -14.58 -27.02
CA ASN C 422 -70.77 -13.77 -26.05
C ASN C 422 -69.27 -14.00 -26.20
N ILE C 423 -68.51 -12.91 -26.29
CA ILE C 423 -67.06 -12.97 -26.26
C ILE C 423 -66.61 -12.75 -24.82
N GLU C 424 -65.97 -13.77 -24.26
CA GLU C 424 -65.52 -13.77 -22.88
C GLU C 424 -64.29 -12.89 -22.79
N LYS C 425 -63.41 -13.03 -23.78
CA LYS C 425 -62.27 -12.14 -23.89
C LYS C 425 -61.65 -12.20 -25.27
N GLN C 426 -60.82 -11.21 -25.53
CA GLN C 426 -60.29 -10.99 -26.86
C GLN C 426 -59.02 -10.13 -26.71
N PHE C 427 -58.01 -10.47 -27.50
CA PHE C 427 -56.78 -9.71 -27.52
C PHE C 427 -56.27 -9.74 -28.96
N SER C 428 -56.08 -8.53 -29.50
CA SER C 428 -55.44 -8.34 -30.78
C SER C 428 -54.22 -7.45 -30.58
N ASP C 429 -53.13 -7.75 -31.30
CA ASP C 429 -51.95 -6.89 -31.34
C ASP C 429 -51.33 -6.99 -32.73
N SER C 430 -50.58 -5.93 -33.10
CA SER C 430 -50.01 -5.78 -34.44
C SER C 430 -48.49 -5.77 -34.39
N HIS C 431 -47.88 -6.16 -35.50
CA HIS C 431 -46.40 -6.14 -35.67
C HIS C 431 -46.14 -5.88 -37.15
N GLY C 432 -46.02 -4.61 -37.54
CA GLY C 432 -45.89 -4.23 -38.93
C GLY C 432 -47.23 -4.36 -39.62
N GLU C 433 -47.23 -5.08 -40.75
CA GLU C 433 -48.38 -5.17 -41.63
C GLU C 433 -49.28 -6.33 -41.23
N ILE C 434 -48.88 -7.08 -40.19
CA ILE C 434 -49.56 -8.26 -39.70
C ILE C 434 -50.15 -7.93 -38.33
N ALA C 435 -51.32 -8.50 -38.03
CA ALA C 435 -51.86 -8.50 -36.68
C ALA C 435 -52.43 -9.87 -36.34
N TYR C 436 -52.74 -10.06 -35.05
CA TYR C 436 -53.12 -11.37 -34.53
C TYR C 436 -54.19 -11.16 -33.47
N LEU C 437 -55.38 -11.70 -33.76
CA LEU C 437 -56.52 -11.67 -32.86
C LEU C 437 -56.70 -13.04 -32.25
N MET C 438 -57.01 -13.05 -30.95
CA MET C 438 -57.31 -14.26 -30.24
C MET C 438 -58.55 -13.97 -29.40
N ALA C 439 -59.59 -14.78 -29.59
CA ALA C 439 -60.88 -14.51 -28.98
C ALA C 439 -61.49 -15.78 -28.44
N ASP C 440 -62.04 -15.70 -27.23
CA ASP C 440 -62.72 -16.81 -26.58
C ASP C 440 -64.22 -16.51 -26.57
N ILE C 441 -64.98 -17.37 -27.23
CA ILE C 441 -66.42 -17.21 -27.42
C ILE C 441 -67.13 -18.42 -26.82
N SER C 442 -68.20 -18.16 -26.07
CA SER C 442 -68.92 -19.19 -25.34
C SER C 442 -70.26 -19.56 -26.01
N SER C 443 -70.78 -20.73 -25.64
CA SER C 443 -72.04 -21.26 -26.13
C SER C 443 -72.03 -21.35 -27.67
N VAL C 444 -71.18 -22.26 -28.18
CA VAL C 444 -71.05 -22.55 -29.61
C VAL C 444 -71.17 -24.06 -29.82
N ASN C 445 -72.16 -24.50 -30.61
CA ASN C 445 -72.29 -25.90 -30.98
C ASN C 445 -71.56 -26.12 -32.31
N GLN C 446 -71.47 -27.38 -32.77
CA GLN C 446 -70.56 -27.81 -33.83
C GLN C 446 -71.00 -27.27 -35.19
N SER C 447 -72.32 -27.06 -35.34
CA SER C 447 -72.88 -26.47 -36.52
C SER C 447 -72.41 -25.02 -36.67
N GLU C 448 -72.54 -24.25 -35.57
CA GLU C 448 -72.16 -22.85 -35.53
C GLU C 448 -70.64 -22.68 -35.68
N ILE C 449 -69.84 -23.66 -35.20
CA ILE C 449 -68.38 -23.59 -35.31
C ILE C 449 -67.97 -23.61 -36.78
N LYS C 450 -68.58 -24.49 -37.58
CA LYS C 450 -68.23 -24.63 -38.98
C LYS C 450 -68.59 -23.36 -39.75
N ASP C 451 -69.64 -22.68 -39.29
CA ASP C 451 -70.19 -21.48 -39.92
C ASP C 451 -69.26 -20.29 -39.68
N ILE C 452 -68.77 -20.18 -38.44
CA ILE C 452 -67.83 -19.14 -38.06
C ILE C 452 -66.52 -19.33 -38.82
N TYR C 453 -66.06 -20.58 -38.93
CA TYR C 453 -64.81 -20.88 -39.60
C TYR C 453 -64.87 -20.44 -41.06
N GLU C 454 -65.98 -20.75 -41.76
CA GLU C 454 -66.06 -20.54 -43.20
C GLU C 454 -66.21 -19.04 -43.47
N LYS C 455 -66.93 -18.32 -42.60
CA LYS C 455 -67.06 -16.87 -42.71
C LYS C 455 -65.72 -16.16 -42.49
N LEU C 456 -64.99 -16.51 -41.42
CA LEU C 456 -63.69 -15.91 -41.15
C LEU C 456 -62.69 -16.29 -42.24
N ASN C 457 -62.86 -17.47 -42.83
CA ASN C 457 -61.92 -17.97 -43.83
C ASN C 457 -62.07 -17.22 -45.16
N GLN C 458 -63.19 -16.49 -45.34
CA GLN C 458 -63.44 -15.74 -46.56
C GLN C 458 -63.53 -14.23 -46.29
N THR C 459 -62.96 -13.76 -45.18
CA THR C 459 -62.73 -12.34 -44.96
C THR C 459 -61.48 -11.96 -45.77
N SER C 460 -61.40 -10.69 -46.17
CA SER C 460 -60.39 -10.25 -47.12
C SER C 460 -59.09 -9.88 -46.42
N ALA C 461 -59.17 -9.52 -45.11
CA ALA C 461 -58.00 -9.18 -44.33
C ALA C 461 -57.27 -10.44 -43.85
N LYS C 462 -57.80 -11.62 -44.10
CA LYS C 462 -57.33 -12.84 -43.47
C LYS C 462 -56.01 -13.28 -44.13
N VAL C 463 -55.08 -13.72 -43.26
CA VAL C 463 -53.76 -14.25 -43.61
C VAL C 463 -53.76 -15.74 -43.27
N SER C 464 -54.16 -16.10 -42.05
CA SER C 464 -54.50 -17.48 -41.72
C SER C 464 -55.38 -17.53 -40.47
N ILE C 465 -56.26 -18.55 -40.42
CA ILE C 465 -57.17 -18.76 -39.28
C ILE C 465 -57.15 -20.23 -38.85
N ARG C 466 -57.20 -20.44 -37.52
CA ARG C 466 -57.48 -21.72 -36.87
C ARG C 466 -58.53 -21.47 -35.78
N LEU C 467 -59.35 -22.50 -35.51
CA LEU C 467 -60.23 -22.52 -34.36
C LEU C 467 -59.82 -23.70 -33.48
N LEU C 468 -59.81 -23.48 -32.17
CA LEU C 468 -59.53 -24.53 -31.22
C LEU C 468 -60.81 -24.73 -30.39
N TYR C 469 -61.26 -25.97 -30.20
CA TYR C 469 -62.52 -26.24 -29.49
C TYR C 469 -62.39 -27.47 -28.58
N GLY D 24 -24.61 -45.66 -13.12
CA GLY D 24 -23.99 -46.59 -14.07
C GLY D 24 -23.56 -45.86 -15.35
N ALA D 25 -24.12 -44.66 -15.59
CA ALA D 25 -23.63 -43.80 -16.66
C ALA D 25 -23.76 -42.33 -16.28
N VAL D 26 -22.73 -41.57 -16.67
CA VAL D 26 -22.74 -40.12 -16.49
C VAL D 26 -23.78 -39.57 -17.46
N SER D 27 -24.58 -38.62 -17.00
CA SER D 27 -25.72 -38.24 -17.82
C SER D 27 -26.30 -36.87 -17.45
N THR D 28 -27.04 -36.33 -18.41
CA THR D 28 -27.42 -34.93 -18.43
C THR D 28 -28.03 -34.52 -17.10
N SER D 29 -27.56 -33.43 -16.48
CA SER D 29 -28.15 -32.97 -15.23
C SER D 29 -29.53 -32.42 -15.52
N PRO D 30 -30.41 -32.25 -14.52
CA PRO D 30 -31.73 -31.61 -14.72
C PRO D 30 -31.78 -30.10 -14.94
N THR D 31 -31.50 -29.64 -16.18
CA THR D 31 -31.31 -28.21 -16.49
C THR D 31 -32.53 -27.66 -17.26
N GLN D 32 -33.04 -26.48 -16.89
CA GLN D 32 -34.29 -25.98 -17.48
C GLN D 32 -34.40 -24.45 -17.57
N SER D 33 -33.54 -23.80 -18.37
CA SER D 33 -33.73 -22.52 -19.08
C SER D 33 -34.36 -21.34 -18.31
N PHE D 34 -35.37 -21.54 -17.41
CA PHE D 34 -35.97 -20.48 -16.58
C PHE D 34 -35.09 -20.09 -15.38
N MET D 35 -33.95 -20.81 -15.19
CA MET D 35 -33.00 -20.60 -14.10
C MET D 35 -31.85 -19.67 -14.53
N ASN D 36 -31.73 -19.36 -15.85
CA ASN D 36 -30.89 -18.27 -16.37
C ASN D 36 -31.60 -16.92 -16.17
N THR D 37 -31.25 -16.23 -15.07
CA THR D 37 -31.84 -14.96 -14.67
C THR D 37 -30.86 -13.82 -15.01
N LEU D 38 -31.33 -12.57 -14.81
CA LEU D 38 -30.57 -11.37 -15.15
C LEU D 38 -30.76 -10.32 -14.04
N PRO D 39 -29.70 -9.60 -13.61
CA PRO D 39 -29.85 -8.66 -12.49
C PRO D 39 -30.57 -7.38 -12.96
N ARG D 40 -31.12 -6.59 -12.00
CA ARG D 40 -31.86 -5.36 -12.26
C ARG D 40 -30.99 -4.34 -13.01
N ARG D 41 -31.53 -3.79 -14.11
CA ARG D 41 -30.79 -2.88 -14.98
C ARG D 41 -31.69 -1.73 -15.42
N VAL D 42 -31.09 -0.81 -16.19
CA VAL D 42 -31.71 0.43 -16.65
C VAL D 42 -31.93 0.34 -18.17
N SER D 43 -33.19 0.49 -18.61
CA SER D 43 -33.62 0.03 -19.92
C SER D 43 -33.09 0.84 -21.12
N ILE D 44 -33.01 2.18 -21.04
CA ILE D 44 -32.87 3.05 -22.21
C ILE D 44 -34.17 2.92 -23.02
N THR D 45 -35.30 3.14 -22.34
CA THR D 45 -36.64 3.03 -22.89
C THR D 45 -36.96 4.30 -23.70
N LYS D 46 -38.09 4.33 -24.42
CA LYS D 46 -38.68 5.60 -24.86
C LYS D 46 -39.58 6.19 -23.78
N GLN D 47 -39.63 7.52 -23.67
CA GLN D 47 -40.45 8.17 -22.65
C GLN D 47 -41.90 7.75 -22.85
N PRO D 48 -42.64 7.33 -21.79
CA PRO D 48 -44.06 7.08 -21.95
C PRO D 48 -44.74 8.40 -22.31
N LYS D 49 -45.59 8.38 -23.33
CA LYS D 49 -46.57 9.45 -23.55
C LYS D 49 -47.48 9.52 -22.32
N ALA D 50 -47.66 10.74 -21.79
CA ALA D 50 -48.58 10.99 -20.70
C ALA D 50 -49.94 11.37 -21.28
N LEU D 51 -51.00 10.84 -20.67
CA LEU D 51 -52.32 10.82 -21.27
C LEU D 51 -53.26 11.55 -20.32
N LYS D 52 -54.18 12.33 -20.91
CA LYS D 52 -55.12 13.12 -20.13
C LYS D 52 -56.53 12.81 -20.59
N PRO D 53 -57.50 12.71 -19.66
CA PRO D 53 -58.87 12.30 -20.02
C PRO D 53 -59.55 13.37 -20.87
N PHE D 54 -60.56 12.97 -21.66
CA PHE D 54 -61.39 13.88 -22.43
C PHE D 54 -62.47 14.47 -21.52
N SER D 55 -62.88 15.72 -21.77
CA SER D 55 -64.05 16.38 -21.17
C SER D 55 -63.94 16.62 -19.66
N THR D 56 -63.17 15.82 -18.92
CA THR D 56 -63.04 15.98 -17.47
C THR D 56 -62.04 17.10 -17.12
N GLY D 57 -62.25 17.73 -15.95
CA GLY D 57 -61.34 18.74 -15.42
C GLY D 57 -60.37 18.11 -14.41
N ASP D 58 -60.32 18.67 -13.20
CA ASP D 58 -59.43 18.20 -12.15
C ASP D 58 -59.94 16.90 -11.51
N MET D 59 -59.01 15.96 -11.31
CA MET D 59 -59.27 14.74 -10.56
C MET D 59 -59.27 15.08 -9.07
N ASN D 60 -60.36 14.76 -8.37
CA ASN D 60 -60.42 14.95 -6.92
C ASN D 60 -60.23 13.60 -6.22
N ILE D 61 -59.24 13.49 -5.33
CA ILE D 61 -59.02 12.30 -4.52
C ILE D 61 -59.49 12.60 -3.09
N LEU D 62 -60.23 11.67 -2.48
CA LEU D 62 -60.55 11.75 -1.06
C LEU D 62 -59.88 10.58 -0.33
N LEU D 63 -59.06 10.89 0.67
CA LEU D 63 -58.35 9.87 1.44
C LEU D 63 -58.82 9.95 2.90
N LEU D 64 -59.22 8.79 3.41
CA LEU D 64 -59.76 8.69 4.75
C LEU D 64 -58.88 7.78 5.58
N GLU D 65 -59.09 7.85 6.91
CA GLU D 65 -58.57 6.88 7.89
C GLU D 65 -57.04 6.95 7.98
N ASN D 66 -56.46 8.12 7.69
CA ASN D 66 -55.04 8.34 7.96
C ASN D 66 -54.21 7.40 7.10
N VAL D 67 -54.41 7.46 5.80
CA VAL D 67 -53.52 6.85 4.86
C VAL D 67 -52.17 7.56 4.99
N ASN D 68 -51.11 6.88 4.57
CA ASN D 68 -49.75 7.37 4.74
C ASN D 68 -49.46 8.52 3.80
N ALA D 69 -48.54 9.41 4.23
CA ALA D 69 -48.16 10.57 3.45
C ALA D 69 -47.53 10.19 2.10
N THR D 70 -47.02 8.96 1.95
CA THR D 70 -46.42 8.59 0.66
C THR D 70 -47.48 8.65 -0.45
N ALA D 71 -48.73 8.36 -0.07
CA ALA D 71 -49.86 8.34 -0.98
C ALA D 71 -50.27 9.76 -1.34
N ILE D 72 -50.36 10.62 -0.32
CA ILE D 72 -50.71 12.03 -0.52
C ILE D 72 -49.73 12.64 -1.52
N LYS D 73 -48.45 12.31 -1.39
CA LYS D 73 -47.41 12.90 -2.21
C LYS D 73 -47.54 12.39 -3.65
N ILE D 74 -47.80 11.10 -3.85
CA ILE D 74 -47.86 10.59 -5.21
C ILE D 74 -48.99 11.25 -6.00
N PHE D 75 -50.13 11.50 -5.31
CA PHE D 75 -51.31 12.08 -5.92
C PHE D 75 -51.12 13.56 -6.23
N LYS D 76 -50.51 14.33 -5.31
CA LYS D 76 -50.27 15.74 -5.53
C LYS D 76 -49.26 15.98 -6.64
N ASP D 77 -48.25 15.08 -6.78
CA ASP D 77 -47.27 15.18 -7.86
C ASP D 77 -47.88 14.89 -9.23
N GLN D 78 -49.01 14.16 -9.29
CA GLN D 78 -49.78 14.00 -10.52
C GLN D 78 -50.57 15.30 -10.83
N GLY D 79 -50.77 16.15 -9.81
CA GLY D 79 -51.59 17.33 -9.93
C GLY D 79 -53.06 17.07 -9.58
N TYR D 80 -53.37 15.92 -8.97
CA TYR D 80 -54.71 15.69 -8.47
C TYR D 80 -54.93 16.57 -7.23
N GLN D 81 -56.18 16.98 -7.01
CA GLN D 81 -56.62 17.66 -5.80
C GLN D 81 -56.89 16.63 -4.73
N VAL D 82 -56.29 16.75 -3.54
CA VAL D 82 -56.35 15.69 -2.54
C VAL D 82 -56.94 16.25 -1.24
N GLU D 83 -57.99 15.61 -0.73
CA GLU D 83 -58.56 15.93 0.57
C GLU D 83 -58.29 14.75 1.52
N PHE D 84 -57.67 15.06 2.67
CA PHE D 84 -57.15 14.06 3.58
C PHE D 84 -57.87 14.14 4.94
N HIS D 85 -58.20 12.98 5.49
CA HIS D 85 -58.80 12.92 6.85
C HIS D 85 -58.09 11.82 7.65
N LYS D 86 -57.93 11.98 8.96
CA LYS D 86 -57.23 11.02 9.81
C LYS D 86 -58.17 9.92 10.27
N SER D 87 -59.48 10.15 10.25
CA SER D 87 -60.42 9.09 10.55
C SER D 87 -61.46 8.97 9.43
N SER D 88 -62.50 8.18 9.68
CA SER D 88 -63.59 7.99 8.75
C SER D 88 -64.59 9.13 8.94
N LEU D 89 -65.57 9.21 8.05
CA LEU D 89 -66.59 10.25 8.08
C LEU D 89 -67.93 9.68 8.53
N PRO D 90 -68.77 10.44 9.29
CA PRO D 90 -70.20 10.13 9.38
C PRO D 90 -70.80 9.82 7.99
N GLU D 91 -71.85 9.01 7.95
CA GLU D 91 -72.40 8.50 6.70
C GLU D 91 -72.96 9.64 5.82
N ASP D 92 -73.51 10.69 6.44
CA ASP D 92 -74.20 11.75 5.70
C ASP D 92 -73.18 12.70 5.08
N GLU D 93 -72.07 12.91 5.80
CA GLU D 93 -70.94 13.70 5.31
C GLU D 93 -70.22 12.97 4.20
N LEU D 94 -70.05 11.65 4.34
CA LEU D 94 -69.39 10.84 3.32
C LEU D 94 -70.18 10.89 2.03
N ILE D 95 -71.52 10.87 2.13
CA ILE D 95 -72.39 10.89 0.95
C ILE D 95 -72.18 12.18 0.17
N GLU D 96 -72.14 13.32 0.87
CA GLU D 96 -72.03 14.60 0.20
C GLU D 96 -70.66 14.72 -0.48
N LYS D 97 -69.59 14.23 0.18
CA LYS D 97 -68.25 14.41 -0.34
C LYS D 97 -68.03 13.51 -1.56
N ILE D 98 -68.73 12.38 -1.60
CA ILE D 98 -68.39 11.34 -2.56
C ILE D 98 -69.03 11.64 -3.91
N LYS D 99 -69.94 12.62 -3.93
CA LYS D 99 -70.65 13.01 -5.14
C LYS D 99 -69.68 13.51 -6.21
N ASP D 100 -68.66 14.28 -5.77
CA ASP D 100 -67.74 14.96 -6.68
C ASP D 100 -66.44 14.17 -6.92
N VAL D 101 -66.19 13.14 -6.11
CA VAL D 101 -64.87 12.54 -5.99
C VAL D 101 -64.64 11.54 -7.12
N HIS D 102 -63.41 11.50 -7.63
CA HIS D 102 -63.03 10.60 -8.73
C HIS D 102 -62.32 9.35 -8.18
N ALA D 103 -61.61 9.47 -7.06
CA ALA D 103 -61.02 8.29 -6.44
C ALA D 103 -61.12 8.45 -4.94
N ILE D 104 -61.30 7.33 -4.25
CA ILE D 104 -61.39 7.35 -2.81
C ILE D 104 -60.43 6.29 -2.25
N GLY D 105 -59.64 6.69 -1.27
CA GLY D 105 -58.83 5.77 -0.50
C GLY D 105 -59.43 5.56 0.89
N ILE D 106 -59.52 4.29 1.29
CA ILE D 106 -60.01 3.93 2.61
C ILE D 106 -59.07 2.89 3.22
N ARG D 107 -59.36 2.53 4.46
CA ARG D 107 -58.81 1.33 5.06
C ARG D 107 -59.99 0.51 5.57
N SER D 108 -59.85 -0.17 6.72
CA SER D 108 -60.80 -1.21 7.13
C SER D 108 -62.15 -0.67 7.62
N LYS D 109 -62.20 0.52 8.23
CA LYS D 109 -63.40 0.96 8.95
C LYS D 109 -64.37 1.79 8.14
N THR D 110 -64.09 2.11 6.87
CA THR D 110 -65.06 2.83 6.05
C THR D 110 -65.85 1.80 5.25
N ARG D 111 -67.17 1.76 5.48
CA ARG D 111 -68.06 0.84 4.81
C ARG D 111 -68.67 1.54 3.59
N LEU D 112 -68.16 1.15 2.41
CA LEU D 112 -68.67 1.61 1.13
C LEU D 112 -69.74 0.63 0.64
N THR D 113 -70.94 0.83 1.17
CA THR D 113 -72.13 0.04 0.83
C THR D 113 -72.71 0.59 -0.47
N GLU D 114 -73.70 -0.12 -1.01
CA GLU D 114 -74.51 0.43 -2.10
C GLU D 114 -75.19 1.71 -1.67
N LYS D 115 -75.61 1.81 -0.39
CA LYS D 115 -76.30 3.01 0.09
C LYS D 115 -75.47 4.27 -0.20
N ILE D 116 -74.14 4.12 -0.10
CA ILE D 116 -73.20 5.22 -0.22
C ILE D 116 -72.73 5.36 -1.67
N LEU D 117 -72.35 4.24 -2.31
CA LEU D 117 -71.81 4.28 -3.65
C LEU D 117 -72.84 4.69 -4.70
N GLN D 118 -74.14 4.60 -4.39
CA GLN D 118 -75.16 4.99 -5.37
C GLN D 118 -75.05 6.48 -5.69
N HIS D 119 -74.45 7.26 -4.80
CA HIS D 119 -74.34 8.72 -4.98
C HIS D 119 -73.00 9.10 -5.62
N ALA D 120 -72.13 8.14 -5.91
CA ALA D 120 -70.79 8.42 -6.43
C ALA D 120 -70.81 8.49 -7.95
N ARG D 121 -71.28 9.62 -8.47
CA ARG D 121 -71.45 9.73 -9.93
C ARG D 121 -70.12 9.83 -10.68
N ASN D 122 -69.07 10.29 -10.03
CA ASN D 122 -67.83 10.51 -10.76
C ASN D 122 -66.75 9.47 -10.51
N LEU D 123 -66.96 8.61 -9.52
CA LEU D 123 -65.92 7.74 -8.98
C LEU D 123 -65.37 6.79 -10.04
N VAL D 124 -64.05 6.80 -10.24
CA VAL D 124 -63.39 5.95 -11.23
C VAL D 124 -62.85 4.69 -10.57
N CYS D 125 -62.37 4.81 -9.31
CA CYS D 125 -61.74 3.71 -8.59
C CYS D 125 -61.71 3.93 -7.08
N ILE D 126 -61.54 2.82 -6.35
CA ILE D 126 -61.42 2.79 -4.89
C ILE D 126 -60.10 2.12 -4.51
N GLY D 127 -59.34 2.78 -3.63
CA GLY D 127 -58.15 2.21 -3.02
C GLY D 127 -58.40 1.73 -1.60
N CYS D 128 -58.17 0.45 -1.38
CA CYS D 128 -58.12 -0.11 -0.02
C CYS D 128 -56.68 -0.14 0.45
N PHE D 129 -56.32 0.79 1.34
CA PHE D 129 -54.94 0.95 1.79
C PHE D 129 -54.70 -0.04 2.93
N CYS D 130 -54.77 -1.33 2.58
CA CYS D 130 -54.86 -2.44 3.52
C CYS D 130 -55.07 -3.73 2.73
N ILE D 131 -55.11 -4.88 3.43
CA ILE D 131 -55.39 -6.15 2.80
C ILE D 131 -56.91 -6.33 2.56
N GLY D 132 -57.74 -6.03 3.56
CA GLY D 132 -59.16 -6.34 3.53
C GLY D 132 -59.96 -5.44 2.58
N THR D 133 -60.99 -6.04 1.92
CA THR D 133 -61.82 -5.36 0.93
C THR D 133 -63.31 -5.60 1.19
N ASN D 134 -63.64 -6.36 2.25
CA ASN D 134 -65.01 -6.66 2.65
C ASN D 134 -65.78 -5.43 3.09
N GLN D 135 -65.10 -4.34 3.43
CA GLN D 135 -65.78 -3.13 3.85
C GLN D 135 -66.43 -2.44 2.62
N VAL D 136 -66.07 -2.93 1.42
CA VAL D 136 -66.58 -2.42 0.17
C VAL D 136 -67.50 -3.46 -0.44
N ASP D 137 -68.69 -3.03 -0.90
CA ASP D 137 -69.56 -3.87 -1.71
C ASP D 137 -68.97 -4.01 -3.12
N LEU D 138 -68.11 -5.01 -3.31
CA LEU D 138 -67.30 -5.17 -4.52
C LEU D 138 -68.16 -5.34 -5.76
N LYS D 139 -69.30 -6.04 -5.64
CA LYS D 139 -70.10 -6.39 -6.80
C LYS D 139 -70.92 -5.19 -7.23
N TYR D 140 -71.51 -4.47 -6.28
CA TYR D 140 -72.20 -3.24 -6.61
C TYR D 140 -71.24 -2.27 -7.32
N ALA D 141 -70.03 -2.15 -6.77
CA ALA D 141 -69.00 -1.28 -7.32
C ALA D 141 -68.70 -1.69 -8.76
N ALA D 142 -68.48 -2.99 -9.02
CA ALA D 142 -68.15 -3.43 -10.36
C ALA D 142 -69.29 -3.10 -11.32
N SER D 143 -70.52 -3.16 -10.80
CA SER D 143 -71.73 -2.94 -11.59
C SER D 143 -71.79 -1.50 -12.07
N LYS D 144 -71.14 -0.57 -11.35
CA LYS D 144 -71.09 0.83 -11.77
C LYS D 144 -69.79 1.15 -12.49
N GLY D 145 -68.98 0.14 -12.81
CA GLY D 145 -67.71 0.38 -13.50
C GLY D 145 -66.63 0.94 -12.59
N ILE D 146 -66.73 0.72 -11.27
CA ILE D 146 -65.74 1.20 -10.29
C ILE D 146 -64.78 0.06 -9.91
N ALA D 147 -63.50 0.23 -10.26
CA ALA D 147 -62.44 -0.74 -9.96
C ALA D 147 -61.93 -0.57 -8.53
N VAL D 148 -61.70 -1.68 -7.81
CA VAL D 148 -61.24 -1.63 -6.43
C VAL D 148 -59.87 -2.28 -6.35
N PHE D 149 -58.94 -1.59 -5.68
CA PHE D 149 -57.57 -2.06 -5.53
C PHE D 149 -57.23 -2.14 -4.04
N ASN D 150 -56.29 -3.02 -3.71
CA ASN D 150 -55.86 -3.19 -2.33
C ASN D 150 -54.37 -3.47 -2.29
N SER D 151 -53.87 -3.75 -1.08
CA SER D 151 -52.48 -4.08 -0.88
C SER D 151 -52.37 -5.41 -0.14
N PRO D 152 -52.22 -6.53 -0.88
CA PRO D 152 -52.20 -7.84 -0.26
C PRO D 152 -50.89 -8.18 0.48
N PHE D 153 -49.72 -7.76 -0.07
CA PHE D 153 -48.43 -8.34 0.27
C PHE D 153 -47.43 -7.28 0.77
N SER D 154 -47.92 -6.14 1.25
CA SER D 154 -47.07 -5.04 1.64
C SER D 154 -46.50 -5.19 3.06
N ASN D 155 -47.04 -6.13 3.83
CA ASN D 155 -46.74 -6.30 5.26
C ASN D 155 -45.83 -7.50 5.50
N SER D 156 -45.23 -8.07 4.45
CA SER D 156 -44.55 -9.35 4.54
C SER D 156 -43.31 -9.24 5.43
N ARG D 157 -42.39 -8.33 5.11
CA ARG D 157 -41.19 -8.17 5.91
C ARG D 157 -41.54 -7.88 7.38
N SER D 158 -42.55 -7.05 7.66
CA SER D 158 -42.90 -6.67 9.02
C SER D 158 -43.33 -7.90 9.82
N VAL D 159 -44.09 -8.80 9.22
CA VAL D 159 -44.53 -10.01 9.91
C VAL D 159 -43.34 -10.98 10.10
N ALA D 160 -42.47 -11.13 9.10
CA ALA D 160 -41.33 -12.03 9.15
C ALA D 160 -40.39 -11.60 10.30
N GLU D 161 -40.17 -10.30 10.45
CA GLU D 161 -39.31 -9.80 11.51
C GLU D 161 -39.99 -9.98 12.86
N LEU D 162 -41.30 -9.78 12.93
CA LEU D 162 -42.00 -10.00 14.19
C LEU D 162 -41.74 -11.41 14.70
N VAL D 163 -41.79 -12.38 13.76
CA VAL D 163 -41.71 -13.77 14.12
C VAL D 163 -40.31 -14.09 14.61
N ILE D 164 -39.26 -13.62 13.89
CA ILE D 164 -37.89 -13.80 14.33
C ILE D 164 -37.75 -13.32 15.78
N GLY D 165 -38.39 -12.20 16.10
CA GLY D 165 -38.28 -11.61 17.44
C GLY D 165 -39.01 -12.43 18.49
N GLU D 166 -40.12 -13.05 18.11
CA GLU D 166 -40.92 -13.83 19.03
C GLU D 166 -40.29 -15.20 19.24
N ILE D 167 -39.65 -15.76 18.22
CA ILE D 167 -38.87 -16.98 18.35
C ILE D 167 -37.86 -16.79 19.49
N ILE D 168 -37.06 -15.71 19.40
CA ILE D 168 -36.02 -15.48 20.37
C ILE D 168 -36.64 -15.18 21.72
N SER D 169 -37.71 -14.39 21.72
CA SER D 169 -38.31 -13.94 22.96
C SER D 169 -38.90 -15.13 23.74
N LEU D 170 -39.48 -16.08 23.00
CA LEU D 170 -40.07 -17.27 23.60
C LEU D 170 -38.97 -18.23 24.09
N ALA D 171 -37.90 -18.35 23.28
CA ALA D 171 -36.76 -19.20 23.57
C ALA D 171 -36.12 -18.77 24.88
N ARG D 172 -36.27 -17.53 25.28
CA ARG D 172 -35.53 -17.06 26.47
C ARG D 172 -36.51 -16.47 27.49
N GLN D 173 -37.80 -16.68 27.29
CA GLN D 173 -38.81 -16.20 28.21
C GLN D 173 -38.65 -14.72 28.54
N LEU D 174 -38.31 -13.90 27.53
CA LEU D 174 -38.05 -12.48 27.76
C LEU D 174 -39.24 -11.78 28.38
N GLY D 175 -40.43 -12.04 27.81
CA GLY D 175 -41.62 -11.37 28.30
C GLY D 175 -41.83 -11.61 29.79
N ASP D 176 -41.61 -12.84 30.23
CA ASP D 176 -41.83 -13.24 31.61
C ASP D 176 -40.81 -12.57 32.53
N ARG D 177 -39.56 -12.50 32.06
CA ARG D 177 -38.48 -11.91 32.81
C ARG D 177 -38.79 -10.44 33.09
N SER D 178 -39.20 -9.73 32.05
CA SER D 178 -39.45 -8.30 32.11
C SER D 178 -40.65 -7.99 33.01
N ILE D 179 -41.72 -8.79 32.91
CA ILE D 179 -42.92 -8.58 33.73
C ILE D 179 -42.60 -8.76 35.21
N GLU D 180 -41.79 -9.79 35.51
CA GLU D 180 -41.29 -10.05 36.84
C GLU D 180 -40.56 -8.80 37.36
N LEU D 181 -39.56 -8.33 36.60
CA LEU D 181 -38.68 -7.27 37.05
C LEU D 181 -39.46 -5.97 37.24
N HIS D 182 -40.43 -5.72 36.34
CA HIS D 182 -41.29 -4.54 36.41
C HIS D 182 -42.15 -4.55 37.69
N THR D 183 -42.27 -5.70 38.37
CA THR D 183 -43.05 -5.77 39.60
C THR D 183 -42.12 -6.13 40.76
N GLY D 184 -40.81 -6.20 40.50
CA GLY D 184 -39.82 -6.32 41.56
C GLY D 184 -39.30 -7.75 41.79
N THR D 185 -39.64 -8.69 40.91
CA THR D 185 -39.17 -10.06 41.10
C THR D 185 -37.93 -10.33 40.25
N TRP D 186 -36.85 -10.77 40.92
CA TRP D 186 -35.62 -11.11 40.24
C TRP D 186 -35.57 -12.62 40.09
N ASN D 187 -35.65 -13.12 38.85
CA ASN D 187 -35.76 -14.56 38.65
C ASN D 187 -34.90 -15.01 37.46
N LYS D 188 -33.60 -15.21 37.74
CA LYS D 188 -32.66 -15.62 36.70
C LYS D 188 -32.82 -17.11 36.40
N VAL D 189 -33.06 -17.47 35.14
CA VAL D 189 -33.43 -18.81 34.72
C VAL D 189 -32.67 -19.15 33.43
N ALA D 190 -31.90 -20.26 33.44
CA ALA D 190 -31.31 -20.82 32.22
C ALA D 190 -32.03 -22.08 31.74
N ALA D 191 -32.84 -22.68 32.63
CA ALA D 191 -33.49 -23.98 32.44
C ALA D 191 -34.55 -23.88 31.35
N ARG D 192 -34.32 -24.59 30.25
CA ARG D 192 -35.33 -24.62 29.17
C ARG D 192 -35.29 -23.32 28.38
N CYS D 193 -34.23 -22.51 28.53
CA CYS D 193 -34.04 -21.37 27.67
C CYS D 193 -32.92 -21.72 26.68
N TRP D 194 -33.20 -21.39 25.43
CA TRP D 194 -32.31 -21.93 24.40
C TRP D 194 -31.70 -20.93 23.45
N GLU D 195 -30.57 -21.33 22.90
CA GLU D 195 -29.98 -20.56 21.81
C GLU D 195 -30.77 -21.08 20.63
N VAL D 196 -31.15 -20.22 19.72
CA VAL D 196 -32.02 -20.52 18.60
C VAL D 196 -31.15 -21.14 17.49
N ARG D 197 -29.83 -20.83 17.48
CA ARG D 197 -28.95 -21.50 16.55
C ARG D 197 -29.05 -23.00 16.75
N GLY D 198 -29.21 -23.75 15.65
CA GLY D 198 -29.28 -25.18 15.70
C GLY D 198 -30.70 -25.74 15.83
N LYS D 199 -31.64 -24.95 16.37
CA LYS D 199 -33.03 -25.38 16.47
C LYS D 199 -33.68 -25.43 15.09
N THR D 200 -34.87 -26.03 15.03
CA THR D 200 -35.58 -26.17 13.77
C THR D 200 -36.89 -25.39 13.79
N LEU D 201 -37.07 -24.59 12.74
CA LEU D 201 -38.29 -23.85 12.49
C LEU D 201 -39.14 -24.58 11.46
N GLY D 202 -40.39 -24.84 11.82
CA GLY D 202 -41.41 -25.39 10.92
C GLY D 202 -42.38 -24.31 10.45
N ILE D 203 -42.28 -23.96 9.15
CA ILE D 203 -43.14 -22.95 8.53
C ILE D 203 -44.31 -23.64 7.83
N ILE D 204 -45.52 -23.30 8.28
CA ILE D 204 -46.73 -23.79 7.64
C ILE D 204 -47.26 -22.69 6.71
N GLY D 205 -47.07 -22.89 5.39
CA GLY D 205 -47.43 -21.91 4.40
C GLY D 205 -46.20 -21.15 3.94
N TYR D 206 -45.59 -21.61 2.83
CA TYR D 206 -44.37 -21.03 2.29
C TYR D 206 -44.69 -20.01 1.19
N GLY D 207 -45.43 -18.97 1.60
CA GLY D 207 -45.88 -17.90 0.74
C GLY D 207 -44.96 -16.69 0.77
N HIS D 208 -45.55 -15.50 0.71
CA HIS D 208 -44.76 -14.25 0.70
C HIS D 208 -44.06 -14.11 2.06
N ILE D 209 -44.80 -14.30 3.14
CA ILE D 209 -44.25 -14.19 4.47
C ILE D 209 -43.38 -15.40 4.79
N GLY D 210 -43.90 -16.60 4.58
CA GLY D 210 -43.18 -17.82 4.91
C GLY D 210 -41.79 -17.87 4.24
N SER D 211 -41.68 -17.46 2.97
CA SER D 211 -40.42 -17.60 2.23
C SER D 211 -39.41 -16.54 2.68
N GLN D 212 -39.92 -15.37 3.07
CA GLN D 212 -39.10 -14.29 3.60
C GLN D 212 -38.57 -14.70 4.98
N LEU D 213 -39.46 -15.24 5.84
CA LEU D 213 -39.10 -15.71 7.16
C LEU D 213 -38.03 -16.80 7.06
N SER D 214 -38.16 -17.67 6.04
CA SER D 214 -37.23 -18.75 5.81
C SER D 214 -35.80 -18.22 5.75
N VAL D 215 -35.56 -17.14 5.01
CA VAL D 215 -34.21 -16.66 4.76
C VAL D 215 -33.60 -16.05 6.03
N LEU D 216 -34.43 -15.30 6.77
CA LEU D 216 -34.07 -14.71 8.05
C LEU D 216 -33.72 -15.81 9.06
N ALA D 217 -34.60 -16.82 9.15
CA ALA D 217 -34.42 -17.91 10.09
C ALA D 217 -33.13 -18.66 9.83
N GLU D 218 -32.77 -18.91 8.55
CA GLU D 218 -31.51 -19.57 8.24
C GLU D 218 -30.31 -18.72 8.66
N ALA D 219 -30.42 -17.41 8.44
CA ALA D 219 -29.39 -16.46 8.85
C ALA D 219 -29.21 -16.44 10.38
N MET D 220 -30.29 -16.66 11.16
CA MET D 220 -30.18 -16.80 12.60
C MET D 220 -29.78 -18.21 13.03
N GLY D 221 -29.49 -19.09 12.04
CA GLY D 221 -28.91 -20.40 12.27
C GLY D 221 -29.92 -21.51 12.60
N LEU D 222 -31.22 -21.30 12.24
CA LEU D 222 -32.23 -22.35 12.34
C LEU D 222 -32.25 -23.15 11.05
N HIS D 223 -32.63 -24.42 11.25
CA HIS D 223 -32.90 -25.30 10.11
C HIS D 223 -34.38 -25.07 9.82
N VAL D 224 -34.76 -24.99 8.56
CA VAL D 224 -36.11 -24.65 8.19
C VAL D 224 -36.72 -25.81 7.42
N LEU D 225 -37.86 -26.30 7.94
CA LEU D 225 -38.76 -27.19 7.24
C LEU D 225 -40.00 -26.40 6.89
N TYR D 226 -40.67 -26.74 5.79
CA TYR D 226 -41.99 -26.17 5.55
C TYR D 226 -42.97 -27.20 5.00
N TYR D 227 -44.24 -27.00 5.39
CA TYR D 227 -45.37 -27.73 4.86
C TYR D 227 -46.24 -26.77 4.05
N ASP D 228 -46.54 -27.15 2.80
CA ASP D 228 -47.49 -26.40 1.98
C ASP D 228 -48.35 -27.40 1.22
N ILE D 229 -49.52 -26.96 0.73
CA ILE D 229 -50.41 -27.81 -0.04
C ILE D 229 -49.96 -27.86 -1.51
N VAL D 230 -48.88 -27.15 -1.84
CA VAL D 230 -48.37 -27.08 -3.18
C VAL D 230 -46.87 -27.36 -3.10
N THR D 231 -46.31 -27.91 -4.18
CA THR D 231 -44.86 -28.05 -4.30
C THR D 231 -44.25 -26.70 -4.62
N ILE D 232 -43.34 -26.23 -3.75
CA ILE D 232 -42.77 -24.90 -3.85
C ILE D 232 -41.25 -25.06 -3.79
N MET D 233 -40.54 -24.42 -4.73
CA MET D 233 -39.08 -24.38 -4.75
C MET D 233 -38.57 -23.66 -3.49
N ALA D 234 -37.68 -24.33 -2.75
CA ALA D 234 -37.16 -23.78 -1.50
C ALA D 234 -36.21 -22.61 -1.79
N LEU D 235 -36.18 -21.63 -0.87
CA LEU D 235 -35.10 -20.66 -0.78
C LEU D 235 -34.01 -21.21 0.13
N GLY D 236 -32.76 -21.10 -0.31
CA GLY D 236 -31.63 -21.46 0.54
C GLY D 236 -31.58 -22.96 0.74
N THR D 237 -31.52 -23.40 1.99
CA THR D 237 -31.45 -24.81 2.33
C THR D 237 -32.65 -25.23 3.18
N ALA D 238 -33.82 -24.58 2.99
CA ALA D 238 -35.06 -25.06 3.55
C ALA D 238 -35.51 -26.34 2.82
N ARG D 239 -36.26 -27.18 3.53
CA ARG D 239 -36.69 -28.48 3.03
C ARG D 239 -38.21 -28.55 3.14
N GLN D 240 -38.88 -28.86 2.01
CA GLN D 240 -40.31 -29.15 2.01
C GLN D 240 -40.53 -30.57 2.53
N VAL D 241 -41.44 -30.70 3.51
CA VAL D 241 -41.88 -31.98 4.05
C VAL D 241 -43.28 -32.29 3.50
N SER D 242 -43.56 -33.58 3.24
CA SER D 242 -44.75 -33.98 2.53
C SER D 242 -45.98 -34.01 3.45
N THR D 243 -45.79 -34.17 4.77
CA THR D 243 -46.90 -34.15 5.70
C THR D 243 -46.66 -33.13 6.82
N LEU D 244 -47.75 -32.64 7.39
CA LEU D 244 -47.65 -31.65 8.50
C LEU D 244 -47.11 -32.35 9.74
N ASP D 245 -47.39 -33.64 9.88
CA ASP D 245 -46.99 -34.34 11.13
C ASP D 245 -45.47 -34.51 11.14
N GLU D 246 -44.84 -34.65 9.96
CA GLU D 246 -43.36 -34.68 9.92
C GLU D 246 -42.88 -33.33 10.44
N LEU D 247 -43.47 -32.25 9.93
CA LEU D 247 -43.11 -30.92 10.37
C LEU D 247 -43.35 -30.78 11.88
N LEU D 248 -44.51 -31.17 12.41
CA LEU D 248 -44.79 -31.02 13.83
C LEU D 248 -43.85 -31.86 14.67
N ASN D 249 -43.50 -33.05 14.17
CA ASN D 249 -42.62 -33.97 14.87
C ASN D 249 -41.19 -33.45 15.01
N LYS D 250 -40.70 -32.77 13.96
CA LYS D 250 -39.29 -32.41 13.81
C LYS D 250 -38.99 -30.94 14.11
N SER D 251 -39.98 -30.13 14.47
CA SER D 251 -39.78 -28.71 14.65
C SER D 251 -39.77 -28.37 16.14
N ASP D 252 -38.95 -27.37 16.48
CA ASP D 252 -38.87 -26.81 17.83
C ASP D 252 -39.83 -25.64 17.94
N PHE D 253 -39.85 -24.83 16.88
CA PHE D 253 -40.78 -23.72 16.70
C PHE D 253 -41.69 -23.99 15.51
N VAL D 254 -43.00 -23.87 15.72
CA VAL D 254 -43.95 -23.99 14.61
C VAL D 254 -44.67 -22.66 14.40
N THR D 255 -44.66 -22.16 13.17
CA THR D 255 -45.27 -20.88 12.86
C THR D 255 -46.17 -20.99 11.63
N LEU D 256 -47.29 -20.23 11.65
CA LEU D 256 -48.35 -20.31 10.65
C LEU D 256 -48.40 -19.06 9.77
N HIS D 257 -48.34 -19.27 8.44
CA HIS D 257 -48.42 -18.20 7.44
C HIS D 257 -49.34 -18.59 6.29
N VAL D 258 -50.57 -18.99 6.66
CA VAL D 258 -51.57 -19.53 5.74
C VAL D 258 -52.75 -18.56 5.60
N PRO D 259 -53.53 -18.66 4.49
CA PRO D 259 -54.83 -17.96 4.38
C PRO D 259 -55.91 -18.57 5.28
N ALA D 260 -57.03 -17.84 5.46
CA ALA D 260 -58.23 -18.39 6.09
C ALA D 260 -59.07 -19.12 5.04
N THR D 261 -59.00 -20.47 5.05
CA THR D 261 -59.80 -21.34 4.21
C THR D 261 -60.52 -22.27 5.18
N PRO D 262 -61.47 -23.11 4.70
CA PRO D 262 -62.05 -24.14 5.57
C PRO D 262 -61.04 -25.20 6.02
N GLU D 263 -59.95 -25.39 5.23
CA GLU D 263 -58.88 -26.35 5.54
C GLU D 263 -57.92 -25.86 6.62
N THR D 264 -57.69 -24.53 6.68
CA THR D 264 -56.87 -23.94 7.72
C THR D 264 -57.67 -23.66 8.99
N GLU D 265 -58.98 -23.57 8.88
CA GLU D 265 -59.83 -23.39 10.06
C GLU D 265 -59.44 -24.44 11.10
N LYS D 266 -58.90 -23.97 12.22
CA LYS D 266 -58.51 -24.78 13.37
C LYS D 266 -57.55 -25.92 12.99
N MET D 267 -56.64 -25.67 12.04
CA MET D 267 -55.74 -26.71 11.56
C MET D 267 -54.68 -27.08 12.62
N LEU D 268 -54.38 -26.20 13.59
CA LEU D 268 -53.66 -26.62 14.79
C LEU D 268 -54.62 -26.78 15.97
N SER D 269 -54.92 -28.04 16.31
CA SER D 269 -55.76 -28.35 17.45
C SER D 269 -55.10 -29.45 18.29
N ALA D 270 -55.80 -29.99 19.29
CA ALA D 270 -55.26 -30.95 20.25
C ALA D 270 -54.39 -32.04 19.59
N PRO D 271 -54.79 -32.68 18.45
CA PRO D 271 -54.00 -33.75 17.85
C PRO D 271 -52.68 -33.29 17.24
N GLN D 272 -52.65 -32.06 16.77
CA GLN D 272 -51.44 -31.46 16.23
C GLN D 272 -50.45 -31.11 17.35
N PHE D 273 -50.94 -30.64 18.50
CA PHE D 273 -50.11 -30.35 19.66
C PHE D 273 -49.55 -31.64 20.25
N ALA D 274 -50.28 -32.76 20.15
CA ALA D 274 -49.76 -34.04 20.59
C ALA D 274 -48.64 -34.53 19.65
N ALA D 275 -48.64 -34.11 18.37
CA ALA D 275 -47.66 -34.53 17.36
C ALA D 275 -46.36 -33.72 17.46
N MET D 276 -46.42 -32.63 18.24
CA MET D 276 -45.30 -31.70 18.38
C MET D 276 -44.36 -32.21 19.48
N LYS D 277 -43.17 -31.63 19.60
CA LYS D 277 -42.22 -32.04 20.64
C LYS D 277 -42.61 -31.47 22.01
N ASP D 278 -42.23 -32.19 23.06
CA ASP D 278 -42.32 -31.67 24.41
C ASP D 278 -41.47 -30.40 24.53
N GLY D 279 -42.07 -29.35 25.08
CA GLY D 279 -41.45 -28.05 25.18
C GLY D 279 -41.21 -27.35 23.83
N ALA D 280 -42.04 -27.60 22.82
CA ALA D 280 -41.98 -26.84 21.57
C ALA D 280 -42.85 -25.60 21.67
N TYR D 281 -42.81 -24.79 20.61
CA TYR D 281 -43.39 -23.46 20.65
C TYR D 281 -44.26 -23.24 19.43
N VAL D 282 -45.30 -22.43 19.63
CA VAL D 282 -46.32 -22.19 18.62
C VAL D 282 -46.45 -20.69 18.37
N ILE D 283 -46.39 -20.32 17.08
CA ILE D 283 -46.53 -18.93 16.70
C ILE D 283 -47.58 -18.77 15.61
N ASN D 284 -48.54 -17.89 15.88
CA ASN D 284 -49.60 -17.60 14.94
C ASN D 284 -49.74 -16.10 14.75
N ALA D 285 -49.12 -15.59 13.68
CA ALA D 285 -49.45 -14.28 13.12
C ALA D 285 -50.09 -14.39 11.72
N SER D 286 -50.89 -15.46 11.47
CA SER D 286 -51.61 -15.59 10.19
C SER D 286 -53.04 -15.07 10.39
N ARG D 287 -53.96 -15.94 10.80
CA ARG D 287 -55.38 -15.62 10.92
C ARG D 287 -55.95 -16.12 12.25
N GLY D 288 -56.95 -15.41 12.78
CA GLY D 288 -57.46 -15.63 14.13
C GLY D 288 -58.16 -16.96 14.31
N THR D 289 -58.42 -17.69 13.23
CA THR D 289 -59.24 -18.92 13.26
C THR D 289 -58.42 -20.20 13.19
N VAL D 290 -57.14 -20.05 12.79
CA VAL D 290 -56.29 -21.14 12.36
C VAL D 290 -55.82 -21.99 13.55
N VAL D 291 -55.86 -21.44 14.77
CA VAL D 291 -55.46 -22.18 15.96
C VAL D 291 -56.68 -22.37 16.85
N ASP D 292 -56.84 -23.59 17.37
CA ASP D 292 -57.80 -23.83 18.43
C ASP D 292 -57.15 -23.46 19.77
N ILE D 293 -57.60 -22.34 20.35
CA ILE D 293 -56.95 -21.74 21.51
C ILE D 293 -57.23 -22.59 22.74
N PRO D 294 -58.46 -23.06 23.02
CA PRO D 294 -58.71 -23.91 24.19
C PRO D 294 -57.77 -25.11 24.29
N SER D 295 -57.36 -25.65 23.12
CA SER D 295 -56.47 -26.79 23.02
C SER D 295 -55.02 -26.37 23.23
N LEU D 296 -54.65 -25.18 22.76
CA LEU D 296 -53.34 -24.64 23.04
C LEU D 296 -53.16 -24.38 24.54
N ILE D 297 -54.14 -23.72 25.17
CA ILE D 297 -54.17 -23.47 26.60
C ILE D 297 -53.93 -24.77 27.37
N GLN D 298 -54.55 -25.85 26.86
CA GLN D 298 -54.53 -27.11 27.57
C GLN D 298 -53.15 -27.76 27.37
N ALA D 299 -52.56 -27.62 26.18
CA ALA D 299 -51.25 -28.16 25.85
C ALA D 299 -50.16 -27.45 26.67
N VAL D 300 -50.31 -26.13 26.86
CA VAL D 300 -49.38 -25.38 27.68
C VAL D 300 -49.53 -25.85 29.13
N LYS D 301 -50.77 -25.94 29.63
CA LYS D 301 -51.01 -26.34 31.02
C LYS D 301 -50.45 -27.73 31.33
N ALA D 302 -50.40 -28.61 30.31
CA ALA D 302 -49.87 -29.95 30.46
C ALA D 302 -48.34 -29.99 30.28
N ASN D 303 -47.72 -28.83 30.06
CA ASN D 303 -46.28 -28.69 29.84
C ASN D 303 -45.86 -29.38 28.56
N LYS D 304 -46.79 -29.58 27.64
CA LYS D 304 -46.43 -30.10 26.33
C LYS D 304 -45.82 -28.99 25.48
N ILE D 305 -46.48 -27.82 25.49
CA ILE D 305 -46.05 -26.64 24.74
C ILE D 305 -45.43 -25.70 25.76
N ALA D 306 -44.22 -25.23 25.43
CA ALA D 306 -43.39 -24.47 26.36
C ALA D 306 -43.73 -22.98 26.27
N GLY D 307 -44.20 -22.51 25.11
CA GLY D 307 -44.69 -21.15 25.00
C GLY D 307 -45.39 -20.93 23.66
N ALA D 308 -46.01 -19.74 23.55
CA ALA D 308 -46.73 -19.39 22.34
C ALA D 308 -46.78 -17.88 22.17
N ALA D 309 -46.82 -17.46 20.90
CA ALA D 309 -47.09 -16.08 20.56
C ALA D 309 -48.24 -15.99 19.57
N LEU D 310 -49.24 -15.17 19.94
CA LEU D 310 -50.43 -14.96 19.14
C LEU D 310 -50.55 -13.49 18.76
N ASP D 311 -50.69 -13.21 17.46
CA ASP D 311 -50.96 -11.86 16.99
C ASP D 311 -52.44 -11.68 16.63
N VAL D 312 -53.18 -12.80 16.48
CA VAL D 312 -54.50 -12.79 15.88
C VAL D 312 -55.40 -13.68 16.69
N TYR D 313 -56.69 -13.33 16.79
CA TYR D 313 -57.62 -14.06 17.62
C TYR D 313 -58.94 -14.28 16.89
N PRO D 314 -59.78 -15.25 17.32
CA PRO D 314 -61.09 -15.45 16.69
C PRO D 314 -61.94 -14.18 16.71
N HIS D 315 -61.95 -13.52 17.87
CA HIS D 315 -62.66 -12.23 18.01
C HIS D 315 -61.69 -11.12 18.46
N GLU D 316 -61.62 -10.03 17.72
CA GLU D 316 -60.80 -8.85 17.98
C GLU D 316 -61.67 -7.62 18.16
N PRO D 317 -61.34 -6.65 19.05
CA PRO D 317 -62.14 -5.45 19.19
C PRO D 317 -62.14 -4.62 17.89
N ALA D 318 -63.15 -3.77 17.70
CA ALA D 318 -63.27 -2.92 16.53
C ALA D 318 -62.33 -1.71 16.62
N LYS D 319 -62.04 -1.30 17.85
CA LYS D 319 -61.27 -0.11 18.18
C LYS D 319 -60.30 -0.41 19.33
N ASN D 320 -59.27 0.43 19.49
CA ASN D 320 -58.41 0.39 20.66
C ASN D 320 -59.21 0.82 21.90
N GLY D 321 -58.90 0.23 23.05
CA GLY D 321 -59.56 0.58 24.30
C GLY D 321 -59.05 -0.26 25.47
N GLU D 322 -59.49 0.06 26.68
CA GLU D 322 -58.79 -0.34 27.89
C GLU D 322 -59.30 -1.67 28.48
N GLY D 323 -60.57 -1.99 28.31
CA GLY D 323 -61.08 -3.28 28.76
C GLY D 323 -61.58 -4.12 27.58
N SER D 324 -60.96 -3.93 26.40
CA SER D 324 -61.44 -4.49 25.14
C SER D 324 -61.17 -5.99 25.01
N PHE D 325 -60.04 -6.46 25.58
CA PHE D 325 -59.60 -7.85 25.46
C PHE D 325 -59.93 -8.59 26.75
N ASN D 326 -61.07 -9.31 26.77
CA ASN D 326 -61.58 -9.90 27.99
C ASN D 326 -62.50 -11.08 27.66
N ASP D 327 -63.06 -11.69 28.72
CA ASP D 327 -63.87 -12.91 28.65
C ASP D 327 -65.13 -12.72 27.80
N GLU D 328 -65.62 -11.48 27.65
CA GLU D 328 -66.79 -11.22 26.83
C GLU D 328 -66.43 -11.26 25.35
N LEU D 329 -65.16 -11.08 24.99
CA LEU D 329 -64.77 -11.08 23.59
C LEU D 329 -64.36 -12.49 23.13
N ASN D 330 -63.50 -13.13 23.95
CA ASN D 330 -63.11 -14.52 23.83
C ASN D 330 -63.10 -15.11 25.24
N SER D 331 -63.85 -16.18 25.49
CA SER D 331 -64.16 -16.63 26.85
C SER D 331 -62.93 -17.18 27.58
N TRP D 332 -61.92 -17.61 26.83
CA TRP D 332 -60.74 -18.21 27.45
C TRP D 332 -59.68 -17.17 27.78
N THR D 333 -60.04 -15.87 27.73
CA THR D 333 -59.06 -14.81 27.91
C THR D 333 -58.42 -14.90 29.30
N SER D 334 -59.20 -14.95 30.39
CA SER D 334 -58.64 -14.98 31.73
C SER D 334 -57.71 -16.18 31.97
N GLU D 335 -57.97 -17.29 31.26
CA GLU D 335 -57.17 -18.50 31.35
C GLU D 335 -55.84 -18.28 30.63
N LEU D 336 -55.94 -17.75 29.42
CA LEU D 336 -54.81 -17.53 28.53
C LEU D 336 -53.75 -16.60 29.15
N VAL D 337 -54.24 -15.55 29.80
CA VAL D 337 -53.45 -14.48 30.39
C VAL D 337 -52.66 -14.95 31.61
N SER D 338 -53.19 -15.98 32.30
CA SER D 338 -52.60 -16.46 33.54
C SER D 338 -51.49 -17.48 33.27
N LEU D 339 -51.12 -17.71 32.00
CA LEU D 339 -50.14 -18.74 31.65
C LEU D 339 -48.74 -18.17 31.46
N PRO D 340 -47.70 -18.95 31.78
CA PRO D 340 -46.32 -18.56 31.49
C PRO D 340 -45.93 -18.68 30.02
N ASN D 341 -45.04 -17.78 29.62
CA ASN D 341 -44.37 -17.71 28.33
C ASN D 341 -45.39 -17.61 27.21
N ILE D 342 -46.40 -16.76 27.42
CA ILE D 342 -47.35 -16.41 26.37
C ILE D 342 -47.16 -14.95 25.97
N ILE D 343 -46.78 -14.73 24.71
CA ILE D 343 -46.75 -13.40 24.09
C ILE D 343 -48.06 -13.14 23.33
N LEU D 344 -48.74 -12.07 23.71
CA LEU D 344 -49.97 -11.63 23.07
C LEU D 344 -49.75 -10.26 22.44
N THR D 345 -50.06 -10.13 21.14
CA THR D 345 -49.97 -8.85 20.45
C THR D 345 -51.32 -8.55 19.79
N PRO D 346 -51.73 -7.27 19.69
CA PRO D 346 -53.02 -6.91 19.09
C PRO D 346 -52.95 -6.65 17.60
N HIS D 347 -52.72 -7.71 16.83
CA HIS D 347 -52.71 -7.61 15.35
C HIS D 347 -51.74 -6.52 14.90
N ILE D 348 -50.51 -6.64 15.34
CA ILE D 348 -49.50 -5.65 14.98
C ILE D 348 -48.51 -6.24 13.96
N GLY D 349 -48.82 -7.39 13.37
CA GLY D 349 -47.94 -8.03 12.40
C GLY D 349 -47.42 -7.09 11.31
N GLY D 350 -48.34 -6.27 10.77
CA GLY D 350 -48.02 -5.29 9.74
C GLY D 350 -47.97 -3.83 10.22
N SER D 351 -48.08 -3.59 11.54
CA SER D 351 -48.12 -2.25 12.11
C SER D 351 -46.71 -1.65 12.25
N THR D 352 -46.10 -1.29 11.12
CA THR D 352 -44.89 -0.49 11.12
C THR D 352 -45.05 0.73 10.20
N GLU D 353 -44.16 1.69 10.40
CA GLU D 353 -44.08 2.85 9.53
C GLU D 353 -43.70 2.41 8.12
N GLU D 354 -42.85 1.38 7.98
CA GLU D 354 -42.37 1.00 6.66
C GLU D 354 -43.49 0.34 5.87
N ALA D 355 -44.29 -0.46 6.56
CA ALA D 355 -45.39 -1.17 5.93
C ALA D 355 -46.48 -0.17 5.53
N GLN D 356 -46.91 0.71 6.43
CA GLN D 356 -47.90 1.74 6.14
C GLN D 356 -47.46 2.62 4.97
N SER D 357 -46.15 2.85 4.88
CA SER D 357 -45.57 3.66 3.84
C SER D 357 -45.55 2.90 2.50
N SER D 358 -45.29 1.61 2.52
CA SER D 358 -45.27 0.80 1.30
C SER D 358 -46.67 0.62 0.72
N ILE D 359 -47.69 0.48 1.59
CA ILE D 359 -49.09 0.41 1.20
C ILE D 359 -49.44 1.72 0.49
N GLY D 360 -49.14 2.85 1.13
CA GLY D 360 -49.24 4.15 0.51
C GLY D 360 -48.79 4.13 -0.96
N ILE D 361 -47.58 3.64 -1.21
CA ILE D 361 -46.95 3.69 -2.52
C ILE D 361 -47.63 2.68 -3.47
N GLU D 362 -47.95 1.48 -2.98
CA GLU D 362 -48.45 0.42 -3.83
C GLU D 362 -49.81 0.80 -4.40
N VAL D 363 -50.71 1.27 -3.52
CA VAL D 363 -52.10 1.48 -3.83
C VAL D 363 -52.25 2.81 -4.58
N ALA D 364 -51.56 3.86 -4.14
CA ALA D 364 -51.57 5.12 -4.86
C ALA D 364 -50.99 4.95 -6.27
N THR D 365 -49.99 4.09 -6.43
CA THR D 365 -49.43 3.86 -7.76
C THR D 365 -50.44 3.09 -8.59
N ALA D 366 -51.14 2.15 -7.96
CA ALA D 366 -52.12 1.35 -8.67
C ALA D 366 -53.28 2.23 -9.17
N LEU D 367 -53.87 3.05 -8.28
CA LEU D 367 -54.96 3.93 -8.65
C LEU D 367 -54.50 4.86 -9.76
N SER D 368 -53.26 5.34 -9.65
CA SER D 368 -52.69 6.30 -10.58
C SER D 368 -52.51 5.66 -11.95
N LYS D 369 -52.00 4.44 -12.04
CA LYS D 369 -51.88 3.78 -13.33
C LYS D 369 -53.26 3.45 -13.91
N TYR D 370 -54.29 3.26 -13.07
CA TYR D 370 -55.64 2.97 -13.55
C TYR D 370 -56.22 4.26 -14.16
N ILE D 371 -56.04 5.38 -13.45
CA ILE D 371 -56.53 6.67 -13.89
C ILE D 371 -55.78 7.11 -15.15
N ASN D 372 -54.44 7.04 -15.16
CA ASN D 372 -53.64 7.63 -16.23
C ASN D 372 -53.54 6.69 -17.43
N GLU D 373 -53.69 5.37 -17.26
CA GLU D 373 -53.43 4.44 -18.35
C GLU D 373 -54.50 3.37 -18.50
N GLY D 374 -55.46 3.33 -17.56
CA GLY D 374 -56.56 2.38 -17.61
C GLY D 374 -56.23 0.98 -17.11
N ASN D 375 -55.02 0.80 -16.56
CA ASN D 375 -54.49 -0.48 -16.12
C ASN D 375 -55.19 -1.00 -14.86
N SER D 376 -55.86 -2.16 -14.95
CA SER D 376 -56.70 -2.68 -13.88
C SER D 376 -56.13 -3.98 -13.30
N VAL D 377 -54.87 -4.28 -13.64
CA VAL D 377 -54.16 -5.46 -13.13
C VAL D 377 -54.02 -5.34 -11.61
N GLY D 378 -54.39 -6.40 -10.89
CA GLY D 378 -54.40 -6.35 -9.43
C GLY D 378 -55.69 -5.83 -8.83
N SER D 379 -56.62 -5.44 -9.69
CA SER D 379 -57.94 -5.08 -9.22
C SER D 379 -58.57 -6.33 -8.58
N VAL D 380 -59.34 -6.14 -7.50
CA VAL D 380 -59.98 -7.27 -6.82
C VAL D 380 -61.41 -7.54 -7.30
N ASN D 381 -62.07 -6.64 -8.07
CA ASN D 381 -63.46 -6.83 -8.42
C ASN D 381 -63.69 -6.57 -9.91
N PHE D 382 -62.64 -6.63 -10.72
CA PHE D 382 -62.67 -6.09 -12.06
C PHE D 382 -61.88 -6.99 -12.98
N PRO D 383 -62.16 -7.01 -14.30
CA PRO D 383 -61.29 -7.70 -15.24
C PRO D 383 -59.92 -7.03 -15.18
N GLU D 384 -58.88 -7.83 -15.37
CA GLU D 384 -57.52 -7.36 -15.28
C GLU D 384 -56.98 -7.15 -16.69
N VAL D 385 -56.89 -5.87 -17.07
CA VAL D 385 -56.59 -5.48 -18.44
C VAL D 385 -55.51 -4.39 -18.38
N SER D 386 -54.57 -4.49 -19.31
CA SER D 386 -53.58 -3.45 -19.48
C SER D 386 -52.96 -3.60 -20.86
N LEU D 387 -52.29 -2.54 -21.32
CA LEU D 387 -51.65 -2.51 -22.63
C LEU D 387 -50.33 -1.77 -22.44
N LYS D 388 -49.31 -2.12 -23.24
CA LYS D 388 -48.07 -1.38 -23.22
C LYS D 388 -48.36 0.10 -23.47
N SER D 389 -47.67 0.98 -22.72
CA SER D 389 -47.69 2.41 -22.89
C SER D 389 -47.41 2.82 -24.33
N LEU D 390 -48.07 3.90 -24.75
CA LEU D 390 -47.76 4.53 -26.01
C LEU D 390 -46.46 5.33 -25.84
N ASP D 391 -45.63 5.37 -26.88
CA ASP D 391 -44.45 6.21 -26.90
C ASP D 391 -44.83 7.69 -26.93
N TYR D 392 -43.91 8.53 -26.42
CA TYR D 392 -43.96 9.99 -26.49
C TYR D 392 -44.36 10.44 -27.90
N ASP D 393 -43.73 9.85 -28.93
CA ASP D 393 -43.78 10.34 -30.30
C ASP D 393 -44.93 9.74 -31.11
N GLN D 394 -45.79 8.91 -30.51
CA GLN D 394 -46.99 8.44 -31.18
C GLN D 394 -48.05 9.55 -31.10
N GLU D 395 -47.93 10.50 -32.04
CA GLU D 395 -48.88 11.59 -32.17
C GLU D 395 -50.17 11.04 -32.75
N ASN D 396 -51.30 11.55 -32.23
CA ASN D 396 -52.64 11.36 -32.76
C ASN D 396 -53.22 10.00 -32.35
N THR D 397 -52.67 9.35 -31.31
CA THR D 397 -53.21 8.09 -30.85
C THR D 397 -54.06 8.33 -29.61
N VAL D 398 -55.22 7.68 -29.56
CA VAL D 398 -56.10 7.74 -28.41
C VAL D 398 -56.24 6.34 -27.81
N ARG D 399 -56.50 6.30 -26.51
CA ARG D 399 -56.79 5.06 -25.85
C ARG D 399 -58.25 5.10 -25.39
N VAL D 400 -59.02 4.08 -25.81
CA VAL D 400 -60.41 3.95 -25.46
C VAL D 400 -60.50 3.02 -24.26
N LEU D 401 -61.18 3.47 -23.20
CA LEU D 401 -61.45 2.67 -22.02
C LEU D 401 -62.95 2.50 -21.86
N TYR D 402 -63.46 1.33 -22.27
CA TYR D 402 -64.91 1.08 -22.38
C TYR D 402 -65.34 -0.02 -21.43
N ILE D 403 -66.02 0.37 -20.33
CA ILE D 403 -66.59 -0.57 -19.38
C ILE D 403 -68.05 -0.79 -19.74
N HIS D 404 -68.40 -2.06 -19.89
CA HIS D 404 -69.74 -2.38 -20.41
C HIS D 404 -70.33 -3.66 -19.83
N ARG D 405 -71.56 -3.96 -20.25
CA ARG D 405 -72.25 -5.19 -19.79
C ARG D 405 -71.76 -6.38 -20.63
N ASN D 406 -71.44 -7.47 -19.96
CA ASN D 406 -70.87 -8.67 -20.58
C ASN D 406 -71.96 -9.45 -21.31
N VAL D 407 -72.44 -8.92 -22.44
CA VAL D 407 -73.49 -9.54 -23.21
C VAL D 407 -73.01 -9.60 -24.66
N PRO D 408 -73.55 -10.47 -25.53
CA PRO D 408 -73.16 -10.48 -26.94
C PRO D 408 -73.40 -9.15 -27.65
N GLY D 409 -72.55 -8.88 -28.66
CA GLY D 409 -72.81 -7.85 -29.65
C GLY D 409 -72.17 -6.51 -29.31
N VAL D 410 -71.37 -6.45 -28.24
CA VAL D 410 -70.88 -5.17 -27.77
C VAL D 410 -69.58 -4.83 -28.52
N LEU D 411 -68.70 -5.80 -28.75
CA LEU D 411 -67.49 -5.52 -29.53
C LEU D 411 -67.86 -5.23 -30.99
N LYS D 412 -68.93 -5.84 -31.49
CA LYS D 412 -69.47 -5.49 -32.81
C LYS D 412 -69.79 -3.99 -32.92
N THR D 413 -70.54 -3.48 -31.94
CA THR D 413 -70.91 -2.08 -31.83
C THR D 413 -69.68 -1.19 -31.75
N VAL D 414 -68.78 -1.51 -30.81
CA VAL D 414 -67.62 -0.67 -30.52
C VAL D 414 -66.67 -0.66 -31.70
N ASN D 415 -66.37 -1.82 -32.28
CA ASN D 415 -65.37 -1.89 -33.33
C ASN D 415 -65.89 -1.31 -34.63
N ASP D 416 -67.23 -1.18 -34.74
CA ASP D 416 -67.89 -0.45 -35.82
C ASP D 416 -67.65 1.06 -35.70
N ILE D 417 -68.03 1.63 -34.54
CA ILE D 417 -67.73 3.01 -34.19
C ILE D 417 -66.26 3.38 -34.47
N LEU D 418 -65.30 2.45 -34.30
CA LEU D 418 -63.89 2.80 -34.42
C LEU D 418 -63.32 2.42 -35.79
N SER D 419 -64.16 2.08 -36.77
CA SER D 419 -63.68 1.32 -37.92
C SER D 419 -63.04 2.20 -38.99
N ASP D 420 -63.16 3.52 -38.82
CA ASP D 420 -62.49 4.49 -39.69
C ASP D 420 -61.01 4.60 -39.30
N HIS D 421 -60.68 4.13 -38.11
CA HIS D 421 -59.29 4.26 -37.64
C HIS D 421 -58.66 2.90 -37.42
N ASN D 422 -57.37 2.78 -37.71
CA ASN D 422 -56.61 1.57 -37.44
C ASN D 422 -56.53 1.35 -35.93
N ILE D 423 -56.89 0.14 -35.50
CA ILE D 423 -56.69 -0.25 -34.11
C ILE D 423 -55.38 -0.99 -34.04
N GLU D 424 -54.45 -0.41 -33.27
CA GLU D 424 -53.09 -0.92 -33.14
C GLU D 424 -53.15 -2.16 -32.24
N LYS D 425 -53.94 -2.06 -31.16
CA LYS D 425 -54.18 -3.20 -30.32
C LYS D 425 -55.39 -2.96 -29.44
N GLN D 426 -55.87 -4.06 -28.86
CA GLN D 426 -57.14 -4.07 -28.16
C GLN D 426 -57.15 -5.28 -27.24
N PHE D 427 -57.72 -5.08 -26.05
CA PHE D 427 -57.85 -6.15 -25.09
C PHE D 427 -59.14 -5.90 -24.33
N SER D 428 -60.02 -6.91 -24.38
CA SER D 428 -61.22 -6.97 -23.57
C SER D 428 -61.16 -8.21 -22.69
N ASP D 429 -61.66 -8.10 -21.45
CA ASP D 429 -61.89 -9.26 -20.58
C ASP D 429 -63.14 -9.03 -19.75
N SER D 430 -63.73 -10.12 -19.23
CA SER D 430 -64.98 -10.09 -18.48
C SER D 430 -64.79 -10.60 -17.05
N HIS D 431 -65.68 -10.16 -16.17
CA HIS D 431 -65.68 -10.59 -14.75
C HIS D 431 -67.11 -10.49 -14.25
N GLY D 432 -67.85 -11.59 -14.29
CA GLY D 432 -69.26 -11.56 -13.95
C GLY D 432 -70.05 -10.87 -15.07
N GLU D 433 -70.86 -9.90 -14.66
CA GLU D 433 -71.79 -9.22 -15.54
C GLU D 433 -71.14 -8.03 -16.22
N ILE D 434 -69.87 -7.74 -15.87
CA ILE D 434 -69.14 -6.59 -16.31
C ILE D 434 -68.00 -7.05 -17.22
N ALA D 435 -67.65 -6.22 -18.21
CA ALA D 435 -66.44 -6.43 -18.99
C ALA D 435 -65.74 -5.08 -19.23
N TYR D 436 -64.49 -5.15 -19.73
CA TYR D 436 -63.63 -3.99 -19.84
C TYR D 436 -62.81 -4.11 -21.11
N LEU D 437 -63.04 -3.17 -22.04
CA LEU D 437 -62.30 -3.07 -23.29
C LEU D 437 -61.31 -1.93 -23.21
N MET D 438 -60.12 -2.15 -23.77
CA MET D 438 -59.10 -1.13 -23.85
C MET D 438 -58.52 -1.23 -25.26
N ALA D 439 -58.55 -0.12 -26.00
CA ALA D 439 -58.13 -0.12 -27.38
C ALA D 439 -57.27 1.10 -27.68
N ASP D 440 -56.20 0.87 -28.46
CA ASP D 440 -55.34 1.93 -28.94
C ASP D 440 -55.58 2.12 -30.43
N ILE D 441 -56.00 3.34 -30.78
CA ILE D 441 -56.36 3.70 -32.16
C ILE D 441 -55.47 4.88 -32.61
N SER D 442 -54.95 4.79 -33.83
CA SER D 442 -54.01 5.78 -34.34
C SER D 442 -54.67 6.73 -35.36
N SER D 443 -54.00 7.86 -35.59
CA SER D 443 -54.41 8.89 -36.53
C SER D 443 -55.84 9.36 -36.24
N VAL D 444 -55.98 10.07 -35.10
CA VAL D 444 -57.23 10.66 -34.63
C VAL D 444 -56.99 12.13 -34.28
N ASN D 445 -57.71 13.04 -34.95
CA ASN D 445 -57.67 14.46 -34.61
C ASN D 445 -58.80 14.75 -33.62
N GLN D 446 -58.82 15.98 -33.09
CA GLN D 446 -59.61 16.37 -31.92
C GLN D 446 -61.11 16.37 -32.25
N SER D 447 -61.43 16.64 -33.51
CA SER D 447 -62.80 16.60 -34.00
C SER D 447 -63.33 15.17 -33.92
N GLU D 448 -62.54 14.22 -34.46
CA GLU D 448 -62.89 12.80 -34.49
C GLU D 448 -62.94 12.21 -33.08
N ILE D 449 -62.12 12.73 -32.14
CA ILE D 449 -62.11 12.25 -30.76
C ILE D 449 -63.47 12.52 -30.10
N LYS D 450 -64.01 13.73 -30.30
CA LYS D 450 -65.28 14.11 -29.69
C LYS D 450 -66.42 13.26 -30.24
N ASP D 451 -66.27 12.84 -31.51
CA ASP D 451 -67.29 12.09 -32.23
C ASP D 451 -67.35 10.65 -31.71
N ILE D 452 -66.16 10.06 -31.50
CA ILE D 452 -66.03 8.72 -30.96
C ILE D 452 -66.57 8.68 -29.54
N TYR D 453 -66.26 9.72 -28.76
CA TYR D 453 -66.69 9.77 -27.37
C TYR D 453 -68.22 9.76 -27.27
N GLU D 454 -68.87 10.58 -28.10
CA GLU D 454 -70.31 10.78 -27.98
C GLU D 454 -71.05 9.53 -28.49
N LYS D 455 -70.50 8.88 -29.52
CA LYS D 455 -71.04 7.62 -30.02
C LYS D 455 -70.92 6.50 -28.99
N LEU D 456 -69.75 6.30 -28.38
CA LEU D 456 -69.56 5.27 -27.38
C LEU D 456 -70.39 5.58 -26.13
N ASN D 457 -70.63 6.88 -25.87
CA ASN D 457 -71.34 7.30 -24.67
C ASN D 457 -72.84 7.03 -24.81
N GLN D 458 -73.33 6.73 -26.02
CA GLN D 458 -74.74 6.44 -26.25
C GLN D 458 -74.95 5.02 -26.78
N THR D 459 -73.99 4.12 -26.54
CA THR D 459 -74.23 2.69 -26.69
C THR D 459 -74.99 2.21 -25.45
N SER D 460 -75.76 1.14 -25.60
CA SER D 460 -76.68 0.69 -24.56
C SER D 460 -75.99 -0.27 -23.61
N ALA D 461 -74.90 -0.92 -24.05
CA ALA D 461 -74.14 -1.83 -23.20
C ALA D 461 -73.18 -1.06 -22.27
N LYS D 462 -73.11 0.26 -22.42
CA LYS D 462 -72.10 1.05 -21.75
C LYS D 462 -72.44 1.22 -20.28
N VAL D 463 -71.38 1.09 -19.45
CA VAL D 463 -71.42 1.26 -18.01
C VAL D 463 -70.64 2.54 -17.68
N SER D 464 -69.42 2.66 -18.19
CA SER D 464 -68.70 3.94 -18.20
C SER D 464 -67.59 3.92 -19.25
N ILE D 465 -67.36 5.09 -19.84
CA ILE D 465 -66.34 5.23 -20.92
C ILE D 465 -65.41 6.39 -20.58
N ARG D 466 -64.14 6.25 -20.96
CA ARG D 466 -63.15 7.33 -20.77
C ARG D 466 -62.22 7.23 -21.96
N LEU D 467 -61.74 8.37 -22.44
CA LEU D 467 -60.77 8.37 -23.56
C LEU D 467 -59.54 9.10 -23.08
N LEU D 468 -58.36 8.54 -23.32
CA LEU D 468 -57.11 9.17 -22.92
C LEU D 468 -56.36 9.54 -24.19
N TYR D 469 -55.86 10.79 -24.26
CA TYR D 469 -55.21 11.27 -25.48
C TYR D 469 -53.99 12.12 -25.11
N PRO E 23 21.49 51.13 14.94
CA PRO E 23 22.61 50.27 14.49
C PRO E 23 22.24 48.94 13.83
N GLY E 24 21.09 48.94 13.11
CA GLY E 24 20.36 47.76 12.63
C GLY E 24 18.88 47.76 13.05
N ALA E 25 18.04 47.00 12.33
CA ALA E 25 16.71 46.61 12.80
C ALA E 25 16.28 45.29 12.14
N VAL E 26 15.71 44.39 12.95
CA VAL E 26 15.27 43.09 12.45
C VAL E 26 14.02 43.36 11.64
N SER E 27 13.94 42.69 10.50
CA SER E 27 12.90 43.04 9.54
C SER E 27 12.66 41.93 8.51
N THR E 28 11.50 42.02 7.87
CA THR E 28 10.95 40.98 7.01
C THR E 28 12.00 40.48 6.04
N SER E 29 12.21 39.15 5.95
CA SER E 29 13.19 38.61 5.03
C SER E 29 12.73 38.85 3.61
N PRO E 30 13.63 38.78 2.61
CA PRO E 30 13.25 38.89 1.19
C PRO E 30 12.49 37.74 0.56
N THR E 31 11.16 37.71 0.75
CA THR E 31 10.30 36.64 0.23
C THR E 31 10.42 36.60 -1.31
N GLN E 32 10.68 35.41 -1.87
CA GLN E 32 10.77 35.28 -3.32
C GLN E 32 9.50 34.59 -3.83
N ASN E 36 6.76 27.92 -2.80
CA ASN E 36 5.78 26.88 -2.38
C ASN E 36 5.36 26.07 -3.61
N THR E 37 6.11 24.99 -3.92
CA THR E 37 5.68 24.02 -4.94
C THR E 37 5.12 22.77 -4.24
N LEU E 38 4.51 21.89 -5.05
CA LEU E 38 4.20 20.51 -4.69
C LEU E 38 5.26 19.58 -5.30
N PRO E 39 5.66 18.48 -4.63
CA PRO E 39 6.46 17.44 -5.32
C PRO E 39 5.55 16.68 -6.29
N ARG E 40 6.16 16.04 -7.28
CA ARG E 40 5.39 15.35 -8.35
C ARG E 40 4.48 14.29 -7.76
N ARG E 41 3.26 14.23 -8.26
CA ARG E 41 2.27 13.32 -7.71
C ARG E 41 1.41 12.77 -8.85
N VAL E 42 0.46 11.90 -8.45
CA VAL E 42 -0.43 11.17 -9.35
C VAL E 42 -1.85 11.74 -9.22
N SER E 43 -2.40 12.24 -10.35
CA SER E 43 -3.72 12.87 -10.37
C SER E 43 -4.82 11.82 -10.19
N ILE E 44 -5.87 12.18 -9.43
CA ILE E 44 -7.11 11.42 -9.43
C ILE E 44 -8.20 12.30 -10.05
N THR E 45 -7.90 12.91 -11.21
CA THR E 45 -8.95 13.42 -12.10
C THR E 45 -9.49 12.26 -12.95
N LYS E 46 -10.35 12.63 -13.92
CA LYS E 46 -11.18 11.68 -14.67
C LYS E 46 -10.47 11.19 -15.92
N GLN E 47 -10.75 9.95 -16.33
CA GLN E 47 -10.10 9.34 -17.49
C GLN E 47 -10.31 10.25 -18.71
N PRO E 48 -9.26 10.57 -19.50
CA PRO E 48 -9.48 11.37 -20.70
C PRO E 48 -10.34 10.55 -21.66
N LYS E 49 -11.38 11.19 -22.22
CA LYS E 49 -12.06 10.70 -23.40
C LYS E 49 -11.04 10.62 -24.53
N ALA E 50 -11.01 9.46 -25.21
CA ALA E 50 -10.15 9.26 -26.37
C ALA E 50 -10.95 9.60 -27.62
N LEU E 51 -10.29 10.29 -28.56
CA LEU E 51 -11.00 10.95 -29.64
C LEU E 51 -10.49 10.39 -30.96
N LYS E 52 -11.45 10.17 -31.88
CA LYS E 52 -11.16 9.51 -33.14
C LYS E 52 -11.66 10.37 -34.28
N PRO E 53 -10.89 10.51 -35.38
CA PRO E 53 -11.26 11.46 -36.45
C PRO E 53 -12.53 11.02 -37.18
N PHE E 54 -13.26 11.96 -37.78
CA PHE E 54 -14.45 11.69 -38.56
C PHE E 54 -14.04 11.27 -39.98
N SER E 55 -14.81 10.39 -40.62
CA SER E 55 -14.70 10.03 -42.03
C SER E 55 -13.41 9.31 -42.41
N THR E 56 -12.30 9.56 -41.69
CA THR E 56 -11.04 8.86 -41.95
C THR E 56 -11.05 7.46 -41.31
N GLY E 57 -10.30 6.54 -41.94
CA GLY E 57 -10.07 5.22 -41.39
C GLY E 57 -8.75 5.20 -40.59
N ASP E 58 -7.88 4.24 -40.93
CA ASP E 58 -6.65 4.01 -40.20
C ASP E 58 -5.60 5.05 -40.54
N MET E 59 -4.92 5.52 -39.49
CA MET E 59 -3.77 6.40 -39.62
C MET E 59 -2.56 5.60 -40.06
N ASN E 60 -1.93 5.98 -41.18
CA ASN E 60 -0.70 5.36 -41.63
C ASN E 60 0.48 6.26 -41.30
N ILE E 61 1.47 5.72 -40.56
CA ILE E 61 2.70 6.42 -40.25
C ILE E 61 3.80 5.83 -41.14
N LEU E 62 4.63 6.70 -41.74
CA LEU E 62 5.83 6.26 -42.43
C LEU E 62 7.04 6.80 -41.69
N LEU E 63 7.94 5.89 -41.28
CA LEU E 63 9.15 6.26 -40.55
C LEU E 63 10.36 5.88 -41.40
N LEU E 64 11.24 6.86 -41.60
CA LEU E 64 12.41 6.68 -42.43
C LEU E 64 13.67 6.90 -41.57
N GLU E 65 14.80 6.45 -42.12
CA GLU E 65 16.14 6.75 -41.63
C GLU E 65 16.40 6.13 -40.25
N ASN E 66 15.73 5.02 -39.93
CA ASN E 66 16.08 4.24 -38.76
C ASN E 66 15.83 5.05 -37.49
N VAL E 67 14.60 5.54 -37.33
CA VAL E 67 14.24 6.08 -36.04
C VAL E 67 14.21 4.92 -35.03
N ASN E 68 14.30 5.29 -33.75
CA ASN E 68 14.40 4.39 -32.64
C ASN E 68 13.09 3.63 -32.42
N ALA E 69 13.25 2.40 -31.89
CA ALA E 69 12.14 1.52 -31.61
C ALA E 69 11.15 2.13 -30.61
N THR E 70 11.57 3.10 -29.77
CA THR E 70 10.63 3.66 -28.82
C THR E 70 9.47 4.34 -29.54
N ALA E 71 9.77 4.87 -30.73
CA ALA E 71 8.79 5.58 -31.56
C ALA E 71 7.83 4.60 -32.21
N ILE E 72 8.38 3.51 -32.76
CA ILE E 72 7.58 2.47 -33.39
C ILE E 72 6.55 1.96 -32.39
N LYS E 73 6.97 1.77 -31.14
CA LYS E 73 6.11 1.23 -30.10
C LYS E 73 5.01 2.20 -29.76
N ILE E 74 5.34 3.49 -29.63
CA ILE E 74 4.32 4.45 -29.23
C ILE E 74 3.21 4.54 -30.27
N PHE E 75 3.58 4.45 -31.54
CA PHE E 75 2.63 4.54 -32.65
C PHE E 75 1.76 3.29 -32.77
N LYS E 76 2.32 2.08 -32.59
CA LYS E 76 1.52 0.87 -32.64
C LYS E 76 0.53 0.80 -31.47
N ASP E 77 0.90 1.30 -30.30
CA ASP E 77 0.02 1.35 -29.13
C ASP E 77 -1.14 2.31 -29.32
N GLN E 78 -0.99 3.30 -30.21
CA GLN E 78 -2.10 4.17 -30.61
C GLN E 78 -3.03 3.48 -31.61
N GLY E 79 -2.54 2.39 -32.21
CA GLY E 79 -3.29 1.65 -33.22
C GLY E 79 -3.01 2.16 -34.63
N TYR E 80 -1.96 2.95 -34.80
CA TYR E 80 -1.57 3.39 -36.13
C TYR E 80 -0.92 2.21 -36.84
N GLN E 81 -1.06 2.20 -38.17
CA GLN E 81 -0.32 1.32 -39.05
C GLN E 81 1.04 1.96 -39.30
N VAL E 82 2.14 1.25 -39.08
CA VAL E 82 3.47 1.83 -39.12
C VAL E 82 4.31 1.11 -40.18
N GLU E 83 4.90 1.87 -41.09
CA GLU E 83 5.84 1.36 -42.08
C GLU E 83 7.20 1.96 -41.76
N PHE E 84 8.22 1.11 -41.57
CA PHE E 84 9.51 1.52 -41.05
C PHE E 84 10.60 1.20 -42.08
N HIS E 85 11.52 2.14 -42.30
CA HIS E 85 12.71 1.91 -43.13
C HIS E 85 13.95 2.38 -42.38
N LYS E 86 15.09 1.71 -42.66
CA LYS E 86 16.34 2.03 -41.98
C LYS E 86 17.07 3.15 -42.68
N SER E 87 16.76 3.40 -43.96
CA SER E 87 17.37 4.54 -44.64
C SER E 87 16.28 5.41 -45.28
N SER E 88 16.73 6.37 -46.09
CA SER E 88 15.84 7.25 -46.82
C SER E 88 15.41 6.56 -48.11
N LEU E 89 14.44 7.16 -48.81
CA LEU E 89 13.90 6.60 -50.04
C LEU E 89 14.34 7.43 -51.25
N PRO E 90 14.62 6.82 -52.42
CA PRO E 90 14.59 7.55 -53.69
C PRO E 90 13.37 8.47 -53.79
N GLU E 91 13.52 9.57 -54.54
CA GLU E 91 12.51 10.62 -54.57
C GLU E 91 11.19 10.11 -55.17
N ASP E 92 11.25 9.18 -56.13
CA ASP E 92 10.06 8.75 -56.87
C ASP E 92 9.25 7.76 -56.02
N GLU E 93 9.97 6.94 -55.24
CA GLU E 93 9.36 6.02 -54.28
C GLU E 93 8.75 6.79 -53.12
N LEU E 94 9.43 7.82 -52.65
CA LEU E 94 8.93 8.63 -51.55
C LEU E 94 7.63 9.32 -51.97
N ILE E 95 7.55 9.78 -53.22
CA ILE E 95 6.38 10.49 -53.72
C ILE E 95 5.17 9.56 -53.67
N GLU E 96 5.34 8.32 -54.14
CA GLU E 96 4.22 7.39 -54.22
C GLU E 96 3.75 7.03 -52.82
N LYS E 97 4.68 6.84 -51.88
CA LYS E 97 4.30 6.39 -50.53
C LYS E 97 3.59 7.51 -49.79
N ILE E 98 3.92 8.76 -50.10
CA ILE E 98 3.54 9.86 -49.24
C ILE E 98 2.10 10.30 -49.58
N LYS E 99 1.57 9.77 -50.68
CA LYS E 99 0.22 10.08 -51.11
C LYS E 99 -0.81 9.62 -50.08
N ASP E 100 -0.56 8.47 -49.44
CA ASP E 100 -1.50 7.80 -48.55
C ASP E 100 -1.22 8.12 -47.07
N VAL E 101 -0.05 8.70 -46.76
CA VAL E 101 0.50 8.70 -45.42
C VAL E 101 -0.11 9.86 -44.65
N HIS E 102 -0.37 9.64 -43.36
CA HIS E 102 -0.97 10.67 -42.47
C HIS E 102 0.10 11.34 -41.62
N ALA E 103 1.19 10.64 -41.32
CA ALA E 103 2.30 11.27 -40.61
C ALA E 103 3.60 10.67 -41.13
N ILE E 104 4.64 11.49 -41.19
CA ILE E 104 5.93 11.00 -41.65
C ILE E 104 6.99 11.43 -40.65
N GLY E 105 7.80 10.44 -40.22
CA GLY E 105 8.97 10.69 -39.42
C GLY E 105 10.24 10.59 -40.26
N ILE E 106 11.12 11.58 -40.11
CA ILE E 106 12.37 11.62 -40.85
C ILE E 106 13.46 12.01 -39.87
N ARG E 107 14.70 12.00 -40.37
CA ARG E 107 15.82 12.68 -39.72
C ARG E 107 16.42 13.65 -40.73
N SER E 108 17.73 13.78 -40.80
CA SER E 108 18.37 14.85 -41.62
C SER E 108 18.43 14.59 -43.13
N LYS E 109 18.64 13.36 -43.57
CA LYS E 109 18.88 13.10 -45.01
C LYS E 109 17.61 13.13 -45.85
N THR E 110 16.43 13.29 -45.27
CA THR E 110 15.21 13.23 -46.10
C THR E 110 14.75 14.65 -46.39
N ARG E 111 14.76 15.04 -47.65
CA ARG E 111 14.42 16.40 -48.05
C ARG E 111 12.95 16.39 -48.48
N LEU E 112 12.11 16.97 -47.61
CA LEU E 112 10.69 17.18 -47.87
C LEU E 112 10.51 18.58 -48.45
N THR E 113 10.74 18.65 -49.77
CA THR E 113 10.60 19.86 -50.56
C THR E 113 9.12 20.03 -50.91
N GLU E 114 8.75 21.20 -51.46
CA GLU E 114 7.43 21.37 -52.04
C GLU E 114 7.23 20.36 -53.17
N LYS E 115 8.28 20.00 -53.92
CA LYS E 115 8.15 19.03 -55.00
C LYS E 115 7.50 17.74 -54.52
N ILE E 116 7.82 17.35 -53.29
CA ILE E 116 7.37 16.10 -52.68
C ILE E 116 6.08 16.31 -51.89
N LEU E 117 6.01 17.37 -51.08
CA LEU E 117 4.84 17.62 -50.25
C LEU E 117 3.60 17.98 -51.05
N GLN E 118 3.74 18.42 -52.30
CA GLN E 118 2.58 18.77 -53.13
C GLN E 118 1.68 17.54 -53.34
N HIS E 119 2.27 16.34 -53.23
CA HIS E 119 1.57 15.08 -53.44
C HIS E 119 0.92 14.52 -52.17
N ALA E 120 1.18 15.15 -51.03
CA ALA E 120 0.69 14.61 -49.73
C ALA E 120 -0.72 15.09 -49.46
N ARG E 121 -1.70 14.24 -49.72
CA ARG E 121 -3.11 14.68 -49.60
C ARG E 121 -3.66 14.33 -48.23
N ASN E 122 -3.01 13.42 -47.52
CA ASN E 122 -3.55 12.97 -46.23
C ASN E 122 -2.60 13.35 -45.10
N LEU E 123 -1.49 14.03 -45.39
CA LEU E 123 -0.49 14.25 -44.35
C LEU E 123 -0.98 15.27 -43.32
N VAL E 124 -0.97 14.90 -42.05
CA VAL E 124 -1.45 15.76 -40.97
C VAL E 124 -0.26 16.46 -40.30
N CYS E 125 0.90 15.78 -40.23
CA CYS E 125 2.07 16.28 -39.52
C CYS E 125 3.36 15.56 -39.94
N ILE E 126 4.50 16.21 -39.66
CA ILE E 126 5.84 15.71 -39.90
C ILE E 126 6.63 15.70 -38.60
N GLY E 127 7.27 14.56 -38.32
CA GLY E 127 8.21 14.44 -37.21
C GLY E 127 9.66 14.46 -37.69
N CYS E 128 10.40 15.45 -37.19
CA CYS E 128 11.84 15.45 -37.36
C CYS E 128 12.50 14.82 -36.12
N PHE E 129 12.98 13.58 -36.26
CA PHE E 129 13.55 12.82 -35.15
C PHE E 129 15.01 13.21 -35.00
N CYS E 130 15.21 14.48 -34.65
CA CYS E 130 16.51 15.16 -34.72
C CYS E 130 16.27 16.62 -34.38
N ILE E 131 17.36 17.39 -34.32
CA ILE E 131 17.29 18.81 -34.04
C ILE E 131 16.89 19.60 -35.31
N GLY E 132 17.54 19.29 -36.45
CA GLY E 132 17.42 20.10 -37.65
C GLY E 132 16.08 19.90 -38.36
N THR E 133 15.58 21.00 -38.97
CA THR E 133 14.30 21.04 -39.66
C THR E 133 14.43 21.67 -41.05
N ASN E 134 15.63 22.07 -41.44
CA ASN E 134 15.92 22.68 -42.73
C ASN E 134 15.70 21.72 -43.89
N GLN E 135 15.67 20.40 -43.62
CA GLN E 135 15.46 19.42 -44.68
C GLN E 135 13.99 19.46 -45.12
N VAL E 136 13.15 20.17 -44.32
CA VAL E 136 11.73 20.32 -44.58
C VAL E 136 11.46 21.75 -45.02
N ASP E 137 10.68 21.92 -46.09
CA ASP E 137 10.15 23.23 -46.45
C ASP E 137 9.03 23.65 -45.48
N LEU E 138 9.39 24.26 -44.35
CA LEU E 138 8.48 24.53 -43.24
C LEU E 138 7.35 25.46 -43.66
N LYS E 139 7.60 26.42 -44.56
CA LYS E 139 6.60 27.41 -44.90
C LYS E 139 5.58 26.82 -45.86
N TYR E 140 6.06 26.07 -46.86
CA TYR E 140 5.16 25.37 -47.74
C TYR E 140 4.25 24.44 -46.92
N ALA E 141 4.86 23.71 -45.97
CA ALA E 141 4.15 22.79 -45.12
C ALA E 141 3.07 23.53 -44.33
N ALA E 142 3.39 24.67 -43.73
CA ALA E 142 2.41 25.41 -42.93
C ALA E 142 1.25 25.85 -43.83
N SER E 143 1.58 26.17 -45.10
CA SER E 143 0.61 26.67 -46.05
C SER E 143 -0.41 25.58 -46.39
N LYS E 144 -0.04 24.30 -46.23
CA LYS E 144 -0.98 23.20 -46.45
C LYS E 144 -1.61 22.73 -45.13
N GLY E 145 -1.35 23.42 -44.02
CA GLY E 145 -1.89 22.99 -42.73
C GLY E 145 -1.15 21.79 -42.13
N ILE E 146 0.11 21.57 -42.53
CA ILE E 146 0.94 20.47 -42.02
C ILE E 146 1.88 20.98 -40.91
N ALA E 147 1.68 20.47 -39.68
CA ALA E 147 2.48 20.84 -38.52
C ALA E 147 3.79 20.03 -38.46
N VAL E 148 4.91 20.69 -38.14
CA VAL E 148 6.21 20.04 -38.10
C VAL E 148 6.73 20.09 -36.67
N PHE E 149 7.21 18.94 -36.19
CA PHE E 149 7.73 18.82 -34.83
C PHE E 149 9.16 18.28 -34.88
N ASN E 150 9.96 18.62 -33.87
CA ASN E 150 11.34 18.15 -33.81
C ASN E 150 11.77 17.88 -32.38
N SER E 151 13.04 17.54 -32.19
CA SER E 151 13.58 17.30 -30.87
C SER E 151 14.84 18.13 -30.66
N PRO E 152 14.71 19.34 -30.08
CA PRO E 152 15.85 20.25 -29.98
C PRO E 152 16.90 19.87 -28.92
N PHE E 153 16.47 19.35 -27.76
CA PHE E 153 17.28 19.33 -26.53
C PHE E 153 17.49 17.93 -25.96
N SER E 154 17.32 16.90 -26.80
CA SER E 154 17.36 15.52 -26.35
C SER E 154 18.80 14.99 -26.22
N ASN E 155 19.79 15.69 -26.76
CA ASN E 155 21.17 15.25 -26.85
C ASN E 155 22.07 15.92 -25.82
N SER E 156 21.51 16.63 -24.84
CA SER E 156 22.26 17.50 -23.96
C SER E 156 23.20 16.68 -23.06
N ARG E 157 22.64 15.73 -22.31
CA ARG E 157 23.43 14.89 -21.43
C ARG E 157 24.55 14.19 -22.20
N SER E 158 24.26 13.67 -23.40
CA SER E 158 25.22 12.88 -24.17
C SER E 158 26.43 13.73 -24.54
N VAL E 159 26.21 14.99 -24.90
CA VAL E 159 27.30 15.88 -25.26
C VAL E 159 28.09 16.27 -24.00
N ALA E 160 27.40 16.56 -22.89
CA ALA E 160 28.04 16.98 -21.65
C ALA E 160 28.98 15.87 -21.13
N GLU E 161 28.56 14.61 -21.24
CA GLU E 161 29.38 13.49 -20.81
C GLU E 161 30.56 13.32 -21.76
N LEU E 162 30.34 13.49 -23.05
CA LEU E 162 31.44 13.39 -23.98
C LEU E 162 32.57 14.35 -23.59
N VAL E 163 32.17 15.56 -23.21
CA VAL E 163 33.13 16.61 -22.93
C VAL E 163 33.90 16.28 -21.65
N ILE E 164 33.21 15.85 -20.58
CA ILE E 164 33.88 15.42 -19.36
C ILE E 164 34.96 14.39 -19.69
N GLY E 165 34.64 13.47 -20.62
CA GLY E 165 35.57 12.42 -20.99
C GLY E 165 36.77 12.92 -21.78
N GLU E 166 36.55 13.96 -22.59
CA GLU E 166 37.60 14.53 -23.43
C GLU E 166 38.49 15.44 -22.60
N ILE E 167 37.93 16.13 -21.60
CA ILE E 167 38.71 16.89 -20.65
C ILE E 167 39.76 15.98 -20.03
N ILE E 168 39.31 14.85 -19.47
CA ILE E 168 40.22 13.94 -18.80
C ILE E 168 41.19 13.35 -19.80
N SER E 169 40.67 12.99 -20.97
CA SER E 169 41.48 12.29 -21.95
C SER E 169 42.61 13.18 -22.47
N LEU E 170 42.31 14.46 -22.62
CA LEU E 170 43.29 15.44 -23.11
C LEU E 170 44.30 15.75 -22.00
N ALA E 171 43.81 15.88 -20.76
CA ALA E 171 44.63 16.16 -19.58
C ALA E 171 45.67 15.05 -19.41
N ARG E 172 45.38 13.84 -19.87
CA ARG E 172 46.24 12.71 -19.60
C ARG E 172 46.86 12.13 -20.89
N GLN E 173 46.59 12.77 -22.03
CA GLN E 173 47.04 12.30 -23.32
C GLN E 173 46.68 10.82 -23.55
N LEU E 174 45.47 10.42 -23.15
CA LEU E 174 45.05 9.02 -23.26
C LEU E 174 45.11 8.53 -24.69
N GLY E 175 44.56 9.30 -25.60
CA GLY E 175 44.53 8.89 -27.00
C GLY E 175 45.93 8.60 -27.54
N ASP E 176 46.90 9.44 -27.17
CA ASP E 176 48.27 9.31 -27.65
C ASP E 176 48.92 8.05 -27.07
N ARG E 177 48.65 7.80 -25.79
CA ARG E 177 49.20 6.65 -25.10
C ARG E 177 48.74 5.37 -25.78
N SER E 178 47.43 5.29 -26.04
CA SER E 178 46.82 4.09 -26.60
C SER E 178 47.30 3.85 -28.03
N ILE E 179 47.43 4.92 -28.85
CA ILE E 179 47.87 4.78 -30.23
C ILE E 179 49.30 4.26 -30.27
N GLU E 180 50.15 4.79 -29.38
CA GLU E 180 51.51 4.32 -29.19
C GLU E 180 51.53 2.82 -28.90
N LEU E 181 50.78 2.41 -27.87
CA LEU E 181 50.83 1.04 -27.39
C LEU E 181 50.32 0.09 -28.46
N HIS E 182 49.27 0.52 -29.19
CA HIS E 182 48.67 -0.27 -30.26
C HIS E 182 49.67 -0.47 -31.41
N THR E 183 50.77 0.29 -31.46
CA THR E 183 51.77 0.12 -32.51
C THR E 183 53.10 -0.30 -31.89
N GLY E 184 53.10 -0.55 -30.58
CA GLY E 184 54.22 -1.18 -29.90
C GLY E 184 55.14 -0.21 -29.17
N THR E 185 54.76 1.07 -29.04
CA THR E 185 55.60 2.02 -28.32
C THR E 185 55.13 2.15 -26.86
N TRP E 186 56.07 1.93 -25.94
CA TRP E 186 55.82 2.11 -24.51
C TRP E 186 56.35 3.47 -24.11
N ASN E 187 55.46 4.39 -23.70
CA ASN E 187 55.90 5.75 -23.44
C ASN E 187 55.17 6.33 -22.23
N LYS E 188 55.67 5.99 -21.03
CA LYS E 188 55.13 6.52 -19.78
C LYS E 188 55.53 7.98 -19.59
N VAL E 189 54.55 8.87 -19.41
CA VAL E 189 54.74 10.31 -19.38
C VAL E 189 53.86 10.88 -18.25
N ALA E 190 54.44 11.68 -17.37
CA ALA E 190 53.64 12.37 -16.34
C ALA E 190 53.77 13.87 -16.57
N ALA E 191 54.64 14.27 -17.50
CA ALA E 191 54.91 15.69 -17.75
C ALA E 191 53.80 16.33 -18.56
N ARG E 192 53.18 17.37 -18.00
CA ARG E 192 52.12 18.09 -18.73
C ARG E 192 50.88 17.21 -18.74
N CYS E 193 50.84 16.21 -17.86
CA CYS E 193 49.62 15.40 -17.70
C CYS E 193 49.07 15.83 -16.33
N TRP E 194 47.77 16.09 -16.22
CA TRP E 194 47.23 16.71 -15.01
C TRP E 194 46.00 16.06 -14.41
N GLU E 195 45.83 16.27 -13.12
CA GLU E 195 44.57 15.90 -12.49
C GLU E 195 43.69 17.09 -12.79
N VAL E 196 42.47 16.85 -13.22
CA VAL E 196 41.53 17.89 -13.59
C VAL E 196 40.97 18.55 -12.34
N ARG E 197 41.00 17.86 -11.20
CA ARG E 197 40.64 18.50 -9.95
C ARG E 197 41.49 19.75 -9.77
N GLY E 198 40.83 20.89 -9.46
CA GLY E 198 41.55 22.12 -9.23
C GLY E 198 41.70 23.00 -10.48
N LYS E 199 41.70 22.41 -11.68
CA LYS E 199 41.77 23.15 -12.93
C LYS E 199 40.47 23.92 -13.16
N THR E 200 40.51 24.84 -14.14
CA THR E 200 39.34 25.65 -14.45
C THR E 200 38.82 25.34 -15.86
N LEU E 201 37.50 25.13 -15.92
CA LEU E 201 36.76 24.94 -17.16
C LEU E 201 36.06 26.24 -17.53
N GLY E 202 36.32 26.71 -18.76
CA GLY E 202 35.63 27.84 -19.35
C GLY E 202 34.58 27.39 -20.37
N ILE E 203 33.30 27.56 -20.01
CA ILE E 203 32.19 27.21 -20.88
C ILE E 203 31.71 28.43 -21.65
N ILE E 204 31.79 28.34 -22.99
CA ILE E 204 31.26 29.37 -23.86
C ILE E 204 29.89 28.93 -24.36
N GLY E 205 28.85 29.56 -23.79
CA GLY E 205 27.47 29.19 -24.07
C GLY E 205 26.90 28.35 -22.95
N TYR E 206 26.26 28.99 -21.95
CA TYR E 206 25.67 28.34 -20.79
C TYR E 206 24.19 27.99 -21.00
N GLY E 207 23.91 27.23 -22.06
CA GLY E 207 22.56 26.80 -22.43
C GLY E 207 22.19 25.45 -21.85
N HIS E 208 21.49 24.63 -22.63
CA HIS E 208 21.09 23.30 -22.13
C HIS E 208 22.35 22.47 -21.86
N ILE E 209 23.25 22.40 -22.83
CA ILE E 209 24.45 21.62 -22.71
C ILE E 209 25.42 22.27 -21.72
N GLY E 210 25.69 23.55 -21.90
CA GLY E 210 26.63 24.24 -21.05
C GLY E 210 26.28 24.14 -19.56
N SER E 211 25.00 24.27 -19.20
CA SER E 211 24.60 24.30 -17.80
C SER E 211 24.68 22.90 -17.17
N GLN E 212 24.41 21.88 -18.00
CA GLN E 212 24.52 20.49 -17.58
C GLN E 212 25.99 20.15 -17.35
N LEU E 213 26.85 20.54 -18.31
CA LEU E 213 28.28 20.30 -18.21
C LEU E 213 28.85 20.96 -16.96
N SER E 214 28.33 22.15 -16.64
CA SER E 214 28.74 22.91 -15.47
C SER E 214 28.66 22.05 -14.22
N VAL E 215 27.55 21.33 -14.03
CA VAL E 215 27.33 20.61 -12.77
C VAL E 215 28.25 19.39 -12.67
N LEU E 216 28.45 18.71 -13.80
CA LEU E 216 29.35 17.58 -13.93
C LEU E 216 30.79 18.01 -13.63
N ALA E 217 31.20 19.12 -14.27
CA ALA E 217 32.56 19.62 -14.12
C ALA E 217 32.86 19.98 -12.66
N GLU E 218 31.91 20.58 -11.95
CA GLU E 218 32.12 20.90 -10.53
C GLU E 218 32.27 19.63 -9.70
N ALA E 219 31.45 18.63 -10.01
CA ALA E 219 31.53 17.33 -9.35
C ALA E 219 32.88 16.64 -9.59
N MET E 220 33.51 16.84 -10.76
CA MET E 220 34.86 16.35 -11.00
C MET E 220 35.94 17.27 -10.43
N GLY E 221 35.52 18.34 -9.72
CA GLY E 221 36.42 19.20 -8.97
C GLY E 221 37.04 20.35 -9.77
N LEU E 222 36.46 20.70 -10.94
CA LEU E 222 36.88 21.87 -11.69
C LEU E 222 36.10 23.09 -11.21
N HIS E 223 36.78 24.24 -11.23
CA HIS E 223 36.15 25.55 -11.19
C HIS E 223 35.54 25.82 -12.55
N VAL E 224 34.35 26.40 -12.54
CA VAL E 224 33.68 26.69 -13.80
C VAL E 224 33.45 28.19 -13.92
N LEU E 225 33.97 28.74 -15.02
CA LEU E 225 33.62 30.08 -15.51
C LEU E 225 32.77 29.91 -16.76
N TYR E 226 31.86 30.85 -17.03
CA TYR E 226 31.19 30.82 -18.32
C TYR E 226 31.01 32.22 -18.91
N TYR E 227 31.07 32.29 -20.24
CA TYR E 227 30.75 33.47 -21.00
C TYR E 227 29.48 33.19 -21.83
N ASP E 228 28.50 34.10 -21.75
CA ASP E 228 27.32 34.03 -22.59
C ASP E 228 26.96 35.46 -23.00
N ILE E 229 26.17 35.60 -24.08
CA ILE E 229 25.72 36.92 -24.52
C ILE E 229 24.50 37.37 -23.72
N VAL E 230 24.05 36.55 -22.79
CA VAL E 230 22.90 36.83 -21.95
C VAL E 230 23.33 36.61 -20.51
N THR E 231 22.71 37.35 -19.59
CA THR E 231 22.89 37.10 -18.16
C THR E 231 22.10 35.85 -17.78
N ILE E 232 22.82 34.86 -17.23
CA ILE E 232 22.23 33.57 -16.91
C ILE E 232 22.55 33.26 -15.46
N MET E 233 21.54 32.87 -14.67
CA MET E 233 21.77 32.49 -13.27
C MET E 233 22.58 31.19 -13.23
N ALA E 234 23.69 31.21 -12.48
CA ALA E 234 24.62 30.10 -12.41
C ALA E 234 24.01 28.92 -11.65
N LEU E 235 24.37 27.70 -12.10
CA LEU E 235 24.13 26.47 -11.34
C LEU E 235 25.34 26.19 -10.47
N GLY E 236 25.09 25.85 -9.20
CA GLY E 236 26.16 25.51 -8.29
C GLY E 236 26.97 26.74 -7.93
N THR E 237 28.29 26.65 -8.09
CA THR E 237 29.18 27.77 -7.79
C THR E 237 29.97 28.18 -9.05
N ALA E 238 29.37 28.03 -10.24
CA ALA E 238 29.94 28.57 -11.47
C ALA E 238 29.82 30.11 -11.45
N ARG E 239 30.71 30.78 -12.18
CA ARG E 239 30.78 32.24 -12.20
C ARG E 239 30.68 32.72 -13.64
N GLN E 240 29.73 33.64 -13.91
CA GLN E 240 29.66 34.32 -15.19
C GLN E 240 30.73 35.40 -15.26
N VAL E 241 31.52 35.39 -16.34
CA VAL E 241 32.50 36.42 -16.66
C VAL E 241 31.95 37.33 -17.77
N SER E 242 32.26 38.63 -17.70
CA SER E 242 31.63 39.63 -18.55
C SER E 242 32.26 39.66 -19.95
N THR E 243 33.52 39.24 -20.10
CA THR E 243 34.14 39.17 -21.42
C THR E 243 34.70 37.76 -21.68
N LEU E 244 34.84 37.45 -22.97
CA LEU E 244 35.40 36.15 -23.38
C LEU E 244 36.86 36.06 -22.97
N ASP E 245 37.59 37.15 -23.09
CA ASP E 245 39.05 37.09 -22.83
C ASP E 245 39.30 36.84 -21.35
N GLU E 246 38.37 37.22 -20.47
CA GLU E 246 38.59 36.87 -19.04
C GLU E 246 38.54 35.36 -18.99
N LEU E 247 37.53 34.80 -19.64
CA LEU E 247 37.39 33.37 -19.69
C LEU E 247 38.61 32.73 -20.34
N LEU E 248 39.09 33.22 -21.50
CA LEU E 248 40.24 32.62 -22.17
C LEU E 248 41.49 32.74 -21.30
N ASN E 249 41.61 33.85 -20.58
CA ASN E 249 42.78 34.13 -19.75
C ASN E 249 42.86 33.20 -18.54
N LYS E 250 41.70 32.86 -17.95
CA LYS E 250 41.62 32.19 -16.66
C LYS E 250 41.29 30.69 -16.75
N SER E 251 41.10 30.16 -17.96
CA SER E 251 40.64 28.79 -18.11
C SER E 251 41.80 27.91 -18.57
N ASP E 252 41.78 26.65 -18.09
CA ASP E 252 42.73 25.63 -18.50
C ASP E 252 42.16 24.86 -19.68
N PHE E 253 40.85 24.57 -19.58
CA PHE E 253 40.07 23.94 -20.64
C PHE E 253 38.99 24.91 -21.12
N VAL E 254 38.92 25.11 -22.44
CA VAL E 254 37.88 25.94 -23.01
C VAL E 254 36.99 25.09 -23.92
N THR E 255 35.68 25.16 -23.70
CA THR E 255 34.75 24.36 -24.45
C THR E 255 33.59 25.21 -24.98
N LEU E 256 33.11 24.87 -26.19
CA LEU E 256 32.13 25.66 -26.93
C LEU E 256 30.78 24.96 -27.02
N HIS E 257 29.73 25.65 -26.57
CA HIS E 257 28.35 25.11 -26.61
C HIS E 257 27.43 26.22 -27.11
N VAL E 258 27.74 26.80 -28.27
CA VAL E 258 27.04 27.94 -28.86
C VAL E 258 26.33 27.53 -30.15
N PRO E 259 25.28 28.29 -30.57
CA PRO E 259 24.69 28.12 -31.90
C PRO E 259 25.61 28.64 -33.02
N ALA E 260 25.28 28.28 -34.28
CA ALA E 260 25.92 28.86 -35.46
C ALA E 260 25.22 30.18 -35.82
N THR E 261 25.88 31.29 -35.46
CA THR E 261 25.43 32.64 -35.79
C THR E 261 26.61 33.28 -36.53
N PRO E 262 26.44 34.46 -37.15
CA PRO E 262 27.58 35.16 -37.73
C PRO E 262 28.61 35.60 -36.68
N GLU E 263 28.17 35.77 -35.41
CA GLU E 263 29.02 36.17 -34.28
C GLU E 263 29.86 35.01 -33.75
N THR E 264 29.34 33.77 -33.81
CA THR E 264 30.09 32.58 -33.41
C THR E 264 30.97 32.06 -34.55
N GLU E 265 30.64 32.42 -35.79
CA GLU E 265 31.46 32.03 -36.93
C GLU E 265 32.91 32.40 -36.62
N LYS E 266 33.75 31.38 -36.51
CA LYS E 266 35.19 31.51 -36.26
C LYS E 266 35.50 32.37 -35.05
N MET E 267 34.69 32.27 -33.98
CA MET E 267 34.86 33.11 -32.80
C MET E 267 36.13 32.74 -32.03
N LEU E 268 36.63 31.49 -32.15
CA LEU E 268 37.98 31.19 -31.69
C LEU E 268 38.95 31.13 -32.88
N SER E 269 39.78 32.17 -32.98
CA SER E 269 40.80 32.24 -34.02
C SER E 269 42.13 32.65 -33.37
N ALA E 270 43.16 32.94 -34.18
CA ALA E 270 44.52 33.21 -33.69
C ALA E 270 44.56 34.14 -32.48
N PRO E 271 43.80 35.26 -32.43
CA PRO E 271 43.88 36.20 -31.30
C PRO E 271 43.30 35.66 -30.01
N GLN E 272 42.31 34.77 -30.12
CA GLN E 272 41.71 34.11 -28.96
C GLN E 272 42.65 33.06 -28.38
N PHE E 273 43.39 32.33 -29.26
CA PHE E 273 44.39 31.37 -28.80
C PHE E 273 45.58 32.08 -28.14
N ALA E 274 45.90 33.30 -28.57
CA ALA E 274 46.92 34.07 -27.89
C ALA E 274 46.46 34.54 -26.49
N ALA E 275 45.14 34.68 -26.27
CA ALA E 275 44.55 35.13 -25.01
C ALA E 275 44.44 34.01 -23.99
N MET E 276 44.64 32.77 -24.46
CA MET E 276 44.50 31.59 -23.64
C MET E 276 45.83 31.30 -22.94
N LYS E 277 45.84 30.38 -21.97
CA LYS E 277 47.07 30.02 -21.27
C LYS E 277 47.99 29.13 -22.11
N ASP E 278 49.29 29.21 -21.85
CA ASP E 278 50.23 28.24 -22.38
C ASP E 278 49.86 26.85 -21.90
N GLY E 279 49.80 25.91 -22.85
CA GLY E 279 49.39 24.55 -22.56
C GLY E 279 47.92 24.41 -22.14
N ALA E 280 47.02 25.29 -22.62
CA ALA E 280 45.59 25.11 -22.39
C ALA E 280 44.98 24.26 -23.51
N TYR E 281 43.68 23.96 -23.36
CA TYR E 281 43.05 22.96 -24.18
C TYR E 281 41.73 23.48 -24.72
N VAL E 282 41.38 23.01 -25.92
CA VAL E 282 40.24 23.53 -26.67
C VAL E 282 39.32 22.40 -27.07
N ILE E 283 38.03 22.53 -26.74
CA ILE E 283 37.05 21.50 -27.07
C ILE E 283 35.85 22.11 -27.78
N ASN E 284 35.53 21.51 -28.94
CA ASN E 284 34.43 21.99 -29.76
C ASN E 284 33.58 20.80 -30.19
N ALA E 285 32.49 20.62 -29.44
CA ALA E 285 31.35 19.81 -29.89
C ALA E 285 30.09 20.65 -30.11
N SER E 286 30.24 21.92 -30.58
CA SER E 286 29.09 22.76 -30.90
C SER E 286 28.85 22.67 -32.41
N ARG E 287 29.48 23.55 -33.19
CA ARG E 287 29.26 23.64 -34.63
C ARG E 287 30.57 23.70 -35.41
N GLY E 288 30.56 23.19 -36.64
CA GLY E 288 31.76 22.97 -37.43
C GLY E 288 32.47 24.26 -37.85
N THR E 289 31.84 25.42 -37.64
CA THR E 289 32.33 26.70 -38.16
C THR E 289 32.96 27.57 -37.08
N VAL E 290 32.73 27.21 -35.80
CA VAL E 290 32.95 28.09 -34.66
C VAL E 290 34.45 28.23 -34.34
N VAL E 291 35.28 27.29 -34.81
CA VAL E 291 36.72 27.36 -34.59
C VAL E 291 37.41 27.56 -35.94
N ASP E 292 38.39 28.46 -35.98
CA ASP E 292 39.29 28.55 -37.13
C ASP E 292 40.39 27.51 -36.95
N ILE E 293 40.31 26.44 -37.77
CA ILE E 293 41.15 25.26 -37.58
C ILE E 293 42.59 25.58 -37.97
N PRO E 294 42.88 26.25 -39.12
CA PRO E 294 44.28 26.55 -39.46
C PRO E 294 45.02 27.29 -38.36
N SER E 295 44.29 28.10 -37.57
CA SER E 295 44.87 28.87 -36.47
C SER E 295 45.04 28.01 -35.22
N LEU E 296 44.14 27.05 -35.02
CA LEU E 296 44.31 26.07 -33.96
C LEU E 296 45.54 25.20 -34.22
N ILE E 297 45.66 24.67 -35.45
CA ILE E 297 46.81 23.90 -35.89
C ILE E 297 48.10 24.65 -35.60
N GLN E 298 48.07 25.97 -35.81
CA GLN E 298 49.26 26.77 -35.69
C GLN E 298 49.57 27.00 -34.22
N ALA E 299 48.53 27.16 -33.39
CA ALA E 299 48.67 27.35 -31.95
C ALA E 299 49.22 26.09 -31.29
N VAL E 300 48.76 24.92 -31.76
CA VAL E 300 49.26 23.65 -31.26
C VAL E 300 50.72 23.50 -31.69
N LYS E 301 51.04 23.77 -32.96
CA LYS E 301 52.40 23.65 -33.48
C LYS E 301 53.39 24.54 -32.73
N ALA E 302 52.91 25.68 -32.21
CA ALA E 302 53.74 26.61 -31.46
C ALA E 302 53.81 26.22 -29.97
N ASN E 303 53.14 25.12 -29.58
CA ASN E 303 53.08 24.67 -28.19
C ASN E 303 52.34 25.67 -27.32
N LYS E 304 51.52 26.53 -27.92
CA LYS E 304 50.65 27.37 -27.13
C LYS E 304 49.47 26.57 -26.56
N ILE E 305 48.84 25.76 -27.44
CA ILE E 305 47.72 24.92 -27.09
C ILE E 305 48.26 23.48 -26.98
N ALA E 306 47.93 22.85 -25.84
CA ALA E 306 48.52 21.57 -25.46
C ALA E 306 47.71 20.41 -26.06
N GLY E 307 46.41 20.61 -26.30
CA GLY E 307 45.62 19.62 -27.01
C GLY E 307 44.25 20.16 -27.38
N ALA E 308 43.49 19.36 -28.14
CA ALA E 308 42.17 19.77 -28.60
C ALA E 308 41.32 18.54 -28.92
N ALA E 309 40.01 18.71 -28.73
CA ALA E 309 39.05 17.71 -29.17
C ALA E 309 37.97 18.35 -30.04
N LEU E 310 37.78 17.78 -31.23
CA LEU E 310 36.79 18.26 -32.19
C LEU E 310 35.78 17.17 -32.49
N ASP E 311 34.49 17.49 -32.35
CA ASP E 311 33.42 16.60 -32.79
C ASP E 311 32.84 17.04 -34.13
N VAL E 312 33.13 18.28 -34.57
CA VAL E 312 32.42 18.92 -35.66
C VAL E 312 33.43 19.64 -36.54
N TYR E 313 33.19 19.68 -37.83
CA TYR E 313 34.13 20.25 -38.80
C TYR E 313 33.36 21.12 -39.81
N PRO E 314 34.06 22.04 -40.55
CA PRO E 314 33.39 22.83 -41.58
C PRO E 314 32.73 21.94 -42.65
N HIS E 315 33.47 20.90 -43.03
CA HIS E 315 32.96 19.91 -44.01
C HIS E 315 33.00 18.50 -43.42
N GLU E 316 31.87 17.80 -43.41
CA GLU E 316 31.70 16.44 -42.89
C GLU E 316 31.18 15.54 -44.01
N PRO E 317 31.57 14.24 -44.09
CA PRO E 317 31.01 13.35 -45.12
C PRO E 317 29.51 13.15 -44.92
N ALA E 318 28.80 12.79 -45.99
CA ALA E 318 27.36 12.58 -45.96
C ALA E 318 27.03 11.20 -45.36
N LYS E 319 27.96 10.25 -45.49
CA LYS E 319 27.85 8.88 -45.06
C LYS E 319 29.16 8.41 -44.42
N ASN E 320 29.04 7.33 -43.65
CA ASN E 320 30.21 6.66 -43.06
C ASN E 320 31.01 5.99 -44.19
N GLY E 321 32.34 5.97 -44.11
CA GLY E 321 33.15 5.34 -45.15
C GLY E 321 34.63 5.48 -44.87
N GLU E 322 35.46 4.82 -45.68
CA GLU E 322 36.85 4.56 -45.32
C GLU E 322 37.84 5.63 -45.82
N GLY E 323 37.55 6.32 -46.92
CA GLY E 323 38.42 7.39 -47.38
C GLY E 323 37.80 8.78 -47.25
N SER E 324 36.81 8.93 -46.35
CA SER E 324 35.89 10.05 -46.32
C SER E 324 36.51 11.31 -45.73
N PHE E 325 37.41 11.16 -44.74
CA PHE E 325 37.95 12.29 -43.97
C PHE E 325 39.38 12.55 -44.41
N ASN E 326 39.56 13.50 -45.34
CA ASN E 326 40.84 13.68 -46.01
C ASN E 326 40.95 15.12 -46.55
N ASP E 327 42.09 15.39 -47.22
CA ASP E 327 42.46 16.71 -47.71
C ASP E 327 41.45 17.24 -48.74
N GLU E 328 40.71 16.37 -49.42
CA GLU E 328 39.71 16.82 -50.38
C GLU E 328 38.47 17.34 -49.66
N LEU E 329 38.24 16.93 -48.41
CA LEU E 329 37.05 17.36 -47.69
C LEU E 329 37.32 18.66 -46.90
N ASN E 330 38.45 18.66 -46.18
CA ASN E 330 39.01 19.82 -45.51
C ASN E 330 40.52 19.77 -45.73
N SER E 331 41.12 20.84 -46.29
CA SER E 331 42.48 20.77 -46.82
C SER E 331 43.55 20.62 -45.73
N TRP E 332 43.21 21.01 -44.50
CA TRP E 332 44.19 20.93 -43.42
C TRP E 332 44.14 19.57 -42.70
N THR E 333 43.46 18.57 -43.29
CA THR E 333 43.26 17.30 -42.61
C THR E 333 44.62 16.63 -42.33
N SER E 334 45.49 16.45 -43.33
CA SER E 334 46.77 15.77 -43.13
C SER E 334 47.65 16.46 -42.08
N GLU E 335 47.49 17.79 -41.93
CA GLU E 335 48.23 18.59 -40.96
C GLU E 335 47.69 18.29 -39.57
N LEU E 336 46.36 18.35 -39.44
CA LEU E 336 45.64 18.19 -38.19
C LEU E 336 45.91 16.83 -37.53
N VAL E 337 45.93 15.80 -38.37
CA VAL E 337 46.03 14.41 -37.93
C VAL E 337 47.45 14.07 -37.48
N SER E 338 48.45 14.83 -37.96
CA SER E 338 49.85 14.59 -37.64
C SER E 338 50.24 15.24 -36.31
N LEU E 339 49.30 15.87 -35.59
CA LEU E 339 49.61 16.59 -34.38
C LEU E 339 49.34 15.75 -33.13
N PRO E 340 50.15 15.95 -32.06
CA PRO E 340 49.90 15.29 -30.78
C PRO E 340 48.73 15.86 -30.00
N ASN E 341 48.10 14.97 -29.24
CA ASN E 341 47.03 15.22 -28.29
C ASN E 341 45.85 15.90 -28.97
N ILE E 342 45.50 15.39 -30.15
CA ILE E 342 44.26 15.79 -30.84
C ILE E 342 43.28 14.62 -30.86
N ILE E 343 42.13 14.80 -30.21
CA ILE E 343 40.99 13.89 -30.30
C ILE E 343 40.01 14.33 -31.38
N LEU E 344 39.76 13.44 -32.36
CA LEU E 344 38.83 13.68 -33.44
C LEU E 344 37.68 12.68 -33.33
N THR E 345 36.44 13.17 -33.32
CA THR E 345 35.26 12.32 -33.33
C THR E 345 34.35 12.72 -34.49
N PRO E 346 33.61 11.76 -35.12
CA PRO E 346 32.76 12.07 -36.26
C PRO E 346 31.34 12.43 -35.86
N HIS E 347 31.16 13.59 -35.24
CA HIS E 347 29.82 14.10 -34.86
C HIS E 347 29.05 13.05 -34.07
N ILE E 348 29.66 12.61 -32.98
CA ILE E 348 29.05 11.59 -32.13
C ILE E 348 28.57 12.21 -30.81
N GLY E 349 28.54 13.54 -30.72
CA GLY E 349 28.10 14.21 -29.50
C GLY E 349 26.77 13.67 -28.95
N GLY E 350 25.80 13.45 -29.85
CA GLY E 350 24.48 12.93 -29.46
C GLY E 350 24.24 11.45 -29.83
N SER E 351 25.29 10.74 -30.31
CA SER E 351 25.16 9.36 -30.77
C SER E 351 25.18 8.37 -29.60
N THR E 352 24.12 8.36 -28.79
CA THR E 352 23.94 7.31 -27.80
C THR E 352 22.58 6.65 -27.94
N GLU E 353 22.47 5.48 -27.35
CA GLU E 353 21.22 4.78 -27.27
C GLU E 353 20.20 5.61 -26.49
N GLU E 354 20.62 6.30 -25.43
CA GLU E 354 19.68 6.99 -24.56
C GLU E 354 19.12 8.22 -25.30
N ALA E 355 19.97 8.90 -26.05
CA ALA E 355 19.58 10.08 -26.80
C ALA E 355 18.61 9.72 -27.93
N GLN E 356 18.99 8.73 -28.75
CA GLN E 356 18.17 8.26 -29.85
C GLN E 356 16.82 7.77 -29.36
N SER E 357 16.83 7.19 -28.16
CA SER E 357 15.63 6.66 -27.56
C SER E 357 14.73 7.78 -27.03
N SER E 358 15.32 8.84 -26.48
CA SER E 358 14.55 9.95 -25.96
C SER E 358 13.91 10.76 -27.08
N ILE E 359 14.60 10.91 -28.22
CA ILE E 359 14.10 11.55 -29.42
C ILE E 359 12.86 10.78 -29.88
N GLY E 360 13.03 9.46 -30.04
CA GLY E 360 11.91 8.58 -30.32
C GLY E 360 10.67 8.96 -29.50
N ILE E 361 10.81 9.08 -28.17
CA ILE E 361 9.69 9.28 -27.28
C ILE E 361 9.13 10.70 -27.41
N GLU E 362 10.02 11.69 -27.53
CA GLU E 362 9.60 13.08 -27.53
C GLU E 362 8.71 13.39 -28.76
N VAL E 363 9.19 12.95 -29.93
CA VAL E 363 8.64 13.32 -31.21
C VAL E 363 7.41 12.47 -31.50
N ALA E 364 7.50 11.15 -31.20
CA ALA E 364 6.36 10.28 -31.36
C ALA E 364 5.21 10.69 -30.44
N THR E 365 5.54 11.18 -29.23
CA THR E 365 4.50 11.62 -28.32
C THR E 365 3.89 12.91 -28.86
N ALA E 366 4.73 13.77 -29.44
CA ALA E 366 4.27 15.03 -29.95
C ALA E 366 3.29 14.81 -31.13
N LEU E 367 3.70 13.99 -32.13
CA LEU E 367 2.88 13.70 -33.28
C LEU E 367 1.56 13.10 -32.81
N SER E 368 1.64 12.22 -31.81
CA SER E 368 0.50 11.48 -31.33
C SER E 368 -0.51 12.39 -30.64
N LYS E 369 -0.03 13.32 -29.80
CA LYS E 369 -0.93 14.26 -29.17
C LYS E 369 -1.53 15.22 -30.21
N TYR E 370 -0.82 15.49 -31.34
CA TYR E 370 -1.33 16.37 -32.38
C TYR E 370 -2.45 15.65 -33.13
N ILE E 371 -2.21 14.38 -33.47
CA ILE E 371 -3.19 13.56 -34.17
C ILE E 371 -4.41 13.31 -33.27
N ASN E 372 -4.21 12.89 -32.02
CA ASN E 372 -5.32 12.47 -31.18
C ASN E 372 -6.05 13.63 -30.53
N GLU E 373 -5.39 14.77 -30.31
CA GLU E 373 -6.00 15.84 -29.53
C GLU E 373 -5.85 17.23 -30.19
N GLY E 374 -5.10 17.28 -31.29
CA GLY E 374 -4.92 18.52 -32.03
C GLY E 374 -3.88 19.47 -31.46
N ASN E 375 -3.15 19.01 -30.43
CA ASN E 375 -2.17 19.81 -29.68
C ASN E 375 -0.91 20.11 -30.51
N SER E 376 -0.64 21.41 -30.77
CA SER E 376 0.44 21.82 -31.68
C SER E 376 1.55 22.55 -30.93
N VAL E 377 1.52 22.49 -29.59
CA VAL E 377 2.55 23.09 -28.73
C VAL E 377 3.89 22.43 -29.01
N GLY E 378 4.92 23.24 -29.25
CA GLY E 378 6.23 22.74 -29.62
C GLY E 378 6.40 22.55 -31.12
N SER E 379 5.35 22.83 -31.89
CA SER E 379 5.47 22.80 -33.34
C SER E 379 6.48 23.88 -33.73
N VAL E 380 7.28 23.63 -34.78
CA VAL E 380 8.25 24.63 -35.25
C VAL E 380 7.69 25.55 -36.36
N ASN E 381 6.54 25.25 -36.99
CA ASN E 381 6.09 26.03 -38.14
C ASN E 381 4.61 26.40 -38.05
N PHE E 382 4.04 26.34 -36.85
CA PHE E 382 2.59 26.34 -36.69
C PHE E 382 2.22 27.16 -35.46
N PRO E 383 1.00 27.70 -35.36
CA PRO E 383 0.53 28.28 -34.10
C PRO E 383 0.49 27.18 -33.05
N GLU E 384 0.77 27.55 -31.81
CA GLU E 384 0.85 26.64 -30.70
C GLU E 384 -0.46 26.72 -29.92
N VAL E 385 -1.29 25.68 -30.09
CA VAL E 385 -2.64 25.66 -29.58
C VAL E 385 -2.87 24.31 -28.92
N SER E 386 -3.56 24.33 -27.77
CA SER E 386 -3.97 23.13 -27.12
C SER E 386 -5.12 23.45 -26.15
N LEU E 387 -5.84 22.42 -25.70
CA LEU E 387 -6.97 22.60 -24.81
C LEU E 387 -6.95 21.43 -23.83
N LYS E 388 -7.46 21.63 -22.61
CA LYS E 388 -7.58 20.52 -21.66
C LYS E 388 -8.42 19.43 -22.31
N SER E 389 -7.99 18.16 -22.13
CA SER E 389 -8.71 16.98 -22.57
C SER E 389 -10.15 16.97 -22.04
N LEU E 390 -11.04 16.44 -22.87
CA LEU E 390 -12.42 16.23 -22.47
C LEU E 390 -12.47 15.00 -21.55
N ASP E 391 -13.37 15.03 -20.56
CA ASP E 391 -13.60 13.87 -19.71
C ASP E 391 -14.29 12.76 -20.50
N TYR E 392 -14.08 11.52 -20.01
CA TYR E 392 -14.76 10.30 -20.46
C TYR E 392 -16.26 10.55 -20.60
N ASP E 393 -16.88 11.22 -19.61
CA ASP E 393 -18.33 11.28 -19.48
C ASP E 393 -18.95 12.48 -20.18
N GLN E 394 -18.14 13.30 -20.89
CA GLN E 394 -18.67 14.36 -21.74
C GLN E 394 -19.10 13.71 -23.06
N GLU E 395 -20.32 13.16 -23.06
CA GLU E 395 -20.72 12.16 -24.05
C GLU E 395 -20.92 12.76 -25.44
N ASN E 396 -21.55 13.92 -25.64
CA ASN E 396 -21.84 14.22 -27.04
C ASN E 396 -20.97 15.36 -27.57
N THR E 397 -19.73 15.41 -27.10
CA THR E 397 -18.85 16.54 -27.37
C THR E 397 -17.91 16.19 -28.49
N VAL E 398 -17.75 17.14 -29.43
CA VAL E 398 -16.79 17.01 -30.50
C VAL E 398 -15.76 18.13 -30.42
N ARG E 399 -14.57 17.86 -30.95
CA ARG E 399 -13.52 18.85 -31.01
C ARG E 399 -13.27 19.22 -32.46
N VAL E 400 -13.39 20.54 -32.75
CA VAL E 400 -13.19 21.05 -34.09
C VAL E 400 -11.75 21.54 -34.18
N LEU E 401 -11.03 21.07 -35.21
CA LEU E 401 -9.65 21.48 -35.48
C LEU E 401 -9.60 22.14 -36.85
N TYR E 402 -9.62 23.48 -36.87
CA TYR E 402 -9.84 24.26 -38.09
C TYR E 402 -8.61 25.10 -38.40
N ILE E 403 -7.85 24.68 -39.42
CA ILE E 403 -6.68 25.41 -39.88
C ILE E 403 -7.10 26.26 -41.07
N HIS E 404 -6.82 27.55 -40.94
CA HIS E 404 -7.35 28.51 -41.92
C HIS E 404 -6.42 29.68 -42.22
N ARG E 405 -6.79 30.49 -43.21
CA ARG E 405 -6.00 31.68 -43.56
C ARG E 405 -6.29 32.76 -42.52
N ASN E 406 -5.24 33.42 -42.06
CA ASN E 406 -5.30 34.43 -41.01
C ASN E 406 -5.87 35.75 -41.56
N VAL E 407 -7.18 35.79 -41.79
CA VAL E 407 -7.82 36.95 -42.43
C VAL E 407 -9.01 37.34 -41.56
N PRO E 408 -9.51 38.58 -41.58
CA PRO E 408 -10.75 38.91 -40.86
C PRO E 408 -11.96 38.08 -41.30
N GLY E 409 -12.88 37.85 -40.36
CA GLY E 409 -14.20 37.32 -40.63
C GLY E 409 -14.29 35.80 -40.59
N VAL E 410 -13.24 35.09 -40.16
CA VAL E 410 -13.22 33.65 -40.25
C VAL E 410 -13.89 33.07 -39.00
N LEU E 411 -13.62 33.63 -37.80
CA LEU E 411 -14.28 33.17 -36.60
C LEU E 411 -15.77 33.51 -36.66
N LYS E 412 -16.15 34.61 -37.33
CA LYS E 412 -17.55 34.91 -37.58
C LYS E 412 -18.26 33.76 -38.30
N THR E 413 -17.66 33.31 -39.42
CA THR E 413 -18.15 32.21 -40.24
C THR E 413 -18.23 30.92 -39.41
N VAL E 414 -17.13 30.57 -38.71
CA VAL E 414 -17.02 29.31 -38.00
C VAL E 414 -17.99 29.29 -36.82
N ASN E 415 -18.07 30.37 -36.04
CA ASN E 415 -18.88 30.35 -34.84
C ASN E 415 -20.36 30.43 -35.18
N ASP E 416 -20.68 30.86 -36.41
CA ASP E 416 -22.01 30.82 -36.98
C ASP E 416 -22.43 29.38 -37.29
N ILE E 417 -21.63 28.69 -38.10
CA ILE E 417 -21.79 27.25 -38.35
C ILE E 417 -22.00 26.46 -37.04
N LEU E 418 -21.39 26.83 -35.92
CA LEU E 418 -21.48 26.03 -34.70
C LEU E 418 -22.53 26.60 -33.73
N SER E 419 -23.42 27.50 -34.16
CA SER E 419 -24.13 28.35 -33.21
C SER E 419 -25.36 27.65 -32.60
N ASP E 420 -25.72 26.48 -33.16
CA ASP E 420 -26.78 25.66 -32.57
C ASP E 420 -26.26 24.92 -31.35
N HIS E 421 -24.93 24.80 -31.20
CA HIS E 421 -24.29 24.06 -30.13
C HIS E 421 -23.60 25.01 -29.17
N ASN E 422 -23.61 24.67 -27.88
CA ASN E 422 -22.81 25.40 -26.89
C ASN E 422 -21.34 25.12 -27.14
N ILE E 423 -20.55 26.17 -27.22
CA ILE E 423 -19.08 26.00 -27.32
C ILE E 423 -18.58 26.11 -25.89
N GLU E 424 -17.96 25.04 -25.38
CA GLU E 424 -17.49 25.02 -23.98
C GLU E 424 -16.19 25.82 -23.90
N LYS E 425 -15.35 25.66 -24.91
CA LYS E 425 -14.18 26.48 -25.01
C LYS E 425 -13.62 26.47 -26.42
N GLN E 426 -12.72 27.41 -26.65
CA GLN E 426 -12.23 27.68 -27.99
C GLN E 426 -10.90 28.43 -27.83
N PHE E 427 -9.96 28.11 -28.70
CA PHE E 427 -8.68 28.78 -28.73
C PHE E 427 -8.24 28.82 -30.20
N SER E 428 -8.02 30.06 -30.67
CA SER E 428 -7.46 30.33 -31.97
C SER E 428 -6.18 31.15 -31.80
N ASP E 429 -5.16 30.85 -32.61
CA ASP E 429 -3.93 31.63 -32.66
C ASP E 429 -3.37 31.60 -34.07
N SER E 430 -2.59 32.64 -34.42
CA SER E 430 -2.05 32.82 -35.76
C SER E 430 -0.53 32.74 -35.77
N HIS E 431 0.03 32.36 -36.93
CA HIS E 431 1.49 32.30 -37.16
C HIS E 431 1.73 32.64 -38.63
N GLY E 432 1.96 33.92 -38.97
CA GLY E 432 2.08 34.32 -40.35
C GLY E 432 0.70 34.33 -41.02
N GLU E 433 0.62 33.64 -42.16
CA GLU E 433 -0.56 33.65 -43.00
C GLU E 433 -1.57 32.58 -42.59
N ILE E 434 -1.19 31.77 -41.60
CA ILE E 434 -1.92 30.60 -41.15
C ILE E 434 -2.43 30.90 -39.74
N ALA E 435 -3.62 30.38 -39.43
CA ALA E 435 -4.12 30.35 -38.06
C ALA E 435 -4.75 28.99 -37.76
N TYR E 436 -5.01 28.74 -36.47
CA TYR E 436 -5.45 27.44 -36.01
C TYR E 436 -6.47 27.64 -34.89
N LEU E 437 -7.70 27.18 -35.15
CA LEU E 437 -8.80 27.22 -34.19
C LEU E 437 -9.03 25.81 -33.66
N MET E 438 -9.29 25.73 -32.36
CA MET E 438 -9.62 24.48 -31.71
C MET E 438 -10.80 24.79 -30.80
N ALA E 439 -11.90 24.06 -30.99
CA ALA E 439 -13.14 24.36 -30.30
C ALA E 439 -13.79 23.08 -29.80
N ASP E 440 -14.29 23.12 -28.57
CA ASP E 440 -15.00 22.01 -27.97
C ASP E 440 -16.48 22.38 -27.87
N ILE E 441 -17.32 21.61 -28.57
CA ILE E 441 -18.75 21.87 -28.66
C ILE E 441 -19.50 20.65 -28.13
N SER E 442 -20.51 20.91 -27.29
CA SER E 442 -21.26 19.87 -26.60
C SER E 442 -22.64 19.66 -27.24
N SER E 443 -23.24 18.49 -26.91
CA SER E 443 -24.55 18.09 -27.39
C SER E 443 -24.58 18.09 -28.93
N VAL E 444 -23.84 17.16 -29.53
CA VAL E 444 -23.77 16.95 -30.97
C VAL E 444 -24.00 15.46 -31.27
N ASN E 445 -25.05 15.15 -32.05
CA ASN E 445 -25.29 13.79 -32.50
C ASN E 445 -24.65 13.61 -33.88
N GLN E 446 -24.67 12.38 -34.41
CA GLN E 446 -23.85 11.97 -35.55
C GLN E 446 -24.33 12.63 -36.85
N SER E 447 -25.62 12.93 -36.89
CA SER E 447 -26.22 13.62 -38.02
C SER E 447 -25.67 15.05 -38.10
N GLU E 448 -25.67 15.74 -36.96
CA GLU E 448 -25.19 17.11 -36.84
C GLU E 448 -23.69 17.19 -37.06
N ILE E 449 -22.92 16.14 -36.70
CA ILE E 449 -21.48 16.10 -36.88
C ILE E 449 -21.15 16.15 -38.38
N LYS E 450 -21.88 15.39 -39.20
CA LYS E 450 -21.61 15.31 -40.62
C LYS E 450 -21.92 16.66 -41.30
N ASP E 451 -22.90 17.38 -40.73
CA ASP E 451 -23.40 18.65 -41.24
C ASP E 451 -22.35 19.73 -40.98
N ILE E 452 -21.81 19.75 -39.76
CA ILE E 452 -20.78 20.69 -39.36
C ILE E 452 -19.52 20.47 -40.19
N TYR E 453 -19.17 19.20 -40.41
CA TYR E 453 -17.97 18.88 -41.14
C TYR E 453 -18.03 19.42 -42.56
N GLU E 454 -19.18 19.22 -43.23
CA GLU E 454 -19.31 19.55 -44.63
C GLU E 454 -19.38 21.07 -44.80
N LYS E 455 -20.02 21.76 -43.85
CA LYS E 455 -20.07 23.22 -43.84
C LYS E 455 -18.69 23.84 -43.65
N LEU E 456 -17.93 23.38 -42.64
CA LEU E 456 -16.58 23.88 -42.39
C LEU E 456 -15.65 23.51 -43.55
N ASN E 457 -15.92 22.39 -44.21
CA ASN E 457 -15.06 21.91 -45.28
C ASN E 457 -15.24 22.75 -46.56
N GLN E 458 -16.30 23.56 -46.62
CA GLN E 458 -16.56 24.41 -47.78
C GLN E 458 -16.55 25.89 -47.42
N THR E 459 -15.88 26.26 -46.31
CA THR E 459 -15.52 27.64 -46.04
C THR E 459 -14.29 27.98 -46.90
N SER E 460 -14.15 29.27 -47.25
CA SER E 460 -13.14 29.68 -48.22
C SER E 460 -11.82 30.01 -47.53
N ALA E 461 -11.86 30.30 -46.23
CA ALA E 461 -10.65 30.53 -45.43
C ALA E 461 -9.97 29.21 -45.05
N LYS E 462 -10.57 28.08 -45.35
CA LYS E 462 -10.14 26.80 -44.81
C LYS E 462 -8.89 26.33 -45.56
N VAL E 463 -7.95 25.78 -44.77
CA VAL E 463 -6.69 25.20 -45.21
C VAL E 463 -6.77 23.69 -44.99
N SER E 464 -7.13 23.28 -43.76
CA SER E 464 -7.38 21.90 -43.42
C SER E 464 -8.33 21.82 -42.21
N ILE E 465 -9.28 20.88 -42.23
CA ILE E 465 -10.24 20.69 -41.11
C ILE E 465 -10.24 19.24 -40.65
N ARG E 466 -10.31 19.02 -39.33
CA ARG E 466 -10.44 17.66 -38.78
C ARG E 466 -11.43 17.77 -37.64
N LEU E 467 -12.25 16.75 -37.44
CA LEU E 467 -13.18 16.73 -36.29
C LEU E 467 -12.89 15.48 -35.47
N LEU E 468 -12.74 15.61 -34.15
CA LEU E 468 -12.49 14.47 -33.29
C LEU E 468 -13.74 14.27 -32.44
N TYR E 469 -14.23 13.03 -32.33
CA TYR E 469 -15.44 12.75 -31.54
C TYR E 469 -15.26 11.49 -30.68
N SER F 22 16.07 -5.82 -18.66
CA SER F 22 16.58 -6.81 -17.68
C SER F 22 18.11 -6.82 -17.63
N PRO F 23 18.71 -7.30 -16.51
CA PRO F 23 20.11 -7.74 -16.49
C PRO F 23 20.45 -8.80 -17.53
N GLY F 24 21.73 -9.23 -17.57
CA GLY F 24 22.29 -10.14 -18.54
C GLY F 24 22.84 -9.38 -19.74
N ALA F 25 22.38 -8.15 -19.92
CA ALA F 25 22.86 -7.29 -21.00
C ALA F 25 22.80 -5.81 -20.58
N VAL F 26 23.89 -5.10 -20.96
CA VAL F 26 23.98 -3.67 -20.75
C VAL F 26 23.00 -3.05 -21.73
N SER F 27 22.26 -2.06 -21.25
CA SER F 27 21.15 -1.56 -22.04
C SER F 27 20.68 -0.18 -21.57
N THR F 28 19.95 0.47 -22.47
CA THR F 28 19.62 1.88 -22.37
C THR F 28 19.08 2.24 -21.00
N SER F 29 19.62 3.24 -20.32
CA SER F 29 19.08 3.65 -19.05
C SER F 29 17.71 4.28 -19.26
N PRO F 30 16.86 4.37 -18.22
CA PRO F 30 15.62 5.16 -18.31
C PRO F 30 15.75 6.68 -18.23
N THR F 31 15.97 7.34 -19.35
CA THR F 31 16.00 8.83 -19.33
C THR F 31 14.61 9.38 -19.00
N GLN F 32 14.52 10.33 -18.06
CA GLN F 32 13.26 11.00 -17.75
C GLN F 32 13.26 12.40 -18.38
N PRO F 39 19.14 26.90 -16.06
CA PRO F 39 19.44 28.10 -15.27
C PRO F 39 18.52 29.28 -15.66
N ARG F 40 18.02 30.02 -14.67
CA ARG F 40 17.08 31.13 -14.97
C ARG F 40 17.86 32.19 -15.73
N ARG F 41 17.26 32.71 -16.80
CA ARG F 41 18.03 33.66 -17.64
C ARG F 41 17.27 34.98 -17.79
N VAL F 42 17.77 35.84 -18.67
CA VAL F 42 17.19 37.15 -18.93
C VAL F 42 16.40 37.13 -20.26
N SER F 43 15.08 37.40 -20.17
CA SER F 43 14.13 37.27 -21.26
C SER F 43 13.81 38.67 -21.75
N ILE F 44 12.59 39.17 -21.45
CA ILE F 44 12.04 40.43 -21.97
C ILE F 44 12.82 40.96 -23.18
N THR F 45 12.53 40.40 -24.37
CA THR F 45 13.10 40.85 -25.63
C THR F 45 12.36 42.10 -26.11
N LYS F 46 11.03 42.04 -26.30
CA LYS F 46 10.25 43.27 -26.39
C LYS F 46 9.67 43.63 -25.02
N GLN F 47 9.62 44.93 -24.69
CA GLN F 47 8.83 45.43 -23.57
C GLN F 47 7.38 44.99 -23.78
N PRO F 48 6.66 44.47 -22.76
CA PRO F 48 5.21 44.33 -22.86
C PRO F 48 4.60 45.73 -23.04
N LYS F 49 3.70 45.85 -24.03
CA LYS F 49 2.78 46.98 -24.13
C LYS F 49 1.92 47.01 -22.87
N ALA F 50 1.81 48.19 -22.26
CA ALA F 50 0.92 48.40 -21.12
C ALA F 50 -0.43 48.90 -21.64
N LEU F 51 -1.50 48.41 -21.02
CA LEU F 51 -2.84 48.53 -21.57
C LEU F 51 -3.70 49.25 -20.54
N LYS F 52 -4.59 50.13 -21.02
CA LYS F 52 -5.44 50.93 -20.15
C LYS F 52 -6.89 50.79 -20.60
N PRO F 53 -7.86 50.73 -19.67
CA PRO F 53 -9.26 50.47 -20.03
C PRO F 53 -9.86 51.65 -20.80
N PHE F 54 -10.88 51.36 -21.62
CA PHE F 54 -11.65 52.38 -22.34
C PHE F 54 -12.71 52.93 -21.38
N SER F 55 -13.08 54.21 -21.53
CA SER F 55 -14.23 54.84 -20.85
C SER F 55 -14.02 55.01 -19.35
N THR F 56 -13.17 54.17 -18.73
CA THR F 56 -12.81 54.29 -17.32
C THR F 56 -11.84 55.46 -17.09
N GLY F 57 -11.95 56.09 -15.92
CA GLY F 57 -10.92 56.99 -15.40
C GLY F 57 -10.01 56.19 -14.47
N ASP F 58 -9.87 56.68 -13.23
CA ASP F 58 -8.99 56.07 -12.23
C ASP F 58 -9.63 54.84 -11.63
N MET F 59 -8.82 53.80 -11.48
CA MET F 59 -9.14 52.58 -10.73
C MET F 59 -9.09 52.91 -9.24
N ASN F 60 -10.17 52.66 -8.51
CA ASN F 60 -10.18 52.78 -7.06
C ASN F 60 -10.08 51.41 -6.41
N ILE F 61 -9.07 51.20 -5.57
CA ILE F 61 -8.93 49.98 -4.80
C ILE F 61 -9.33 50.26 -3.35
N LEU F 62 -10.13 49.39 -2.75
CA LEU F 62 -10.44 49.47 -1.32
C LEU F 62 -9.85 48.25 -0.63
N LEU F 63 -9.00 48.47 0.38
CA LEU F 63 -8.36 47.39 1.11
C LEU F 63 -8.82 47.46 2.57
N LEU F 64 -9.31 46.33 3.07
CA LEU F 64 -9.84 46.23 4.41
C LEU F 64 -9.00 45.22 5.21
N GLU F 65 -9.17 45.30 6.54
CA GLU F 65 -8.71 44.29 7.49
C GLU F 65 -7.18 44.23 7.55
N ASN F 66 -6.50 45.36 7.27
CA ASN F 66 -5.07 45.48 7.51
C ASN F 66 -4.32 44.51 6.63
N VAL F 67 -4.53 44.63 5.33
CA VAL F 67 -3.69 43.97 4.35
C VAL F 67 -2.28 44.55 4.49
N ASN F 68 -1.30 43.76 4.04
CA ASN F 68 0.11 44.10 4.18
C ASN F 68 0.49 45.25 3.24
N ALA F 69 1.48 46.03 3.67
CA ALA F 69 1.97 47.16 2.91
C ALA F 69 2.53 46.76 1.55
N THR F 70 2.92 45.49 1.34
CA THR F 70 3.44 45.10 0.05
C THR F 70 2.38 45.28 -1.04
N ALA F 71 1.11 45.08 -0.63
CA ALA F 71 -0.04 45.19 -1.52
C ALA F 71 -0.32 46.65 -1.85
N ILE F 72 -0.31 47.51 -0.80
CA ILE F 72 -0.54 48.93 -0.97
C ILE F 72 0.45 49.47 -1.99
N LYS F 73 1.71 49.04 -1.89
CA LYS F 73 2.77 49.55 -2.73
C LYS F 73 2.55 49.10 -4.17
N ILE F 74 2.18 47.84 -4.39
CA ILE F 74 2.03 47.34 -5.75
C ILE F 74 0.93 48.11 -6.48
N PHE F 75 -0.15 48.44 -5.76
CA PHE F 75 -1.29 49.14 -6.32
C PHE F 75 -0.98 50.62 -6.62
N LYS F 76 -0.27 51.30 -5.73
CA LYS F 76 0.08 52.70 -5.97
C LYS F 76 1.06 52.83 -7.13
N ASP F 77 1.98 51.87 -7.30
CA ASP F 77 2.93 51.86 -8.41
C ASP F 77 2.24 51.63 -9.75
N GLN F 78 1.05 51.01 -9.76
CA GLN F 78 0.23 50.92 -10.96
C GLN F 78 -0.49 52.24 -11.24
N GLY F 79 -0.55 53.12 -10.23
CA GLY F 79 -1.24 54.40 -10.33
C GLY F 79 -2.70 54.32 -9.90
N TYR F 80 -3.11 53.22 -9.25
CA TYR F 80 -4.46 53.11 -8.74
C TYR F 80 -4.55 54.00 -7.50
N GLN F 81 -5.76 54.53 -7.24
CA GLN F 81 -6.10 55.20 -6.01
C GLN F 81 -6.44 54.15 -4.96
N VAL F 82 -5.82 54.21 -3.78
CA VAL F 82 -5.92 53.14 -2.80
C VAL F 82 -6.46 53.70 -1.48
N GLU F 83 -7.55 53.12 -0.97
CA GLU F 83 -8.10 53.46 0.33
C GLU F 83 -7.91 52.26 1.26
N PHE F 84 -7.27 52.48 2.41
CA PHE F 84 -6.81 51.42 3.29
C PHE F 84 -7.48 51.53 4.66
N HIS F 85 -7.96 50.39 5.20
CA HIS F 85 -8.44 50.32 6.58
C HIS F 85 -7.80 49.15 7.31
N LYS F 86 -7.63 49.30 8.64
CA LYS F 86 -7.01 48.27 9.45
C LYS F 86 -8.04 47.23 9.90
N SER F 87 -9.32 47.58 9.90
CA SER F 87 -10.35 46.61 10.21
C SER F 87 -11.41 46.57 9.11
N SER F 88 -12.51 45.87 9.35
CA SER F 88 -13.65 45.82 8.44
C SER F 88 -14.54 47.04 8.69
N LEU F 89 -15.54 47.21 7.83
CA LEU F 89 -16.46 48.33 7.91
C LEU F 89 -17.84 47.84 8.35
N PRO F 90 -18.63 48.63 9.13
CA PRO F 90 -20.08 48.43 9.22
C PRO F 90 -20.70 48.18 7.84
N GLU F 91 -21.81 47.43 7.80
CA GLU F 91 -22.36 46.97 6.53
C GLU F 91 -22.88 48.13 5.69
N ASP F 92 -23.38 49.19 6.32
CA ASP F 92 -24.02 50.29 5.59
C ASP F 92 -22.97 51.20 4.98
N GLU F 93 -21.83 51.35 5.68
CA GLU F 93 -20.67 52.09 5.20
C GLU F 93 -20.01 51.33 4.06
N LEU F 94 -19.90 50.00 4.19
CA LEU F 94 -19.29 49.18 3.17
C LEU F 94 -20.09 49.26 1.87
N ILE F 95 -21.43 49.30 1.99
CA ILE F 95 -22.31 49.37 0.83
C ILE F 95 -22.04 50.66 0.05
N GLU F 96 -21.94 51.79 0.76
CA GLU F 96 -21.76 53.06 0.09
C GLU F 96 -20.40 53.13 -0.59
N LYS F 97 -19.35 52.59 0.06
CA LYS F 97 -18.00 52.68 -0.49
C LYS F 97 -17.87 51.80 -1.73
N ILE F 98 -18.63 50.70 -1.78
CA ILE F 98 -18.35 49.67 -2.75
C ILE F 98 -19.02 50.02 -4.08
N LYS F 99 -19.87 51.04 -4.07
CA LYS F 99 -20.56 51.52 -5.27
C LYS F 99 -19.56 52.00 -6.33
N ASP F 100 -18.49 52.66 -5.89
CA ASP F 100 -17.52 53.33 -6.74
C ASP F 100 -16.29 52.46 -7.03
N VAL F 101 -16.10 51.37 -6.25
CA VAL F 101 -14.82 50.71 -6.14
C VAL F 101 -14.67 49.73 -7.30
N HIS F 102 -13.46 49.61 -7.81
CA HIS F 102 -13.15 48.71 -8.95
C HIS F 102 -12.54 47.41 -8.46
N ALA F 103 -11.83 47.42 -7.33
CA ALA F 103 -11.32 46.19 -6.75
C ALA F 103 -11.36 46.32 -5.23
N ILE F 104 -11.64 45.20 -4.57
CA ILE F 104 -11.69 45.20 -3.13
C ILE F 104 -10.82 44.05 -2.62
N GLY F 105 -9.97 44.38 -1.66
CA GLY F 105 -9.20 43.39 -0.91
C GLY F 105 -9.78 43.20 0.48
N ILE F 106 -9.96 41.93 0.87
CA ILE F 106 -10.48 41.59 2.18
C ILE F 106 -9.61 40.48 2.75
N ARG F 107 -9.91 40.11 4.00
CA ARG F 107 -9.47 38.84 4.56
C ARG F 107 -10.71 38.10 5.04
N SER F 108 -10.63 37.39 6.17
CA SER F 108 -11.63 36.41 6.56
C SER F 108 -12.92 37.04 7.10
N LYS F 109 -12.89 38.22 7.72
CA LYS F 109 -14.04 38.73 8.47
C LYS F 109 -14.96 39.65 7.67
N THR F 110 -14.66 39.97 6.41
CA THR F 110 -15.57 40.79 5.62
C THR F 110 -16.45 39.87 4.79
N ARG F 111 -17.78 39.94 5.05
CA ARG F 111 -18.74 39.08 4.39
C ARG F 111 -19.31 39.82 3.19
N LEU F 112 -18.86 39.40 2.00
CA LEU F 112 -19.33 39.92 0.73
C LEU F 112 -20.48 39.02 0.23
N THR F 113 -21.65 39.31 0.77
CA THR F 113 -22.89 38.63 0.45
C THR F 113 -23.45 39.27 -0.82
N GLU F 114 -24.50 38.63 -1.37
CA GLU F 114 -25.28 39.24 -2.42
C GLU F 114 -25.87 40.56 -1.95
N LYS F 115 -26.26 40.68 -0.66
CA LYS F 115 -26.84 41.91 -0.14
C LYS F 115 -25.92 43.11 -0.43
N ILE F 116 -24.60 42.87 -0.37
CA ILE F 116 -23.60 43.90 -0.50
C ILE F 116 -23.14 44.03 -1.96
N LEU F 117 -22.87 42.90 -2.62
CA LEU F 117 -22.36 42.91 -3.98
C LEU F 117 -23.39 43.40 -4.99
N GLN F 118 -24.69 43.40 -4.66
CA GLN F 118 -25.71 43.87 -5.58
C GLN F 118 -25.49 45.35 -5.91
N HIS F 119 -24.83 46.08 -5.00
CA HIS F 119 -24.59 47.50 -5.13
C HIS F 119 -23.27 47.83 -5.85
N ALA F 120 -22.45 46.81 -6.18
CA ALA F 120 -21.11 47.03 -6.70
C ALA F 120 -21.13 47.17 -8.22
N ARG F 121 -21.48 48.34 -8.73
CA ARG F 121 -21.65 48.50 -10.19
C ARG F 121 -20.31 48.54 -10.92
N ASN F 122 -19.22 48.87 -10.23
CA ASN F 122 -17.96 49.01 -10.96
C ASN F 122 -16.98 47.88 -10.73
N LEU F 123 -17.26 47.03 -9.73
CA LEU F 123 -16.29 46.08 -9.21
C LEU F 123 -15.84 45.08 -10.28
N VAL F 124 -14.52 44.99 -10.50
CA VAL F 124 -13.96 44.13 -11.53
C VAL F 124 -13.49 42.82 -10.89
N CYS F 125 -12.98 42.88 -9.65
CA CYS F 125 -12.41 41.72 -8.97
C CYS F 125 -12.34 41.90 -7.45
N ILE F 126 -12.24 40.76 -6.76
CA ILE F 126 -12.10 40.68 -5.32
C ILE F 126 -10.82 39.90 -4.98
N GLY F 127 -10.00 40.50 -4.10
CA GLY F 127 -8.85 39.83 -3.54
C GLY F 127 -9.12 39.33 -2.12
N CYS F 128 -9.01 38.02 -1.93
CA CYS F 128 -8.98 37.45 -0.60
C CYS F 128 -7.53 37.29 -0.15
N PHE F 129 -7.09 38.18 0.76
CA PHE F 129 -5.71 38.21 1.21
C PHE F 129 -5.54 37.19 2.33
N CYS F 130 -5.75 35.91 1.97
CA CYS F 130 -5.92 34.80 2.89
C CYS F 130 -6.25 33.57 2.07
N ILE F 131 -6.38 32.42 2.75
CA ILE F 131 -6.73 31.17 2.11
C ILE F 131 -8.25 31.09 1.87
N GLY F 132 -9.06 31.44 2.89
CA GLY F 132 -10.50 31.25 2.85
C GLY F 132 -11.22 32.21 1.89
N THR F 133 -12.30 31.71 1.26
CA THR F 133 -13.11 32.43 0.28
C THR F 133 -14.60 32.31 0.59
N ASN F 134 -14.96 31.55 1.64
CA ASN F 134 -16.33 31.36 2.07
C ASN F 134 -17.01 32.65 2.54
N GLN F 135 -16.23 33.68 2.88
CA GLN F 135 -16.81 34.93 3.34
C GLN F 135 -17.41 35.68 2.14
N VAL F 136 -17.10 35.19 0.93
CA VAL F 136 -17.56 35.77 -0.32
C VAL F 136 -18.58 34.81 -0.95
N ASP F 137 -19.70 35.35 -1.41
CA ASP F 137 -20.65 34.57 -2.20
C ASP F 137 -20.08 34.40 -3.62
N LEU F 138 -19.29 33.34 -3.84
CA LEU F 138 -18.51 33.17 -5.07
C LEU F 138 -19.40 33.07 -6.30
N LYS F 139 -20.59 32.45 -6.17
CA LYS F 139 -21.44 32.19 -7.33
C LYS F 139 -22.17 33.46 -7.72
N TYR F 140 -22.71 34.18 -6.73
CA TYR F 140 -23.32 35.48 -7.02
C TYR F 140 -22.30 36.39 -7.71
N ALA F 141 -21.07 36.41 -7.18
CA ALA F 141 -20.00 37.22 -7.72
C ALA F 141 -19.74 36.84 -9.18
N ALA F 142 -19.61 35.54 -9.48
CA ALA F 142 -19.34 35.11 -10.84
C ALA F 142 -20.47 35.57 -11.77
N SER F 143 -21.70 35.55 -11.23
CA SER F 143 -22.89 35.87 -11.98
C SER F 143 -22.87 37.34 -12.42
N LYS F 144 -22.16 38.20 -11.68
CA LYS F 144 -22.02 39.61 -12.03
C LYS F 144 -20.70 39.87 -12.77
N GLY F 145 -19.96 38.83 -13.14
CA GLY F 145 -18.69 39.00 -13.85
C GLY F 145 -17.55 39.45 -12.95
N ILE F 146 -17.65 39.20 -11.64
CA ILE F 146 -16.62 39.55 -10.65
C ILE F 146 -15.75 38.34 -10.33
N ALA F 147 -14.45 38.41 -10.70
CA ALA F 147 -13.46 37.37 -10.47
C ALA F 147 -12.91 37.47 -9.05
N VAL F 148 -12.76 36.31 -8.38
CA VAL F 148 -12.28 36.28 -7.00
C VAL F 148 -10.95 35.54 -6.98
N PHE F 149 -9.97 36.13 -6.29
CA PHE F 149 -8.64 35.55 -6.18
C PHE F 149 -8.30 35.39 -4.68
N ASN F 150 -7.44 34.42 -4.38
CA ASN F 150 -7.01 34.21 -3.01
C ASN F 150 -5.55 33.79 -2.97
N SER F 151 -5.07 33.47 -1.76
CA SER F 151 -3.71 33.02 -1.56
C SER F 151 -3.71 31.71 -0.78
N PRO F 152 -3.70 30.56 -1.48
CA PRO F 152 -3.88 29.28 -0.81
C PRO F 152 -2.63 28.76 -0.06
N PHE F 153 -1.42 29.01 -0.59
CA PHE F 153 -0.20 28.29 -0.26
C PHE F 153 0.91 29.21 0.25
N SER F 154 0.56 30.42 0.71
CA SER F 154 1.55 31.42 1.06
C SER F 154 2.12 31.20 2.47
N ASN F 155 1.47 30.33 3.28
CA ASN F 155 1.78 30.15 4.69
C ASN F 155 2.57 28.86 4.94
N SER F 156 3.08 28.22 3.88
CA SER F 156 3.69 26.91 3.96
C SER F 156 4.95 26.93 4.81
N ARG F 157 5.93 27.76 4.44
CA ARG F 157 7.17 27.82 5.18
C ARG F 157 6.92 28.16 6.65
N SER F 158 6.00 29.08 6.94
CA SER F 158 5.74 29.52 8.31
C SER F 158 5.25 28.37 9.18
N VAL F 159 4.37 27.52 8.61
CA VAL F 159 3.86 26.38 9.35
C VAL F 159 4.95 25.31 9.52
N ALA F 160 5.76 25.07 8.48
CA ALA F 160 6.80 24.05 8.51
C ALA F 160 7.83 24.38 9.59
N GLU F 161 8.17 25.65 9.72
CA GLU F 161 9.13 26.08 10.75
C GLU F 161 8.49 25.94 12.13
N LEU F 162 7.23 26.31 12.25
CA LEU F 162 6.58 26.18 13.53
C LEU F 162 6.71 24.75 14.03
N VAL F 163 6.52 23.80 13.13
CA VAL F 163 6.49 22.39 13.50
C VAL F 163 7.88 21.94 13.93
N ILE F 164 8.93 22.29 13.16
CA ILE F 164 10.30 21.99 13.54
C ILE F 164 10.56 22.48 14.96
N GLY F 165 10.04 23.66 15.30
CA GLY F 165 10.28 24.26 16.61
C GLY F 165 9.54 23.53 17.73
N GLU F 166 8.35 23.01 17.40
CA GLU F 166 7.53 22.33 18.37
C GLU F 166 8.05 20.90 18.58
N ILE F 167 8.57 20.28 17.53
CA ILE F 167 9.24 18.99 17.63
C ILE F 167 10.32 19.09 18.71
N ILE F 168 11.20 20.07 18.55
CA ILE F 168 12.32 20.21 19.47
C ILE F 168 11.81 20.57 20.86
N SER F 169 10.84 21.46 20.90
CA SER F 169 10.33 21.98 22.16
C SER F 169 9.66 20.86 22.97
N LEU F 170 8.95 19.97 22.29
CA LEU F 170 8.27 18.86 22.94
C LEU F 170 9.29 17.79 23.38
N ALA F 171 10.31 17.55 22.52
CA ALA F 171 11.37 16.59 22.77
C ALA F 171 12.12 16.98 24.04
N ARG F 172 12.13 18.26 24.38
CA ARG F 172 12.96 18.75 25.48
C ARG F 172 12.11 19.32 26.63
N GLN F 173 10.77 19.25 26.50
CA GLN F 173 9.84 19.84 27.44
C GLN F 173 10.19 21.31 27.73
N LEU F 174 10.58 22.08 26.71
CA LEU F 174 10.95 23.48 26.89
C LEU F 174 9.84 24.27 27.57
N GLY F 175 8.62 24.12 27.05
CA GLY F 175 7.52 24.91 27.57
C GLY F 175 7.34 24.72 29.07
N ASP F 176 7.47 23.46 29.51
CA ASP F 176 7.28 23.10 30.91
C ASP F 176 8.40 23.69 31.78
N ARG F 177 9.63 23.64 31.26
CA ARG F 177 10.80 24.13 31.98
C ARG F 177 10.63 25.62 32.25
N SER F 178 10.23 26.36 31.20
CA SER F 178 10.13 27.81 31.27
C SER F 178 9.00 28.24 32.22
N ILE F 179 7.86 27.54 32.16
CA ILE F 179 6.72 27.86 33.01
C ILE F 179 7.08 27.66 34.48
N GLU F 180 7.80 26.56 34.76
CA GLU F 180 8.34 26.27 36.07
C GLU F 180 9.21 27.43 36.56
N LEU F 181 10.22 27.81 35.78
CA LEU F 181 11.16 28.84 36.26
C LEU F 181 10.44 30.18 36.51
N HIS F 182 9.48 30.51 35.65
CA HIS F 182 8.71 31.78 35.81
C HIS F 182 7.88 31.69 37.10
N THR F 183 7.74 30.50 37.66
CA THR F 183 7.00 30.32 38.92
C THR F 183 8.00 30.00 40.02
N GLY F 184 9.29 30.02 39.70
CA GLY F 184 10.32 29.86 40.71
C GLY F 184 10.76 28.41 40.91
N THR F 185 10.32 27.49 40.05
CA THR F 185 10.67 26.08 40.25
C THR F 185 11.84 25.70 39.35
N TRP F 186 12.90 25.19 39.97
CA TRP F 186 14.08 24.73 39.24
C TRP F 186 13.97 23.22 39.10
N ASN F 187 13.81 22.73 37.86
CA ASN F 187 13.52 21.31 37.67
C ASN F 187 14.29 20.78 36.46
N LYS F 188 15.57 20.47 36.67
CA LYS F 188 16.43 19.89 35.65
C LYS F 188 16.06 18.42 35.44
N VAL F 189 15.74 18.07 34.19
CA VAL F 189 15.21 16.78 33.80
C VAL F 189 15.89 16.39 32.48
N ALA F 190 16.57 15.22 32.44
CA ALA F 190 17.02 14.61 31.18
C ALA F 190 16.15 13.42 30.76
N ALA F 191 15.34 12.90 31.69
CA ALA F 191 14.58 11.66 31.45
C ALA F 191 13.46 11.82 30.44
N ARG F 192 13.54 11.06 29.36
CA ARG F 192 12.48 11.09 28.31
C ARG F 192 12.57 12.45 27.61
N CYS F 193 13.73 13.07 27.63
CA CYS F 193 13.97 14.31 26.85
C CYS F 193 14.99 13.83 25.83
N TRP F 194 14.85 14.20 24.56
CA TRP F 194 15.65 13.55 23.52
C TRP F 194 16.29 14.47 22.51
N GLU F 195 17.31 13.94 21.87
CA GLU F 195 17.88 14.63 20.72
C GLU F 195 16.99 14.15 19.59
N VAL F 196 16.58 15.05 18.72
CA VAL F 196 15.66 14.71 17.65
C VAL F 196 16.44 14.03 16.52
N ARG F 197 17.77 14.21 16.47
CA ARG F 197 18.58 13.43 15.55
C ARG F 197 18.30 11.95 15.77
N GLY F 198 18.03 11.22 14.68
CA GLY F 198 17.81 9.78 14.76
C GLY F 198 16.34 9.40 14.93
N LYS F 199 15.51 10.28 15.48
CA LYS F 199 14.11 10.00 15.67
C LYS F 199 13.38 9.99 14.32
N THR F 200 12.12 9.52 14.33
CA THR F 200 11.35 9.44 13.10
C THR F 200 10.15 10.39 13.17
N LEU F 201 10.00 11.18 12.11
CA LEU F 201 8.85 12.02 11.89
C LEU F 201 7.90 11.36 10.90
N GLY F 202 6.63 11.22 11.33
CA GLY F 202 5.54 10.75 10.47
C GLY F 202 4.65 11.91 10.02
N ILE F 203 4.73 12.24 8.73
CA ILE F 203 3.96 13.32 8.13
C ILE F 203 2.69 12.74 7.48
N ILE F 204 1.53 13.19 7.99
CA ILE F 204 0.25 12.83 7.40
C ILE F 204 -0.19 13.98 6.50
N GLY F 205 -0.07 13.76 5.18
CA GLY F 205 -0.36 14.76 4.18
C GLY F 205 0.93 15.38 3.66
N TYR F 206 1.45 14.83 2.55
CA TYR F 206 2.69 15.31 1.94
C TYR F 206 2.42 16.33 0.82
N GLY F 207 1.76 17.44 1.24
CA GLY F 207 1.38 18.53 0.36
C GLY F 207 2.40 19.64 0.37
N HIS F 208 1.92 20.87 0.29
CA HIS F 208 2.85 22.03 0.25
C HIS F 208 3.60 22.12 1.58
N ILE F 209 2.88 22.05 2.70
CA ILE F 209 3.50 22.12 4.01
C ILE F 209 4.26 20.83 4.33
N GLY F 210 3.62 19.68 4.14
CA GLY F 210 4.24 18.41 4.46
C GLY F 210 5.57 18.21 3.75
N SER F 211 5.67 18.57 2.46
CA SER F 211 6.88 18.31 1.67
C SER F 211 8.01 19.27 2.09
N GLN F 212 7.64 20.48 2.46
CA GLN F 212 8.59 21.47 2.96
C GLN F 212 9.13 21.04 4.32
N LEU F 213 8.24 20.60 5.21
CA LEU F 213 8.60 20.11 6.52
C LEU F 213 9.55 18.91 6.40
N SER F 214 9.29 18.06 5.40
CA SER F 214 10.10 16.88 5.14
C SER F 214 11.57 17.26 5.01
N VAL F 215 11.87 18.32 4.24
CA VAL F 215 13.26 18.66 3.92
C VAL F 215 13.98 19.20 5.16
N LEU F 216 13.26 20.03 5.94
CA LEU F 216 13.75 20.59 7.18
C LEU F 216 14.02 19.47 8.17
N ALA F 217 13.07 18.57 8.34
CA ALA F 217 13.18 17.48 9.30
C ALA F 217 14.39 16.59 8.98
N GLU F 218 14.64 16.28 7.69
CA GLU F 218 15.82 15.50 7.33
C GLU F 218 17.11 16.23 7.68
N ALA F 219 17.12 17.54 7.42
CA ALA F 219 18.26 18.39 7.76
C ALA F 219 18.52 18.41 9.26
N MET F 220 17.47 18.30 10.11
CA MET F 220 17.65 18.20 11.55
C MET F 220 17.94 16.76 11.99
N GLY F 221 18.09 15.84 11.01
CA GLY F 221 18.55 14.47 11.25
C GLY F 221 17.43 13.47 11.64
N LEU F 222 16.15 13.80 11.34
CA LEU F 222 15.05 12.87 11.50
C LEU F 222 14.89 12.06 10.21
N HIS F 223 14.38 10.85 10.43
CA HIS F 223 13.98 9.99 9.30
C HIS F 223 12.52 10.37 9.08
N VAL F 224 12.10 10.51 7.84
CA VAL F 224 10.75 10.94 7.53
C VAL F 224 10.02 9.81 6.81
N LEU F 225 8.87 9.44 7.39
CA LEU F 225 7.85 8.64 6.74
C LEU F 225 6.65 9.53 6.43
N TYR F 226 5.91 9.24 5.36
CA TYR F 226 4.67 9.96 5.15
C TYR F 226 3.56 9.04 4.65
N TYR F 227 2.32 9.38 5.07
CA TYR F 227 1.11 8.76 4.56
C TYR F 227 0.31 9.81 3.81
N ASP F 228 -0.12 9.48 2.57
CA ASP F 228 -1.02 10.32 1.80
C ASP F 228 -1.99 9.41 1.06
N ILE F 229 -3.12 9.95 0.60
CA ILE F 229 -4.11 9.19 -0.16
C ILE F 229 -3.69 9.08 -1.61
N VAL F 230 -2.58 9.71 -1.98
CA VAL F 230 -2.12 9.73 -3.36
C VAL F 230 -0.67 9.31 -3.33
N THR F 231 -0.21 8.70 -4.43
CA THR F 231 1.21 8.41 -4.58
C THR F 231 1.96 9.70 -4.93
N ILE F 232 2.93 10.05 -4.07
CA ILE F 232 3.66 11.30 -4.20
C ILE F 232 5.14 10.97 -4.22
N MET F 233 5.88 11.51 -5.20
CA MET F 233 7.32 11.35 -5.25
C MET F 233 7.97 12.08 -4.06
N ALA F 234 8.80 11.34 -3.31
CA ALA F 234 9.42 11.85 -2.10
C ALA F 234 10.48 12.90 -2.42
N LEU F 235 10.61 13.92 -1.54
CA LEU F 235 11.75 14.81 -1.51
C LEU F 235 12.83 14.21 -0.60
N GLY F 236 14.08 14.23 -1.08
CA GLY F 236 15.19 13.73 -0.29
C GLY F 236 15.10 12.22 -0.16
N THR F 237 15.19 11.72 1.07
CA THR F 237 15.12 10.29 1.34
C THR F 237 13.93 9.95 2.25
N ALA F 238 12.84 10.66 2.02
CA ALA F 238 11.61 10.35 2.77
C ALA F 238 10.99 9.11 2.14
N ARG F 239 10.16 8.41 2.89
CA ARG F 239 9.58 7.15 2.39
C ARG F 239 8.07 7.17 2.55
N GLN F 240 7.35 6.87 1.48
CA GLN F 240 5.87 6.79 1.57
C GLN F 240 5.48 5.41 2.09
N VAL F 241 4.65 5.38 3.11
CA VAL F 241 4.10 4.15 3.67
C VAL F 241 2.66 3.98 3.16
N SER F 242 2.24 2.73 2.94
CA SER F 242 0.97 2.45 2.28
C SER F 242 -0.21 2.55 3.25
N THR F 243 0.01 2.38 4.56
CA THR F 243 -1.05 2.54 5.54
C THR F 243 -0.66 3.52 6.63
N LEU F 244 -1.66 4.14 7.25
CA LEU F 244 -1.43 5.11 8.34
C LEU F 244 -0.89 4.40 9.58
N ASP F 245 -1.38 3.20 9.86
CA ASP F 245 -0.97 2.50 11.09
C ASP F 245 0.50 2.12 10.98
N GLU F 246 1.02 1.98 9.77
CA GLU F 246 2.45 1.72 9.65
C GLU F 246 3.24 2.97 10.08
N LEU F 247 2.76 4.12 9.60
CA LEU F 247 3.26 5.41 10.03
C LEU F 247 3.10 5.60 11.54
N LEU F 248 1.93 5.33 12.11
CA LEU F 248 1.71 5.53 13.55
C LEU F 248 2.62 4.60 14.36
N ASN F 249 2.83 3.37 13.86
CA ASN F 249 3.63 2.37 14.54
C ASN F 249 5.10 2.74 14.61
N LYS F 250 5.62 3.36 13.53
CA LYS F 250 7.05 3.57 13.34
C LYS F 250 7.52 5.00 13.61
N SER F 251 6.62 5.91 14.01
CA SER F 251 6.97 7.31 14.16
C SER F 251 7.10 7.66 15.64
N ASP F 252 8.04 8.59 15.94
CA ASP F 252 8.20 9.13 17.28
C ASP F 252 7.35 10.40 17.40
N PHE F 253 7.38 11.21 16.33
CA PHE F 253 6.57 12.42 16.20
C PHE F 253 5.59 12.24 15.04
N VAL F 254 4.30 12.48 15.31
CA VAL F 254 3.31 12.44 14.25
C VAL F 254 2.70 13.84 14.05
N THR F 255 2.71 14.30 12.81
CA THR F 255 2.22 15.64 12.49
C THR F 255 1.25 15.62 11.32
N LEU F 256 0.22 16.47 11.38
CA LEU F 256 -0.90 16.49 10.43
C LEU F 256 -0.88 17.72 9.54
N HIS F 257 -0.89 17.49 8.22
CA HIS F 257 -0.90 18.58 7.21
C HIS F 257 -1.89 18.20 6.13
N VAL F 258 -3.14 17.93 6.52
CA VAL F 258 -4.20 17.48 5.64
C VAL F 258 -5.30 18.54 5.54
N PRO F 259 -6.12 18.50 4.45
CA PRO F 259 -7.33 19.31 4.37
C PRO F 259 -8.45 18.83 5.27
N ALA F 260 -9.49 19.67 5.47
CA ALA F 260 -10.73 19.25 6.13
C ALA F 260 -11.65 18.58 5.11
N THR F 261 -11.70 17.24 5.15
CA THR F 261 -12.56 16.42 4.34
C THR F 261 -13.34 15.55 5.33
N PRO F 262 -14.37 14.82 4.90
CA PRO F 262 -15.03 13.86 5.81
C PRO F 262 -14.11 12.73 6.25
N GLU F 263 -13.06 12.41 5.44
CA GLU F 263 -12.08 11.37 5.75
C GLU F 263 -11.06 11.80 6.81
N THR F 264 -10.70 13.09 6.84
CA THR F 264 -9.80 13.64 7.83
C THR F 264 -10.52 14.04 9.13
N GLU F 265 -11.84 14.23 9.05
CA GLU F 265 -12.62 14.54 10.22
C GLU F 265 -12.33 13.48 11.29
N LYS F 266 -11.71 13.91 12.39
CA LYS F 266 -11.38 13.07 13.53
C LYS F 266 -10.55 11.85 13.15
N MET F 267 -9.62 12.00 12.18
CA MET F 267 -8.85 10.88 11.72
C MET F 267 -7.80 10.42 12.74
N LEU F 268 -7.36 11.28 13.68
CA LEU F 268 -6.63 10.80 14.85
C LEU F 268 -7.53 10.77 16.08
N SER F 269 -7.94 9.55 16.45
CA SER F 269 -8.76 9.35 17.64
C SER F 269 -8.17 8.20 18.46
N ALA F 270 -8.87 7.75 19.50
CA ALA F 270 -8.39 6.74 20.44
C ALA F 270 -7.69 5.56 19.76
N PRO F 271 -8.22 4.96 18.66
CA PRO F 271 -7.58 3.80 18.04
C PRO F 271 -6.26 4.09 17.34
N GLN F 272 -6.12 5.33 16.84
CA GLN F 272 -4.89 5.78 16.24
C GLN F 272 -3.80 6.01 17.31
N PHE F 273 -4.18 6.56 18.49
CA PHE F 273 -3.26 6.76 19.59
C PHE F 273 -2.81 5.42 20.17
N ALA F 274 -3.67 4.39 20.12
CA ALA F 274 -3.25 3.07 20.54
C ALA F 274 -2.23 2.45 19.57
N ALA F 275 -2.24 2.87 18.28
CA ALA F 275 -1.35 2.37 17.23
C ALA F 275 0.03 3.04 17.28
N MET F 276 0.13 4.12 18.06
CA MET F 276 1.33 4.94 18.13
C MET F 276 2.27 4.35 19.17
N LYS F 277 3.51 4.85 19.25
CA LYS F 277 4.47 4.36 20.24
C LYS F 277 4.21 4.95 21.62
N ASP F 278 4.57 4.21 22.66
CA ASP F 278 4.61 4.74 24.02
C ASP F 278 5.58 5.91 24.07
N GLY F 279 5.12 7.02 24.65
CA GLY F 279 5.87 8.25 24.70
C GLY F 279 6.11 8.91 23.35
N ALA F 280 5.20 8.73 22.37
CA ALA F 280 5.28 9.47 21.12
C ALA F 280 4.53 10.81 21.24
N TYR F 281 4.62 11.61 20.18
CA TYR F 281 4.20 13.00 20.23
C TYR F 281 3.30 13.31 19.05
N VAL F 282 2.35 14.21 19.29
CA VAL F 282 1.32 14.54 18.32
C VAL F 282 1.33 16.04 18.04
N ILE F 283 1.36 16.39 16.75
CA ILE F 283 1.32 17.79 16.35
C ILE F 283 0.25 18.03 15.31
N ASN F 284 -0.62 19.00 15.61
CA ASN F 284 -1.68 19.37 14.70
C ASN F 284 -1.70 20.88 14.50
N ALA F 285 -1.09 21.31 13.39
CA ALA F 285 -1.34 22.64 12.83
C ALA F 285 -2.06 22.58 11.45
N SER F 286 -2.94 21.57 11.24
CA SER F 286 -3.73 21.50 10.01
C SER F 286 -5.11 22.15 10.26
N ARG F 287 -6.09 21.37 10.74
CA ARG F 287 -7.45 21.85 10.92
C ARG F 287 -8.00 21.43 12.28
N GLY F 288 -8.91 22.25 12.84
CA GLY F 288 -9.36 22.09 14.21
C GLY F 288 -10.24 20.84 14.40
N THR F 289 -10.58 20.12 13.34
CA THR F 289 -11.51 18.99 13.39
C THR F 289 -10.81 17.63 13.29
N VAL F 290 -9.54 17.64 12.87
CA VAL F 290 -8.82 16.46 12.42
C VAL F 290 -8.40 15.59 13.62
N VAL F 291 -8.34 16.15 14.83
CA VAL F 291 -7.92 15.42 16.01
C VAL F 291 -9.11 15.38 16.96
N ASP F 292 -9.35 14.19 17.52
CA ASP F 292 -10.26 14.06 18.64
C ASP F 292 -9.51 14.39 19.93
N ILE F 293 -9.83 15.56 20.51
CA ILE F 293 -9.07 16.09 21.63
C ILE F 293 -9.36 15.28 22.90
N PRO F 294 -10.62 14.93 23.23
CA PRO F 294 -10.89 14.14 24.44
C PRO F 294 -10.09 12.84 24.50
N SER F 295 -9.81 12.25 23.31
CA SER F 295 -9.04 11.02 23.19
C SER F 295 -7.54 11.29 23.32
N LEU F 296 -7.08 12.44 22.82
CA LEU F 296 -5.71 12.84 23.03
C LEU F 296 -5.43 13.08 24.52
N ILE F 297 -6.31 13.85 25.19
CA ILE F 297 -6.24 14.11 26.62
C ILE F 297 -6.12 12.79 27.39
N GLN F 298 -6.85 11.79 26.91
CA GLN F 298 -6.93 10.53 27.63
C GLN F 298 -5.64 9.73 27.38
N ALA F 299 -5.09 9.82 26.15
CA ALA F 299 -3.85 9.14 25.80
C ALA F 299 -2.66 9.75 26.55
N VAL F 300 -2.66 11.07 26.74
CA VAL F 300 -1.64 11.74 27.52
C VAL F 300 -1.79 11.30 28.98
N LYS F 301 -3.01 11.33 29.53
CA LYS F 301 -3.25 10.95 30.92
C LYS F 301 -2.82 9.52 31.21
N ALA F 302 -2.88 8.64 30.22
CA ALA F 302 -2.49 7.24 30.35
C ALA F 302 -0.99 7.06 30.10
N ASN F 303 -0.26 8.15 29.84
CA ASN F 303 1.17 8.12 29.59
C ASN F 303 1.48 7.38 28.29
N LYS F 304 0.50 7.28 27.41
CA LYS F 304 0.75 6.72 26.09
C LYS F 304 1.44 7.78 25.21
N ILE F 305 0.90 9.01 25.23
CA ILE F 305 1.42 10.12 24.46
C ILE F 305 2.17 11.02 25.43
N ALA F 306 3.40 11.36 25.05
CA ALA F 306 4.35 12.04 25.93
C ALA F 306 4.19 13.56 25.84
N GLY F 307 3.71 14.06 24.70
CA GLY F 307 3.34 15.46 24.59
C GLY F 307 2.60 15.74 23.29
N ALA F 308 2.15 16.99 23.15
CA ALA F 308 1.39 17.42 21.98
C ALA F 308 1.46 18.91 21.79
N ALA F 309 1.39 19.32 20.52
CA ALA F 309 1.25 20.72 20.17
C ALA F 309 0.06 20.92 19.24
N LEU F 310 -0.84 21.82 19.65
CA LEU F 310 -2.02 22.16 18.86
C LEU F 310 -2.01 23.63 18.47
N ASP F 311 -2.19 23.90 17.18
CA ASP F 311 -2.37 25.27 16.70
C ASP F 311 -3.85 25.56 16.40
N VAL F 312 -4.70 24.53 16.32
CA VAL F 312 -6.04 24.67 15.76
C VAL F 312 -6.98 23.88 16.64
N TYR F 313 -8.22 24.36 16.79
CA TYR F 313 -9.19 23.73 17.68
C TYR F 313 -10.55 23.63 16.98
N PRO F 314 -11.47 22.77 17.48
CA PRO F 314 -12.84 22.72 16.93
C PRO F 314 -13.52 24.09 16.96
N HIS F 315 -13.40 24.76 18.10
CA HIS F 315 -13.98 26.12 18.25
C HIS F 315 -12.86 27.12 18.59
N GLU F 316 -12.77 28.24 17.86
CA GLU F 316 -11.78 29.30 18.05
C GLU F 316 -12.50 30.64 18.24
N PRO F 317 -12.02 31.59 19.09
CA PRO F 317 -12.65 32.92 19.17
C PRO F 317 -12.50 33.67 17.84
N ALA F 318 -13.39 34.64 17.58
CA ALA F 318 -13.36 35.39 16.32
C ALA F 318 -12.30 36.51 16.38
N LYS F 319 -12.02 37.01 17.60
CA LYS F 319 -11.02 38.02 17.86
C LYS F 319 -10.24 37.69 19.13
N ASN F 320 -9.08 38.37 19.26
CA ASN F 320 -8.20 38.21 20.41
C ASN F 320 -8.88 38.82 21.63
N GLY F 321 -8.69 38.21 22.81
CA GLY F 321 -9.26 38.67 24.06
C GLY F 321 -8.80 37.77 25.20
N GLU F 322 -9.11 38.17 26.45
CA GLU F 322 -8.41 37.65 27.62
C GLU F 322 -9.10 36.45 28.27
N GLY F 323 -10.43 36.32 28.15
CA GLY F 323 -11.10 35.13 28.67
C GLY F 323 -11.70 34.28 27.55
N SER F 324 -11.14 34.37 26.34
CA SER F 324 -11.70 33.82 25.13
C SER F 324 -11.54 32.30 25.02
N PHE F 325 -10.45 31.73 25.58
CA PHE F 325 -10.15 30.32 25.48
C PHE F 325 -10.48 29.62 26.79
N ASN F 326 -11.68 29.01 26.87
CA ASN F 326 -12.20 28.47 28.11
C ASN F 326 -13.22 27.37 27.84
N ASP F 327 -13.80 26.82 28.94
CA ASP F 327 -14.70 25.68 28.91
C ASP F 327 -15.98 25.99 28.13
N GLU F 328 -16.36 27.26 27.98
CA GLU F 328 -17.54 27.59 27.19
C GLU F 328 -17.24 27.51 25.70
N LEU F 329 -15.98 27.59 25.29
CA LEU F 329 -15.64 27.53 23.87
C LEU F 329 -15.38 26.09 23.43
N ASN F 330 -14.56 25.39 24.22
CA ASN F 330 -14.30 23.96 24.11
C ASN F 330 -14.31 23.38 25.52
N SER F 331 -15.16 22.39 25.82
CA SER F 331 -15.44 21.99 27.19
C SER F 331 -14.24 21.33 27.88
N TRP F 332 -13.31 20.78 27.10
CA TRP F 332 -12.17 20.08 27.66
C TRP F 332 -11.00 21.04 27.92
N THR F 333 -11.23 22.36 27.85
CA THR F 333 -10.14 23.33 27.95
C THR F 333 -9.44 23.20 29.31
N SER F 334 -10.17 23.24 30.44
CA SER F 334 -9.56 23.19 31.76
C SER F 334 -8.75 21.90 31.99
N GLU F 335 -9.16 20.82 31.33
CA GLU F 335 -8.49 19.52 31.42
C GLU F 335 -7.19 19.58 30.63
N LEU F 336 -7.29 20.08 29.40
CA LEU F 336 -6.20 20.15 28.45
C LEU F 336 -5.01 20.98 28.99
N VAL F 337 -5.34 22.10 29.64
CA VAL F 337 -4.37 23.08 30.09
C VAL F 337 -3.62 22.60 31.32
N SER F 338 -4.23 21.67 32.08
CA SER F 338 -3.63 21.15 33.30
C SER F 338 -2.65 20.02 33.03
N LEU F 339 -2.38 19.69 31.77
CA LEU F 339 -1.55 18.55 31.41
C LEU F 339 -0.11 18.96 31.13
N PRO F 340 0.87 18.08 31.43
CA PRO F 340 2.26 18.31 31.07
C PRO F 340 2.56 18.13 29.59
N ASN F 341 3.53 18.94 29.13
CA ASN F 341 4.16 18.91 27.83
C ASN F 341 3.10 19.08 26.74
N ILE F 342 2.18 20.03 26.96
CA ILE F 342 1.22 20.46 25.95
C ILE F 342 1.53 21.90 25.54
N ILE F 343 1.89 22.09 24.27
CA ILE F 343 2.03 23.41 23.64
C ILE F 343 0.73 23.79 22.92
N LEU F 344 0.16 24.94 23.33
CA LEU F 344 -1.05 25.49 22.72
C LEU F 344 -0.74 26.81 22.06
N THR F 345 -1.11 26.96 20.79
CA THR F 345 -0.90 28.22 20.06
C THR F 345 -2.23 28.70 19.48
N PRO F 346 -2.46 30.02 19.36
CA PRO F 346 -3.71 30.55 18.84
C PRO F 346 -3.79 30.71 17.32
N HIS F 347 -3.68 29.60 16.60
CA HIS F 347 -3.76 29.60 15.12
C HIS F 347 -2.72 30.57 14.58
N ILE F 348 -1.47 30.32 14.90
CA ILE F 348 -0.37 31.24 14.51
C ILE F 348 0.51 30.54 13.50
N GLY F 349 0.02 29.45 12.93
CA GLY F 349 0.82 28.72 11.94
C GLY F 349 1.35 29.59 10.80
N GLY F 350 0.50 30.49 10.30
CA GLY F 350 0.84 31.39 9.21
C GLY F 350 1.03 32.85 9.66
N SER F 351 1.00 33.12 10.98
CA SER F 351 1.10 34.49 11.51
C SER F 351 2.55 34.97 11.56
N THR F 352 3.15 35.22 10.39
CA THR F 352 4.43 35.89 10.32
C THR F 352 4.37 37.09 9.39
N GLU F 353 5.35 37.96 9.56
CA GLU F 353 5.53 39.09 8.68
C GLU F 353 5.81 38.60 7.26
N GLU F 354 6.55 37.52 7.10
CA GLU F 354 6.95 37.07 5.77
C GLU F 354 5.75 36.50 5.02
N ALA F 355 4.89 35.79 5.74
CA ALA F 355 3.70 35.18 5.15
C ALA F 355 2.71 36.29 4.76
N GLN F 356 2.39 37.20 5.68
CA GLN F 356 1.48 38.30 5.41
C GLN F 356 1.97 39.15 4.24
N SER F 357 3.29 39.26 4.13
CA SER F 357 3.91 40.02 3.07
C SER F 357 3.82 39.28 1.73
N SER F 358 3.97 37.97 1.73
CA SER F 358 3.90 37.18 0.50
C SER F 358 2.47 37.14 -0.05
N ILE F 359 1.47 37.08 0.84
CA ILE F 359 0.05 37.17 0.50
C ILE F 359 -0.19 38.49 -0.20
N GLY F 360 0.22 39.58 0.46
CA GLY F 360 0.21 40.91 -0.13
C GLY F 360 0.65 40.87 -1.60
N ILE F 361 1.79 40.26 -1.90
CA ILE F 361 2.39 40.30 -3.23
C ILE F 361 1.62 39.38 -4.18
N GLU F 362 1.23 38.22 -3.72
CA GLU F 362 0.61 37.22 -4.59
C GLU F 362 -0.73 37.74 -5.12
N VAL F 363 -1.56 38.27 -4.21
CA VAL F 363 -2.94 38.62 -4.48
C VAL F 363 -2.98 39.98 -5.20
N ALA F 364 -2.18 40.93 -4.74
CA ALA F 364 -2.10 42.23 -5.40
C ALA F 364 -1.57 42.07 -6.83
N THR F 365 -0.65 41.12 -7.06
CA THR F 365 -0.13 40.90 -8.39
C THR F 365 -1.22 40.26 -9.24
N ALA F 366 -1.98 39.36 -8.63
CA ALA F 366 -3.03 38.67 -9.34
C ALA F 366 -4.12 39.65 -9.79
N LEU F 367 -4.63 40.48 -8.86
CA LEU F 367 -5.66 41.45 -9.17
C LEU F 367 -5.15 42.39 -10.26
N SER F 368 -3.87 42.75 -10.16
CA SER F 368 -3.26 43.71 -11.07
C SER F 368 -3.16 43.14 -12.49
N LYS F 369 -2.74 41.89 -12.62
CA LYS F 369 -2.69 41.28 -13.93
C LYS F 369 -4.10 41.08 -14.50
N TYR F 370 -5.13 40.92 -13.64
CA TYR F 370 -6.50 40.73 -14.09
C TYR F 370 -7.01 42.09 -14.63
N ILE F 371 -6.74 43.16 -13.88
CA ILE F 371 -7.14 44.50 -14.28
C ILE F 371 -6.39 44.93 -15.54
N ASN F 372 -5.07 44.77 -15.59
CA ASN F 372 -4.27 45.34 -16.67
C ASN F 372 -4.29 44.45 -17.92
N GLU F 373 -4.50 43.13 -17.77
CA GLU F 373 -4.33 42.23 -18.91
C GLU F 373 -5.49 41.24 -19.06
N GLY F 374 -6.41 41.22 -18.09
CA GLY F 374 -7.58 40.36 -18.14
C GLY F 374 -7.32 38.92 -17.71
N ASN F 375 -6.10 38.66 -17.19
CA ASN F 375 -5.65 37.31 -16.80
C ASN F 375 -6.37 36.79 -15.55
N SER F 376 -7.11 35.68 -15.67
CA SER F 376 -7.96 35.18 -14.60
C SER F 376 -7.47 33.84 -14.07
N VAL F 377 -6.23 33.46 -14.45
CA VAL F 377 -5.61 32.23 -14.01
C VAL F 377 -5.42 32.30 -12.49
N GLY F 378 -5.84 31.24 -11.79
CA GLY F 378 -5.81 31.23 -10.34
C GLY F 378 -7.06 31.79 -9.70
N SER F 379 -7.99 32.27 -10.50
CA SER F 379 -9.26 32.69 -9.99
C SER F 379 -9.95 31.50 -9.36
N VAL F 380 -10.70 31.69 -8.27
CA VAL F 380 -11.40 30.60 -7.61
C VAL F 380 -12.86 30.45 -8.08
N ASN F 381 -13.45 31.42 -8.82
CA ASN F 381 -14.87 31.34 -9.15
C ASN F 381 -15.13 31.64 -10.62
N PHE F 382 -14.09 31.54 -11.46
CA PHE F 382 -14.12 32.12 -12.78
C PHE F 382 -13.40 31.19 -13.75
N PRO F 383 -13.70 31.22 -15.06
CA PRO F 383 -12.88 30.50 -16.04
C PRO F 383 -11.49 31.10 -16.00
N GLU F 384 -10.50 30.24 -16.25
CA GLU F 384 -9.11 30.63 -16.19
C GLU F 384 -8.59 30.86 -17.60
N VAL F 385 -8.42 32.15 -17.93
CA VAL F 385 -8.12 32.59 -19.28
C VAL F 385 -6.97 33.58 -19.20
N SER F 386 -6.06 33.49 -20.15
CA SER F 386 -5.01 34.48 -20.31
C SER F 386 -4.43 34.38 -21.73
N LEU F 387 -3.72 35.42 -22.16
CA LEU F 387 -3.14 35.48 -23.49
C LEU F 387 -1.77 36.12 -23.34
N LYS F 388 -0.81 35.73 -24.18
CA LYS F 388 0.50 36.36 -24.18
C LYS F 388 0.29 37.87 -24.35
N SER F 389 1.08 38.64 -23.59
CA SER F 389 1.16 40.08 -23.70
C SER F 389 1.43 40.52 -25.15
N LEU F 390 0.84 41.67 -25.48
CA LEU F 390 1.13 42.32 -26.74
C LEU F 390 2.49 43.00 -26.60
N ASP F 391 3.27 43.02 -27.69
CA ASP F 391 4.51 43.78 -27.73
C ASP F 391 4.23 45.29 -27.69
N TYR F 392 5.23 46.05 -27.20
CA TYR F 392 5.26 47.51 -27.20
C TYR F 392 4.83 48.05 -28.57
N ASP F 393 5.39 47.45 -29.65
CA ASP F 393 5.31 48.00 -31.00
C ASP F 393 4.10 47.50 -31.79
N GLN F 394 3.16 46.82 -31.13
CA GLN F 394 1.88 46.47 -31.81
C GLN F 394 0.99 47.68 -31.54
N GLU F 395 1.02 48.67 -32.43
CA GLU F 395 0.34 49.97 -32.13
C GLU F 395 -1.18 49.93 -32.14
N ASN F 396 -1.80 49.41 -33.19
CA ASN F 396 -3.28 49.56 -33.23
C ASN F 396 -3.93 48.23 -32.85
N THR F 397 -3.68 47.78 -31.62
CA THR F 397 -4.30 46.53 -31.16
C THR F 397 -5.09 46.77 -29.89
N VAL F 398 -6.28 46.19 -29.82
CA VAL F 398 -7.13 46.23 -28.65
C VAL F 398 -7.35 44.80 -28.14
N ARG F 399 -7.54 44.69 -26.83
CA ARG F 399 -7.91 43.43 -26.23
C ARG F 399 -9.33 43.53 -25.71
N VAL F 400 -10.19 42.61 -26.17
CA VAL F 400 -11.58 42.54 -25.76
C VAL F 400 -11.67 41.54 -24.60
N LEU F 401 -12.28 41.98 -23.50
CA LEU F 401 -12.57 41.13 -22.35
C LEU F 401 -14.07 41.04 -22.16
N TYR F 402 -14.67 39.93 -22.61
CA TYR F 402 -16.12 39.79 -22.69
C TYR F 402 -16.59 38.66 -21.78
N ILE F 403 -17.21 39.04 -20.65
CA ILE F 403 -17.80 38.08 -19.72
C ILE F 403 -19.30 37.97 -20.04
N HIS F 404 -19.69 36.73 -20.34
CA HIS F 404 -21.06 36.49 -20.82
C HIS F 404 -21.69 35.25 -20.22
N ARG F 405 -22.88 34.93 -20.68
CA ARG F 405 -23.62 33.75 -20.18
C ARG F 405 -23.25 32.55 -21.05
N ASN F 406 -23.04 31.38 -20.44
CA ASN F 406 -22.59 30.18 -21.18
C ASN F 406 -23.79 29.59 -21.91
N VAL F 407 -24.20 30.24 -22.99
CA VAL F 407 -25.31 29.70 -23.76
C VAL F 407 -24.86 29.66 -25.22
N PRO F 408 -25.48 28.85 -26.09
CA PRO F 408 -25.12 28.87 -27.52
C PRO F 408 -25.32 30.24 -28.18
N GLY F 409 -24.48 30.51 -29.20
CA GLY F 409 -24.66 31.60 -30.13
C GLY F 409 -23.99 32.92 -29.74
N VAL F 410 -23.19 32.91 -28.68
CA VAL F 410 -22.63 34.15 -28.16
C VAL F 410 -21.33 34.47 -28.91
N LEU F 411 -20.49 33.48 -29.21
CA LEU F 411 -19.29 33.73 -30.02
C LEU F 411 -19.69 34.13 -31.45
N LYS F 412 -20.80 33.60 -31.95
CA LYS F 412 -21.34 34.02 -33.24
C LYS F 412 -21.60 35.53 -33.28
N THR F 413 -22.33 36.03 -32.25
CA THR F 413 -22.63 37.44 -32.07
C THR F 413 -21.35 38.27 -31.99
N VAL F 414 -20.43 37.87 -31.08
CA VAL F 414 -19.22 38.63 -30.79
C VAL F 414 -18.30 38.65 -32.00
N ASN F 415 -18.09 37.50 -32.64
CA ASN F 415 -17.12 37.45 -33.74
C ASN F 415 -17.66 38.14 -34.98
N ASP F 416 -18.98 38.34 -35.03
CA ASP F 416 -19.65 39.15 -36.06
C ASP F 416 -19.34 40.62 -35.86
N ILE F 417 -19.66 41.15 -34.67
CA ILE F 417 -19.30 42.50 -34.28
C ILE F 417 -17.82 42.81 -34.58
N LEU F 418 -16.89 41.85 -34.46
CA LEU F 418 -15.47 42.15 -34.64
C LEU F 418 -14.96 41.81 -36.04
N SER F 419 -15.85 41.57 -37.02
CA SER F 419 -15.45 40.85 -38.22
C SER F 419 -14.78 41.76 -39.25
N ASP F 420 -14.82 43.08 -39.01
CA ASP F 420 -14.11 44.02 -39.85
C ASP F 420 -12.62 44.03 -39.52
N HIS F 421 -12.25 43.51 -38.34
CA HIS F 421 -10.88 43.50 -37.85
C HIS F 421 -10.32 42.08 -37.83
N ASN F 422 -9.03 41.96 -38.11
CA ASN F 422 -8.35 40.69 -37.94
C ASN F 422 -8.23 40.36 -36.46
N ILE F 423 -8.63 39.15 -36.07
CA ILE F 423 -8.41 38.65 -34.72
C ILE F 423 -7.13 37.82 -34.75
N GLU F 424 -6.14 38.30 -34.00
CA GLU F 424 -4.82 37.68 -33.94
C GLU F 424 -4.95 36.40 -33.10
N LYS F 425 -5.67 36.50 -32.00
CA LYS F 425 -5.96 35.34 -31.19
C LYS F 425 -7.14 35.60 -30.26
N GLN F 426 -7.66 34.51 -29.73
CA GLN F 426 -8.91 34.51 -29.01
C GLN F 426 -8.94 33.24 -28.15
N PHE F 427 -9.45 33.38 -26.93
CA PHE F 427 -9.61 32.28 -26.03
C PHE F 427 -10.87 32.57 -25.21
N SER F 428 -11.79 31.61 -25.28
CA SER F 428 -12.97 31.59 -24.41
C SER F 428 -12.96 30.30 -23.60
N ASP F 429 -13.41 30.38 -22.34
CA ASP F 429 -13.65 29.20 -21.51
C ASP F 429 -14.86 29.47 -20.61
N SER F 430 -15.49 28.38 -20.14
CA SER F 430 -16.71 28.44 -19.35
C SER F 430 -16.52 27.85 -17.96
N HIS F 431 -17.37 28.28 -17.02
CA HIS F 431 -17.34 27.79 -15.66
C HIS F 431 -18.73 27.95 -15.06
N GLY F 432 -19.53 26.90 -15.16
CA GLY F 432 -20.92 26.98 -14.77
C GLY F 432 -21.72 27.78 -15.78
N GLU F 433 -22.43 28.79 -15.28
CA GLU F 433 -23.37 29.56 -16.07
C GLU F 433 -22.68 30.74 -16.77
N ILE F 434 -21.37 30.92 -16.47
CA ILE F 434 -20.58 32.05 -16.89
C ILE F 434 -19.52 31.56 -17.87
N ALA F 435 -19.15 32.41 -18.83
CA ALA F 435 -17.99 32.19 -19.66
C ALA F 435 -17.21 33.51 -19.84
N TYR F 436 -16.00 33.39 -20.39
CA TYR F 436 -15.08 34.51 -20.47
C TYR F 436 -14.29 34.41 -21.76
N LEU F 437 -14.50 35.42 -22.63
CA LEU F 437 -13.80 35.53 -23.91
C LEU F 437 -12.75 36.62 -23.82
N MET F 438 -11.59 36.35 -24.42
CA MET F 438 -10.50 37.30 -24.46
C MET F 438 -9.96 37.25 -25.89
N ALA F 439 -9.94 38.40 -26.56
CA ALA F 439 -9.60 38.45 -27.97
C ALA F 439 -8.71 39.64 -28.26
N ASP F 440 -7.69 39.40 -29.09
CA ASP F 440 -6.75 40.42 -29.51
C ASP F 440 -7.00 40.73 -30.98
N ILE F 441 -7.36 41.99 -31.25
CA ILE F 441 -7.75 42.44 -32.59
C ILE F 441 -6.82 43.58 -33.00
N SER F 442 -6.34 43.54 -34.24
CA SER F 442 -5.36 44.48 -34.74
C SER F 442 -6.01 45.50 -35.68
N SER F 443 -5.30 46.62 -35.88
CA SER F 443 -5.73 47.71 -36.75
C SER F 443 -7.11 48.22 -36.33
N VAL F 444 -7.19 48.84 -35.14
CA VAL F 444 -8.38 49.47 -34.59
C VAL F 444 -8.06 50.89 -34.16
N ASN F 445 -8.74 51.89 -34.76
CA ASN F 445 -8.59 53.27 -34.36
C ASN F 445 -9.67 53.60 -33.32
N GLN F 446 -9.61 54.80 -32.74
CA GLN F 446 -10.35 55.17 -31.53
C GLN F 446 -11.86 55.30 -31.81
N SER F 447 -12.19 55.63 -33.06
CA SER F 447 -13.57 55.70 -33.50
C SER F 447 -14.19 54.31 -33.48
N GLU F 448 -13.47 53.34 -34.08
CA GLU F 448 -13.91 51.95 -34.16
C GLU F 448 -13.95 51.30 -32.78
N ILE F 449 -13.07 51.71 -31.84
CA ILE F 449 -13.05 51.16 -30.49
C ILE F 449 -14.36 51.48 -29.77
N LYS F 450 -14.83 52.72 -29.91
CA LYS F 450 -16.04 53.17 -29.22
C LYS F 450 -17.26 52.41 -29.76
N ASP F 451 -17.18 52.05 -31.06
CA ASP F 451 -18.26 51.40 -31.79
C ASP F 451 -18.38 49.94 -31.35
N ILE F 452 -17.23 49.27 -31.23
CA ILE F 452 -17.16 47.90 -30.75
C ILE F 452 -17.67 47.81 -29.31
N TYR F 453 -17.28 48.77 -28.49
CA TYR F 453 -17.65 48.76 -27.10
C TYR F 453 -19.16 48.87 -26.95
N GLU F 454 -19.80 49.77 -27.70
CA GLU F 454 -21.22 50.05 -27.53
C GLU F 454 -22.05 48.88 -28.09
N LYS F 455 -21.56 48.24 -29.17
CA LYS F 455 -22.20 47.07 -29.74
C LYS F 455 -22.13 45.87 -28.78
N LEU F 456 -20.95 45.57 -28.24
CA LEU F 456 -20.78 44.48 -27.27
C LEU F 456 -21.53 44.77 -25.98
N ASN F 457 -21.69 46.06 -25.65
CA ASN F 457 -22.35 46.46 -24.41
C ASN F 457 -23.87 46.28 -24.50
N GLN F 458 -24.41 46.08 -25.71
CA GLN F 458 -25.83 45.85 -25.92
C GLN F 458 -26.12 44.48 -26.50
N THR F 459 -25.20 43.53 -26.35
CA THR F 459 -25.51 42.11 -26.56
C THR F 459 -26.26 41.60 -25.32
N SER F 460 -27.10 40.58 -25.50
CA SER F 460 -27.99 40.15 -24.43
C SER F 460 -27.33 39.11 -23.54
N ALA F 461 -26.29 38.42 -24.05
CA ALA F 461 -25.55 37.44 -23.27
C ALA F 461 -24.52 38.12 -22.36
N LYS F 462 -24.38 39.44 -22.47
CA LYS F 462 -23.29 40.15 -21.81
C LYS F 462 -23.56 40.27 -20.32
N VAL F 463 -22.49 40.03 -19.55
CA VAL F 463 -22.46 40.13 -18.08
C VAL F 463 -21.61 41.35 -17.72
N SER F 464 -20.38 41.41 -18.27
CA SER F 464 -19.59 42.64 -18.25
C SER F 464 -18.52 42.60 -19.35
N ILE F 465 -18.20 43.80 -19.86
CA ILE F 465 -17.19 43.99 -20.89
C ILE F 465 -16.23 45.13 -20.52
N ARG F 466 -14.98 44.92 -20.93
CA ARG F 466 -13.93 45.94 -20.78
C ARG F 466 -13.04 45.78 -22.01
N LEU F 467 -12.54 46.87 -22.59
CA LEU F 467 -11.59 46.87 -23.68
C LEU F 467 -10.29 47.50 -23.16
N LEU F 468 -9.15 46.89 -23.51
CA LEU F 468 -7.86 47.41 -23.13
C LEU F 468 -7.13 47.82 -24.40
N TYR F 469 -6.52 49.02 -24.41
CA TYR F 469 -5.85 49.51 -25.62
C TYR F 469 -4.53 50.21 -25.23
N GLY G 24 6.92 0.34 19.50
CA GLY G 24 7.13 0.11 20.94
C GLY G 24 7.14 1.45 21.66
N ALA G 25 8.19 1.68 22.45
CA ALA G 25 8.44 2.97 23.07
C ALA G 25 9.35 3.78 22.16
N VAL G 26 9.12 5.09 22.12
CA VAL G 26 10.19 6.02 21.72
C VAL G 26 11.35 5.86 22.70
N SER G 27 12.55 5.70 22.16
CA SER G 27 13.72 5.25 22.89
C SER G 27 14.96 5.94 22.30
N THR G 28 16.07 5.93 23.02
CA THR G 28 17.19 6.81 22.71
C THR G 28 17.90 6.40 21.41
N SER G 29 18.35 7.39 20.65
CA SER G 29 18.91 7.10 19.33
C SER G 29 20.33 6.57 19.44
N PRO G 30 20.81 5.86 18.41
CA PRO G 30 22.17 5.33 18.42
C PRO G 30 23.22 6.40 18.11
N THR G 31 24.49 6.10 18.40
CA THR G 31 25.58 7.05 18.08
C THR G 31 25.79 7.09 16.56
N GLY G 57 71.76 23.15 6.81
CA GLY G 57 73.21 23.40 6.92
C GLY G 57 73.98 22.10 7.13
N ASP G 58 75.03 21.89 6.33
CA ASP G 58 75.93 20.75 6.50
C ASP G 58 75.33 19.45 5.96
N MET G 59 74.01 19.34 5.96
CA MET G 59 73.30 18.18 5.47
C MET G 59 73.35 18.18 3.94
N ASN G 60 73.85 17.09 3.34
CA ASN G 60 73.81 16.94 1.88
C ASN G 60 72.69 15.98 1.49
N ILE G 61 71.77 16.45 0.63
CA ILE G 61 70.72 15.60 0.07
C ILE G 61 71.10 15.26 -1.37
N LEU G 62 70.97 13.98 -1.76
CA LEU G 62 71.11 13.57 -3.15
C LEU G 62 69.76 13.07 -3.64
N LEU G 63 69.25 13.68 -4.73
CA LEU G 63 67.98 13.28 -5.31
C LEU G 63 68.23 12.74 -6.72
N LEU G 64 67.70 11.55 -6.98
CA LEU G 64 67.88 10.88 -8.26
C LEU G 64 66.53 10.66 -8.91
N GLU G 65 66.58 10.33 -10.22
CA GLU G 65 65.44 9.85 -10.99
C GLU G 65 64.35 10.91 -11.15
N ASN G 66 64.72 12.19 -11.11
CA ASN G 66 63.81 13.28 -11.47
C ASN G 66 62.65 13.30 -10.49
N VAL G 67 62.96 13.41 -9.19
CA VAL G 67 61.92 13.71 -8.24
C VAL G 67 61.45 15.13 -8.52
N ASN G 68 60.25 15.42 -8.03
CA ASN G 68 59.54 16.65 -8.31
C ASN G 68 60.19 17.83 -7.60
N ALA G 69 60.04 19.00 -8.22
CA ALA G 69 60.58 20.25 -7.70
C ALA G 69 60.03 20.59 -6.32
N THR G 70 58.85 20.07 -5.92
CA THR G 70 58.33 20.41 -4.60
C THR G 70 59.27 19.93 -3.51
N ALA G 71 59.97 18.81 -3.79
CA ALA G 71 60.90 18.19 -2.86
C ALA G 71 62.20 19.01 -2.79
N ILE G 72 62.72 19.40 -3.95
CA ILE G 72 63.92 20.22 -4.04
C ILE G 72 63.72 21.48 -3.20
N LYS G 73 62.54 22.09 -3.32
CA LYS G 73 62.24 23.34 -2.64
C LYS G 73 62.17 23.13 -1.14
N ILE G 74 61.54 22.05 -0.68
CA ILE G 74 61.39 21.86 0.76
C ILE G 74 62.77 21.71 1.42
N PHE G 75 63.69 21.03 0.74
CA PHE G 75 65.02 20.76 1.25
C PHE G 75 65.90 22.02 1.24
N LYS G 76 65.83 22.85 0.18
CA LYS G 76 66.61 24.08 0.14
C LYS G 76 66.11 25.09 1.18
N ASP G 77 64.80 25.13 1.45
CA ASP G 77 64.24 26.00 2.47
C ASP G 77 64.66 25.60 3.89
N GLN G 78 65.04 24.32 4.09
CA GLN G 78 65.65 23.88 5.35
C GLN G 78 67.12 24.32 5.42
N GLY G 79 67.71 24.67 4.28
CA GLY G 79 69.11 25.03 4.19
C GLY G 79 70.02 23.84 3.92
N TYR G 80 69.45 22.70 3.50
CA TYR G 80 70.27 21.57 3.09
C TYR G 80 70.89 21.90 1.74
N GLN G 81 72.06 21.32 1.49
CA GLN G 81 72.71 21.34 0.18
C GLN G 81 72.10 20.22 -0.66
N VAL G 82 71.59 20.52 -1.87
CA VAL G 82 70.83 19.55 -2.63
C VAL G 82 71.49 19.30 -4.00
N GLU G 83 71.78 18.04 -4.32
CA GLU G 83 72.26 17.66 -5.64
C GLU G 83 71.17 16.83 -6.34
N PHE G 84 70.79 17.25 -7.55
CA PHE G 84 69.64 16.71 -8.25
C PHE G 84 70.07 16.05 -9.57
N HIS G 85 69.47 14.90 -9.87
CA HIS G 85 69.73 14.20 -11.15
C HIS G 85 68.39 13.75 -11.74
N LYS G 86 68.25 13.75 -13.07
CA LYS G 86 66.99 13.41 -13.74
C LYS G 86 66.90 11.91 -13.93
N SER G 87 68.02 11.20 -13.93
CA SER G 87 67.95 9.75 -14.01
C SER G 87 68.74 9.11 -12.87
N SER G 88 68.91 7.78 -12.96
CA SER G 88 69.69 7.04 -12.00
C SER G 88 71.16 7.12 -12.39
N LEU G 89 72.03 6.68 -11.48
CA LEU G 89 73.48 6.75 -11.71
C LEU G 89 74.04 5.36 -11.94
N PRO G 90 75.05 5.17 -12.84
CA PRO G 90 75.90 3.99 -12.79
C PRO G 90 76.31 3.64 -11.36
N GLU G 91 76.56 2.36 -11.10
CA GLU G 91 76.77 1.85 -9.76
C GLU G 91 78.03 2.45 -9.13
N ASP G 92 79.06 2.73 -9.92
CA ASP G 92 80.37 3.15 -9.42
C ASP G 92 80.30 4.63 -9.03
N GLU G 93 79.54 5.42 -9.80
CA GLU G 93 79.31 6.82 -9.53
C GLU G 93 78.41 6.97 -8.32
N LEU G 94 77.39 6.11 -8.20
CA LEU G 94 76.48 6.17 -7.07
C LEU G 94 77.22 5.87 -5.77
N ILE G 95 78.20 4.98 -5.84
CA ILE G 95 78.95 4.57 -4.61
C ILE G 95 79.79 5.76 -4.14
N GLU G 96 80.41 6.49 -5.05
CA GLU G 96 81.25 7.59 -4.65
C GLU G 96 80.40 8.72 -4.07
N LYS G 97 79.23 8.99 -4.65
CA LYS G 97 78.41 10.11 -4.21
C LYS G 97 77.81 9.83 -2.85
N ILE G 98 77.56 8.55 -2.55
CA ILE G 98 76.73 8.21 -1.42
C ILE G 98 77.58 8.21 -0.12
N LYS G 99 78.90 8.30 -0.29
CA LYS G 99 79.82 8.30 0.83
C LYS G 99 79.58 9.52 1.74
N ASP G 100 79.28 10.68 1.12
CA ASP G 100 79.19 11.95 1.82
C ASP G 100 77.74 12.31 2.20
N VAL G 101 76.76 11.60 1.61
CA VAL G 101 75.40 12.10 1.61
C VAL G 101 74.69 11.68 2.90
N HIS G 102 73.82 12.58 3.40
CA HIS G 102 73.06 12.41 4.64
C HIS G 102 71.63 11.92 4.39
N ALA G 103 71.08 12.21 3.23
CA ALA G 103 69.80 11.63 2.84
C ALA G 103 69.79 11.45 1.33
N ILE G 104 69.14 10.38 0.88
CA ILE G 104 69.04 10.11 -0.54
C ILE G 104 67.58 9.87 -0.89
N GLY G 105 67.14 10.55 -1.95
CA GLY G 105 65.84 10.30 -2.55
C GLY G 105 65.99 9.52 -3.85
N ILE G 106 65.16 8.48 -3.99
CA ILE G 106 65.16 7.64 -5.18
C ILE G 106 63.72 7.41 -5.59
N ARG G 107 63.56 6.75 -6.73
CA ARG G 107 62.29 6.13 -7.09
C ARG G 107 62.57 4.66 -7.36
N SER G 108 61.90 4.05 -8.36
CA SER G 108 61.85 2.60 -8.49
C SER G 108 63.15 2.00 -9.03
N LYS G 109 63.92 2.73 -9.86
CA LYS G 109 65.01 2.11 -10.62
C LYS G 109 66.39 2.20 -9.95
N THR G 110 66.50 2.84 -8.78
CA THR G 110 67.77 2.87 -8.10
C THR G 110 67.80 1.76 -7.05
N ARG G 111 68.73 0.82 -7.23
CA ARG G 111 68.86 -0.34 -6.35
C ARG G 111 69.89 -0.01 -5.28
N LEU G 112 69.40 0.24 -4.06
CA LEU G 112 70.23 0.41 -2.88
C LEU G 112 70.40 -0.94 -2.18
N THR G 113 71.36 -1.71 -2.71
CA THR G 113 71.73 -3.01 -2.19
C THR G 113 72.68 -2.79 -1.02
N GLU G 114 73.01 -3.88 -0.31
CA GLU G 114 74.10 -3.85 0.66
C GLU G 114 75.41 -3.46 -0.03
N LYS G 115 75.62 -3.88 -1.28
CA LYS G 115 76.85 -3.56 -2.00
C LYS G 115 77.10 -2.04 -2.01
N ILE G 116 76.02 -1.27 -2.10
CA ILE G 116 76.07 0.18 -2.22
C ILE G 116 75.99 0.85 -0.84
N LEU G 117 75.06 0.39 0.00
CA LEU G 117 74.84 1.01 1.30
C LEU G 117 75.99 0.79 2.27
N GLN G 118 76.85 -0.21 2.01
CA GLN G 118 78.02 -0.48 2.83
C GLN G 118 78.92 0.75 2.93
N HIS G 119 78.92 1.56 1.87
CA HIS G 119 79.81 2.74 1.80
C HIS G 119 79.13 4.02 2.28
N ALA G 120 77.90 3.96 2.76
CA ALA G 120 77.15 5.16 3.15
C ALA G 120 77.38 5.50 4.62
N ARG G 121 78.54 6.09 4.90
CA ARG G 121 78.94 6.36 6.31
C ARG G 121 78.12 7.47 6.97
N ASN G 122 77.51 8.35 6.18
CA ASN G 122 76.82 9.47 6.81
C ASN G 122 75.30 9.38 6.75
N LEU G 123 74.78 8.43 5.97
CA LEU G 123 73.38 8.40 5.57
C LEU G 123 72.46 8.25 6.78
N VAL G 124 71.50 9.17 6.94
CA VAL G 124 70.59 9.13 8.08
C VAL G 124 69.26 8.49 7.65
N CYS G 125 68.86 8.70 6.38
CA CYS G 125 67.58 8.19 5.87
C CYS G 125 67.54 8.10 4.34
N ILE G 126 66.59 7.30 3.85
CA ILE G 126 66.30 7.12 2.43
C ILE G 126 64.83 7.47 2.17
N GLY G 127 64.62 8.30 1.15
CA GLY G 127 63.28 8.58 0.64
C GLY G 127 62.99 7.82 -0.65
N CYS G 128 61.95 6.99 -0.62
CA CYS G 128 61.39 6.40 -1.83
C CYS G 128 60.24 7.26 -2.33
N PHE G 129 60.49 8.03 -3.40
CA PHE G 129 59.53 8.98 -3.93
C PHE G 129 58.59 8.22 -4.87
N CYS G 130 57.83 7.29 -4.29
CA CYS G 130 57.07 6.27 -5.00
C CYS G 130 56.47 5.34 -3.95
N ILE G 131 55.69 4.35 -4.42
CA ILE G 131 55.09 3.35 -3.56
C ILE G 131 56.10 2.26 -3.20
N GLY G 132 56.83 1.74 -4.20
CA GLY G 132 57.67 0.55 -4.02
C GLY G 132 58.94 0.84 -3.22
N THR G 133 59.37 -0.18 -2.43
CA THR G 133 60.52 -0.09 -1.55
C THR G 133 61.47 -1.29 -1.71
N ASN G 134 61.11 -2.23 -2.60
CA ASN G 134 61.90 -3.43 -2.84
C ASN G 134 63.23 -3.12 -3.52
N GLN G 135 63.39 -1.93 -4.09
CA GLN G 135 64.66 -1.56 -4.72
C GLN G 135 65.71 -1.27 -3.63
N VAL G 136 65.25 -1.19 -2.38
CA VAL G 136 66.09 -0.94 -1.22
C VAL G 136 66.16 -2.20 -0.38
N ASP G 137 67.38 -2.60 0.03
CA ASP G 137 67.54 -3.66 1.00
C ASP G 137 67.16 -3.13 2.39
N LEU G 138 65.87 -3.22 2.76
CA LEU G 138 65.32 -2.58 3.94
C LEU G 138 65.96 -3.10 5.22
N LYS G 139 66.32 -4.38 5.27
CA LYS G 139 66.81 -5.01 6.49
C LYS G 139 68.26 -4.59 6.72
N TYR G 140 69.08 -4.63 5.66
CA TYR G 140 70.45 -4.16 5.76
C TYR G 140 70.45 -2.69 6.21
N ALA G 141 69.57 -1.89 5.61
CA ALA G 141 69.45 -0.48 5.93
C ALA G 141 69.13 -0.31 7.42
N ALA G 142 68.13 -1.05 7.93
CA ALA G 142 67.74 -0.91 9.32
C ALA G 142 68.92 -1.27 10.22
N SER G 143 69.73 -2.25 9.78
CA SER G 143 70.84 -2.76 10.54
C SER G 143 71.91 -1.68 10.71
N LYS G 144 71.97 -0.71 9.80
CA LYS G 144 72.90 0.41 9.92
C LYS G 144 72.22 1.65 10.52
N GLY G 145 70.99 1.53 11.01
CA GLY G 145 70.28 2.65 11.60
C GLY G 145 69.75 3.63 10.56
N ILE G 146 69.53 3.18 9.31
CA ILE G 146 69.01 4.00 8.23
C ILE G 146 67.50 3.77 8.06
N ALA G 147 66.71 4.82 8.31
CA ALA G 147 65.25 4.78 8.18
C ALA G 147 64.82 5.02 6.73
N VAL G 148 63.84 4.24 6.25
CA VAL G 148 63.39 4.34 4.86
C VAL G 148 61.92 4.78 4.88
N PHE G 149 61.62 5.78 4.03
CA PHE G 149 60.28 6.34 3.91
C PHE G 149 59.80 6.22 2.47
N ASN G 150 58.47 6.10 2.31
CA ASN G 150 57.90 6.04 0.97
C ASN G 150 56.57 6.80 0.91
N SER G 151 55.91 6.74 -0.25
CA SER G 151 54.64 7.39 -0.45
C SER G 151 53.62 6.40 -0.97
N PRO G 152 52.82 5.77 -0.08
CA PRO G 152 51.89 4.72 -0.52
C PRO G 152 50.64 5.21 -1.27
N PHE G 153 50.03 6.37 -0.88
CA PHE G 153 48.64 6.69 -1.22
C PHE G 153 48.50 8.02 -1.97
N SER G 154 49.57 8.46 -2.60
CA SER G 154 49.64 9.77 -3.22
C SER G 154 49.02 9.77 -4.62
N ASN G 155 48.77 8.59 -5.21
CA ASN G 155 48.33 8.48 -6.60
C ASN G 155 46.84 8.13 -6.72
N SER G 156 46.08 8.27 -5.63
CA SER G 156 44.71 7.76 -5.56
C SER G 156 43.80 8.55 -6.51
N ARG G 157 43.75 9.87 -6.34
CA ARG G 157 42.90 10.72 -7.17
C ARG G 157 43.28 10.53 -8.66
N SER G 158 44.57 10.42 -8.99
CA SER G 158 45.02 10.30 -10.37
C SER G 158 44.44 9.05 -11.03
N VAL G 159 44.42 7.94 -10.30
CA VAL G 159 43.90 6.70 -10.83
C VAL G 159 42.36 6.78 -10.95
N ALA G 160 41.69 7.35 -9.94
CA ALA G 160 40.25 7.45 -9.93
C ALA G 160 39.75 8.30 -11.13
N GLU G 161 40.47 9.34 -11.47
CA GLU G 161 40.09 10.20 -12.60
C GLU G 161 40.38 9.46 -13.91
N LEU G 162 41.47 8.71 -13.95
CA LEU G 162 41.73 7.94 -15.15
C LEU G 162 40.54 7.03 -15.48
N VAL G 163 40.00 6.42 -14.44
CA VAL G 163 38.95 5.42 -14.59
C VAL G 163 37.67 6.10 -15.07
N ILE G 164 37.28 7.23 -14.43
CA ILE G 164 36.11 7.99 -14.86
C ILE G 164 36.23 8.30 -16.36
N GLY G 165 37.43 8.63 -16.82
CA GLY G 165 37.63 8.97 -18.22
C GLY G 165 37.54 7.78 -19.16
N GLU G 166 37.96 6.60 -18.67
CA GLU G 166 37.94 5.39 -19.46
C GLU G 166 36.54 4.80 -19.50
N ILE G 167 35.77 4.97 -18.41
CA ILE G 167 34.36 4.60 -18.39
C ILE G 167 33.67 5.29 -19.56
N ILE G 168 33.81 6.61 -19.62
CA ILE G 168 33.13 7.39 -20.64
C ILE G 168 33.67 7.00 -22.01
N SER G 169 34.99 6.86 -22.09
CA SER G 169 35.63 6.63 -23.36
C SER G 169 35.22 5.28 -23.96
N LEU G 170 35.07 4.27 -23.10
CA LEU G 170 34.65 2.94 -23.52
C LEU G 170 33.16 2.93 -23.89
N ALA G 171 32.35 3.65 -23.09
CA ALA G 171 30.91 3.77 -23.29
C ALA G 171 30.63 4.38 -24.67
N ARG G 172 31.56 5.19 -25.19
CA ARG G 172 31.31 5.92 -26.41
C ARG G 172 32.25 5.51 -27.54
N GLN G 173 33.11 4.50 -27.29
CA GLN G 173 34.11 4.06 -28.24
C GLN G 173 34.97 5.23 -28.76
N LEU G 174 35.32 6.20 -27.88
CA LEU G 174 36.08 7.36 -28.28
C LEU G 174 37.39 6.98 -28.94
N GLY G 175 38.12 6.05 -28.32
CA GLY G 175 39.43 5.67 -28.83
C GLY G 175 39.35 5.19 -30.27
N ASP G 176 38.32 4.39 -30.57
CA ASP G 176 38.14 3.80 -31.88
C ASP G 176 37.78 4.88 -32.90
N ARG G 177 36.94 5.84 -32.49
CA ARG G 177 36.49 6.91 -33.36
C ARG G 177 37.68 7.72 -33.81
N SER G 178 38.55 8.08 -32.85
CA SER G 178 39.68 8.94 -33.11
C SER G 178 40.71 8.24 -34.00
N ILE G 179 40.97 6.95 -33.75
CA ILE G 179 41.94 6.19 -34.53
C ILE G 179 41.48 6.10 -36.00
N GLU G 180 40.17 5.86 -36.17
CA GLU G 180 39.53 5.85 -37.48
C GLU G 180 39.79 7.17 -38.20
N LEU G 181 39.43 8.29 -37.53
CA LEU G 181 39.46 9.59 -38.16
C LEU G 181 40.88 9.97 -38.52
N HIS G 182 41.83 9.57 -37.69
CA HIS G 182 43.25 9.91 -37.91
C HIS G 182 43.80 9.12 -39.10
N THR G 183 43.06 8.12 -39.58
CA THR G 183 43.49 7.38 -40.75
C THR G 183 42.49 7.56 -41.89
N GLY G 184 41.50 8.45 -41.67
CA GLY G 184 40.62 8.90 -42.74
C GLY G 184 39.26 8.22 -42.77
N THR G 185 38.93 7.40 -41.76
CA THR G 185 37.64 6.72 -41.76
C THR G 185 36.62 7.49 -40.92
N TRP G 186 35.49 7.82 -41.55
CA TRP G 186 34.41 8.53 -40.89
C TRP G 186 33.36 7.48 -40.51
N ASN G 187 33.15 7.27 -39.21
CA ASN G 187 32.31 6.17 -38.79
C ASN G 187 31.46 6.56 -37.58
N LYS G 188 30.36 7.28 -37.84
CA LYS G 188 29.42 7.70 -36.82
C LYS G 188 28.57 6.50 -36.36
N VAL G 189 28.59 6.23 -35.04
CA VAL G 189 28.00 5.04 -34.45
C VAL G 189 27.30 5.45 -33.15
N ALA G 190 25.98 5.19 -33.02
CA ALA G 190 25.26 5.31 -31.77
C ALA G 190 24.91 3.95 -31.15
N ALA G 191 25.06 2.88 -31.95
CA ALA G 191 24.67 1.51 -31.58
C ALA G 191 25.59 0.98 -30.48
N ARG G 192 25.03 0.76 -29.30
CA ARG G 192 25.82 0.17 -28.18
C ARG G 192 26.75 1.24 -27.61
N CYS G 193 26.47 2.51 -27.89
CA CYS G 193 27.15 3.57 -27.18
C CYS G 193 26.16 4.18 -26.18
N TRP G 194 26.65 4.57 -25.01
CA TRP G 194 25.79 4.80 -23.86
C TRP G 194 26.10 6.12 -23.17
N GLU G 195 25.02 6.75 -22.67
CA GLU G 195 25.17 7.60 -21.50
C GLU G 195 25.56 6.69 -20.33
N VAL G 196 26.50 7.17 -19.50
CA VAL G 196 26.93 6.44 -18.33
C VAL G 196 25.98 6.75 -17.17
N ARG G 197 25.25 7.86 -17.22
CA ARG G 197 24.21 8.11 -16.25
C ARG G 197 23.25 6.93 -16.26
N GLY G 198 22.94 6.40 -15.07
CA GLY G 198 22.00 5.29 -14.96
C GLY G 198 22.67 3.91 -15.00
N LYS G 199 23.86 3.79 -15.58
CA LYS G 199 24.59 2.53 -15.60
C LYS G 199 25.13 2.22 -14.19
N THR G 200 25.60 0.97 -14.01
CA THR G 200 26.15 0.56 -12.73
C THR G 200 27.63 0.27 -12.85
N LEU G 201 28.38 0.85 -11.90
CA LEU G 201 29.80 0.58 -11.73
C LEU G 201 30.01 -0.41 -10.58
N GLY G 202 30.72 -1.51 -10.88
CA GLY G 202 31.16 -2.48 -9.89
C GLY G 202 32.65 -2.30 -9.57
N ILE G 203 32.92 -1.82 -8.34
CA ILE G 203 34.26 -1.61 -7.84
C ILE G 203 34.72 -2.84 -7.04
N ILE G 204 35.80 -3.47 -7.51
CA ILE G 204 36.43 -4.56 -6.78
C ILE G 204 37.63 -4.02 -5.99
N GLY G 205 37.45 -3.87 -4.69
CA GLY G 205 38.46 -3.29 -3.83
C GLY G 205 38.09 -1.85 -3.49
N TYR G 206 37.42 -1.65 -2.35
CA TYR G 206 36.95 -0.35 -1.90
C TYR G 206 37.96 0.30 -0.94
N GLY G 207 39.19 0.49 -1.43
CA GLY G 207 40.27 1.07 -0.67
C GLY G 207 40.40 2.57 -0.89
N HIS G 208 41.64 3.05 -0.96
CA HIS G 208 41.87 4.49 -1.15
C HIS G 208 41.34 4.90 -2.52
N ILE G 209 41.71 4.17 -3.56
CA ILE G 209 41.28 4.48 -4.91
C ILE G 209 39.79 4.14 -5.10
N GLY G 210 39.39 2.93 -4.72
CA GLY G 210 38.03 2.49 -4.89
C GLY G 210 37.02 3.46 -4.25
N SER G 211 37.29 3.96 -3.05
CA SER G 211 36.33 4.79 -2.33
C SER G 211 36.24 6.19 -2.92
N GLN G 212 37.37 6.67 -3.44
CA GLN G 212 37.43 7.94 -4.14
C GLN G 212 36.66 7.86 -5.45
N LEU G 213 36.89 6.78 -6.21
CA LEU G 213 36.21 6.53 -7.47
C LEU G 213 34.70 6.46 -7.25
N SER G 214 34.30 5.85 -6.13
CA SER G 214 32.90 5.70 -5.77
C SER G 214 32.20 7.05 -5.82
N VAL G 215 32.80 8.09 -5.22
CA VAL G 215 32.11 9.37 -5.07
C VAL G 215 31.99 10.09 -6.41
N LEU G 216 33.05 10.00 -7.22
CA LEU G 216 33.10 10.54 -8.58
C LEU G 216 32.03 9.87 -9.44
N ALA G 217 31.99 8.52 -9.40
CA ALA G 217 31.07 7.75 -10.21
C ALA G 217 29.62 8.12 -9.88
N GLU G 218 29.28 8.30 -8.59
CA GLU G 218 27.92 8.70 -8.21
C GLU G 218 27.58 10.08 -8.78
N ALA G 219 28.55 10.98 -8.70
CA ALA G 219 28.40 12.33 -9.23
C ALA G 219 28.17 12.32 -10.75
N MET G 220 28.78 11.37 -11.48
CA MET G 220 28.51 11.20 -12.91
C MET G 220 27.22 10.39 -13.17
N GLY G 221 26.48 10.05 -12.10
CA GLY G 221 25.16 9.44 -12.18
C GLY G 221 25.15 7.90 -12.32
N LEU G 222 26.27 7.22 -11.96
CA LEU G 222 26.31 5.76 -11.91
C LEU G 222 25.88 5.31 -10.51
N HIS G 223 25.19 4.16 -10.49
CA HIS G 223 25.01 3.35 -9.30
C HIS G 223 26.32 2.64 -9.03
N VAL G 224 26.68 2.56 -7.74
CA VAL G 224 27.93 1.91 -7.40
C VAL G 224 27.66 0.74 -6.48
N LEU G 225 28.14 -0.44 -6.92
CA LEU G 225 28.27 -1.62 -6.08
C LEU G 225 29.75 -1.87 -5.82
N TYR G 226 30.10 -2.44 -4.67
CA TYR G 226 31.48 -2.89 -4.49
C TYR G 226 31.58 -4.24 -3.79
N TYR G 227 32.63 -4.98 -4.17
CA TYR G 227 33.02 -6.20 -3.49
C TYR G 227 34.37 -5.98 -2.82
N ASP G 228 34.49 -6.33 -1.53
CA ASP G 228 35.77 -6.34 -0.83
C ASP G 228 35.81 -7.58 0.08
N ILE G 229 37.00 -8.00 0.52
CA ILE G 229 37.14 -9.14 1.43
C ILE G 229 36.88 -8.68 2.88
N VAL G 230 36.61 -7.40 3.08
CA VAL G 230 36.36 -6.85 4.40
C VAL G 230 35.07 -6.05 4.30
N THR G 231 34.34 -5.97 5.43
CA THR G 231 33.20 -5.07 5.53
C THR G 231 33.70 -3.63 5.66
N ILE G 232 33.29 -2.79 4.70
CA ILE G 232 33.73 -1.41 4.64
C ILE G 232 32.49 -0.52 4.59
N MET G 233 32.44 0.51 5.43
CA MET G 233 31.36 1.49 5.42
C MET G 233 31.36 2.25 4.08
N ALA G 234 30.20 2.25 3.40
CA ALA G 234 30.07 2.86 2.09
C ALA G 234 30.15 4.38 2.18
N LEU G 235 30.72 5.02 1.14
CA LEU G 235 30.63 6.45 0.90
C LEU G 235 29.41 6.73 0.04
N GLY G 236 28.61 7.72 0.43
CA GLY G 236 27.47 8.12 -0.37
C GLY G 236 26.39 7.05 -0.31
N THR G 237 25.91 6.61 -1.47
CA THR G 237 24.89 5.57 -1.53
C THR G 237 25.40 4.34 -2.30
N ALA G 238 26.70 4.06 -2.21
CA ALA G 238 27.25 2.81 -2.74
C ALA G 238 26.80 1.64 -1.85
N ARG G 239 26.78 0.47 -2.46
CA ARG G 239 26.31 -0.71 -1.72
C ARG G 239 27.33 -1.83 -1.80
N GLN G 240 27.69 -2.38 -0.65
CA GLN G 240 28.55 -3.56 -0.59
C GLN G 240 27.71 -4.80 -0.91
N VAL G 241 28.21 -5.61 -1.85
CA VAL G 241 27.61 -6.89 -2.25
C VAL G 241 28.46 -8.03 -1.67
N SER G 242 27.84 -9.13 -1.24
CA SER G 242 28.53 -10.14 -0.44
C SER G 242 29.36 -11.10 -1.29
N THR G 243 29.03 -11.27 -2.57
CA THR G 243 29.86 -12.08 -3.47
C THR G 243 30.27 -11.27 -4.72
N LEU G 244 31.43 -11.64 -5.26
CA LEU G 244 31.95 -11.13 -6.50
C LEU G 244 30.98 -11.42 -7.64
N ASP G 245 30.37 -12.59 -7.66
CA ASP G 245 29.52 -12.97 -8.79
C ASP G 245 28.29 -12.06 -8.85
N GLU G 246 27.83 -11.53 -7.70
CA GLU G 246 26.67 -10.66 -7.67
C GLU G 246 27.02 -9.31 -8.29
N LEU G 247 28.22 -8.82 -7.95
CA LEU G 247 28.81 -7.65 -8.58
C LEU G 247 28.97 -7.85 -10.09
N LEU G 248 29.52 -8.98 -10.53
CA LEU G 248 29.71 -9.22 -11.96
C LEU G 248 28.37 -9.28 -12.69
N ASN G 249 27.37 -9.86 -12.04
CA ASN G 249 26.04 -10.04 -12.61
C ASN G 249 25.32 -8.70 -12.84
N LYS G 250 25.50 -7.75 -11.91
CA LYS G 250 24.70 -6.54 -11.84
C LYS G 250 25.43 -5.28 -12.35
N SER G 251 26.68 -5.41 -12.81
CA SER G 251 27.48 -4.25 -13.18
C SER G 251 27.57 -4.15 -14.69
N ASP G 252 27.62 -2.89 -15.18
CA ASP G 252 27.84 -2.60 -16.59
C ASP G 252 29.32 -2.40 -16.84
N PHE G 253 29.96 -1.71 -15.89
CA PHE G 253 31.40 -1.48 -15.86
C PHE G 253 31.97 -2.17 -14.62
N VAL G 254 33.01 -2.97 -14.83
CA VAL G 254 33.72 -3.59 -13.70
C VAL G 254 35.15 -3.07 -13.65
N THR G 255 35.56 -2.55 -12.49
CA THR G 255 36.88 -1.99 -12.34
C THR G 255 37.58 -2.56 -11.10
N LEU G 256 38.92 -2.77 -11.20
CA LEU G 256 39.72 -3.44 -10.19
C LEU G 256 40.68 -2.49 -9.47
N HIS G 257 40.58 -2.45 -8.13
CA HIS G 257 41.45 -1.63 -7.28
C HIS G 257 41.94 -2.44 -6.07
N VAL G 258 42.52 -3.62 -6.37
CA VAL G 258 42.97 -4.59 -5.38
C VAL G 258 44.51 -4.67 -5.35
N PRO G 259 45.10 -5.12 -4.21
CA PRO G 259 46.53 -5.47 -4.18
C PRO G 259 46.83 -6.78 -4.92
N ALA G 260 48.13 -7.03 -5.19
CA ALA G 260 48.60 -8.31 -5.72
C ALA G 260 48.80 -9.30 -4.56
N THR G 261 47.85 -10.23 -4.42
CA THR G 261 47.89 -11.31 -3.46
C THR G 261 47.73 -12.59 -4.29
N PRO G 262 47.93 -13.79 -3.70
CA PRO G 262 47.62 -15.03 -4.42
C PRO G 262 46.13 -15.16 -4.76
N GLU G 263 45.24 -14.50 -4.00
CA GLU G 263 43.79 -14.53 -4.20
C GLU G 263 43.33 -13.61 -5.35
N THR G 264 44.04 -12.49 -5.56
CA THR G 264 43.75 -11.60 -6.67
C THR G 264 44.45 -12.04 -7.96
N GLU G 265 45.49 -12.87 -7.84
CA GLU G 265 46.16 -13.41 -9.00
C GLU G 265 45.12 -14.04 -9.92
N LYS G 266 44.94 -13.44 -11.10
CA LYS G 266 44.02 -13.90 -12.14
C LYS G 266 42.59 -14.06 -11.62
N MET G 267 42.15 -13.17 -10.73
CA MET G 267 40.83 -13.27 -10.13
C MET G 267 39.70 -12.99 -11.16
N LEU G 268 39.98 -12.23 -12.24
CA LEU G 268 39.06 -12.19 -13.37
C LEU G 268 39.56 -13.08 -14.51
N SER G 269 38.91 -14.23 -14.67
CA SER G 269 39.23 -15.15 -15.73
C SER G 269 37.95 -15.59 -16.43
N ALA G 270 38.03 -16.58 -17.35
CA ALA G 270 36.89 -17.01 -18.17
C ALA G 270 35.58 -17.16 -17.39
N PRO G 271 35.54 -17.76 -16.17
CA PRO G 271 34.28 -17.94 -15.44
C PRO G 271 33.67 -16.65 -14.91
N GLN G 272 34.52 -15.67 -14.59
CA GLN G 272 34.08 -14.35 -14.16
C GLN G 272 33.51 -13.56 -15.33
N PHE G 273 34.09 -13.68 -16.54
CA PHE G 273 33.57 -13.03 -17.74
C PHE G 273 32.24 -13.66 -18.15
N ALA G 274 32.03 -14.94 -17.88
CA ALA G 274 30.73 -15.56 -18.13
C ALA G 274 29.66 -15.05 -17.16
N ALA G 275 30.06 -14.59 -15.95
CA ALA G 275 29.16 -14.10 -14.91
C ALA G 275 28.75 -12.66 -15.16
N MET G 276 29.45 -11.98 -16.08
CA MET G 276 29.26 -10.58 -16.35
C MET G 276 28.14 -10.42 -17.38
N LYS G 277 27.66 -9.19 -17.59
CA LYS G 277 26.60 -8.96 -18.58
C LYS G 277 27.16 -8.96 -20.00
N ASP G 278 26.31 -9.33 -20.95
CA ASP G 278 26.61 -9.14 -22.36
C ASP G 278 26.82 -7.66 -22.64
N GLY G 279 27.91 -7.36 -23.33
CA GLY G 279 28.30 -6.00 -23.62
C GLY G 279 28.70 -5.19 -22.38
N ALA G 280 29.25 -5.84 -21.33
CA ALA G 280 29.81 -5.11 -20.21
C ALA G 280 31.28 -4.80 -20.46
N TYR G 281 31.89 -4.06 -19.54
CA TYR G 281 33.19 -3.48 -19.75
C TYR G 281 34.08 -3.78 -18.55
N VAL G 282 35.38 -3.92 -18.86
CA VAL G 282 36.36 -4.32 -17.87
C VAL G 282 37.49 -3.30 -17.80
N ILE G 283 37.80 -2.84 -16.58
CA ILE G 283 38.86 -1.86 -16.39
C ILE G 283 39.81 -2.34 -15.29
N ASN G 284 41.10 -2.37 -15.66
CA ASN G 284 42.13 -2.78 -14.74
C ASN G 284 43.27 -1.77 -14.76
N ALA G 285 43.23 -0.88 -13.76
CA ALA G 285 44.40 -0.09 -13.38
C ALA G 285 44.92 -0.46 -11.99
N SER G 286 44.80 -1.73 -11.57
CA SER G 286 45.34 -2.17 -10.29
C SER G 286 46.72 -2.79 -10.52
N ARG G 287 46.77 -4.10 -10.78
CA ARG G 287 48.02 -4.83 -10.92
C ARG G 287 48.01 -5.72 -12.16
N GLY G 288 49.20 -5.93 -12.74
CA GLY G 288 49.33 -6.56 -14.04
C GLY G 288 48.90 -8.02 -14.07
N THR G 289 48.70 -8.64 -12.90
CA THR G 289 48.47 -10.09 -12.80
C THR G 289 47.00 -10.45 -12.55
N VAL G 290 46.20 -9.45 -12.17
CA VAL G 290 44.87 -9.62 -11.62
C VAL G 290 43.86 -10.06 -12.69
N VAL G 291 44.15 -9.82 -13.98
CA VAL G 291 43.25 -10.24 -15.06
C VAL G 291 43.95 -11.30 -15.89
N ASP G 292 43.23 -12.36 -16.25
CA ASP G 292 43.70 -13.31 -17.24
C ASP G 292 43.38 -12.74 -18.62
N ILE G 293 44.42 -12.30 -19.33
CA ILE G 293 44.25 -11.53 -20.56
C ILE G 293 43.80 -12.46 -21.68
N PRO G 294 44.37 -13.67 -21.87
CA PRO G 294 43.90 -14.54 -22.97
C PRO G 294 42.40 -14.81 -22.90
N SER G 295 41.83 -14.82 -21.67
CA SER G 295 40.41 -15.07 -21.45
C SER G 295 39.61 -13.79 -21.70
N LEU G 296 40.17 -12.63 -21.40
CA LEU G 296 39.54 -11.36 -21.76
C LEU G 296 39.47 -11.20 -23.28
N ILE G 297 40.58 -11.45 -23.97
CA ILE G 297 40.66 -11.44 -25.43
C ILE G 297 39.56 -12.31 -26.03
N GLN G 298 39.31 -13.44 -25.39
CA GLN G 298 38.38 -14.43 -25.93
C GLN G 298 36.96 -13.96 -25.66
N ALA G 299 36.73 -13.32 -24.49
CA ALA G 299 35.42 -12.79 -24.12
C ALA G 299 35.04 -11.62 -25.04
N VAL G 300 36.02 -10.77 -25.39
CA VAL G 300 35.78 -9.70 -26.33
C VAL G 300 35.46 -10.30 -27.71
N LYS G 301 36.28 -11.26 -28.17
CA LYS G 301 36.08 -11.87 -29.48
C LYS G 301 34.71 -12.53 -29.62
N ALA G 302 34.15 -13.02 -28.50
CA ALA G 302 32.85 -13.67 -28.47
C ALA G 302 31.72 -12.65 -28.30
N ASN G 303 32.05 -11.34 -28.27
CA ASN G 303 31.07 -10.28 -28.10
C ASN G 303 30.42 -10.34 -26.73
N LYS G 304 31.04 -11.02 -25.78
CA LYS G 304 30.53 -11.00 -24.42
C LYS G 304 30.89 -9.68 -23.75
N ILE G 305 32.17 -9.28 -23.89
CA ILE G 305 32.71 -8.05 -23.33
C ILE G 305 32.81 -7.04 -24.46
N ALA G 306 32.26 -5.85 -24.21
CA ALA G 306 32.07 -4.84 -25.24
C ALA G 306 33.31 -3.95 -25.36
N GLY G 307 34.07 -3.81 -24.27
CA GLY G 307 35.35 -3.13 -24.32
C GLY G 307 36.13 -3.30 -23.02
N ALA G 308 37.39 -2.85 -23.04
CA ALA G 308 38.25 -2.95 -21.87
C ALA G 308 39.32 -1.88 -21.90
N ALA G 309 39.73 -1.47 -20.71
CA ALA G 309 40.87 -0.59 -20.54
C ALA G 309 41.88 -1.19 -19.56
N LEU G 310 43.13 -1.31 -20.01
CA LEU G 310 44.22 -1.86 -19.22
C LEU G 310 45.33 -0.82 -19.06
N ASP G 311 45.72 -0.59 -17.80
CA ASP G 311 46.87 0.26 -17.51
C ASP G 311 48.09 -0.59 -17.15
N VAL G 312 47.90 -1.88 -16.85
CA VAL G 312 48.93 -2.70 -16.21
C VAL G 312 48.95 -4.05 -16.88
N TYR G 313 50.14 -4.66 -16.99
CA TYR G 313 50.30 -5.92 -17.71
C TYR G 313 51.16 -6.88 -16.90
N PRO G 314 51.10 -8.22 -17.18
CA PRO G 314 51.96 -9.18 -16.48
C PRO G 314 53.43 -8.84 -16.63
N HIS G 315 53.80 -8.49 -17.87
CA HIS G 315 55.19 -8.07 -18.17
C HIS G 315 55.17 -6.66 -18.79
N GLU G 316 55.91 -5.72 -18.21
CA GLU G 316 56.06 -4.34 -18.65
C GLU G 316 57.53 -4.05 -18.95
N PRO G 317 57.87 -3.21 -19.97
CA PRO G 317 59.27 -2.86 -20.23
C PRO G 317 59.86 -2.09 -19.03
N ALA G 318 61.19 -2.10 -18.92
CA ALA G 318 61.90 -1.40 -17.86
C ALA G 318 61.99 0.10 -18.17
N LYS G 319 61.99 0.44 -19.47
CA LYS G 319 62.21 1.78 -19.99
C LYS G 319 61.25 2.05 -21.14
N ASN G 320 61.01 3.33 -21.44
CA ASN G 320 60.23 3.73 -22.61
C ASN G 320 61.02 3.39 -23.87
N GLY G 321 60.35 2.99 -24.95
CA GLY G 321 61.01 2.63 -26.20
C GLY G 321 60.01 2.22 -27.27
N GLU G 322 60.45 1.97 -28.50
CA GLU G 322 59.56 2.01 -29.66
C GLU G 322 58.98 0.63 -30.04
N GLY G 323 59.73 -0.44 -29.80
CA GLY G 323 59.20 -1.79 -30.02
C GLY G 323 59.18 -2.58 -28.72
N SER G 324 58.94 -1.88 -27.60
CA SER G 324 59.00 -2.45 -26.26
C SER G 324 57.82 -3.36 -25.94
N PHE G 325 56.63 -3.01 -26.47
CA PHE G 325 55.39 -3.69 -26.17
C PHE G 325 55.02 -4.57 -27.36
N ASN G 326 55.35 -5.86 -27.26
CA ASN G 326 55.24 -6.78 -28.38
C ASN G 326 55.12 -8.21 -27.86
N ASP G 327 55.04 -9.15 -28.82
CA ASP G 327 54.79 -10.57 -28.59
C ASP G 327 55.92 -11.21 -27.76
N GLU G 328 57.12 -10.64 -27.74
CA GLU G 328 58.20 -11.18 -26.94
C GLU G 328 58.03 -10.81 -25.47
N LEU G 329 57.27 -9.76 -25.17
CA LEU G 329 57.08 -9.33 -23.78
C LEU G 329 55.86 -10.00 -23.17
N ASN G 330 54.74 -9.98 -23.92
CA ASN G 330 53.51 -10.70 -23.62
C ASN G 330 53.00 -11.28 -24.95
N SER G 331 52.80 -12.58 -25.05
CA SER G 331 52.62 -13.25 -26.34
C SER G 331 51.30 -12.88 -27.03
N TRP G 332 50.32 -12.43 -26.25
CA TRP G 332 49.01 -12.13 -26.80
C TRP G 332 48.93 -10.66 -27.26
N THR G 333 50.06 -9.98 -27.36
CA THR G 333 50.05 -8.55 -27.67
C THR G 333 49.42 -8.31 -29.05
N SER G 334 49.87 -9.00 -30.12
CA SER G 334 49.34 -8.78 -31.46
C SER G 334 47.84 -9.04 -31.57
N GLU G 335 47.33 -9.95 -30.72
CA GLU G 335 45.92 -10.31 -30.67
C GLU G 335 45.14 -9.17 -30.01
N LEU G 336 45.66 -8.72 -28.86
CA LEU G 336 45.03 -7.71 -28.01
C LEU G 336 44.82 -6.40 -28.76
N VAL G 337 45.85 -6.02 -29.54
CA VAL G 337 45.91 -4.73 -30.21
C VAL G 337 44.95 -4.68 -31.39
N SER G 338 44.62 -5.85 -31.97
CA SER G 338 43.79 -5.93 -33.15
C SER G 338 42.30 -5.91 -32.80
N LEU G 339 41.94 -5.73 -31.52
CA LEU G 339 40.57 -5.79 -31.08
C LEU G 339 39.92 -4.40 -31.01
N PRO G 340 38.61 -4.31 -31.27
CA PRO G 340 37.86 -3.07 -31.05
C PRO G 340 37.60 -2.74 -29.58
N ASN G 341 37.54 -1.43 -29.31
CA ASN G 341 37.18 -0.80 -28.07
C ASN G 341 38.09 -1.28 -26.95
N ILE G 342 39.40 -1.34 -27.24
CA ILE G 342 40.41 -1.62 -26.24
C ILE G 342 41.29 -0.40 -26.04
N ILE G 343 41.24 0.17 -24.82
CA ILE G 343 42.13 1.23 -24.39
C ILE G 343 43.34 0.65 -23.64
N LEU G 344 44.55 0.93 -24.14
CA LEU G 344 45.79 0.47 -23.55
C LEU G 344 46.60 1.68 -23.11
N THR G 345 47.04 1.70 -21.84
CA THR G 345 47.89 2.76 -21.33
C THR G 345 49.14 2.13 -20.69
N PRO G 346 50.31 2.79 -20.73
CA PRO G 346 51.55 2.22 -20.17
C PRO G 346 51.78 2.62 -18.72
N HIS G 347 50.90 2.13 -17.84
CA HIS G 347 51.07 2.29 -16.40
C HIS G 347 51.14 3.77 -16.05
N ILE G 348 50.15 4.53 -16.52
CA ILE G 348 50.09 5.97 -16.31
C ILE G 348 49.04 6.32 -15.26
N GLY G 349 48.53 5.33 -14.51
CA GLY G 349 47.52 5.58 -13.49
C GLY G 349 47.87 6.72 -12.53
N GLY G 350 49.13 6.75 -12.09
CA GLY G 350 49.64 7.78 -11.17
C GLY G 350 50.53 8.83 -11.84
N SER G 351 50.72 8.76 -13.18
CA SER G 351 51.60 9.66 -13.90
C SER G 351 50.93 11.01 -14.18
N THR G 352 50.77 11.83 -13.12
CA THR G 352 50.39 13.22 -13.28
C THR G 352 51.36 14.14 -12.53
N GLU G 353 51.30 15.41 -12.90
CA GLU G 353 52.03 16.45 -12.22
C GLU G 353 51.59 16.52 -10.75
N GLU G 354 50.30 16.36 -10.48
CA GLU G 354 49.78 16.58 -9.13
C GLU G 354 50.21 15.44 -8.21
N ALA G 355 50.24 14.23 -8.76
CA ALA G 355 50.67 13.05 -8.00
C ALA G 355 52.15 13.14 -7.68
N GLN G 356 52.99 13.36 -8.70
CA GLN G 356 54.43 13.50 -8.53
C GLN G 356 54.75 14.63 -7.55
N SER G 357 53.93 15.66 -7.55
CA SER G 357 54.11 16.82 -6.70
C SER G 357 53.74 16.49 -5.26
N SER G 358 52.68 15.70 -5.06
CA SER G 358 52.26 15.33 -3.71
C SER G 358 53.25 14.37 -3.06
N ILE G 359 53.84 13.46 -3.85
CA ILE G 359 54.90 12.55 -3.43
C ILE G 359 56.07 13.39 -2.95
N GLY G 360 56.53 14.30 -3.80
CA GLY G 360 57.52 15.29 -3.44
C GLY G 360 57.32 15.81 -2.02
N ILE G 361 56.11 16.30 -1.72
CA ILE G 361 55.84 16.98 -0.46
C ILE G 361 55.78 15.96 0.68
N GLU G 362 55.16 14.81 0.46
CA GLU G 362 54.94 13.85 1.52
C GLU G 362 56.28 13.31 2.04
N VAL G 363 57.16 12.91 1.11
CA VAL G 363 58.39 12.20 1.41
C VAL G 363 59.45 13.19 1.87
N ALA G 364 59.55 14.34 1.20
CA ALA G 364 60.49 15.37 1.63
C ALA G 364 60.12 15.90 3.02
N THR G 365 58.82 15.97 3.34
CA THR G 365 58.40 16.39 4.67
C THR G 365 58.76 15.31 5.68
N ALA G 366 58.58 14.06 5.27
CA ALA G 366 58.88 12.95 6.17
C ALA G 366 60.38 12.89 6.49
N LEU G 367 61.25 12.93 5.47
CA LEU G 367 62.69 12.91 5.66
C LEU G 367 63.09 14.08 6.53
N SER G 368 62.46 15.23 6.31
CA SER G 368 62.81 16.46 6.98
C SER G 368 62.45 16.38 8.46
N LYS G 369 61.26 15.88 8.79
CA LYS G 369 60.89 15.71 10.17
C LYS G 369 61.76 14.63 10.85
N TYR G 370 62.28 13.64 10.10
CA TYR G 370 63.14 12.61 10.67
C TYR G 370 64.50 13.22 11.00
N ILE G 371 65.03 14.03 10.07
CA ILE G 371 66.31 14.69 10.27
C ILE G 371 66.19 15.74 11.38
N ASN G 372 65.16 16.60 11.36
CA ASN G 372 65.09 17.74 12.26
C ASN G 372 64.55 17.35 13.63
N GLU G 373 63.76 16.28 13.74
CA GLU G 373 63.05 15.99 14.99
C GLU G 373 63.14 14.51 15.38
N GLY G 374 63.72 13.68 14.51
CA GLY G 374 63.91 12.26 14.79
C GLY G 374 62.66 11.40 14.58
N ASN G 375 61.60 12.01 14.03
CA ASN G 375 60.28 11.38 13.85
C ASN G 375 60.30 10.30 12.76
N SER G 376 60.02 9.05 13.14
CA SER G 376 60.17 7.92 12.23
C SER G 376 58.82 7.27 11.91
N VAL G 377 57.73 7.97 12.26
CA VAL G 377 56.37 7.51 12.00
C VAL G 377 56.17 7.43 10.48
N GLY G 378 55.65 6.30 10.01
CA GLY G 378 55.51 6.07 8.58
C GLY G 378 56.74 5.45 7.94
N SER G 379 57.79 5.24 8.73
CA SER G 379 58.95 4.54 8.23
C SER G 379 58.52 3.12 7.86
N VAL G 380 59.09 2.55 6.78
CA VAL G 380 58.75 1.20 6.36
C VAL G 380 59.68 0.14 6.95
N ASN G 381 60.85 0.49 7.54
CA ASN G 381 61.79 -0.53 7.98
C ASN G 381 62.31 -0.25 9.39
N PHE G 382 61.59 0.56 10.17
CA PHE G 382 62.11 1.14 11.38
C PHE G 382 61.03 1.19 12.43
N PRO G 383 61.38 1.21 13.74
CA PRO G 383 60.38 1.50 14.78
C PRO G 383 59.82 2.89 14.55
N GLU G 384 58.54 3.04 14.86
CA GLU G 384 57.82 4.29 14.64
C GLU G 384 57.74 5.06 15.95
N VAL G 385 58.55 6.12 16.03
CA VAL G 385 58.74 6.86 17.28
C VAL G 385 58.66 8.34 16.94
N SER G 386 58.02 9.09 17.84
CA SER G 386 58.03 10.54 17.75
C SER G 386 57.63 11.12 19.10
N LEU G 387 57.97 12.37 19.32
CA LEU G 387 57.61 13.05 20.59
C LEU G 387 57.16 14.45 20.21
N LYS G 388 56.33 15.07 21.05
CA LYS G 388 55.81 16.41 20.74
C LYS G 388 56.94 17.42 20.82
N SER G 389 56.79 18.54 20.11
CA SER G 389 57.81 19.62 20.18
C SER G 389 57.18 20.81 20.90
N LEU G 390 56.78 21.86 20.15
CA LEU G 390 56.12 23.07 20.72
C LEU G 390 56.90 23.61 21.92
N ASP G 391 58.22 23.78 21.79
CA ASP G 391 59.03 24.21 22.96
C ASP G 391 60.08 25.24 22.54
N TYR G 392 59.64 26.40 22.05
CA TYR G 392 60.59 27.44 21.58
C TYR G 392 61.34 28.03 22.76
N ASP G 393 60.67 28.16 23.90
CA ASP G 393 61.29 28.79 25.11
C ASP G 393 62.21 27.79 25.82
N GLN G 394 62.02 26.50 25.57
CA GLN G 394 62.79 25.46 26.30
C GLN G 394 64.28 25.63 26.09
N GLU G 395 64.91 26.53 26.86
CA GLU G 395 66.34 26.69 26.81
C GLU G 395 67.02 25.50 27.49
N ASN G 396 68.11 25.02 26.88
CA ASN G 396 69.04 24.04 27.44
C ASN G 396 68.49 22.62 27.34
N THR G 397 67.51 22.37 26.45
CA THR G 397 66.98 21.03 26.29
C THR G 397 67.60 20.37 25.06
N VAL G 398 67.97 19.10 25.20
CA VAL G 398 68.51 18.31 24.11
C VAL G 398 67.59 17.13 23.85
N ARG G 399 67.53 16.71 22.58
CA ARG G 399 66.84 15.48 22.24
C ARG G 399 67.86 14.42 21.82
N VAL G 400 67.79 13.27 22.51
CA VAL G 400 68.69 12.16 22.27
C VAL G 400 67.99 11.20 21.31
N LEU G 401 68.68 10.87 20.19
CA LEU G 401 68.17 9.90 19.22
C LEU G 401 69.15 8.73 19.16
N TYR G 402 68.80 7.63 19.84
CA TYR G 402 69.72 6.51 20.06
C TYR G 402 69.17 5.24 19.39
N ILE G 403 69.79 4.86 18.26
CA ILE G 403 69.43 3.65 17.54
C ILE G 403 70.39 2.54 17.97
N HIS G 404 69.83 1.39 18.32
CA HIS G 404 70.58 0.39 19.07
C HIS G 404 70.06 -1.02 18.80
N ARG G 405 70.83 -1.98 19.27
CA ARG G 405 70.43 -3.39 19.13
C ARG G 405 69.36 -3.68 20.16
N ASN G 406 68.34 -4.43 19.78
CA ASN G 406 67.20 -4.76 20.62
C ASN G 406 67.54 -5.91 21.57
N VAL G 407 68.36 -5.63 22.58
CA VAL G 407 68.83 -6.67 23.49
C VAL G 407 68.62 -6.13 24.91
N PRO G 408 68.55 -6.99 25.95
CA PRO G 408 68.42 -6.48 27.31
C PRO G 408 69.57 -5.57 27.75
N GLY G 409 69.24 -4.63 28.66
CA GLY G 409 70.24 -3.88 29.41
C GLY G 409 70.66 -2.57 28.76
N VAL G 410 70.01 -2.16 27.66
CA VAL G 410 70.48 -1.01 26.91
C VAL G 410 69.87 0.25 27.50
N LEU G 411 68.59 0.24 27.88
CA LEU G 411 68.00 1.41 28.54
C LEU G 411 68.63 1.63 29.91
N LYS G 412 69.05 0.55 30.59
CA LYS G 412 69.82 0.68 31.83
C LYS G 412 71.07 1.54 31.64
N THR G 413 71.88 1.18 30.62
CA THR G 413 73.08 1.89 30.24
C THR G 413 72.79 3.34 29.88
N VAL G 414 71.81 3.56 28.99
CA VAL G 414 71.50 4.89 28.46
C VAL G 414 70.95 5.78 29.57
N ASN G 415 70.01 5.28 30.38
CA ASN G 415 69.36 6.13 31.37
C ASN G 415 70.30 6.44 32.53
N ASP G 416 71.36 5.64 32.66
CA ASP G 416 72.47 5.88 33.58
C ASP G 416 73.32 7.08 33.12
N ILE G 417 73.84 6.99 31.89
CA ILE G 417 74.51 8.10 31.22
C ILE G 417 73.72 9.43 31.34
N LEU G 418 72.39 9.42 31.34
CA LEU G 418 71.62 10.65 31.34
C LEU G 418 71.13 11.03 32.75
N SER G 419 71.65 10.42 33.81
CA SER G 419 70.92 10.40 35.08
C SER G 419 71.10 11.68 35.90
N ASP G 420 72.06 12.52 35.48
CA ASP G 420 72.26 13.82 36.08
C ASP G 420 71.18 14.80 35.64
N HIS G 421 70.52 14.49 34.52
CA HIS G 421 69.54 15.38 33.90
C HIS G 421 68.14 14.81 34.04
N ASN G 422 67.18 15.71 34.30
CA ASN G 422 65.78 15.34 34.26
C ASN G 422 65.37 14.98 32.84
N ILE G 423 64.76 13.80 32.69
CA ILE G 423 64.17 13.40 31.42
C ILE G 423 62.70 13.78 31.48
N GLU G 424 62.32 14.68 30.57
CA GLU G 424 60.97 15.20 30.50
C GLU G 424 60.08 14.12 29.89
N LYS G 425 60.59 13.46 28.85
CA LYS G 425 59.90 12.32 28.29
C LYS G 425 60.83 11.50 27.42
N GLN G 426 60.40 10.27 27.16
CA GLN G 426 61.24 9.29 26.53
C GLN G 426 60.34 8.22 25.90
N PHE G 427 60.74 7.74 24.72
CA PHE G 427 60.00 6.72 24.02
C PHE G 427 61.02 5.87 23.29
N SER G 428 60.97 4.57 23.58
CA SER G 428 61.75 3.56 22.86
C SER G 428 60.76 2.55 22.26
N ASP G 429 61.05 2.08 21.04
CA ASP G 429 60.29 0.99 20.42
C ASP G 429 61.26 0.14 19.57
N SER G 430 60.87 -1.12 19.33
CA SER G 430 61.70 -2.10 18.64
C SER G 430 61.05 -2.58 17.34
N HIS G 431 61.89 -3.07 16.43
CA HIS G 431 61.44 -3.58 15.13
C HIS G 431 62.47 -4.61 14.66
N GLY G 432 62.27 -5.88 15.01
CA GLY G 432 63.26 -6.90 14.72
C GLY G 432 64.44 -6.74 15.66
N GLU G 433 65.64 -6.68 15.07
CA GLU G 433 66.89 -6.68 15.80
C GLU G 433 67.31 -5.27 16.21
N ILE G 434 66.52 -4.27 15.77
CA ILE G 434 66.82 -2.85 15.93
C ILE G 434 65.80 -2.25 16.89
N ALA G 435 66.23 -1.27 17.68
CA ALA G 435 65.32 -0.44 18.45
C ALA G 435 65.74 1.03 18.37
N TYR G 436 64.86 1.92 18.82
CA TYR G 436 65.04 3.35 18.65
C TYR G 436 64.51 4.06 19.89
N LEU G 437 65.43 4.73 20.61
CA LEU G 437 65.12 5.53 21.78
C LEU G 437 65.16 7.01 21.41
N MET G 438 64.18 7.75 21.93
CA MET G 438 64.13 9.18 21.73
C MET G 438 63.79 9.78 23.10
N ALA G 439 64.66 10.69 23.58
CA ALA G 439 64.50 11.24 24.92
C ALA G 439 64.74 12.74 24.92
N ASP G 440 63.90 13.45 25.67
CA ASP G 440 64.06 14.88 25.86
C ASP G 440 64.53 15.14 27.29
N ILE G 441 65.72 15.76 27.39
CA ILE G 441 66.37 16.04 28.66
C ILE G 441 66.59 17.55 28.79
N SER G 442 66.29 18.09 29.97
CA SER G 442 66.35 19.53 30.21
C SER G 442 67.58 19.91 31.04
N SER G 443 67.93 21.20 30.99
CA SER G 443 69.05 21.78 31.73
C SER G 443 70.36 21.04 31.39
N VAL G 444 70.81 21.23 30.14
CA VAL G 444 72.06 20.67 29.63
C VAL G 444 72.88 21.80 28.98
N ASN G 445 74.10 22.01 29.48
CA ASN G 445 75.01 22.97 28.87
C ASN G 445 75.92 22.21 27.89
N GLN G 446 76.74 22.96 27.14
CA GLN G 446 77.46 22.48 25.96
C GLN G 446 78.57 21.50 26.35
N SER G 447 79.10 21.68 27.54
CA SER G 447 80.12 20.81 28.08
C SER G 447 79.52 19.42 28.34
N GLU G 448 78.36 19.39 29.00
CA GLU G 448 77.65 18.16 29.34
C GLU G 448 77.14 17.46 28.08
N ILE G 449 76.78 18.23 27.03
CA ILE G 449 76.29 17.65 25.77
C ILE G 449 77.39 16.80 25.13
N LYS G 450 78.64 17.30 25.12
CA LYS G 450 79.74 16.61 24.48
C LYS G 450 80.05 15.31 25.24
N ASP G 451 79.81 15.33 26.55
CA ASP G 451 80.11 14.23 27.46
C ASP G 451 79.11 13.09 27.24
N ILE G 452 77.82 13.46 27.11
CA ILE G 452 76.75 12.52 26.84
C ILE G 452 76.97 11.85 25.48
N TYR G 453 77.35 12.67 24.50
CA TYR G 453 77.53 12.17 23.15
C TYR G 453 78.62 11.10 23.10
N GLU G 454 79.75 11.37 23.75
CA GLU G 454 80.92 10.50 23.63
C GLU G 454 80.67 9.21 24.41
N LYS G 455 79.95 9.29 25.55
CA LYS G 455 79.58 8.11 26.32
C LYS G 455 78.60 7.22 25.55
N LEU G 456 77.53 7.80 24.98
CA LEU G 456 76.57 7.03 24.19
C LEU G 456 77.22 6.46 22.93
N ASN G 457 78.23 7.17 22.41
CA ASN G 457 78.88 6.76 21.17
C ASN G 457 79.78 5.55 21.38
N GLN G 458 80.10 5.23 22.65
CA GLN G 458 80.95 4.10 22.98
C GLN G 458 80.21 3.05 23.81
N THR G 459 78.88 3.04 23.75
CA THR G 459 78.09 1.89 24.21
C THR G 459 78.16 0.82 23.11
N SER G 460 78.03 -0.46 23.50
CA SER G 460 78.25 -1.54 22.57
C SER G 460 76.98 -1.92 21.82
N ALA G 461 75.81 -1.55 22.38
CA ALA G 461 74.52 -1.79 21.72
C ALA G 461 74.24 -0.75 20.63
N LYS G 462 75.10 0.26 20.50
CA LYS G 462 74.81 1.41 19.65
C LYS G 462 74.97 1.03 18.17
N VAL G 463 74.02 1.52 17.37
CA VAL G 463 73.97 1.37 15.92
C VAL G 463 74.24 2.74 15.28
N SER G 464 73.49 3.76 15.73
CA SER G 464 73.84 5.16 15.44
C SER G 464 73.15 6.10 16.45
N ILE G 465 73.84 7.20 16.73
CA ILE G 465 73.32 8.18 17.71
C ILE G 465 73.42 9.57 17.13
N ARG G 466 72.43 10.40 17.42
CA ARG G 466 72.46 11.81 16.99
C ARG G 466 71.87 12.59 18.16
N LEU G 467 72.29 13.84 18.31
CA LEU G 467 71.72 14.68 19.38
C LEU G 467 71.23 15.97 18.73
N LEU G 468 70.04 16.41 19.09
CA LEU G 468 69.50 17.64 18.53
C LEU G 468 69.39 18.65 19.65
N TYR G 469 69.92 19.87 19.43
CA TYR G 469 70.10 20.86 20.48
C TYR G 469 69.82 22.25 19.92
N PRO H 23 50.70 34.86 -21.41
CA PRO H 23 49.37 35.34 -20.96
C PRO H 23 48.57 34.39 -20.06
N GLY H 24 49.30 33.69 -19.16
CA GLY H 24 48.84 32.54 -18.37
C GLY H 24 49.68 31.27 -18.61
N ALA H 25 49.72 30.34 -17.64
CA ALA H 25 50.21 28.99 -17.90
C ALA H 25 49.48 27.94 -17.05
N VAL H 26 49.10 26.83 -17.68
CA VAL H 26 48.40 25.75 -16.99
C VAL H 26 49.45 25.09 -16.12
N SER H 27 49.06 24.78 -14.88
CA SER H 27 50.06 24.37 -13.92
C SER H 27 49.44 23.68 -12.71
N THR H 28 50.29 22.95 -11.98
CA THR H 28 49.83 21.91 -11.09
C THR H 28 48.88 22.52 -10.05
N SER H 29 47.74 21.87 -9.81
CA SER H 29 46.76 22.36 -8.85
C SER H 29 47.34 22.32 -7.44
N PRO H 30 46.77 23.10 -6.49
CA PRO H 30 47.17 23.06 -5.07
C PRO H 30 46.77 21.83 -4.26
N THR H 31 47.58 20.76 -4.30
CA THR H 31 47.15 19.40 -3.93
C THR H 31 46.50 19.31 -2.54
N THR H 45 45.09 -7.57 11.90
CA THR H 45 46.04 -7.96 12.99
C THR H 45 45.28 -8.85 13.99
N LYS H 46 45.89 -9.05 15.17
CA LYS H 46 45.60 -10.15 16.07
C LYS H 46 44.62 -9.71 17.16
N GLN H 47 43.94 -10.69 17.80
CA GLN H 47 43.14 -10.44 18.99
C GLN H 47 44.01 -9.78 20.06
N PRO H 48 43.56 -8.67 20.70
CA PRO H 48 44.33 -8.09 21.81
C PRO H 48 44.39 -9.10 22.95
N LYS H 49 45.59 -9.35 23.49
CA LYS H 49 45.75 -10.02 24.77
C LYS H 49 45.06 -9.16 25.83
N ALA H 50 44.22 -9.79 26.67
CA ALA H 50 43.60 -9.12 27.81
C ALA H 50 44.49 -9.33 29.03
N LEU H 51 44.62 -8.28 29.85
CA LEU H 51 45.65 -8.22 30.86
C LEU H 51 44.98 -8.05 32.23
N LYS H 52 45.56 -8.70 33.26
CA LYS H 52 44.97 -8.66 34.59
C LYS H 52 46.02 -8.20 35.60
N PRO H 53 45.66 -7.36 36.60
CA PRO H 53 46.63 -6.80 37.52
C PRO H 53 47.23 -7.89 38.43
N PHE H 54 48.43 -7.63 38.95
CA PHE H 54 49.08 -8.46 39.95
C PHE H 54 48.48 -8.13 41.32
N SER H 55 48.39 -9.12 42.23
CA SER H 55 48.00 -8.95 43.64
C SER H 55 46.56 -8.44 43.83
N THR H 56 45.71 -8.52 42.78
CA THR H 56 44.55 -7.62 42.63
C THR H 56 43.30 -8.05 43.42
N GLY H 57 42.80 -9.29 43.30
CA GLY H 57 41.41 -9.62 43.61
C GLY H 57 40.36 -8.94 42.71
N ASP H 58 39.14 -8.77 43.23
CA ASP H 58 38.03 -8.19 42.47
C ASP H 58 38.15 -6.67 42.44
N MET H 59 37.95 -6.08 41.26
CA MET H 59 37.86 -4.64 41.09
C MET H 59 36.50 -4.16 41.58
N ASN H 60 36.48 -3.22 42.54
CA ASN H 60 35.23 -2.61 42.97
C ASN H 60 35.04 -1.23 42.34
N ILE H 61 33.92 -1.00 41.65
CA ILE H 61 33.56 0.32 41.13
C ILE H 61 32.46 0.91 42.02
N LEU H 62 32.58 2.19 42.37
CA LEU H 62 31.50 2.91 43.04
C LEU H 62 31.01 4.03 42.14
N LEU H 63 29.71 4.04 41.81
CA LEU H 63 29.12 5.05 40.93
C LEU H 63 28.08 5.84 41.71
N LEU H 64 28.20 7.17 41.67
CA LEU H 64 27.34 8.05 42.43
C LEU H 64 26.60 8.98 41.46
N GLU H 65 25.54 9.62 41.98
CA GLU H 65 24.83 10.72 41.35
C GLU H 65 24.10 10.29 40.08
N ASN H 66 23.70 9.01 40.02
CA ASN H 66 22.82 8.55 38.96
C ASN H 66 23.50 8.71 37.61
N VAL H 67 24.69 8.12 37.47
CA VAL H 67 25.28 8.02 36.15
C VAL H 67 24.41 7.05 35.34
N ASN H 68 24.54 7.15 34.02
CA ASN H 68 23.70 6.44 33.07
C ASN H 68 23.98 4.94 33.10
N ALA H 69 22.93 4.17 32.78
CA ALA H 69 22.99 2.72 32.76
C ALA H 69 24.04 2.20 31.77
N THR H 70 24.40 2.98 30.74
CA THR H 70 25.39 2.48 29.77
C THR H 70 26.72 2.18 30.47
N ALA H 71 27.01 2.98 31.52
CA ALA H 71 28.24 2.88 32.28
C ALA H 71 28.20 1.65 33.20
N ILE H 72 27.07 1.46 33.88
CA ILE H 72 26.88 0.33 34.77
C ILE H 72 27.10 -0.96 33.98
N LYS H 73 26.57 -1.00 32.76
CA LYS H 73 26.63 -2.19 31.92
C LYS H 73 28.07 -2.44 31.49
N ILE H 74 28.82 -1.39 31.09
CA ILE H 74 30.18 -1.61 30.61
C ILE H 74 31.04 -2.24 31.70
N PHE H 75 30.85 -1.79 32.96
CA PHE H 75 31.63 -2.25 34.08
C PHE H 75 31.27 -3.69 34.49
N LYS H 76 29.98 -4.04 34.50
CA LYS H 76 29.57 -5.40 34.84
C LYS H 76 30.02 -6.41 33.77
N ASP H 77 30.05 -6.00 32.49
CA ASP H 77 30.53 -6.86 31.40
C ASP H 77 32.03 -7.10 31.48
N GLN H 78 32.80 -6.20 32.14
CA GLN H 78 34.21 -6.45 32.43
C GLN H 78 34.35 -7.45 33.60
N GLY H 79 33.27 -7.63 34.38
CA GLY H 79 33.27 -8.49 35.55
C GLY H 79 33.65 -7.74 36.82
N TYR H 80 33.68 -6.40 36.79
CA TYR H 80 33.89 -5.63 37.99
C TYR H 80 32.63 -5.71 38.86
N GLN H 81 32.81 -5.61 40.18
CA GLN H 81 31.72 -5.49 41.13
C GLN H 81 31.32 -4.01 41.21
N VAL H 82 30.03 -3.71 41.02
CA VAL H 82 29.59 -2.33 40.85
C VAL H 82 28.57 -1.97 41.93
N GLU H 83 28.81 -0.88 42.65
CA GLU H 83 27.83 -0.33 43.57
C GLU H 83 27.35 1.02 43.03
N PHE H 84 26.02 1.17 42.90
CA PHE H 84 25.40 2.30 42.22
C PHE H 84 24.52 3.08 43.20
N HIS H 85 24.58 4.41 43.10
CA HIS H 85 23.70 5.27 43.94
C HIS H 85 23.13 6.38 43.05
N LYS H 86 21.91 6.85 43.32
CA LYS H 86 21.23 7.84 42.49
C LYS H 86 21.61 9.25 42.91
N SER H 87 22.09 9.43 44.14
CA SER H 87 22.60 10.73 44.57
C SER H 87 24.00 10.58 45.16
N SER H 88 24.51 11.63 45.82
CA SER H 88 25.79 11.59 46.50
C SER H 88 25.60 10.96 47.88
N LEU H 89 26.72 10.70 48.56
CA LEU H 89 26.72 10.12 49.88
C LEU H 89 27.13 11.17 50.93
N PRO H 90 26.60 11.13 52.18
CA PRO H 90 27.26 11.80 53.30
C PRO H 90 28.77 11.56 53.29
N GLU H 91 29.54 12.52 53.82
CA GLU H 91 30.99 12.49 53.72
C GLU H 91 31.58 11.31 54.48
N ASP H 92 30.95 10.89 55.58
CA ASP H 92 31.49 9.87 56.46
C ASP H 92 31.25 8.48 55.85
N GLU H 93 30.10 8.33 55.19
CA GLU H 93 29.77 7.11 54.45
C GLU H 93 30.65 6.97 53.22
N LEU H 94 30.89 8.09 52.52
CA LEU H 94 31.74 8.07 51.33
C LEU H 94 33.16 7.64 51.71
N ILE H 95 33.65 8.10 52.87
CA ILE H 95 34.99 7.78 53.34
C ILE H 95 35.13 6.26 53.54
N GLU H 96 34.14 5.66 54.19
CA GLU H 96 34.23 4.24 54.51
C GLU H 96 34.18 3.42 53.22
N LYS H 97 33.34 3.82 52.26
CA LYS H 97 33.16 3.02 51.05
C LYS H 97 34.40 3.13 50.17
N ILE H 98 35.11 4.25 50.25
CA ILE H 98 36.13 4.56 49.25
C ILE H 98 37.43 3.86 49.61
N LYS H 99 37.49 3.28 50.82
CA LYS H 99 38.66 2.55 51.30
C LYS H 99 38.95 1.34 50.40
N ASP H 100 37.89 0.67 49.94
CA ASP H 100 37.98 -0.58 49.18
C ASP H 100 37.94 -0.37 47.67
N VAL H 101 37.55 0.82 47.22
CA VAL H 101 37.12 1.08 45.87
C VAL H 101 38.32 1.30 44.97
N HIS H 102 38.28 0.74 43.75
CA HIS H 102 39.33 0.80 42.74
C HIS H 102 39.06 1.88 41.69
N ALA H 103 37.77 2.21 41.46
CA ALA H 103 37.43 3.33 40.61
C ALA H 103 36.13 3.94 41.12
N ILE H 104 36.03 5.27 40.97
CA ILE H 104 34.83 5.95 41.41
C ILE H 104 34.34 6.85 40.27
N GLY H 105 33.04 6.75 39.99
CA GLY H 105 32.37 7.65 39.08
C GLY H 105 31.52 8.67 39.84
N ILE H 106 31.64 9.94 39.48
CA ILE H 106 30.86 11.00 40.09
C ILE H 106 30.35 11.91 38.98
N ARG H 107 29.55 12.90 39.37
CA ARG H 107 29.26 14.05 38.52
C ARG H 107 29.61 15.29 39.31
N SER H 108 28.83 16.38 39.18
CA SER H 108 29.26 17.71 39.62
C SER H 108 29.18 17.89 41.14
N LYS H 109 28.28 17.19 41.84
CA LYS H 109 27.99 17.53 43.24
C LYS H 109 28.79 16.71 44.26
N THR H 110 29.64 15.76 43.85
CA THR H 110 30.45 15.04 44.81
C THR H 110 31.82 15.71 44.88
N ARG H 111 32.19 16.15 46.08
CA ARG H 111 33.47 16.87 46.29
C ARG H 111 34.53 15.90 46.80
N LEU H 112 35.39 15.44 45.91
CA LEU H 112 36.53 14.60 46.23
C LEU H 112 37.72 15.46 46.63
N THR H 113 37.70 15.84 47.92
CA THR H 113 38.73 16.65 48.53
C THR H 113 39.87 15.71 48.94
N GLU H 114 40.96 16.29 49.45
CA GLU H 114 42.08 15.47 49.95
C GLU H 114 41.62 14.74 51.21
N LYS H 115 40.70 15.35 51.96
CA LYS H 115 40.21 14.72 53.21
C LYS H 115 39.63 13.36 52.86
N ILE H 116 38.97 13.25 51.73
CA ILE H 116 38.30 11.97 51.38
C ILE H 116 39.29 11.10 50.63
N LEU H 117 40.05 11.69 49.72
CA LEU H 117 40.96 10.88 48.92
C LEU H 117 42.13 10.30 49.73
N GLN H 118 42.44 10.89 50.89
CA GLN H 118 43.54 10.39 51.70
C GLN H 118 43.27 8.95 52.16
N HIS H 119 42.00 8.54 52.17
CA HIS H 119 41.63 7.20 52.69
C HIS H 119 41.46 6.20 51.55
N ALA H 120 41.68 6.63 50.31
CA ALA H 120 41.47 5.76 49.16
C ALA H 120 42.71 4.94 48.85
N ARG H 121 42.89 3.84 49.57
CA ARG H 121 44.13 3.04 49.45
C ARG H 121 44.19 2.26 48.14
N ASN H 122 43.04 1.99 47.53
CA ASN H 122 43.07 1.13 46.34
C ASN H 122 42.78 1.88 45.04
N LEU H 123 42.34 3.14 45.14
CA LEU H 123 41.77 3.88 44.03
C LEU H 123 42.77 4.05 42.88
N VAL H 124 42.39 3.60 41.67
CA VAL H 124 43.26 3.65 40.51
C VAL H 124 42.91 4.89 39.68
N CYS H 125 41.62 5.26 39.63
CA CYS H 125 41.14 6.34 38.78
C CYS H 125 39.76 6.86 39.20
N ILE H 126 39.45 8.08 38.73
CA ILE H 126 38.19 8.77 38.98
C ILE H 126 37.57 9.15 37.64
N GLY H 127 36.28 8.83 37.49
CA GLY H 127 35.48 9.25 36.35
C GLY H 127 34.56 10.42 36.72
N CYS H 128 34.72 11.53 36.04
CA CYS H 128 33.76 12.62 36.08
C CYS H 128 32.79 12.49 34.91
N PHE H 129 31.56 12.03 35.22
CA PHE H 129 30.55 11.74 34.20
C PHE H 129 29.83 13.05 33.84
N CYS H 130 30.63 13.99 33.30
CA CYS H 130 30.25 15.39 33.12
C CYS H 130 31.47 16.13 32.58
N ILE H 131 31.30 17.43 32.30
CA ILE H 131 32.40 18.26 31.83
C ILE H 131 33.28 18.71 33.00
N GLY H 132 32.68 19.17 34.11
CA GLY H 132 33.43 19.80 35.19
C GLY H 132 34.24 18.81 36.02
N THR H 133 35.42 19.27 36.51
CA THR H 133 36.37 18.46 37.27
C THR H 133 36.84 19.19 38.54
N ASN H 134 36.34 20.40 38.76
CA ASN H 134 36.69 21.23 39.92
C ASN H 134 36.20 20.63 41.22
N GLN H 135 35.25 19.70 41.18
CA GLN H 135 34.74 19.06 42.38
C GLN H 135 35.79 18.07 42.93
N VAL H 136 36.82 17.81 42.12
CA VAL H 136 37.91 16.91 42.48
C VAL H 136 39.18 17.73 42.68
N ASP H 137 39.90 17.47 43.79
CA ASP H 137 41.22 18.03 43.98
C ASP H 137 42.22 17.33 43.05
N LEU H 138 42.38 17.86 41.81
CA LEU H 138 43.12 17.17 40.74
C LEU H 138 44.58 16.99 41.09
N LYS H 139 45.16 17.94 41.83
CA LYS H 139 46.59 17.93 42.09
C LYS H 139 46.89 16.91 43.19
N TYR H 140 46.09 16.91 44.25
CA TYR H 140 46.23 15.92 45.30
C TYR H 140 46.09 14.52 44.68
N ALA H 141 45.08 14.35 43.82
CA ALA H 141 44.83 13.08 43.15
C ALA H 141 46.05 12.65 42.36
N ALA H 142 46.65 13.56 41.56
CA ALA H 142 47.80 13.19 40.74
C ALA H 142 48.96 12.77 41.66
N SER H 143 49.05 13.42 42.82
CA SER H 143 50.12 13.18 43.79
C SER H 143 50.04 11.76 44.34
N LYS H 144 48.83 11.16 44.34
CA LYS H 144 48.65 9.78 44.79
C LYS H 144 48.64 8.81 43.61
N GLY H 145 48.90 9.28 42.39
CA GLY H 145 48.90 8.43 41.22
C GLY H 145 47.50 8.07 40.75
N ILE H 146 46.50 8.91 41.07
CA ILE H 146 45.11 8.72 40.68
C ILE H 146 44.79 9.57 39.45
N ALA H 147 44.48 8.90 38.33
CA ALA H 147 44.14 9.55 37.07
C ALA H 147 42.65 9.94 37.06
N VAL H 148 42.35 11.15 36.55
CA VAL H 148 40.99 11.65 36.53
C VAL H 148 40.59 11.84 35.08
N PHE H 149 39.39 11.34 34.73
CA PHE H 149 38.86 11.42 33.39
C PHE H 149 37.51 12.14 33.43
N ASN H 150 37.16 12.78 32.32
CA ASN H 150 35.88 13.45 32.22
C ASN H 150 35.31 13.30 30.80
N SER H 151 34.17 13.97 30.57
CA SER H 151 33.55 13.97 29.26
C SER H 151 33.31 15.41 28.79
N PRO H 152 34.26 15.98 28.02
CA PRO H 152 34.16 17.40 27.64
C PRO H 152 33.11 17.72 26.58
N PHE H 153 32.92 16.86 25.56
CA PHE H 153 32.29 17.26 24.29
C PHE H 153 31.06 16.40 23.93
N SER H 154 30.49 15.74 24.93
CA SER H 154 29.41 14.78 24.72
C SER H 154 28.06 15.46 24.57
N ASN H 155 27.94 16.74 24.92
CA ASN H 155 26.65 17.44 25.00
C ASN H 155 26.42 18.38 23.81
N SER H 156 27.26 18.28 22.77
CA SER H 156 27.33 19.31 21.73
C SER H 156 26.02 19.35 20.92
N ARG H 157 25.64 18.20 20.35
CA ARG H 157 24.42 18.11 19.58
C ARG H 157 23.20 18.58 20.39
N SER H 158 23.11 18.18 21.66
CA SER H 158 21.96 18.50 22.51
C SER H 158 21.81 20.01 22.68
N VAL H 159 22.92 20.72 22.84
CA VAL H 159 22.88 22.17 22.99
C VAL H 159 22.52 22.84 21.66
N ALA H 160 23.09 22.36 20.55
CA ALA H 160 22.88 22.94 19.23
C ALA H 160 21.40 22.83 18.84
N GLU H 161 20.76 21.69 19.16
CA GLU H 161 19.35 21.50 18.86
C GLU H 161 18.51 22.41 19.76
N LEU H 162 18.89 22.54 21.03
CA LEU H 162 18.15 23.43 21.90
C LEU H 162 18.07 24.84 21.31
N VAL H 163 19.20 25.29 20.76
CA VAL H 163 19.33 26.64 20.26
C VAL H 163 18.45 26.81 19.03
N ILE H 164 18.51 25.88 18.06
CA ILE H 164 17.65 25.93 16.89
C ILE H 164 16.19 26.09 17.33
N GLY H 165 15.80 25.39 18.40
CA GLY H 165 14.43 25.44 18.87
C GLY H 165 14.07 26.77 19.54
N GLU H 166 15.05 27.39 20.18
CA GLU H 166 14.84 28.65 20.87
C GLU H 166 14.83 29.80 19.87
N ILE H 167 15.64 29.69 18.81
CA ILE H 167 15.60 30.65 17.73
C ILE H 167 14.16 30.74 17.19
N ILE H 168 13.60 29.59 16.86
CA ILE H 168 12.27 29.56 16.29
C ILE H 168 11.26 30.04 17.33
N SER H 169 11.43 29.57 18.55
CA SER H 169 10.46 29.86 19.59
C SER H 169 10.40 31.35 19.90
N LEU H 170 11.56 32.00 19.87
CA LEU H 170 11.65 33.43 20.13
C LEU H 170 11.10 34.23 18.95
N ALA H 171 11.42 33.77 17.72
CA ALA H 171 11.00 34.39 16.48
C ALA H 171 9.46 34.40 16.42
N ARG H 172 8.81 33.45 17.09
CA ARG H 172 7.37 33.29 16.95
C ARG H 172 6.63 33.56 18.27
N GLN H 173 7.37 33.95 19.30
CA GLN H 173 6.82 34.17 20.63
C GLN H 173 6.01 32.96 21.11
N LEU H 174 6.48 31.73 20.82
CA LEU H 174 5.74 30.53 21.17
C LEU H 174 5.47 30.45 22.66
N GLY H 175 6.51 30.70 23.46
CA GLY H 175 6.36 30.58 24.89
C GLY H 175 5.24 31.47 25.43
N ASP H 176 5.17 32.71 24.90
CA ASP H 176 4.18 33.68 25.33
C ASP H 176 2.79 33.24 24.93
N ARG H 177 2.65 32.73 23.73
CA ARG H 177 1.32 32.32 23.23
C ARG H 177 0.80 31.18 24.11
N SER H 178 1.65 30.20 24.41
CA SER H 178 1.21 29.03 25.15
C SER H 178 0.82 29.42 26.59
N ILE H 179 1.59 30.30 27.22
CA ILE H 179 1.32 30.73 28.59
C ILE H 179 -0.03 31.47 28.64
N GLU H 180 -0.27 32.32 27.64
CA GLU H 180 -1.53 33.02 27.46
C GLU H 180 -2.68 32.02 27.40
N LEU H 181 -2.61 31.11 26.43
CA LEU H 181 -3.72 30.15 26.21
C LEU H 181 -3.94 29.29 27.45
N HIS H 182 -2.87 28.99 28.19
CA HIS H 182 -2.98 28.14 29.39
C HIS H 182 -3.65 28.92 30.51
N THR H 183 -3.93 30.19 30.28
CA THR H 183 -4.58 31.05 31.30
C THR H 183 -5.87 31.57 30.69
N GLY H 184 -6.11 31.19 29.44
CA GLY H 184 -7.38 31.52 28.81
C GLY H 184 -7.31 32.70 27.85
N THR H 185 -6.13 33.24 27.55
CA THR H 185 -6.04 34.40 26.68
C THR H 185 -5.71 33.97 25.26
N TRP H 186 -6.57 34.40 24.32
CA TRP H 186 -6.40 34.10 22.92
C TRP H 186 -5.79 35.34 22.27
N ASN H 187 -4.53 35.23 21.79
CA ASN H 187 -3.84 36.40 21.33
C ASN H 187 -3.03 36.09 20.08
N LYS H 188 -3.70 36.07 18.92
CA LYS H 188 -3.07 35.81 17.64
C LYS H 188 -2.32 37.06 17.19
N VAL H 189 -1.02 36.93 16.92
CA VAL H 189 -0.10 38.04 16.65
C VAL H 189 0.83 37.61 15.52
N ALA H 190 0.86 38.39 14.42
CA ALA H 190 1.85 38.23 13.36
C ALA H 190 2.95 39.31 13.42
N ALA H 191 2.68 40.37 14.18
CA ALA H 191 3.58 41.54 14.22
C ALA H 191 4.90 41.23 14.90
N ARG H 192 5.98 41.36 14.15
CA ARG H 192 7.31 41.16 14.73
C ARG H 192 7.45 39.68 15.07
N CYS H 193 6.79 38.84 14.29
CA CYS H 193 6.97 37.38 14.41
C CYS H 193 7.51 37.01 13.04
N TRP H 194 8.51 36.16 12.97
CA TRP H 194 9.17 35.98 11.67
C TRP H 194 9.49 34.56 11.30
N GLU H 195 9.73 34.40 10.00
CA GLU H 195 10.25 33.14 9.53
C GLU H 195 11.75 33.33 9.74
N VAL H 196 12.43 32.31 10.19
CA VAL H 196 13.85 32.37 10.47
C VAL H 196 14.62 32.20 9.15
N ARG H 197 13.99 31.62 8.12
CA ARG H 197 14.61 31.64 6.80
C ARG H 197 14.96 33.08 6.42
N GLY H 198 16.20 33.30 5.97
CA GLY H 198 16.61 34.63 5.54
C GLY H 198 17.26 35.47 6.64
N LYS H 199 16.95 35.20 7.91
CA LYS H 199 17.55 35.93 9.02
C LYS H 199 19.01 35.51 9.21
N THR H 200 19.74 36.28 10.04
CA THR H 200 21.14 35.99 10.27
C THR H 200 21.36 35.59 11.73
N LEU H 201 22.10 34.48 11.88
CA LEU H 201 22.56 33.98 13.16
C LEU H 201 24.03 34.37 13.37
N GLY H 202 24.29 35.04 14.50
CA GLY H 202 25.64 35.34 14.95
C GLY H 202 26.06 34.40 16.08
N ILE H 203 27.03 33.53 15.77
CA ILE H 203 27.58 32.59 16.72
C ILE H 203 28.88 33.16 17.33
N ILE H 204 28.87 33.33 18.64
CA ILE H 204 30.06 33.73 19.39
C ILE H 204 30.71 32.49 19.99
N GLY H 205 31.81 32.06 19.39
CA GLY H 205 32.50 30.84 19.79
C GLY H 205 32.16 29.70 18.84
N TYR H 206 32.99 29.51 17.80
CA TYR H 206 32.81 28.49 16.78
C TYR H 206 33.58 27.21 17.13
N GLY H 207 33.25 26.64 18.31
CA GLY H 207 33.85 25.42 18.81
C GLY H 207 33.06 24.18 18.42
N HIS H 208 32.98 23.21 19.33
CA HIS H 208 32.24 21.98 19.04
C HIS H 208 30.77 22.33 18.84
N ILE H 209 30.18 23.07 19.78
CA ILE H 209 28.78 23.42 19.70
C ILE H 209 28.54 24.43 18.58
N GLY H 210 29.32 25.52 18.57
CA GLY H 210 29.15 26.55 17.56
C GLY H 210 29.19 26.03 16.13
N SER H 211 30.12 25.11 15.82
CA SER H 211 30.30 24.62 14.45
C SER H 211 29.17 23.68 14.03
N GLN H 212 28.65 22.93 15.01
CA GLN H 212 27.52 22.05 14.80
C GLN H 212 26.27 22.88 14.56
N LEU H 213 26.04 23.90 15.39
CA LEU H 213 24.91 24.80 15.27
C LEU H 213 24.93 25.50 13.90
N SER H 214 26.13 25.83 13.43
CA SER H 214 26.32 26.49 12.14
C SER H 214 25.65 25.70 11.04
N VAL H 215 25.84 24.37 11.02
CA VAL H 215 25.37 23.56 9.89
C VAL H 215 23.84 23.43 9.91
N LEU H 216 23.29 23.27 11.13
CA LEU H 216 21.86 23.21 11.38
C LEU H 216 21.20 24.52 10.96
N ALA H 217 21.78 25.64 11.40
CA ALA H 217 21.23 26.96 11.12
C ALA H 217 21.19 27.23 9.62
N GLU H 218 22.23 26.83 8.86
CA GLU H 218 22.22 27.02 7.40
C GLU H 218 21.11 26.19 6.76
N ALA H 219 20.94 24.96 7.24
CA ALA H 219 19.89 24.07 6.77
C ALA H 219 18.49 24.65 7.05
N MET H 220 18.31 25.40 8.14
CA MET H 220 17.05 26.09 8.42
C MET H 220 16.96 27.43 7.68
N GLY H 221 17.97 27.73 6.83
CA GLY H 221 17.94 28.87 5.92
C GLY H 221 18.41 30.20 6.53
N LEU H 222 19.13 30.11 7.64
CA LEU H 222 19.68 31.31 8.29
C LEU H 222 21.08 31.53 7.75
N HIS H 223 21.48 32.79 7.62
CA HIS H 223 22.86 33.11 7.23
C HIS H 223 23.69 33.01 8.50
N VAL H 224 24.92 32.55 8.40
CA VAL H 224 25.67 32.33 9.66
C VAL H 224 26.98 33.13 9.72
N LEU H 225 27.08 34.09 10.62
CA LEU H 225 28.32 34.77 10.91
C LEU H 225 28.86 34.21 12.22
N TYR H 226 30.19 34.19 12.40
CA TYR H 226 30.72 33.86 13.71
C TYR H 226 31.91 34.73 14.07
N TYR H 227 32.02 35.00 15.38
CA TYR H 227 33.18 35.65 15.94
C TYR H 227 33.89 34.65 16.86
N ASP H 228 35.21 34.50 16.65
CA ASP H 228 36.03 33.72 17.54
C ASP H 228 37.35 34.47 17.75
N ILE H 229 38.07 34.14 18.83
CA ILE H 229 39.37 34.75 19.10
C ILE H 229 40.46 34.06 18.27
N VAL H 230 40.10 33.05 17.50
CA VAL H 230 41.03 32.27 16.71
C VAL H 230 40.47 32.23 15.30
N THR H 231 41.37 32.15 14.31
CA THR H 231 40.94 31.88 12.94
C THR H 231 40.55 30.41 12.80
N ILE H 232 39.28 30.18 12.41
CA ILE H 232 38.74 28.84 12.32
C ILE H 232 38.15 28.70 10.93
N MET H 233 38.50 27.60 10.23
CA MET H 233 37.94 27.35 8.90
C MET H 233 36.43 27.06 9.04
N ALA H 234 35.63 27.79 8.26
CA ALA H 234 34.18 27.70 8.30
C ALA H 234 33.70 26.36 7.77
N LEU H 235 32.58 25.87 8.36
CA LEU H 235 31.77 24.82 7.75
C LEU H 235 30.73 25.48 6.84
N GLY H 236 30.56 24.93 5.64
CA GLY H 236 29.51 25.36 4.76
C GLY H 236 29.79 26.75 4.21
N THR H 237 28.83 27.65 4.34
CA THR H 237 28.97 29.02 3.86
C THR H 237 28.82 30.01 5.03
N ALA H 238 29.28 29.60 6.21
CA ALA H 238 29.30 30.54 7.35
C ALA H 238 30.48 31.47 7.16
N ARG H 239 30.44 32.64 7.78
CA ARG H 239 31.53 33.62 7.55
C ARG H 239 32.12 34.11 8.86
N GLN H 240 33.43 34.01 9.00
CA GLN H 240 34.10 34.58 10.16
C GLN H 240 34.20 36.09 9.99
N VAL H 241 33.75 36.82 11.02
CA VAL H 241 33.82 38.28 11.10
C VAL H 241 34.93 38.64 12.10
N SER H 242 35.63 39.75 11.80
CA SER H 242 36.82 40.24 12.46
C SER H 242 36.60 40.69 13.91
N THR H 243 35.46 41.34 14.11
CA THR H 243 35.11 41.97 15.37
C THR H 243 33.74 41.48 15.84
N LEU H 244 33.59 41.45 17.17
CA LEU H 244 32.32 41.17 17.83
C LEU H 244 31.27 42.20 17.42
N ASP H 245 31.66 43.49 17.31
CA ASP H 245 30.69 44.52 17.03
C ASP H 245 30.08 44.30 15.63
N GLU H 246 30.84 43.72 14.70
CA GLU H 246 30.35 43.50 13.35
C GLU H 246 29.26 42.42 13.35
N LEU H 247 29.54 41.36 14.13
CA LEU H 247 28.56 40.32 14.41
C LEU H 247 27.32 40.90 15.09
N LEU H 248 27.46 41.72 16.13
CA LEU H 248 26.30 42.29 16.82
C LEU H 248 25.49 43.18 15.89
N ASN H 249 26.18 43.91 15.02
CA ASN H 249 25.55 44.84 14.09
C ASN H 249 24.71 44.14 13.03
N LYS H 250 25.18 42.97 12.56
CA LYS H 250 24.63 42.29 11.38
C LYS H 250 23.76 41.08 11.72
N SER H 251 23.57 40.76 13.00
CA SER H 251 22.88 39.53 13.37
C SER H 251 21.49 39.87 13.89
N ASP H 252 20.54 38.96 13.61
CA ASP H 252 19.18 39.05 14.12
C ASP H 252 19.10 38.28 15.43
N PHE H 253 19.72 37.09 15.43
CA PHE H 253 19.87 36.24 16.60
C PHE H 253 21.34 36.14 16.98
N VAL H 254 21.64 36.42 18.25
CA VAL H 254 23.01 36.27 18.74
C VAL H 254 23.04 35.18 19.80
N THR H 255 23.94 34.21 19.62
CA THR H 255 24.05 33.11 20.56
C THR H 255 25.51 32.89 21.00
N LEU H 256 25.69 32.48 22.26
CA LEU H 256 26.99 32.36 22.91
C LEU H 256 27.39 30.90 23.17
N HIS H 257 28.55 30.50 22.68
CA HIS H 257 29.08 29.13 22.89
C HIS H 257 30.56 29.23 23.25
N VAL H 258 30.89 30.01 24.27
CA VAL H 258 32.24 30.34 24.70
C VAL H 258 32.55 29.71 26.07
N PRO H 259 33.86 29.54 26.41
CA PRO H 259 34.25 29.17 27.77
C PRO H 259 34.11 30.33 28.76
N ALA H 260 34.17 30.02 30.07
CA ALA H 260 34.24 31.05 31.11
C ALA H 260 35.71 31.44 31.31
N THR H 261 36.08 32.61 30.76
CA THR H 261 37.39 33.20 30.90
C THR H 261 37.15 34.59 31.47
N PRO H 262 38.19 35.34 31.88
CA PRO H 262 37.99 36.73 32.27
C PRO H 262 37.53 37.62 31.11
N GLU H 263 37.83 37.22 29.85
CA GLU H 263 37.46 37.95 28.63
C GLU H 263 35.98 37.74 28.26
N THR H 264 35.41 36.55 28.56
CA THR H 264 34.00 36.27 28.32
C THR H 264 33.14 36.74 29.49
N GLU H 265 33.74 36.92 30.68
CA GLU H 265 33.00 37.43 31.82
C GLU H 265 32.28 38.71 31.38
N LYS H 266 30.95 38.65 31.40
CA LYS H 266 30.06 39.77 31.08
C LYS H 266 30.38 40.39 29.71
N MET H 267 30.73 39.55 28.73
CA MET H 267 31.14 40.06 27.42
C MET H 267 29.95 40.66 26.65
N LEU H 268 28.70 40.25 26.97
CA LEU H 268 27.53 40.98 26.50
C LEU H 268 26.97 41.83 27.65
N SER H 269 27.20 43.14 27.56
CA SER H 269 26.64 44.09 28.52
C SER H 269 25.99 45.26 27.75
N ALA H 270 25.58 46.33 28.46
CA ALA H 270 24.84 47.45 27.89
C ALA H 270 25.40 47.92 26.54
N PRO H 271 26.73 48.09 26.35
CA PRO H 271 27.27 48.61 25.09
C PRO H 271 27.15 47.64 23.92
N GLN H 272 27.15 46.34 24.22
CA GLN H 272 26.96 45.31 23.21
C GLN H 272 25.50 45.25 22.76
N PHE H 273 24.55 45.45 23.68
CA PHE H 273 23.13 45.51 23.35
C PHE H 273 22.81 46.77 22.54
N ALA H 274 23.54 47.84 22.75
CA ALA H 274 23.39 49.03 21.91
C ALA H 274 23.91 48.80 20.49
N ALA H 275 24.87 47.87 20.31
CA ALA H 275 25.51 47.54 19.03
C ALA H 275 24.65 46.59 18.21
N MET H 276 23.64 46.00 18.85
CA MET H 276 22.79 44.99 18.23
C MET H 276 21.64 45.67 17.52
N LYS H 277 20.87 44.92 16.71
CA LYS H 277 19.74 45.48 15.99
C LYS H 277 18.53 45.70 16.90
N ASP H 278 17.71 46.68 16.54
CA ASP H 278 16.40 46.86 17.17
C ASP H 278 15.58 45.60 16.91
N GLY H 279 14.98 45.07 17.99
CA GLY H 279 14.23 43.83 17.94
C GLY H 279 15.07 42.59 17.62
N ALA H 280 16.36 42.56 17.99
CA ALA H 280 17.16 41.35 17.87
C ALA H 280 17.03 40.50 19.14
N TYR H 281 17.66 39.32 19.10
CA TYR H 281 17.41 38.28 20.09
C TYR H 281 18.74 37.74 20.60
N VAL H 282 18.74 37.36 21.88
CA VAL H 282 19.94 36.96 22.60
C VAL H 282 19.74 35.56 23.19
N ILE H 283 20.69 34.66 22.93
CA ILE H 283 20.64 33.32 23.46
C ILE H 283 21.96 32.96 24.15
N ASN H 284 21.83 32.52 25.40
CA ASN H 284 22.98 32.09 26.17
C ASN H 284 22.71 30.74 26.80
N ALA H 285 23.23 29.69 26.14
CA ALA H 285 23.44 28.39 26.74
C ALA H 285 24.92 28.02 26.91
N SER H 286 25.80 29.02 27.16
CA SER H 286 27.22 28.76 27.41
C SER H 286 27.44 28.71 28.92
N ARG H 287 27.74 29.86 29.55
CA ARG H 287 28.09 29.95 30.95
C ARG H 287 27.33 31.09 31.65
N GLY H 288 27.06 30.93 32.94
CA GLY H 288 26.15 31.79 33.68
C GLY H 288 26.63 33.24 33.83
N THR H 289 27.92 33.49 33.53
CA THR H 289 28.55 34.78 33.83
C THR H 289 28.72 35.66 32.59
N VAL H 290 28.54 35.06 31.41
CA VAL H 290 28.90 35.64 30.13
C VAL H 290 27.96 36.78 29.72
N VAL H 291 26.74 36.84 30.28
CA VAL H 291 25.82 37.92 30.00
C VAL H 291 25.61 38.74 31.26
N ASP H 292 25.63 40.07 31.14
CA ASP H 292 25.18 40.94 32.21
C ASP H 292 23.65 41.06 32.13
N ILE H 293 22.98 40.42 33.10
CA ILE H 293 21.53 40.25 33.05
C ILE H 293 20.84 41.58 33.33
N PRO H 294 21.23 42.38 34.33
CA PRO H 294 20.54 43.65 34.58
C PRO H 294 20.51 44.56 33.34
N SER H 295 21.53 44.45 32.47
CA SER H 295 21.63 45.23 31.25
C SER H 295 20.76 44.62 30.15
N LEU H 296 20.64 43.29 30.12
CA LEU H 296 19.71 42.63 29.22
C LEU H 296 18.27 43.00 29.55
N ILE H 297 17.94 42.90 30.84
CA ILE H 297 16.57 43.19 31.36
C ILE H 297 16.23 44.62 31.06
N GLN H 298 17.22 45.41 30.68
CA GLN H 298 16.95 46.84 30.47
C GLN H 298 16.83 47.05 28.98
N ALA H 299 17.63 46.32 28.22
CA ALA H 299 17.55 46.40 26.76
C ALA H 299 16.18 45.89 26.31
N VAL H 300 15.68 44.87 27.01
CA VAL H 300 14.37 44.34 26.67
C VAL H 300 13.33 45.40 27.05
N LYS H 301 13.41 45.98 28.26
CA LYS H 301 12.44 46.97 28.71
C LYS H 301 12.40 48.19 27.80
N ALA H 302 13.52 48.52 27.14
CA ALA H 302 13.60 49.64 26.22
C ALA H 302 13.17 49.24 24.81
N ASN H 303 12.75 47.98 24.62
CA ASN H 303 12.31 47.46 23.33
C ASN H 303 13.46 47.42 22.34
N LYS H 304 14.69 47.40 22.84
CA LYS H 304 15.83 47.23 21.97
C LYS H 304 15.98 45.76 21.59
N ILE H 305 15.88 44.88 22.60
CA ILE H 305 15.98 43.44 22.45
C ILE H 305 14.55 42.89 22.52
N ALA H 306 14.21 42.07 21.52
CA ALA H 306 12.85 41.61 21.31
C ALA H 306 12.58 40.34 22.11
N GLY H 307 13.61 39.54 22.37
CA GLY H 307 13.49 38.39 23.24
C GLY H 307 14.84 37.77 23.58
N ALA H 308 14.81 36.82 24.53
CA ALA H 308 16.03 36.17 24.98
C ALA H 308 15.72 34.79 25.53
N ALA H 309 16.71 33.89 25.38
CA ALA H 309 16.67 32.59 26.01
C ALA H 309 17.94 32.35 26.82
N LEU H 310 17.77 32.01 28.10
CA LEU H 310 18.86 31.74 29.02
C LEU H 310 18.77 30.33 29.56
N ASP H 311 19.85 29.57 29.44
CA ASP H 311 19.95 28.25 30.03
C ASP H 311 20.78 28.28 31.31
N VAL H 312 21.55 29.36 31.54
CA VAL H 312 22.60 29.38 32.55
C VAL H 312 22.53 30.73 33.26
N TYR H 313 22.82 30.74 34.55
CA TYR H 313 22.69 31.94 35.37
C TYR H 313 23.93 32.13 36.25
N PRO H 314 24.19 33.36 36.76
CA PRO H 314 25.33 33.58 37.67
C PRO H 314 25.27 32.68 38.90
N HIS H 315 24.05 32.55 39.45
CA HIS H 315 23.81 31.66 40.60
C HIS H 315 22.69 30.67 40.28
N GLU H 316 22.94 29.37 40.42
CA GLU H 316 22.03 28.27 40.15
C GLU H 316 21.83 27.45 41.43
N PRO H 317 20.62 26.90 41.70
CA PRO H 317 20.43 26.06 42.89
C PRO H 317 21.29 24.79 42.81
N ALA H 318 21.58 24.19 43.97
CA ALA H 318 22.40 22.99 44.04
C ALA H 318 21.59 21.75 43.68
N LYS H 319 20.26 21.81 43.91
CA LYS H 319 19.32 20.73 43.73
C LYS H 319 18.03 21.27 43.10
N ASN H 320 17.21 20.35 42.56
CA ASN H 320 15.87 20.69 42.10
C ASN H 320 14.99 21.07 43.29
N GLY H 321 14.07 22.02 43.13
CA GLY H 321 13.16 22.38 44.20
C GLY H 321 12.20 23.49 43.79
N GLU H 322 11.25 23.80 44.67
CA GLU H 322 10.04 24.53 44.30
C GLU H 322 10.17 26.04 44.47
N GLY H 323 10.96 26.52 45.43
CA GLY H 323 11.18 27.96 45.59
C GLY H 323 12.63 28.33 45.32
N SER H 324 13.33 27.55 44.49
CA SER H 324 14.78 27.63 44.34
C SER H 324 15.24 28.82 43.49
N PHE H 325 14.43 29.22 42.49
CA PHE H 325 14.80 30.26 41.54
C PHE H 325 14.04 31.54 41.89
N ASN H 326 14.70 32.43 42.64
CA ASN H 326 14.02 33.60 43.20
C ASN H 326 15.05 34.69 43.50
N ASP H 327 14.55 35.81 44.08
CA ASP H 327 15.32 37.03 44.33
C ASP H 327 16.48 36.78 45.29
N GLU H 328 16.41 35.74 46.13
CA GLU H 328 17.51 35.45 47.05
C GLU H 328 18.65 34.77 46.31
N LEU H 329 18.41 34.16 45.15
CA LEU H 329 19.47 33.48 44.41
C LEU H 329 20.14 34.44 43.42
N ASN H 330 19.30 35.15 42.65
CA ASN H 330 19.68 36.24 41.76
C ASN H 330 18.65 37.34 41.93
N SER H 331 19.06 38.56 42.26
CA SER H 331 18.15 39.60 42.76
C SER H 331 17.21 40.12 41.68
N TRP H 332 17.58 39.96 40.42
CA TRP H 332 16.77 40.48 39.32
C TRP H 332 15.74 39.44 38.84
N THR H 333 15.53 38.36 39.62
CA THR H 333 14.67 37.28 39.17
C THR H 333 13.25 37.79 38.94
N SER H 334 12.61 38.45 39.91
CA SER H 334 11.23 38.90 39.78
C SER H 334 11.03 39.86 38.59
N GLU H 335 12.09 40.61 38.24
CA GLU H 335 12.07 41.55 37.12
C GLU H 335 12.11 40.77 35.82
N LEU H 336 13.05 39.82 35.75
CA LEU H 336 13.32 39.02 34.57
C LEU H 336 12.09 38.23 34.11
N VAL H 337 11.38 37.67 35.10
CA VAL H 337 10.24 36.78 34.93
C VAL H 337 9.03 37.53 34.39
N SER H 338 8.93 38.82 34.70
CA SER H 338 7.76 39.63 34.35
C SER H 338 7.86 40.18 32.92
N LEU H 339 8.91 39.80 32.16
CA LEU H 339 9.15 40.35 30.84
C LEU H 339 8.60 39.45 29.73
N PRO H 340 8.13 40.03 28.62
CA PRO H 340 7.72 39.26 27.45
C PRO H 340 8.89 38.64 26.65
N ASN H 341 8.58 37.49 26.06
CA ASN H 341 9.40 36.73 25.13
C ASN H 341 10.75 36.39 25.75
N ILE H 342 10.71 35.96 27.02
CA ILE H 342 11.88 35.42 27.70
C ILE H 342 11.70 33.93 27.97
N ILE H 343 12.56 33.11 27.36
CA ILE H 343 12.65 31.67 27.64
C ILE H 343 13.74 31.38 28.67
N LEU H 344 13.35 30.75 29.78
CA LEU H 344 14.24 30.38 30.87
C LEU H 344 14.27 28.86 30.99
N THR H 345 15.46 28.28 30.97
CA THR H 345 15.62 26.84 31.14
C THR H 345 16.63 26.60 32.27
N PRO H 346 16.48 25.52 33.07
CA PRO H 346 17.40 25.27 34.21
C PRO H 346 18.59 24.39 33.84
N HIS H 347 19.50 24.96 33.06
CA HIS H 347 20.73 24.23 32.66
C HIS H 347 20.38 22.88 32.06
N ILE H 348 19.56 22.87 31.03
CA ILE H 348 19.16 21.63 30.39
C ILE H 348 19.83 21.49 29.02
N GLY H 349 20.82 22.33 28.71
CA GLY H 349 21.50 22.26 27.42
C GLY H 349 21.94 20.85 27.01
N GLY H 350 22.50 20.09 27.95
CA GLY H 350 22.97 18.73 27.73
C GLY H 350 22.07 17.66 28.37
N SER H 351 20.91 18.04 28.93
CA SER H 351 19.99 17.11 29.60
C SER H 351 19.13 16.34 28.59
N THR H 352 19.75 15.41 27.84
CA THR H 352 19.03 14.44 27.06
C THR H 352 19.50 13.04 27.40
N GLU H 353 18.66 12.08 27.03
CA GLU H 353 18.99 10.68 27.18
C GLU H 353 20.23 10.35 26.35
N GLU H 354 20.36 10.94 25.15
CA GLU H 354 21.43 10.57 24.25
C GLU H 354 22.78 11.06 24.81
N ALA H 355 22.76 12.29 25.37
CA ALA H 355 23.94 12.91 25.92
C ALA H 355 24.41 12.15 27.16
N GLN H 356 23.50 11.93 28.12
CA GLN H 356 23.80 11.22 29.35
C GLN H 356 24.32 9.81 29.05
N SER H 357 23.81 9.22 27.98
CA SER H 357 24.16 7.89 27.58
C SER H 357 25.56 7.87 26.95
N SER H 358 25.89 8.90 26.17
CA SER H 358 27.19 8.96 25.52
C SER H 358 28.31 9.23 26.54
N ILE H 359 28.03 10.03 27.56
CA ILE H 359 28.91 10.29 28.70
C ILE H 359 29.22 8.96 29.37
N GLY H 360 28.15 8.25 29.75
CA GLY H 360 28.26 6.89 30.27
C GLY H 360 29.32 6.09 29.51
N ILE H 361 29.22 6.04 28.18
CA ILE H 361 30.07 5.17 27.36
C ILE H 361 31.49 5.74 27.29
N GLU H 362 31.63 7.06 27.15
CA GLU H 362 32.94 7.66 26.95
C GLU H 362 33.83 7.42 28.19
N VAL H 363 33.28 7.70 29.37
CA VAL H 363 34.02 7.76 30.61
C VAL H 363 34.23 6.34 31.14
N ALA H 364 33.19 5.49 31.07
CA ALA H 364 33.34 4.10 31.49
C ALA H 364 34.35 3.38 30.58
N THR H 365 34.40 3.73 29.30
CA THR H 365 35.36 3.12 28.39
C THR H 365 36.76 3.62 28.75
N ALA H 366 36.86 4.90 29.10
CA ALA H 366 38.14 5.49 29.43
C ALA H 366 38.71 4.85 30.70
N LEU H 367 37.91 4.78 31.78
CA LEU H 367 38.34 4.19 33.04
C LEU H 367 38.75 2.75 32.80
N SER H 368 38.00 2.05 31.94
CA SER H 368 38.22 0.65 31.69
C SER H 368 39.54 0.44 30.94
N LYS H 369 39.83 1.26 29.92
CA LYS H 369 41.09 1.15 29.23
C LYS H 369 42.26 1.53 30.14
N TYR H 370 42.05 2.41 31.14
CA TYR H 370 43.11 2.81 32.05
C TYR H 370 43.40 1.64 33.00
N ILE H 371 42.34 1.00 33.51
CA ILE H 371 42.49 -0.14 34.40
C ILE H 371 43.08 -1.32 33.65
N ASN H 372 42.57 -1.66 32.45
CA ASN H 372 42.94 -2.89 31.76
C ASN H 372 44.26 -2.73 31.01
N GLU H 373 44.63 -1.51 30.59
CA GLU H 373 45.78 -1.34 29.69
C GLU H 373 46.72 -0.20 30.10
N GLY H 374 46.33 0.56 31.13
CA GLY H 374 47.14 1.64 31.65
C GLY H 374 47.06 2.94 30.83
N ASN H 375 46.14 2.97 29.83
CA ASN H 375 46.00 4.09 28.89
C ASN H 375 45.40 5.34 29.57
N SER H 376 46.17 6.45 29.58
CA SER H 376 45.78 7.65 30.32
C SER H 376 45.48 8.83 29.38
N VAL H 377 45.35 8.53 28.09
CA VAL H 377 45.03 9.52 27.07
C VAL H 377 43.64 10.10 27.37
N GLY H 378 43.53 11.44 27.37
CA GLY H 378 42.30 12.12 27.75
C GLY H 378 42.17 12.37 29.25
N SER H 379 43.14 11.91 30.02
CA SER H 379 43.16 12.22 31.44
C SER H 379 43.30 13.73 31.59
N VAL H 380 42.67 14.32 32.61
CA VAL H 380 42.76 15.77 32.85
C VAL H 380 43.88 16.15 33.83
N ASN H 381 44.47 15.22 34.60
CA ASN H 381 45.41 15.60 35.64
C ASN H 381 46.67 14.74 35.60
N PHE H 382 46.94 14.11 34.46
CA PHE H 382 47.89 13.03 34.38
C PHE H 382 48.62 13.13 33.05
N PRO H 383 49.86 12.60 32.96
CA PRO H 383 50.53 12.50 31.65
C PRO H 383 49.69 11.55 30.79
N GLU H 384 49.70 11.82 29.49
CA GLU H 384 48.92 11.05 28.54
C GLU H 384 49.83 10.04 27.85
N VAL H 385 49.68 8.78 28.27
CA VAL H 385 50.57 7.70 27.87
C VAL H 385 49.69 6.52 27.47
N SER H 386 50.11 5.85 26.41
CA SER H 386 49.51 4.60 26.02
C SER H 386 50.48 3.87 25.11
N LEU H 387 50.26 2.56 24.91
CA LEU H 387 51.11 1.74 24.06
C LEU H 387 50.18 0.81 23.31
N LYS H 388 50.56 0.40 22.08
CA LYS H 388 49.78 -0.57 21.34
C LYS H 388 49.63 -1.82 22.22
N SER H 389 48.41 -2.39 22.17
CA SER H 389 48.08 -3.64 22.83
C SER H 389 49.05 -4.75 22.45
N LEU H 390 49.31 -5.63 23.41
CA LEU H 390 50.07 -6.84 23.14
C LEU H 390 49.16 -7.82 22.41
N ASP H 391 49.74 -8.61 21.49
CA ASP H 391 48.99 -9.67 20.82
C ASP H 391 48.62 -10.78 21.81
N TYR H 392 47.54 -11.50 21.48
CA TYR H 392 47.08 -12.71 22.18
C TYR H 392 48.26 -13.64 22.47
N ASP H 393 49.12 -13.86 21.46
CA ASP H 393 50.12 -14.91 21.50
C ASP H 393 51.46 -14.49 22.12
N GLN H 394 51.57 -13.24 22.62
CA GLN H 394 52.78 -12.80 23.29
C GLN H 394 52.77 -13.34 24.72
N GLU H 395 53.19 -14.60 24.86
CA GLU H 395 53.31 -15.26 26.15
C GLU H 395 54.51 -14.70 26.87
N ASN H 396 54.34 -14.52 28.18
CA ASN H 396 55.40 -14.19 29.14
C ASN H 396 55.72 -12.70 29.12
N THR H 397 54.82 -11.85 28.56
CA THR H 397 55.09 -10.42 28.55
C THR H 397 54.30 -9.75 29.66
N VAL H 398 54.94 -8.82 30.35
CA VAL H 398 54.29 -8.02 31.38
C VAL H 398 54.33 -6.55 30.96
N ARG H 399 53.34 -5.79 31.42
CA ARG H 399 53.34 -4.36 31.25
C ARG H 399 53.50 -3.70 32.62
N VAL H 400 54.55 -2.87 32.74
CA VAL H 400 54.86 -2.15 33.96
C VAL H 400 54.21 -0.77 33.86
N LEU H 401 53.43 -0.42 34.88
CA LEU H 401 52.80 0.90 34.99
C LEU H 401 53.34 1.58 36.24
N TYR H 402 54.30 2.50 36.04
CA TYR H 402 55.09 3.06 37.13
C TYR H 402 54.84 4.57 37.21
N ILE H 403 54.07 4.99 38.22
CA ILE H 403 53.79 6.39 38.47
C ILE H 403 54.76 6.88 39.54
N HIS H 404 55.49 7.94 39.20
CA HIS H 404 56.59 8.39 40.07
C HIS H 404 56.71 9.92 40.10
N ARG H 405 57.78 10.42 40.72
CA ARG H 405 57.99 11.88 40.82
C ARG H 405 58.97 12.33 39.73
N ASN H 406 58.64 13.41 39.03
CA ASN H 406 59.46 13.85 37.87
C ASN H 406 60.78 14.42 38.38
N VAL H 407 61.66 13.53 38.84
CA VAL H 407 62.97 14.01 39.27
C VAL H 407 64.02 13.23 38.48
N PRO H 408 65.27 13.72 38.32
CA PRO H 408 66.31 12.92 37.68
C PRO H 408 66.60 11.59 38.36
N GLY H 409 67.01 10.61 37.54
CA GLY H 409 67.57 9.36 38.01
C GLY H 409 66.54 8.24 38.19
N VAL H 410 65.29 8.46 37.78
CA VAL H 410 64.24 7.49 38.09
C VAL H 410 64.22 6.42 36.99
N LEU H 411 64.37 6.81 35.72
CA LEU H 411 64.45 5.81 34.66
C LEU H 411 65.73 4.99 34.80
N LYS H 412 66.81 5.58 35.32
CA LYS H 412 68.03 4.83 35.62
C LYS H 412 67.73 3.66 36.57
N THR H 413 67.06 3.97 37.69
CA THR H 413 66.65 3.00 38.71
C THR H 413 65.76 1.92 38.10
N VAL H 414 64.71 2.35 37.38
CA VAL H 414 63.68 1.44 36.86
C VAL H 414 64.29 0.54 35.78
N ASN H 415 65.07 1.11 34.85
CA ASN H 415 65.58 0.32 33.74
C ASN H 415 66.69 -0.62 34.19
N ASP H 416 67.26 -0.35 35.37
CA ASP H 416 68.20 -1.23 36.06
C ASP H 416 67.48 -2.47 36.60
N ILE H 417 66.47 -2.25 37.44
CA ILE H 417 65.57 -3.30 37.91
C ILE H 417 65.08 -4.21 36.77
N LEU H 418 64.86 -3.68 35.55
CA LEU H 418 64.29 -4.49 34.47
C LEU H 418 65.35 -5.00 33.51
N SER H 419 66.64 -4.95 33.87
CA SER H 419 67.69 -5.04 32.85
C SER H 419 68.01 -6.49 32.46
N ASP H 420 67.46 -7.44 33.22
CA ASP H 420 67.58 -8.85 32.89
C ASP H 420 66.61 -9.21 31.76
N HIS H 421 65.59 -8.37 31.51
CA HIS H 421 64.56 -8.61 30.52
C HIS H 421 64.69 -7.63 29.36
N ASN H 422 64.39 -8.12 28.16
CA ASN H 422 64.28 -7.25 27.00
C ASN H 422 63.05 -6.36 27.14
N ILE H 423 63.25 -5.05 26.96
CA ILE H 423 62.16 -4.11 26.90
C ILE H 423 61.82 -3.91 25.44
N GLU H 424 60.59 -4.29 25.09
CA GLU H 424 60.10 -4.21 23.72
C GLU H 424 59.80 -2.75 23.40
N LYS H 425 59.19 -2.06 24.37
CA LYS H 425 58.98 -0.64 24.24
C LYS H 425 58.68 -0.03 25.61
N GLN H 426 58.80 1.29 25.62
CA GLN H 426 58.68 2.05 26.85
C GLN H 426 58.27 3.48 26.47
N PHE H 427 57.40 4.06 27.28
CA PHE H 427 57.00 5.44 27.12
C PHE H 427 56.79 6.01 28.51
N SER H 428 57.56 7.08 28.77
CA SER H 428 57.43 7.89 29.99
C SER H 428 57.11 9.31 29.56
N ASP H 429 56.21 9.97 30.32
CA ASP H 429 55.91 11.38 30.14
C ASP H 429 55.61 12.00 31.50
N SER H 430 55.80 13.33 31.61
CA SER H 430 55.65 14.07 32.86
C SER H 430 54.53 15.11 32.77
N HIS H 431 53.95 15.41 33.94
CA HIS H 431 52.90 16.45 34.06
C HIS H 431 53.06 17.09 35.44
N GLY H 432 53.76 18.23 35.52
CA GLY H 432 54.04 18.82 36.80
C GLY H 432 55.07 17.99 37.56
N GLU H 433 54.72 17.66 38.80
CA GLU H 433 55.60 16.99 39.74
C GLU H 433 55.53 15.47 39.59
N ILE H 434 54.63 14.99 38.72
CA ILE H 434 54.30 13.59 38.53
C ILE H 434 54.77 13.17 37.13
N ALA H 435 55.19 11.91 37.00
CA ALA H 435 55.43 11.30 35.70
C ALA H 435 54.89 9.88 35.67
N TYR H 436 54.83 9.29 34.45
CA TYR H 436 54.17 8.02 34.24
C TYR H 436 54.95 7.24 33.19
N LEU H 437 55.51 6.10 33.62
CA LEU H 437 56.24 5.18 32.77
C LEU H 437 55.36 3.97 32.47
N MET H 438 55.41 3.53 31.21
CA MET H 438 54.72 2.34 30.80
C MET H 438 55.70 1.55 29.93
N ALA H 439 55.96 0.31 30.33
CA ALA H 439 57.01 -0.48 29.70
C ALA H 439 56.52 -1.90 29.47
N ASP H 440 56.81 -2.41 28.26
CA ASP H 440 56.48 -3.78 27.90
C ASP H 440 57.77 -4.60 27.87
N ILE H 441 57.80 -5.63 28.73
CA ILE H 441 58.97 -6.47 28.91
C ILE H 441 58.59 -7.92 28.61
N SER H 442 59.45 -8.61 27.86
CA SER H 442 59.17 -9.95 27.39
C SER H 442 59.98 -10.99 28.17
N SER H 443 59.52 -12.26 28.07
CA SER H 443 60.16 -13.40 28.70
C SER H 443 60.30 -13.18 30.21
N VAL H 444 59.15 -13.18 30.90
CA VAL H 444 59.06 -13.02 32.35
C VAL H 444 58.18 -14.15 32.91
N ASN H 445 58.73 -14.97 33.82
CA ASN H 445 57.94 -15.97 34.51
C ASN H 445 57.45 -15.37 35.83
N GLN H 446 56.59 -16.11 36.54
CA GLN H 446 55.78 -15.58 37.64
C GLN H 446 56.64 -15.29 38.87
N SER H 447 57.75 -16.02 38.99
CA SER H 447 58.72 -15.79 40.04
C SER H 447 59.38 -14.42 39.86
N GLU H 448 59.85 -14.15 38.63
CA GLU H 448 60.51 -12.91 38.26
C GLU H 448 59.54 -11.72 38.34
N ILE H 449 58.23 -11.95 38.07
CA ILE H 449 57.24 -10.88 38.13
C ILE H 449 57.12 -10.36 39.56
N LYS H 450 57.07 -11.27 40.54
CA LYS H 450 56.90 -10.88 41.93
C LYS H 450 58.14 -10.10 42.42
N ASP H 451 59.30 -10.43 41.85
CA ASP H 451 60.58 -9.85 42.22
C ASP H 451 60.68 -8.41 41.71
N ILE H 452 60.23 -8.20 40.46
CA ILE H 452 60.20 -6.89 39.83
C ILE H 452 59.22 -5.99 40.59
N TYR H 453 58.07 -6.55 40.96
CA TYR H 453 57.04 -5.77 41.64
C TYR H 453 57.57 -5.25 42.97
N GLU H 454 58.25 -6.11 43.74
CA GLU H 454 58.64 -5.74 45.09
C GLU H 454 59.81 -4.75 45.05
N LYS H 455 60.69 -4.90 44.05
CA LYS H 455 61.78 -3.94 43.82
C LYS H 455 61.24 -2.55 43.42
N LEU H 456 60.34 -2.49 42.45
CA LEU H 456 59.75 -1.22 42.02
C LEU H 456 58.91 -0.60 43.14
N ASN H 457 58.35 -1.46 44.00
CA ASN H 457 57.45 -0.99 45.05
C ASN H 457 58.25 -0.34 46.19
N GLN H 458 59.58 -0.53 46.22
CA GLN H 458 60.44 0.04 47.24
C GLN H 458 61.47 1.01 46.64
N THR H 459 61.21 1.54 45.44
CA THR H 459 61.93 2.71 44.94
C THR H 459 61.35 3.95 45.63
N SER H 460 62.16 5.00 45.76
CA SER H 460 61.80 6.16 46.56
C SER H 460 61.05 7.19 45.74
N ALA H 461 61.20 7.16 44.41
CA ALA H 461 60.49 8.05 43.50
C ALA H 461 59.07 7.57 43.26
N LYS H 462 58.71 6.40 43.78
CA LYS H 462 57.47 5.73 43.41
C LYS H 462 56.29 6.41 44.11
N VAL H 463 55.21 6.56 43.33
CA VAL H 463 53.93 7.12 43.75
C VAL H 463 52.90 5.99 43.77
N SER H 464 52.80 5.24 42.66
CA SER H 464 52.09 3.97 42.65
C SER H 464 52.56 3.12 41.45
N ILE H 465 52.48 1.81 41.63
CA ILE H 465 52.99 0.87 40.60
C ILE H 465 51.95 -0.22 40.39
N ARG H 466 51.75 -0.65 39.15
CA ARG H 466 50.85 -1.79 38.86
C ARG H 466 51.50 -2.60 37.75
N LEU H 467 51.37 -3.93 37.80
CA LEU H 467 51.83 -4.75 36.69
C LEU H 467 50.62 -5.44 36.07
N LEU H 468 50.58 -5.48 34.74
CA LEU H 468 49.54 -6.21 34.02
C LEU H 468 50.19 -7.37 33.29
N TYR H 469 49.63 -8.58 33.42
CA TYR H 469 50.27 -9.77 32.89
C TYR H 469 49.21 -10.63 32.18
#